data_1WGS
#
_entry.id   1WGS
#
_entity_poly.entity_id   1
_entity_poly.type   'polypeptide(L)'
_entity_poly.pdbx_seq_one_letter_code
;GSSGSSGEPEVTVEIGETYLCRRPDSTWHSAEVIQSRVNDQEGREEFYVHYVGFNRRLDEWVDKNRLALTKTVKDAVQKN
SEKYLSELAEQPERKITRNQKRKHDEINHVQKTYAEMDPTTAALEKESGPSSG
;
_entity_poly.pdbx_strand_id   A
#
# COMPACT_ATOMS: atom_id res chain seq x y z
N GLY A 1 -18.72 10.78 21.93
CA GLY A 1 -19.42 9.82 22.76
C GLY A 1 -18.92 8.40 22.50
N SER A 2 -19.84 7.55 22.06
CA SER A 2 -19.51 6.17 21.78
C SER A 2 -18.99 5.48 23.04
N SER A 3 -19.84 4.66 23.62
CA SER A 3 -19.48 3.94 24.83
C SER A 3 -19.92 2.49 24.73
N GLY A 4 -21.22 2.30 24.55
CA GLY A 4 -21.78 0.97 24.43
C GLY A 4 -21.98 0.59 22.96
N SER A 5 -21.35 -0.51 22.58
CA SER A 5 -21.44 -0.99 21.21
C SER A 5 -22.69 -1.86 21.05
N SER A 6 -23.40 -1.62 19.96
CA SER A 6 -24.61 -2.38 19.67
C SER A 6 -24.44 -3.18 18.38
N GLY A 7 -23.79 -4.33 18.53
CA GLY A 7 -23.55 -5.20 17.38
C GLY A 7 -22.14 -4.98 16.81
N GLU A 8 -21.61 -6.04 16.23
CA GLU A 8 -20.27 -5.98 15.65
C GLU A 8 -20.14 -7.03 14.55
N PRO A 9 -19.26 -6.71 13.55
CA PRO A 9 -19.03 -7.62 12.44
C PRO A 9 -18.16 -8.81 12.87
N GLU A 10 -18.26 -9.88 12.09
CA GLU A 10 -17.49 -11.08 12.38
C GLU A 10 -16.41 -11.29 11.31
N VAL A 11 -15.18 -11.40 11.78
CA VAL A 11 -14.06 -11.60 10.88
C VAL A 11 -14.24 -12.92 10.14
N THR A 12 -13.31 -13.17 9.22
CA THR A 12 -13.36 -14.39 8.42
C THR A 12 -12.00 -14.66 7.79
N VAL A 13 -11.72 -15.95 7.59
CA VAL A 13 -10.46 -16.36 6.99
C VAL A 13 -10.74 -17.00 5.63
N GLU A 14 -9.79 -16.80 4.72
CA GLU A 14 -9.92 -17.36 3.38
C GLU A 14 -8.80 -18.35 3.11
N ILE A 15 -9.19 -19.52 2.61
CA ILE A 15 -8.23 -20.56 2.31
C ILE A 15 -7.57 -20.27 0.96
N GLY A 16 -6.35 -20.76 0.81
CA GLY A 16 -5.60 -20.57 -0.42
C GLY A 16 -4.79 -19.28 -0.36
N GLU A 17 -5.26 -18.34 0.44
CA GLU A 17 -4.60 -17.07 0.59
C GLU A 17 -3.52 -17.16 1.68
N THR A 18 -2.63 -16.17 1.68
CA THR A 18 -1.55 -16.14 2.66
C THR A 18 -1.82 -15.05 3.70
N TYR A 19 -1.51 -15.38 4.95
CA TYR A 19 -1.71 -14.45 6.04
C TYR A 19 -0.47 -14.38 6.94
N LEU A 20 -0.39 -13.31 7.72
CA LEU A 20 0.73 -13.13 8.62
C LEU A 20 0.45 -13.85 9.93
N CYS A 21 1.27 -14.86 10.21
CA CYS A 21 1.13 -15.63 11.43
C CYS A 21 2.16 -15.14 12.44
N ARG A 22 1.68 -14.84 13.64
CA ARG A 22 2.55 -14.37 14.69
C ARG A 22 3.70 -15.35 14.93
N ARG A 23 4.77 -14.84 15.50
CA ARG A 23 5.93 -15.65 15.79
C ARG A 23 6.49 -15.34 17.18
N PRO A 24 7.12 -16.37 17.80
CA PRO A 24 7.69 -16.21 19.12
C PRO A 24 8.99 -15.41 19.07
N ASP A 25 8.89 -14.22 18.49
CA ASP A 25 10.05 -13.35 18.36
C ASP A 25 9.59 -11.93 18.07
N SER A 26 8.40 -11.62 18.57
CA SER A 26 7.83 -10.29 18.38
C SER A 26 7.85 -9.92 16.90
N THR A 27 7.48 -10.89 16.08
CA THR A 27 7.45 -10.68 14.63
C THR A 27 6.31 -11.48 14.00
N TRP A 28 6.17 -11.30 12.70
CA TRP A 28 5.13 -12.00 11.97
C TRP A 28 5.76 -12.64 10.73
N HIS A 29 5.23 -13.80 10.37
CA HIS A 29 5.74 -14.53 9.22
C HIS A 29 4.56 -15.05 8.39
N SER A 30 4.63 -14.76 7.09
CA SER A 30 3.58 -15.18 6.18
C SER A 30 3.33 -16.68 6.32
N ALA A 31 2.14 -17.09 5.94
CA ALA A 31 1.77 -18.50 6.02
C ALA A 31 0.50 -18.73 5.20
N GLU A 32 0.62 -19.63 4.23
CA GLU A 32 -0.51 -19.95 3.37
C GLU A 32 -1.54 -20.79 4.13
N VAL A 33 -2.80 -20.40 3.98
CA VAL A 33 -3.88 -21.10 4.65
C VAL A 33 -4.24 -22.35 3.85
N ILE A 34 -3.87 -23.50 4.41
CA ILE A 34 -4.15 -24.77 3.76
C ILE A 34 -5.65 -25.04 3.80
N GLN A 35 -6.18 -25.09 5.02
CA GLN A 35 -7.59 -25.34 5.21
C GLN A 35 -8.08 -24.69 6.50
N SER A 36 -9.32 -25.01 6.85
CA SER A 36 -9.92 -24.47 8.07
C SER A 36 -10.67 -25.56 8.81
N ARG A 37 -10.62 -25.47 10.14
CA ARG A 37 -11.29 -26.45 10.98
C ARG A 37 -11.74 -25.80 12.29
N VAL A 38 -12.78 -26.37 12.87
CA VAL A 38 -13.32 -25.86 14.11
C VAL A 38 -13.31 -26.97 15.17
N ASN A 39 -13.04 -26.57 16.40
CA ASN A 39 -12.98 -27.52 17.50
C ASN A 39 -14.32 -27.47 18.26
N ASP A 40 -14.90 -28.65 18.44
CA ASP A 40 -16.16 -28.76 19.15
C ASP A 40 -15.89 -28.97 20.63
N GLN A 41 -14.97 -29.89 20.91
CA GLN A 41 -14.61 -30.20 22.28
C GLN A 41 -14.08 -28.95 22.99
N GLU A 42 -13.20 -28.24 22.29
CA GLU A 42 -12.61 -27.03 22.83
C GLU A 42 -13.53 -25.83 22.58
N GLY A 43 -14.08 -25.79 21.37
CA GLY A 43 -14.97 -24.71 21.00
C GLY A 43 -14.19 -23.51 20.48
N ARG A 44 -13.30 -23.78 19.54
CA ARG A 44 -12.49 -22.72 18.95
C ARG A 44 -12.24 -23.01 17.47
N GLU A 45 -11.59 -22.06 16.82
CA GLU A 45 -11.28 -22.19 15.41
C GLU A 45 -9.78 -22.41 15.21
N GLU A 46 -9.45 -23.11 14.13
CA GLU A 46 -8.06 -23.39 13.82
C GLU A 46 -7.86 -23.48 12.30
N PHE A 47 -6.83 -22.80 11.84
CA PHE A 47 -6.53 -22.79 10.41
C PHE A 47 -5.12 -23.32 10.16
N TYR A 48 -5.05 -24.35 9.33
CA TYR A 48 -3.79 -24.97 8.99
C TYR A 48 -2.99 -24.09 8.02
N VAL A 49 -2.12 -23.26 8.60
CA VAL A 49 -1.30 -22.37 7.80
C VAL A 49 0.07 -23.01 7.58
N HIS A 50 0.64 -22.72 6.42
CA HIS A 50 1.94 -23.26 6.06
C HIS A 50 2.95 -22.11 5.93
N TYR A 51 4.01 -22.20 6.72
CA TYR A 51 5.05 -21.18 6.69
C TYR A 51 5.94 -21.34 5.47
N VAL A 52 5.68 -20.51 4.47
CA VAL A 52 6.46 -20.55 3.23
C VAL A 52 7.80 -19.85 3.46
N GLY A 53 8.58 -20.42 4.35
CA GLY A 53 9.89 -19.86 4.66
C GLY A 53 10.31 -20.18 6.10
N PHE A 54 10.46 -21.48 6.35
CA PHE A 54 10.85 -21.94 7.68
C PHE A 54 11.30 -23.40 7.63
N ASN A 55 10.31 -24.29 7.50
CA ASN A 55 10.60 -25.71 7.45
C ASN A 55 9.38 -26.44 6.86
N ARG A 56 9.64 -27.65 6.40
CA ARG A 56 8.57 -28.46 5.82
C ARG A 56 7.95 -29.37 6.88
N ARG A 57 8.68 -29.53 7.97
CA ARG A 57 8.22 -30.36 9.07
C ARG A 57 7.43 -29.53 10.07
N LEU A 58 6.77 -28.50 9.56
CA LEU A 58 5.98 -27.62 10.40
C LEU A 58 4.50 -27.77 10.04
N ASP A 59 3.98 -26.77 9.34
CA ASP A 59 2.59 -26.77 8.93
C ASP A 59 1.71 -27.20 10.12
N GLU A 60 1.25 -26.20 10.84
CA GLU A 60 0.40 -26.44 12.00
C GLU A 60 -0.79 -25.49 12.00
N TRP A 61 -1.80 -25.85 12.78
CA TRP A 61 -3.00 -25.04 12.88
C TRP A 61 -2.67 -23.80 13.72
N VAL A 62 -3.39 -22.72 13.43
CA VAL A 62 -3.17 -21.48 14.15
C VAL A 62 -4.53 -20.91 14.56
N ASP A 63 -4.46 -19.75 15.22
CA ASP A 63 -5.68 -19.09 15.69
C ASP A 63 -5.87 -17.79 14.90
N LYS A 64 -7.14 -17.42 14.75
CA LYS A 64 -7.47 -16.20 14.03
C LYS A 64 -6.63 -15.04 14.57
N ASN A 65 -6.64 -14.91 15.88
CA ASN A 65 -5.89 -13.86 16.54
C ASN A 65 -4.42 -13.95 16.12
N ARG A 66 -3.90 -15.16 16.17
CA ARG A 66 -2.51 -15.39 15.81
C ARG A 66 -2.25 -14.90 14.37
N LEU A 67 -3.32 -14.85 13.60
CA LEU A 67 -3.23 -14.40 12.22
C LEU A 67 -3.48 -12.89 12.16
N ALA A 68 -3.31 -12.35 10.97
CA ALA A 68 -3.51 -10.92 10.77
C ALA A 68 -4.82 -10.70 10.00
N LEU A 69 -5.82 -10.23 10.72
CA LEU A 69 -7.13 -9.98 10.12
C LEU A 69 -7.40 -8.47 10.16
N THR A 70 -7.21 -7.84 9.01
CA THR A 70 -7.44 -6.41 8.89
C THR A 70 -6.38 -5.64 9.68
N LYS A 71 -6.22 -4.38 9.31
CA LYS A 71 -5.25 -3.51 9.98
C LYS A 71 -5.47 -3.58 11.48
N THR A 72 -6.69 -3.92 11.86
CA THR A 72 -7.04 -4.02 13.27
C THR A 72 -5.88 -4.63 14.06
N VAL A 73 -5.40 -5.75 13.57
CA VAL A 73 -4.30 -6.45 14.21
C VAL A 73 -3.12 -6.55 13.24
N LYS A 74 -1.93 -6.34 13.78
CA LYS A 74 -0.72 -6.40 12.98
C LYS A 74 0.48 -5.99 13.83
N ASP A 75 1.65 -6.06 13.22
CA ASP A 75 2.88 -5.71 13.91
C ASP A 75 2.82 -4.23 14.33
N ALA A 76 2.48 -3.39 13.36
CA ALA A 76 2.37 -1.97 13.61
C ALA A 76 1.86 -1.27 12.34
N VAL A 77 0.81 -0.49 12.52
CA VAL A 77 0.22 0.24 11.41
C VAL A 77 0.85 1.63 11.32
N GLN A 78 2.16 1.67 11.53
CA GLN A 78 2.89 2.92 11.47
C GLN A 78 3.05 3.38 10.02
N LYS A 79 3.65 2.51 9.22
CA LYS A 79 3.87 2.82 7.82
C LYS A 79 2.67 2.31 7.01
N ASN A 80 2.62 0.99 6.85
CA ASN A 80 1.55 0.37 6.10
C ASN A 80 1.62 0.82 4.64
N SER A 81 2.05 -0.10 3.78
CA SER A 81 2.18 0.19 2.37
C SER A 81 1.62 -0.97 1.55
N GLU A 82 0.48 -0.71 0.92
CA GLU A 82 -0.18 -1.72 0.10
C GLU A 82 -1.10 -1.06 -0.92
N LYS A 83 -1.28 -1.75 -2.03
CA LYS A 83 -2.13 -1.24 -3.09
C LYS A 83 -3.60 -1.41 -2.70
N TYR A 84 -4.47 -1.12 -3.65
CA TYR A 84 -5.91 -1.25 -3.41
C TYR A 84 -6.53 -2.29 -4.33
N LEU A 85 -7.77 -2.65 -4.01
CA LEU A 85 -8.49 -3.64 -4.80
C LEU A 85 -8.16 -3.43 -6.28
N SER A 86 -7.67 -4.49 -6.89
CA SER A 86 -7.32 -4.45 -8.30
C SER A 86 -8.29 -5.30 -9.12
N GLU A 87 -9.41 -4.68 -9.49
CA GLU A 87 -10.43 -5.36 -10.26
C GLU A 87 -11.36 -4.35 -10.93
N LEU A 88 -11.42 -4.45 -12.25
CA LEU A 88 -12.27 -3.55 -13.03
C LEU A 88 -13.05 -4.36 -14.06
N ALA A 89 -14.33 -4.01 -14.19
CA ALA A 89 -15.20 -4.69 -15.13
C ALA A 89 -16.54 -3.96 -15.20
N GLU A 90 -17.44 -4.53 -15.98
CA GLU A 90 -18.76 -3.94 -16.15
C GLU A 90 -19.58 -4.10 -14.86
N GLN A 91 -19.60 -3.02 -14.08
CA GLN A 91 -20.33 -3.03 -12.82
C GLN A 91 -21.82 -3.24 -13.09
N PRO A 92 -22.49 -3.86 -12.08
CA PRO A 92 -23.92 -4.13 -12.19
C PRO A 92 -24.74 -2.85 -11.98
N GLU A 93 -25.34 -2.40 -13.07
CA GLU A 93 -26.16 -1.19 -13.03
C GLU A 93 -27.07 -1.12 -14.25
N ARG A 94 -28.36 -1.32 -14.01
CA ARG A 94 -29.34 -1.28 -15.07
C ARG A 94 -30.71 -0.88 -14.51
N LYS A 95 -31.55 -0.35 -15.40
CA LYS A 95 -32.88 0.07 -15.00
C LYS A 95 -33.66 0.48 -16.26
N ILE A 96 -34.09 -0.52 -17.00
CA ILE A 96 -34.86 -0.29 -18.21
C ILE A 96 -36.18 0.40 -17.86
N THR A 97 -36.87 0.86 -18.89
CA THR A 97 -38.14 1.53 -18.70
C THR A 97 -38.87 1.68 -20.04
N ARG A 98 -40.18 1.87 -19.95
CA ARG A 98 -41.00 2.02 -21.13
C ARG A 98 -42.47 2.18 -20.75
N ASN A 99 -43.24 2.74 -21.68
CA ASN A 99 -44.65 2.95 -21.45
C ASN A 99 -45.24 3.73 -22.63
N GLN A 100 -46.53 3.48 -22.87
CA GLN A 100 -47.22 4.15 -23.96
C GLN A 100 -48.71 3.79 -23.93
N LYS A 101 -49.49 4.61 -24.63
CA LYS A 101 -50.92 4.40 -24.70
C LYS A 101 -51.54 5.40 -25.69
N ARG A 102 -52.81 5.19 -25.96
CA ARG A 102 -53.53 6.05 -26.89
C ARG A 102 -54.99 5.63 -27.00
N LYS A 103 -55.85 6.62 -27.17
CA LYS A 103 -57.28 6.36 -27.29
C LYS A 103 -57.93 7.50 -28.09
N HIS A 104 -58.90 7.12 -28.90
CA HIS A 104 -59.62 8.09 -29.71
C HIS A 104 -61.03 7.59 -30.00
N ASP A 105 -61.87 8.50 -30.45
CA ASP A 105 -63.24 8.16 -30.77
C ASP A 105 -63.95 9.39 -31.35
N GLU A 106 -65.13 9.15 -31.90
CA GLU A 106 -65.91 10.21 -32.51
C GLU A 106 -67.39 9.84 -32.54
N ILE A 107 -68.22 10.82 -32.21
CA ILE A 107 -69.66 10.60 -32.19
C ILE A 107 -70.20 10.67 -33.63
N ASN A 108 -71.49 10.42 -33.75
CA ASN A 108 -72.13 10.45 -35.06
C ASN A 108 -73.65 10.32 -34.87
N HIS A 109 -74.38 10.80 -35.86
CA HIS A 109 -75.83 10.74 -35.83
C HIS A 109 -76.39 11.22 -37.17
N VAL A 110 -77.66 10.91 -37.37
CA VAL A 110 -78.34 11.31 -38.61
C VAL A 110 -79.79 11.68 -38.29
N GLN A 111 -80.30 12.65 -39.04
CA GLN A 111 -81.67 13.09 -38.86
C GLN A 111 -82.25 13.58 -40.18
N LYS A 112 -83.58 13.54 -40.26
CA LYS A 112 -84.27 13.97 -41.47
C LYS A 112 -85.77 14.05 -41.18
N THR A 113 -86.41 14.99 -41.86
CA THR A 113 -87.84 15.18 -41.70
C THR A 113 -88.47 15.68 -42.99
N TYR A 114 -89.79 15.62 -43.04
CA TYR A 114 -90.52 16.06 -44.22
C TYR A 114 -91.89 16.63 -43.83
N ALA A 115 -92.61 17.10 -44.85
CA ALA A 115 -93.93 17.66 -44.63
C ALA A 115 -94.85 17.26 -45.77
N GLU A 116 -96.12 17.09 -45.44
CA GLU A 116 -97.11 16.71 -46.43
C GLU A 116 -97.88 17.94 -46.93
N MET A 117 -97.78 18.17 -48.23
CA MET A 117 -98.45 19.30 -48.84
C MET A 117 -99.77 18.87 -49.50
N ASP A 118 -100.60 19.86 -49.81
CA ASP A 118 -101.87 19.60 -50.44
C ASP A 118 -101.65 19.16 -51.88
N PRO A 119 -102.50 18.20 -52.33
CA PRO A 119 -102.40 17.67 -53.68
C PRO A 119 -102.95 18.68 -54.69
N THR A 120 -104.27 18.82 -54.69
CA THR A 120 -104.93 19.74 -55.60
C THR A 120 -106.36 20.02 -55.14
N THR A 121 -106.79 21.25 -55.37
CA THR A 121 -108.14 21.65 -54.99
C THR A 121 -108.69 22.69 -55.97
N ALA A 122 -110.01 22.77 -56.02
CA ALA A 122 -110.67 23.71 -56.90
C ALA A 122 -112.18 23.65 -56.66
N ALA A 123 -112.90 24.49 -57.41
CA ALA A 123 -114.35 24.54 -57.29
C ALA A 123 -114.98 24.11 -58.61
N LEU A 124 -116.29 24.26 -58.67
CA LEU A 124 -117.03 23.89 -59.88
C LEU A 124 -117.52 25.15 -60.58
N GLU A 125 -118.83 25.34 -60.54
CA GLU A 125 -119.43 26.50 -61.18
C GLU A 125 -120.95 26.43 -61.09
N LYS A 126 -121.53 27.41 -60.40
CA LYS A 126 -122.97 27.47 -60.24
C LYS A 126 -123.58 28.25 -61.40
N GLU A 127 -124.86 28.00 -61.62
CA GLU A 127 -125.58 28.67 -62.70
C GLU A 127 -127.09 28.50 -62.52
N SER A 128 -127.84 29.22 -63.34
CA SER A 128 -129.29 29.15 -63.28
C SER A 128 -129.90 29.85 -64.51
N GLY A 129 -131.21 29.73 -64.62
CA GLY A 129 -131.92 30.34 -65.73
C GLY A 129 -133.41 30.53 -65.41
N PRO A 130 -134.00 31.59 -66.02
CA PRO A 130 -135.40 31.88 -65.80
C PRO A 130 -136.30 30.90 -66.55
N SER A 131 -137.59 31.18 -66.52
CA SER A 131 -138.55 30.34 -67.21
C SER A 131 -139.49 31.18 -68.06
N SER A 132 -140.16 32.12 -67.40
CA SER A 132 -141.08 33.00 -68.08
C SER A 132 -140.47 33.50 -69.39
N GLY A 133 -141.33 34.01 -70.27
CA GLY A 133 -140.88 34.51 -71.55
C GLY A 133 -140.16 33.43 -72.35
N GLY A 1 -39.96 1.38 7.26
CA GLY A 1 -40.83 0.50 8.03
C GLY A 1 -40.02 -0.60 8.72
N SER A 2 -40.36 -1.83 8.37
CA SER A 2 -39.69 -2.98 8.95
C SER A 2 -38.21 -2.97 8.55
N SER A 3 -37.39 -2.47 9.47
CA SER A 3 -35.95 -2.40 9.23
C SER A 3 -35.21 -2.30 10.56
N GLY A 4 -33.98 -2.82 10.56
CA GLY A 4 -33.16 -2.79 11.76
C GLY A 4 -32.35 -4.08 11.89
N SER A 5 -31.82 -4.29 13.08
CA SER A 5 -31.02 -5.47 13.36
C SER A 5 -29.77 -5.49 12.46
N SER A 6 -28.65 -5.83 13.07
CA SER A 6 -27.40 -5.88 12.34
C SER A 6 -26.69 -7.21 12.61
N GLY A 7 -27.11 -8.23 11.86
CA GLY A 7 -26.53 -9.55 12.01
C GLY A 7 -25.35 -9.75 11.05
N GLU A 8 -24.31 -8.96 11.28
CA GLU A 8 -23.13 -9.03 10.44
C GLU A 8 -21.98 -9.69 11.21
N PRO A 9 -21.10 -10.40 10.45
CA PRO A 9 -19.96 -11.08 11.04
C PRO A 9 -18.87 -10.07 11.44
N GLU A 10 -17.97 -10.54 12.30
CA GLU A 10 -16.89 -9.70 12.76
C GLU A 10 -15.69 -9.80 11.80
N VAL A 11 -15.22 -11.02 11.62
CA VAL A 11 -14.10 -11.27 10.74
C VAL A 11 -14.30 -12.61 10.02
N THR A 12 -13.30 -12.99 9.24
CA THR A 12 -13.35 -14.24 8.50
C THR A 12 -11.99 -14.53 7.86
N VAL A 13 -11.76 -15.81 7.60
CA VAL A 13 -10.52 -16.25 7.00
C VAL A 13 -10.81 -16.90 5.65
N GLU A 14 -9.85 -16.76 4.74
CA GLU A 14 -9.99 -17.32 3.41
C GLU A 14 -8.83 -18.28 3.12
N ILE A 15 -9.19 -19.44 2.58
CA ILE A 15 -8.20 -20.45 2.25
C ILE A 15 -7.59 -20.13 0.89
N GLY A 16 -6.38 -20.64 0.68
CA GLY A 16 -5.68 -20.41 -0.58
C GLY A 16 -4.82 -19.15 -0.50
N GLU A 17 -5.27 -18.22 0.34
CA GLU A 17 -4.56 -16.96 0.51
C GLU A 17 -3.52 -17.08 1.62
N THR A 18 -2.59 -16.14 1.64
CA THR A 18 -1.55 -16.13 2.64
C THR A 18 -1.80 -15.02 3.66
N TYR A 19 -1.51 -15.35 4.91
CA TYR A 19 -1.71 -14.40 6.01
C TYR A 19 -0.47 -14.33 6.90
N LEU A 20 -0.42 -13.28 7.70
CA LEU A 20 0.70 -13.09 8.62
C LEU A 20 0.43 -13.86 9.92
N CYS A 21 1.25 -14.87 10.15
CA CYS A 21 1.12 -15.69 11.35
C CYS A 21 2.17 -15.24 12.36
N ARG A 22 1.75 -15.16 13.61
CA ARG A 22 2.64 -14.75 14.68
C ARG A 22 3.73 -15.80 14.90
N ARG A 23 4.93 -15.31 15.17
CA ARG A 23 6.06 -16.19 15.39
C ARG A 23 7.02 -15.57 16.42
N PRO A 24 7.33 -16.37 17.48
CA PRO A 24 8.22 -15.91 18.53
C PRO A 24 9.67 -15.93 18.04
N ASP A 25 9.92 -15.21 16.96
CA ASP A 25 11.25 -15.14 16.40
C ASP A 25 11.72 -13.68 16.38
N SER A 26 10.80 -12.80 15.99
CA SER A 26 11.10 -11.39 15.93
C SER A 26 9.85 -10.60 15.55
N THR A 27 9.07 -11.19 14.64
CA THR A 27 7.85 -10.56 14.18
C THR A 27 6.87 -11.60 13.65
N TRP A 28 6.10 -11.19 12.65
CA TRP A 28 5.13 -12.08 12.04
C TRP A 28 5.77 -12.70 10.79
N HIS A 29 5.27 -13.87 10.43
CA HIS A 29 5.79 -14.57 9.27
C HIS A 29 4.62 -14.96 8.35
N SER A 30 4.82 -14.72 7.06
CA SER A 30 3.80 -15.05 6.08
C SER A 30 3.60 -16.56 5.99
N ALA A 31 2.36 -16.97 6.13
CA ALA A 31 2.03 -18.39 6.08
C ALA A 31 0.75 -18.57 5.25
N GLU A 32 0.78 -19.59 4.40
CA GLU A 32 -0.36 -19.88 3.55
C GLU A 32 -1.39 -20.72 4.31
N VAL A 33 -2.64 -20.31 4.21
CA VAL A 33 -3.71 -21.01 4.89
C VAL A 33 -4.13 -22.23 4.05
N ILE A 34 -3.68 -23.39 4.50
CA ILE A 34 -3.99 -24.64 3.82
C ILE A 34 -5.50 -24.86 3.83
N GLN A 35 -6.04 -24.96 5.03
CA GLN A 35 -7.47 -25.18 5.20
C GLN A 35 -7.93 -24.64 6.56
N SER A 36 -9.17 -24.96 6.89
CA SER A 36 -9.75 -24.53 8.15
C SER A 36 -10.50 -25.68 8.81
N ARG A 37 -10.74 -25.52 10.11
CA ARG A 37 -11.46 -26.54 10.86
C ARG A 37 -11.96 -25.97 12.18
N VAL A 38 -12.83 -26.74 12.83
CA VAL A 38 -13.39 -26.31 14.11
C VAL A 38 -13.21 -27.42 15.13
N ASN A 39 -12.94 -27.01 16.37
CA ASN A 39 -12.74 -27.97 17.45
C ASN A 39 -13.93 -27.90 18.40
N ASP A 40 -14.65 -28.99 18.47
CA ASP A 40 -15.81 -29.07 19.35
C ASP A 40 -15.35 -29.20 20.80
N GLN A 41 -14.26 -29.94 20.97
CA GLN A 41 -13.70 -30.14 22.29
C GLN A 41 -13.48 -28.80 23.00
N GLU A 42 -12.56 -28.03 22.46
CA GLU A 42 -12.25 -26.73 23.02
C GLU A 42 -13.31 -25.71 22.62
N GLY A 43 -13.93 -25.96 21.48
CA GLY A 43 -14.96 -25.07 20.97
C GLY A 43 -14.36 -23.78 20.41
N ARG A 44 -13.35 -23.96 19.57
CA ARG A 44 -12.67 -22.82 18.95
C ARG A 44 -12.36 -23.13 17.49
N GLU A 45 -11.97 -22.08 16.78
CA GLU A 45 -11.64 -22.22 15.36
C GLU A 45 -10.12 -22.36 15.19
N GLU A 46 -9.74 -22.89 14.03
CA GLU A 46 -8.33 -23.08 13.73
C GLU A 46 -8.11 -23.09 12.21
N PHE A 47 -6.88 -22.78 11.82
CA PHE A 47 -6.54 -22.75 10.42
C PHE A 47 -5.12 -23.27 10.19
N TYR A 48 -5.03 -24.28 9.34
CA TYR A 48 -3.73 -24.89 9.03
C TYR A 48 -2.92 -23.98 8.11
N VAL A 49 -2.07 -23.17 8.71
CA VAL A 49 -1.23 -22.26 7.96
C VAL A 49 0.15 -22.89 7.74
N HIS A 50 0.67 -22.72 6.53
CA HIS A 50 1.96 -23.27 6.19
C HIS A 50 2.99 -22.14 6.10
N TYR A 51 4.16 -22.40 6.66
CA TYR A 51 5.23 -21.42 6.66
C TYR A 51 6.11 -21.58 5.41
N VAL A 52 5.66 -20.98 4.33
CA VAL A 52 6.40 -21.04 3.07
C VAL A 52 7.89 -20.90 3.36
N GLY A 53 8.67 -21.76 2.70
CA GLY A 53 10.11 -21.74 2.88
C GLY A 53 10.57 -22.87 3.80
N PHE A 54 10.02 -22.84 5.02
CA PHE A 54 10.37 -23.86 6.01
C PHE A 54 9.90 -25.23 5.56
N ASN A 55 10.43 -26.25 6.23
CA ASN A 55 10.08 -27.62 5.91
C ASN A 55 8.58 -27.83 6.17
N ARG A 56 8.06 -28.92 5.62
CA ARG A 56 6.66 -29.25 5.79
C ARG A 56 6.35 -29.53 7.26
N ARG A 57 7.33 -30.13 7.93
CA ARG A 57 7.17 -30.47 9.33
C ARG A 57 6.73 -29.24 10.12
N LEU A 58 7.17 -28.08 9.66
CA LEU A 58 6.82 -26.84 10.31
C LEU A 58 5.45 -26.37 9.83
N ASP A 59 4.44 -27.18 10.14
CA ASP A 59 3.07 -26.86 9.75
C ASP A 59 2.12 -27.19 10.90
N GLU A 60 1.33 -26.19 11.26
CA GLU A 60 0.37 -26.37 12.36
C GLU A 60 -0.82 -25.44 12.15
N TRP A 61 -1.83 -25.62 13.00
CA TRP A 61 -3.02 -24.80 12.94
C TRP A 61 -2.81 -23.57 13.82
N VAL A 62 -3.51 -22.50 13.47
CA VAL A 62 -3.40 -21.26 14.22
C VAL A 62 -4.81 -20.74 14.52
N ASP A 63 -4.85 -19.60 15.21
CA ASP A 63 -6.11 -18.99 15.58
C ASP A 63 -6.30 -17.69 14.78
N LYS A 64 -7.54 -17.22 14.77
CA LYS A 64 -7.86 -15.99 14.05
C LYS A 64 -7.10 -14.83 14.68
N ASN A 65 -6.81 -14.98 15.97
CA ASN A 65 -6.09 -13.95 16.70
C ASN A 65 -4.61 -13.97 16.30
N ARG A 66 -4.07 -15.18 16.24
CA ARG A 66 -2.67 -15.36 15.87
C ARG A 66 -2.43 -14.86 14.44
N LEU A 67 -3.51 -14.81 13.68
CA LEU A 67 -3.43 -14.36 12.30
C LEU A 67 -3.68 -12.85 12.25
N ALA A 68 -3.53 -12.30 11.05
CA ALA A 68 -3.74 -10.87 10.86
C ALA A 68 -4.99 -10.66 10.01
N LEU A 69 -6.06 -10.22 10.68
CA LEU A 69 -7.31 -9.98 10.00
C LEU A 69 -7.63 -8.48 10.04
N THR A 70 -7.32 -7.81 8.92
CA THR A 70 -7.56 -6.38 8.82
C THR A 70 -6.62 -5.62 9.75
N LYS A 71 -6.68 -4.30 9.64
CA LYS A 71 -5.84 -3.44 10.46
C LYS A 71 -6.38 -3.44 11.89
N THR A 72 -6.04 -4.49 12.61
CA THR A 72 -6.49 -4.61 14.00
C THR A 72 -5.29 -4.86 14.92
N VAL A 73 -4.75 -6.07 14.83
CA VAL A 73 -3.60 -6.43 15.65
C VAL A 73 -2.31 -6.10 14.90
N LYS A 74 -2.45 -5.99 13.58
CA LYS A 74 -1.30 -5.68 12.73
C LYS A 74 -0.74 -4.32 13.15
N ASP A 75 0.32 -4.37 13.95
CA ASP A 75 0.96 -3.16 14.42
C ASP A 75 1.06 -2.16 13.26
N ALA A 76 1.15 -0.89 13.62
CA ALA A 76 1.25 0.17 12.63
C ALA A 76 -0.04 0.21 11.81
N VAL A 77 -0.62 1.40 11.74
CA VAL A 77 -1.85 1.57 10.98
C VAL A 77 -1.51 1.95 9.53
N GLN A 78 -0.53 1.25 9.00
CA GLN A 78 -0.10 1.49 7.63
C GLN A 78 0.55 2.87 7.52
N LYS A 79 1.39 3.01 6.50
CA LYS A 79 2.08 4.27 6.28
C LYS A 79 2.46 4.39 4.80
N ASN A 80 1.76 5.29 4.12
CA ASN A 80 2.00 5.51 2.70
C ASN A 80 1.01 6.55 2.18
N SER A 81 1.56 7.69 1.78
CA SER A 81 0.75 8.77 1.26
C SER A 81 -0.36 8.20 0.36
N GLU A 82 -1.58 8.38 0.81
CA GLU A 82 -2.74 7.89 0.06
C GLU A 82 -3.26 8.98 -0.87
N LYS A 83 -4.23 8.60 -1.69
CA LYS A 83 -4.83 9.53 -2.63
C LYS A 83 -5.97 8.83 -3.38
N TYR A 84 -7.18 9.22 -3.04
CA TYR A 84 -8.36 8.65 -3.67
C TYR A 84 -9.60 9.50 -3.42
N LEU A 85 -10.67 9.16 -4.11
CA LEU A 85 -11.92 9.88 -3.97
C LEU A 85 -12.11 10.31 -2.50
N SER A 86 -12.35 11.60 -2.32
CA SER A 86 -12.55 12.14 -0.99
C SER A 86 -13.76 11.48 -0.33
N GLU A 87 -13.87 11.70 0.98
CA GLU A 87 -14.98 11.14 1.73
C GLU A 87 -15.53 12.17 2.71
N LEU A 88 -16.83 12.39 2.62
CA LEU A 88 -17.49 13.35 3.49
C LEU A 88 -18.99 13.38 3.17
N ALA A 89 -19.78 13.68 4.20
CA ALA A 89 -21.22 13.75 4.04
C ALA A 89 -21.80 14.68 5.09
N GLU A 90 -23.13 14.68 5.17
CA GLU A 90 -23.82 15.53 6.13
C GLU A 90 -23.92 14.82 7.48
N GLN A 91 -23.08 15.26 8.41
CA GLN A 91 -23.07 14.68 9.74
C GLN A 91 -24.39 14.95 10.45
N PRO A 92 -24.60 14.23 11.58
CA PRO A 92 -25.81 14.38 12.36
C PRO A 92 -25.80 15.69 13.15
N GLU A 93 -26.91 16.40 13.07
CA GLU A 93 -27.05 17.67 13.77
C GLU A 93 -27.91 17.49 15.01
N ARG A 94 -27.97 18.55 15.81
CA ARG A 94 -28.76 18.53 17.04
C ARG A 94 -29.70 19.73 17.08
N LYS A 95 -30.79 19.57 17.82
CA LYS A 95 -31.77 20.63 17.94
C LYS A 95 -31.83 21.07 19.41
N ILE A 96 -31.49 22.34 19.62
CA ILE A 96 -31.51 22.91 20.96
C ILE A 96 -32.93 22.90 21.50
N THR A 97 -33.05 23.19 22.79
CA THR A 97 -34.35 23.22 23.43
C THR A 97 -34.42 24.36 24.45
N ARG A 98 -35.57 25.02 24.47
CA ARG A 98 -35.77 26.14 25.38
C ARG A 98 -37.24 26.19 25.83
N ASN A 99 -37.43 26.63 27.06
CA ASN A 99 -38.77 26.75 27.62
C ASN A 99 -38.91 28.10 28.32
N GLN A 100 -40.15 28.40 28.69
CA GLN A 100 -40.44 29.66 29.38
C GLN A 100 -41.63 29.49 30.31
N LYS A 101 -41.70 30.36 31.30
CA LYS A 101 -42.79 30.33 32.26
C LYS A 101 -43.25 31.76 32.56
N ARG A 102 -44.35 31.85 33.30
CA ARG A 102 -44.90 33.14 33.67
C ARG A 102 -45.84 32.99 34.87
N LYS A 103 -46.09 34.13 35.51
CA LYS A 103 -46.98 34.14 36.67
C LYS A 103 -47.77 35.44 36.68
N HIS A 104 -48.71 35.51 37.62
CA HIS A 104 -49.55 36.69 37.74
C HIS A 104 -50.13 36.76 39.16
N ASP A 105 -50.60 37.95 39.52
CA ASP A 105 -51.17 38.16 40.84
C ASP A 105 -52.11 39.36 40.78
N GLU A 106 -52.95 39.46 41.80
CA GLU A 106 -53.90 40.55 41.89
C GLU A 106 -54.10 40.97 43.34
N ILE A 107 -54.11 42.28 43.56
CA ILE A 107 -54.29 42.82 44.90
C ILE A 107 -55.77 42.72 45.29
N ASN A 108 -56.04 43.08 46.53
CA ASN A 108 -57.40 43.04 47.04
C ASN A 108 -57.59 44.17 48.05
N HIS A 109 -58.78 44.78 47.99
CA HIS A 109 -59.10 45.87 48.89
C HIS A 109 -60.61 45.87 49.17
N VAL A 110 -60.96 46.40 50.33
CA VAL A 110 -62.36 46.47 50.74
C VAL A 110 -62.77 47.94 50.88
N GLN A 111 -63.88 48.14 51.58
CA GLN A 111 -64.39 49.48 51.81
C GLN A 111 -64.65 49.71 53.29
N LYS A 112 -65.27 50.84 53.59
CA LYS A 112 -65.58 51.20 54.96
C LYS A 112 -66.65 52.28 54.97
N THR A 113 -67.26 52.46 56.14
CA THR A 113 -68.29 53.46 56.30
C THR A 113 -68.33 53.97 57.74
N TYR A 114 -68.97 55.11 57.92
CA TYR A 114 -69.09 55.72 59.24
C TYR A 114 -69.92 57.00 59.19
N ALA A 115 -70.40 57.40 60.35
CA ALA A 115 -71.20 58.60 60.45
C ALA A 115 -71.26 59.06 61.92
N GLU A 116 -71.96 60.15 62.14
CA GLU A 116 -72.09 60.70 63.47
C GLU A 116 -73.56 61.00 63.79
N MET A 117 -74.09 60.29 64.78
CA MET A 117 -75.47 60.47 65.18
C MET A 117 -75.58 61.48 66.33
N ASP A 118 -76.75 62.08 66.42
CA ASP A 118 -77.00 63.07 67.46
C ASP A 118 -77.12 62.36 68.81
N PRO A 119 -76.58 63.04 69.86
CA PRO A 119 -76.61 62.49 71.20
C PRO A 119 -78.01 62.58 71.81
N THR A 120 -78.49 63.81 71.92
CA THR A 120 -79.81 64.07 72.47
C THR A 120 -80.24 65.51 72.20
N THR A 121 -81.55 65.70 72.12
CA THR A 121 -82.10 67.03 71.87
C THR A 121 -83.56 67.10 72.35
N ALA A 122 -83.95 68.29 72.76
CA ALA A 122 -85.31 68.50 73.23
C ALA A 122 -85.52 69.99 73.53
N ALA A 123 -86.72 70.31 73.96
CA ALA A 123 -87.06 71.69 74.27
C ALA A 123 -87.97 71.72 75.50
N LEU A 124 -88.48 72.91 75.79
CA LEU A 124 -89.37 73.09 76.93
C LEU A 124 -90.74 73.52 76.44
N GLU A 125 -91.06 74.79 76.73
CA GLU A 125 -92.34 75.35 76.32
C GLU A 125 -92.42 76.81 76.74
N LYS A 126 -93.01 77.61 75.85
CA LYS A 126 -93.16 79.03 76.10
C LYS A 126 -94.59 79.31 76.56
N GLU A 127 -94.70 80.16 77.58
CA GLU A 127 -96.00 80.52 78.12
C GLU A 127 -95.87 81.67 79.11
N SER A 128 -96.80 82.60 79.02
CA SER A 128 -96.80 83.76 79.90
C SER A 128 -98.02 84.64 79.61
N GLY A 129 -98.73 84.98 80.68
CA GLY A 129 -99.92 85.81 80.55
C GLY A 129 -100.77 85.74 81.82
N PRO A 130 -100.60 86.77 82.68
CA PRO A 130 -101.34 86.84 83.93
C PRO A 130 -102.80 87.24 83.68
N SER A 131 -103.53 87.38 84.77
CA SER A 131 -104.93 87.77 84.68
C SER A 131 -105.39 88.41 85.99
N SER A 132 -106.62 88.88 85.99
CA SER A 132 -107.19 89.51 87.18
C SER A 132 -106.45 90.82 87.47
N GLY A 133 -107.20 91.77 88.01
CA GLY A 133 -106.64 93.07 88.35
C GLY A 133 -107.37 94.19 87.62
N GLY A 1 -36.94 1.75 24.88
CA GLY A 1 -35.85 1.03 24.24
C GLY A 1 -35.95 -0.47 24.52
N SER A 2 -35.65 -1.25 23.49
CA SER A 2 -35.71 -2.70 23.60
C SER A 2 -34.60 -3.33 22.76
N SER A 3 -34.66 -3.04 21.46
CA SER A 3 -33.68 -3.58 20.53
C SER A 3 -32.31 -2.91 20.77
N GLY A 4 -31.62 -3.42 21.78
CA GLY A 4 -30.31 -2.89 22.13
C GLY A 4 -29.35 -3.00 20.95
N SER A 5 -28.28 -2.21 21.02
CA SER A 5 -27.28 -2.21 19.97
C SER A 5 -26.08 -3.07 20.37
N SER A 6 -25.87 -4.13 19.61
CA SER A 6 -24.76 -5.03 19.89
C SER A 6 -23.70 -4.91 18.79
N GLY A 7 -22.59 -4.27 19.15
CA GLY A 7 -21.51 -4.09 18.21
C GLY A 7 -20.41 -5.13 18.41
N GLU A 8 -20.74 -6.37 18.05
CA GLU A 8 -19.80 -7.47 18.19
C GLU A 8 -18.93 -7.58 16.95
N PRO A 9 -17.68 -8.11 17.16
CA PRO A 9 -16.75 -8.28 16.06
C PRO A 9 -17.14 -9.46 15.18
N GLU A 10 -16.97 -9.28 13.87
CA GLU A 10 -17.31 -10.32 12.93
C GLU A 10 -16.21 -10.44 11.86
N VAL A 11 -15.23 -11.26 12.16
CA VAL A 11 -14.11 -11.47 11.24
C VAL A 11 -14.32 -12.80 10.50
N THR A 12 -13.39 -13.07 9.59
CA THR A 12 -13.46 -14.29 8.81
C THR A 12 -12.11 -14.57 8.14
N VAL A 13 -11.94 -15.81 7.72
CA VAL A 13 -10.71 -16.22 7.07
C VAL A 13 -11.03 -16.89 5.73
N GLU A 14 -10.11 -16.75 4.80
CA GLU A 14 -10.28 -17.32 3.47
C GLU A 14 -9.10 -18.22 3.12
N ILE A 15 -9.42 -19.40 2.58
CA ILE A 15 -8.40 -20.35 2.20
C ILE A 15 -7.84 -19.97 0.83
N GLY A 16 -6.63 -20.45 0.57
CA GLY A 16 -5.98 -20.16 -0.70
C GLY A 16 -5.13 -18.88 -0.60
N GLU A 17 -5.45 -18.07 0.39
CA GLU A 17 -4.74 -16.83 0.61
C GLU A 17 -3.74 -16.97 1.75
N THR A 18 -2.72 -16.14 1.71
CA THR A 18 -1.68 -16.17 2.73
C THR A 18 -1.88 -15.02 3.72
N TYR A 19 -1.68 -15.33 5.00
CA TYR A 19 -1.83 -14.33 6.05
C TYR A 19 -0.61 -14.30 6.96
N LEU A 20 -0.51 -13.24 7.73
CA LEU A 20 0.61 -13.08 8.65
C LEU A 20 0.31 -13.82 9.95
N CYS A 21 1.14 -14.81 10.23
CA CYS A 21 0.98 -15.61 11.43
C CYS A 21 2.01 -15.14 12.46
N ARG A 22 1.54 -14.98 13.69
CA ARG A 22 2.40 -14.54 14.77
C ARG A 22 3.51 -15.56 15.02
N ARG A 23 4.70 -15.06 15.32
CA ARG A 23 5.83 -15.92 15.58
C ARG A 23 6.73 -15.30 16.66
N PRO A 24 6.88 -16.05 17.78
CA PRO A 24 7.71 -15.59 18.89
C PRO A 24 9.20 -15.72 18.55
N ASP A 25 9.58 -15.10 17.46
CA ASP A 25 10.96 -15.13 17.01
C ASP A 25 11.50 -13.70 16.93
N SER A 26 10.68 -12.83 16.37
CA SER A 26 11.07 -11.43 16.21
C SER A 26 9.88 -10.61 15.71
N THR A 27 9.15 -11.20 14.77
CA THR A 27 7.99 -10.55 14.20
C THR A 27 7.03 -11.58 13.59
N TRP A 28 6.10 -11.08 12.80
CA TRP A 28 5.12 -11.94 12.16
C TRP A 28 5.78 -12.58 10.93
N HIS A 29 5.23 -13.71 10.53
CA HIS A 29 5.76 -14.43 9.37
C HIS A 29 4.61 -14.89 8.48
N SER A 30 4.84 -14.83 7.18
CA SER A 30 3.83 -15.24 6.22
C SER A 30 3.52 -16.73 6.39
N ALA A 31 2.31 -17.10 5.98
CA ALA A 31 1.88 -18.49 6.08
C ALA A 31 0.60 -18.68 5.27
N GLU A 32 0.69 -19.56 4.28
CA GLU A 32 -0.46 -19.85 3.42
C GLU A 32 -1.49 -20.68 4.18
N VAL A 33 -2.73 -20.23 4.09
CA VAL A 33 -3.83 -20.92 4.76
C VAL A 33 -4.22 -22.16 3.94
N ILE A 34 -3.80 -23.32 4.43
CA ILE A 34 -4.09 -24.56 3.76
C ILE A 34 -5.60 -24.82 3.80
N GLN A 35 -6.11 -24.94 5.02
CA GLN A 35 -7.53 -25.18 5.22
C GLN A 35 -7.98 -24.62 6.57
N SER A 36 -9.23 -24.91 6.90
CA SER A 36 -9.78 -24.46 8.17
C SER A 36 -10.61 -25.58 8.82
N ARG A 37 -10.78 -25.46 10.13
CA ARG A 37 -11.54 -26.45 10.87
C ARG A 37 -12.03 -25.85 12.19
N VAL A 38 -12.90 -26.60 12.85
CA VAL A 38 -13.44 -26.16 14.13
C VAL A 38 -13.09 -27.18 15.21
N ASN A 39 -12.82 -26.67 16.41
CA ASN A 39 -12.47 -27.52 17.53
C ASN A 39 -13.64 -27.58 18.50
N ASP A 40 -14.22 -28.76 18.62
CA ASP A 40 -15.34 -28.97 19.52
C ASP A 40 -14.83 -29.08 20.95
N GLN A 41 -13.92 -30.03 21.15
CA GLN A 41 -13.36 -30.25 22.47
C GLN A 41 -12.94 -28.92 23.11
N GLU A 42 -12.17 -28.16 22.35
CA GLU A 42 -11.71 -26.86 22.82
C GLU A 42 -12.81 -25.80 22.65
N GLY A 43 -13.46 -25.87 21.50
CA GLY A 43 -14.53 -24.93 21.20
C GLY A 43 -13.98 -23.63 20.61
N ARG A 44 -13.15 -23.80 19.59
CA ARG A 44 -12.55 -22.65 18.93
C ARG A 44 -12.25 -22.98 17.46
N GLU A 45 -11.89 -21.95 16.71
CA GLU A 45 -11.57 -22.11 15.31
C GLU A 45 -10.06 -22.20 15.11
N GLU A 46 -9.67 -22.73 13.97
CA GLU A 46 -8.26 -22.88 13.64
C GLU A 46 -8.06 -22.89 12.12
N PHE A 47 -6.80 -22.80 11.72
CA PHE A 47 -6.46 -22.79 10.31
C PHE A 47 -5.04 -23.32 10.09
N TYR A 48 -4.95 -24.36 9.26
CA TYR A 48 -3.66 -24.95 8.96
C TYR A 48 -2.86 -24.07 8.01
N VAL A 49 -2.00 -23.25 8.60
CA VAL A 49 -1.17 -22.34 7.83
C VAL A 49 0.21 -22.97 7.64
N HIS A 50 0.79 -22.71 6.47
CA HIS A 50 2.11 -23.24 6.16
C HIS A 50 3.09 -22.08 5.96
N TYR A 51 4.14 -22.11 6.76
CA TYR A 51 5.16 -21.08 6.68
C TYR A 51 6.01 -21.23 5.41
N VAL A 52 5.58 -20.55 4.37
CA VAL A 52 6.28 -20.61 3.09
C VAL A 52 7.59 -19.83 3.21
N GLY A 53 8.67 -20.49 2.79
CA GLY A 53 9.99 -19.86 2.85
C GLY A 53 10.68 -20.16 4.18
N PHE A 54 10.36 -21.33 4.73
CA PHE A 54 10.94 -21.75 5.98
C PHE A 54 11.41 -23.21 5.92
N ASN A 55 10.47 -24.08 5.60
CA ASN A 55 10.78 -25.50 5.49
C ASN A 55 9.47 -26.28 5.34
N ARG A 56 9.54 -27.33 4.52
CA ARG A 56 8.37 -28.17 4.29
C ARG A 56 7.64 -28.43 5.60
N ARG A 57 8.40 -28.44 6.68
CA ARG A 57 7.83 -28.68 7.99
C ARG A 57 7.28 -27.39 8.58
N LEU A 58 7.04 -27.42 9.89
CA LEU A 58 6.52 -26.26 10.58
C LEU A 58 5.06 -26.05 10.18
N ASP A 59 4.27 -27.10 10.37
CA ASP A 59 2.86 -27.06 10.04
C ASP A 59 2.03 -27.24 11.32
N GLU A 60 1.25 -26.20 11.63
CA GLU A 60 0.41 -26.23 12.81
C GLU A 60 -0.81 -25.35 12.62
N TRP A 61 -1.94 -25.81 13.14
CA TRP A 61 -3.18 -25.07 13.04
C TRP A 61 -3.08 -23.83 13.92
N VAL A 62 -3.27 -22.68 13.29
CA VAL A 62 -3.20 -21.41 14.01
C VAL A 62 -4.61 -20.92 14.31
N ASP A 63 -4.68 -19.87 15.12
CA ASP A 63 -5.96 -19.28 15.48
C ASP A 63 -6.18 -17.99 14.69
N LYS A 64 -7.42 -17.52 14.72
CA LYS A 64 -7.77 -16.30 14.01
C LYS A 64 -7.00 -15.13 14.61
N ASN A 65 -6.68 -15.26 15.89
CA ASN A 65 -5.94 -14.22 16.59
C ASN A 65 -4.47 -14.29 16.19
N ARG A 66 -4.00 -15.52 16.00
CA ARG A 66 -2.61 -15.73 15.62
C ARG A 66 -2.35 -15.15 14.22
N LEU A 67 -3.43 -15.04 13.45
CA LEU A 67 -3.34 -14.52 12.11
C LEU A 67 -3.60 -13.01 12.13
N ALA A 68 -3.44 -12.38 10.97
CA ALA A 68 -3.66 -10.96 10.86
C ALA A 68 -5.00 -10.71 10.15
N LEU A 69 -5.98 -10.29 10.94
CA LEU A 69 -7.31 -10.02 10.41
C LEU A 69 -7.59 -8.53 10.54
N THR A 70 -7.44 -7.82 9.42
CA THR A 70 -7.69 -6.39 9.40
C THR A 70 -6.61 -5.65 10.19
N LYS A 71 -6.61 -4.34 10.05
CA LYS A 71 -5.65 -3.51 10.75
C LYS A 71 -5.71 -3.81 12.25
N THR A 72 -6.83 -4.38 12.66
CA THR A 72 -7.03 -4.73 14.06
C THR A 72 -5.74 -5.27 14.66
N VAL A 73 -5.24 -6.34 14.06
CA VAL A 73 -4.01 -6.96 14.52
C VAL A 73 -3.00 -6.98 13.38
N LYS A 74 -1.73 -6.85 13.74
CA LYS A 74 -0.66 -6.86 12.77
C LYS A 74 0.68 -6.68 13.48
N ASP A 75 0.91 -5.46 13.96
CA ASP A 75 2.14 -5.14 14.66
C ASP A 75 3.27 -4.99 13.65
N ALA A 76 3.52 -3.75 13.26
CA ALA A 76 4.57 -3.45 12.31
C ALA A 76 4.68 -1.94 12.13
N VAL A 77 5.51 -1.34 12.96
CA VAL A 77 5.71 0.10 12.89
C VAL A 77 7.11 0.39 12.37
N GLN A 78 8.08 -0.35 12.89
CA GLN A 78 9.46 -0.19 12.48
C GLN A 78 9.98 -1.47 11.81
N LYS A 79 11.12 -1.34 11.14
CA LYS A 79 11.72 -2.48 10.47
C LYS A 79 10.90 -2.83 9.23
N ASN A 80 9.66 -3.23 9.47
CA ASN A 80 8.77 -3.60 8.39
C ASN A 80 9.42 -4.71 7.55
N SER A 81 8.60 -5.32 6.70
CA SER A 81 9.07 -6.40 5.85
C SER A 81 10.47 -6.06 5.31
N GLU A 82 11.36 -7.03 5.39
CA GLU A 82 12.72 -6.86 4.92
C GLU A 82 12.71 -6.43 3.45
N LYS A 83 13.21 -5.23 3.22
CA LYS A 83 13.27 -4.69 1.87
C LYS A 83 14.74 -4.63 1.41
N TYR A 84 15.50 -3.77 2.09
CA TYR A 84 16.91 -3.60 1.77
C TYR A 84 17.55 -4.95 1.44
N LEU A 85 17.41 -5.88 2.36
CA LEU A 85 17.98 -7.21 2.18
C LEU A 85 16.85 -8.25 2.21
N SER A 86 17.23 -9.50 1.99
CA SER A 86 16.28 -10.59 1.99
C SER A 86 15.26 -10.40 0.87
N GLU A 87 15.70 -10.68 -0.34
CA GLU A 87 14.84 -10.54 -1.51
C GLU A 87 15.43 -11.32 -2.69
N LEU A 88 14.61 -12.21 -3.24
CA LEU A 88 15.03 -13.02 -4.37
C LEU A 88 13.86 -13.17 -5.34
N ALA A 89 14.20 -13.56 -6.56
CA ALA A 89 13.19 -13.74 -7.60
C ALA A 89 13.70 -14.74 -8.63
N GLU A 90 12.94 -14.86 -9.72
CA GLU A 90 13.31 -15.78 -10.78
C GLU A 90 14.70 -15.45 -11.31
N GLN A 91 15.69 -16.15 -10.76
CA GLN A 91 17.07 -15.94 -11.17
C GLN A 91 17.23 -16.24 -12.66
N PRO A 92 18.28 -15.61 -13.27
CA PRO A 92 18.56 -15.81 -14.68
C PRO A 92 19.17 -17.18 -14.94
N GLU A 93 19.42 -17.45 -16.22
CA GLU A 93 20.01 -18.72 -16.61
C GLU A 93 21.18 -18.49 -17.56
N ARG A 94 21.93 -19.56 -17.80
CA ARG A 94 23.08 -19.48 -18.68
C ARG A 94 22.70 -19.96 -20.08
N LYS A 95 23.66 -19.87 -20.99
CA LYS A 95 23.44 -20.28 -22.36
C LYS A 95 24.41 -21.42 -22.71
N ILE A 96 23.90 -22.38 -23.46
CA ILE A 96 24.70 -23.52 -23.86
C ILE A 96 25.69 -23.08 -24.94
N THR A 97 26.59 -23.99 -25.28
CA THR A 97 27.59 -23.72 -26.30
C THR A 97 27.90 -24.98 -27.11
N ARG A 98 27.60 -24.90 -28.40
CA ARG A 98 27.83 -26.01 -29.29
C ARG A 98 28.42 -25.53 -30.62
N ASN A 99 28.92 -26.48 -31.39
CA ASN A 99 29.52 -26.16 -32.68
C ASN A 99 29.52 -27.41 -33.56
N GLN A 100 29.83 -27.20 -34.83
CA GLN A 100 29.88 -28.30 -35.78
C GLN A 100 30.55 -27.85 -37.08
N LYS A 101 30.83 -28.82 -37.93
CA LYS A 101 31.46 -28.54 -39.21
C LYS A 101 31.49 -29.82 -40.05
N ARG A 102 31.00 -29.70 -41.27
CA ARG A 102 30.96 -30.82 -42.19
C ARG A 102 31.06 -30.34 -43.63
N LYS A 103 31.69 -31.17 -44.46
CA LYS A 103 31.86 -30.85 -45.86
C LYS A 103 32.22 -32.11 -46.63
N HIS A 104 32.01 -32.05 -47.94
CA HIS A 104 32.30 -33.18 -48.80
C HIS A 104 32.19 -32.76 -50.27
N ASP A 105 32.87 -33.51 -51.13
CA ASP A 105 32.85 -33.22 -52.55
C ASP A 105 33.82 -34.17 -53.26
N GLU A 106 33.60 -34.30 -54.57
CA GLU A 106 34.44 -35.18 -55.38
C GLU A 106 34.38 -34.75 -56.84
N ILE A 107 35.55 -34.67 -57.46
CA ILE A 107 35.65 -34.28 -58.85
C ILE A 107 35.20 -35.45 -59.73
N ASN A 108 35.10 -35.17 -61.03
CA ASN A 108 34.69 -36.19 -61.98
C ASN A 108 34.93 -35.68 -63.40
N HIS A 109 34.88 -36.60 -64.35
CA HIS A 109 35.09 -36.25 -65.75
C HIS A 109 34.57 -37.38 -66.63
N VAL A 110 34.64 -37.15 -67.94
CA VAL A 110 34.19 -38.14 -68.90
C VAL A 110 35.40 -38.66 -69.69
N GLN A 111 35.19 -39.79 -70.36
CA GLN A 111 36.24 -40.40 -71.15
C GLN A 111 36.72 -39.42 -72.24
N LYS A 112 37.61 -39.92 -73.08
CA LYS A 112 38.16 -39.11 -74.15
C LYS A 112 39.18 -39.93 -74.93
N THR A 113 38.87 -40.17 -76.20
CA THR A 113 39.74 -40.94 -77.06
C THR A 113 39.22 -40.93 -78.50
N TYR A 114 39.83 -41.77 -79.33
CA TYR A 114 39.43 -41.87 -80.72
C TYR A 114 40.18 -43.00 -81.42
N ALA A 115 39.78 -43.26 -82.65
CA ALA A 115 40.41 -44.31 -83.45
C ALA A 115 39.84 -44.28 -84.86
N GLU A 116 40.57 -43.61 -85.74
CA GLU A 116 40.16 -43.51 -87.13
C GLU A 116 41.20 -44.16 -88.04
N MET A 117 41.01 -45.45 -88.28
CA MET A 117 41.91 -46.20 -89.13
C MET A 117 41.22 -46.62 -90.43
N ASP A 118 42.02 -47.13 -91.35
CA ASP A 118 41.51 -47.57 -92.64
C ASP A 118 40.74 -48.88 -92.45
N PRO A 119 39.67 -49.04 -93.27
CA PRO A 119 38.85 -50.23 -93.20
C PRO A 119 39.56 -51.43 -93.84
N THR A 120 39.81 -51.31 -95.14
CA THR A 120 40.48 -52.37 -95.87
C THR A 120 41.02 -51.83 -97.20
N THR A 121 42.11 -52.43 -97.64
CA THR A 121 42.72 -52.03 -98.89
C THR A 121 43.62 -53.15 -99.43
N ALA A 122 43.74 -53.18 -100.75
CA ALA A 122 44.57 -54.19 -101.40
C ALA A 122 44.59 -53.94 -102.91
N ALA A 123 45.47 -54.65 -103.58
CA ALA A 123 45.59 -54.52 -105.03
C ALA A 123 45.26 -55.85 -105.70
N LEU A 124 45.51 -55.91 -106.99
CA LEU A 124 45.24 -57.12 -107.75
C LEU A 124 46.56 -57.71 -108.25
N GLU A 125 46.76 -57.61 -109.56
CA GLU A 125 47.97 -58.13 -110.17
C GLU A 125 48.00 -57.78 -111.67
N LYS A 126 49.10 -58.13 -112.30
CA LYS A 126 49.27 -57.87 -113.72
C LYS A 126 50.42 -58.72 -114.26
N GLU A 127 50.16 -59.35 -115.40
CA GLU A 127 51.16 -60.19 -116.03
C GLU A 127 50.66 -60.70 -117.37
N SER A 128 51.21 -60.14 -118.44
CA SER A 128 50.82 -60.51 -119.78
C SER A 128 51.97 -61.25 -120.47
N GLY A 129 51.63 -61.93 -121.56
CA GLY A 129 52.63 -62.68 -122.31
C GLY A 129 52.07 -63.13 -123.66
N PRO A 130 52.79 -62.74 -124.75
CA PRO A 130 52.37 -63.11 -126.08
C PRO A 130 52.67 -64.58 -126.38
N SER A 131 52.52 -64.95 -127.63
CA SER A 131 52.77 -66.32 -128.05
C SER A 131 53.25 -66.35 -129.51
N SER A 132 53.66 -67.53 -129.94
CA SER A 132 54.15 -67.70 -131.30
C SER A 132 55.46 -66.95 -131.48
N GLY A 133 56.23 -67.40 -132.46
CA GLY A 133 57.52 -66.79 -132.75
C GLY A 133 57.34 -65.51 -133.58
N GLY A 1 -34.54 -7.78 8.27
CA GLY A 1 -33.56 -7.01 9.01
C GLY A 1 -32.20 -7.69 8.99
N SER A 2 -31.25 -7.08 9.70
CA SER A 2 -29.91 -7.61 9.77
C SER A 2 -29.23 -7.18 11.08
N SER A 3 -28.84 -8.16 11.85
CA SER A 3 -28.19 -7.90 13.13
C SER A 3 -26.99 -8.83 13.31
N GLY A 4 -27.29 -10.13 13.33
CA GLY A 4 -26.26 -11.13 13.51
C GLY A 4 -25.92 -11.32 14.98
N SER A 5 -26.28 -12.49 15.50
CA SER A 5 -26.02 -12.80 16.89
C SER A 5 -24.83 -13.76 17.00
N SER A 6 -23.64 -13.18 17.11
CA SER A 6 -22.43 -13.97 17.22
C SER A 6 -21.44 -13.27 18.15
N GLY A 7 -20.93 -12.14 17.68
CA GLY A 7 -19.97 -11.36 18.45
C GLY A 7 -19.73 -9.99 17.81
N GLU A 8 -19.51 -9.01 18.67
CA GLU A 8 -19.26 -7.66 18.21
C GLU A 8 -18.20 -7.66 17.10
N PRO A 9 -17.05 -8.30 17.41
CA PRO A 9 -15.96 -8.38 16.45
C PRO A 9 -16.27 -9.40 15.34
N GLU A 10 -16.41 -8.88 14.13
CA GLU A 10 -16.70 -9.72 12.99
C GLU A 10 -15.47 -9.86 12.09
N VAL A 11 -15.08 -11.10 11.86
CA VAL A 11 -13.93 -11.38 11.02
C VAL A 11 -14.17 -12.66 10.22
N THR A 12 -13.26 -12.94 9.31
CA THR A 12 -13.36 -14.13 8.47
C THR A 12 -12.00 -14.47 7.87
N VAL A 13 -11.86 -15.73 7.48
CA VAL A 13 -10.63 -16.21 6.88
C VAL A 13 -10.93 -16.87 5.54
N GLU A 14 -9.96 -16.79 4.65
CA GLU A 14 -10.10 -17.37 3.32
C GLU A 14 -8.92 -18.30 3.02
N ILE A 15 -9.25 -19.45 2.45
CA ILE A 15 -8.24 -20.43 2.09
C ILE A 15 -7.64 -20.08 0.73
N GLY A 16 -6.44 -20.59 0.50
CA GLY A 16 -5.75 -20.33 -0.76
C GLY A 16 -4.89 -19.07 -0.66
N GLU A 17 -5.33 -18.15 0.19
CA GLU A 17 -4.61 -16.90 0.38
C GLU A 17 -3.59 -17.05 1.51
N THR A 18 -2.67 -16.11 1.55
CA THR A 18 -1.63 -16.12 2.57
C THR A 18 -1.91 -15.04 3.63
N TYR A 19 -1.58 -15.38 4.87
CA TYR A 19 -1.80 -14.46 5.98
C TYR A 19 -0.59 -14.44 6.91
N LEU A 20 -0.50 -13.36 7.67
CA LEU A 20 0.60 -13.20 8.61
C LEU A 20 0.30 -13.97 9.89
N CYS A 21 1.18 -14.90 10.22
CA CYS A 21 1.02 -15.71 11.41
C CYS A 21 2.03 -15.24 12.46
N ARG A 22 1.52 -15.02 13.67
CA ARG A 22 2.37 -14.57 14.76
C ARG A 22 3.48 -15.59 15.03
N ARG A 23 4.66 -15.07 15.29
CA ARG A 23 5.80 -15.93 15.57
C ARG A 23 6.65 -15.33 16.70
N PRO A 24 6.76 -16.11 17.81
CA PRO A 24 7.52 -15.67 18.97
C PRO A 24 9.03 -15.79 18.69
N ASP A 25 9.46 -15.10 17.66
CA ASP A 25 10.88 -15.12 17.29
C ASP A 25 11.38 -13.68 17.17
N SER A 26 10.59 -12.86 16.50
CA SER A 26 10.96 -11.47 16.31
C SER A 26 9.76 -10.68 15.77
N THR A 27 9.10 -11.28 14.80
CA THR A 27 7.94 -10.65 14.18
C THR A 27 7.02 -11.71 13.57
N TRP A 28 6.07 -11.23 12.77
CA TRP A 28 5.13 -12.11 12.11
C TRP A 28 5.82 -12.71 10.89
N HIS A 29 5.34 -13.89 10.50
CA HIS A 29 5.90 -14.58 9.34
C HIS A 29 4.77 -15.09 8.46
N SER A 30 4.76 -14.60 7.23
CA SER A 30 3.75 -15.00 6.27
C SER A 30 3.54 -16.52 6.33
N ALA A 31 2.31 -16.93 6.03
CA ALA A 31 1.97 -18.35 6.05
C ALA A 31 0.70 -18.57 5.22
N GLU A 32 0.78 -19.53 4.32
CA GLU A 32 -0.35 -19.86 3.47
C GLU A 32 -1.38 -20.69 4.24
N VAL A 33 -2.63 -20.35 4.04
CA VAL A 33 -3.72 -21.05 4.71
C VAL A 33 -4.11 -22.28 3.88
N ILE A 34 -3.78 -23.45 4.42
CA ILE A 34 -4.09 -24.69 3.74
C ILE A 34 -5.59 -24.93 3.78
N GLN A 35 -6.12 -25.01 4.99
CA GLN A 35 -7.54 -25.23 5.19
C GLN A 35 -8.00 -24.66 6.53
N SER A 36 -9.23 -24.98 6.88
CA SER A 36 -9.80 -24.50 8.13
C SER A 36 -10.56 -25.63 8.83
N ARG A 37 -10.72 -25.46 10.13
CA ARG A 37 -11.42 -26.46 10.92
C ARG A 37 -11.95 -25.84 12.22
N VAL A 38 -12.77 -26.59 12.92
CA VAL A 38 -13.34 -26.13 14.18
C VAL A 38 -13.08 -27.17 15.27
N ASN A 39 -12.83 -26.67 16.47
CA ASN A 39 -12.56 -27.54 17.60
C ASN A 39 -13.77 -27.53 18.54
N ASP A 40 -14.52 -28.63 18.52
CA ASP A 40 -15.69 -28.75 19.37
C ASP A 40 -15.26 -28.96 20.82
N GLN A 41 -14.08 -29.55 20.97
CA GLN A 41 -13.53 -29.82 22.29
C GLN A 41 -13.29 -28.50 23.03
N GLU A 42 -12.36 -27.72 22.51
CA GLU A 42 -12.03 -26.44 23.11
C GLU A 42 -13.07 -25.39 22.74
N GLY A 43 -13.72 -25.61 21.59
CA GLY A 43 -14.73 -24.69 21.12
C GLY A 43 -14.10 -23.43 20.53
N ARG A 44 -13.18 -23.66 19.61
CA ARG A 44 -12.49 -22.55 18.96
C ARG A 44 -12.21 -22.89 17.50
N GLU A 45 -11.84 -21.86 16.74
CA GLU A 45 -11.54 -22.03 15.33
C GLU A 45 -10.03 -22.08 15.12
N GLU A 46 -9.63 -22.74 14.04
CA GLU A 46 -8.23 -22.88 13.71
C GLU A 46 -8.03 -22.97 12.20
N PHE A 47 -6.84 -22.62 11.75
CA PHE A 47 -6.52 -22.67 10.34
C PHE A 47 -5.08 -23.15 10.11
N TYR A 48 -4.97 -24.21 9.33
CA TYR A 48 -3.66 -24.78 9.03
C TYR A 48 -2.86 -23.85 8.11
N VAL A 49 -2.04 -23.02 8.72
CA VAL A 49 -1.22 -22.09 7.98
C VAL A 49 0.18 -22.69 7.79
N HIS A 50 0.66 -22.58 6.56
CA HIS A 50 1.98 -23.10 6.23
C HIS A 50 2.97 -21.94 6.09
N TYR A 51 4.03 -22.00 6.90
CA TYR A 51 5.05 -20.98 6.88
C TYR A 51 5.93 -21.11 5.64
N VAL A 52 5.52 -20.43 4.57
CA VAL A 52 6.27 -20.47 3.33
C VAL A 52 7.55 -19.66 3.48
N GLY A 53 8.54 -20.29 4.10
CA GLY A 53 9.83 -19.63 4.31
C GLY A 53 10.74 -20.49 5.20
N PHE A 54 10.12 -21.10 6.20
CA PHE A 54 10.86 -21.94 7.13
C PHE A 54 11.08 -23.33 6.54
N ASN A 55 9.99 -24.08 6.44
CA ASN A 55 10.06 -25.43 5.89
C ASN A 55 8.63 -25.99 5.75
N ARG A 56 8.57 -27.21 5.25
CA ARG A 56 7.28 -27.87 5.07
C ARG A 56 6.88 -28.63 6.34
N ARG A 57 7.89 -29.19 6.99
CA ARG A 57 7.65 -29.94 8.21
C ARG A 57 7.20 -29.01 9.34
N LEU A 58 7.33 -27.71 9.08
CA LEU A 58 6.93 -26.72 10.05
C LEU A 58 5.54 -26.19 9.69
N ASP A 59 4.55 -27.01 9.95
CA ASP A 59 3.17 -26.64 9.66
C ASP A 59 2.29 -26.99 10.85
N GLU A 60 1.44 -26.04 11.23
CA GLU A 60 0.54 -26.24 12.35
C GLU A 60 -0.73 -25.39 12.18
N TRP A 61 -1.70 -25.65 13.05
CA TRP A 61 -2.95 -24.92 13.00
C TRP A 61 -2.80 -23.65 13.85
N VAL A 62 -3.45 -22.59 13.39
CA VAL A 62 -3.38 -21.32 14.09
C VAL A 62 -4.81 -20.80 14.30
N ASP A 63 -4.93 -19.87 15.24
CA ASP A 63 -6.22 -19.28 15.55
C ASP A 63 -6.37 -17.96 14.78
N LYS A 64 -7.61 -17.50 14.68
CA LYS A 64 -7.90 -16.26 13.98
C LYS A 64 -7.09 -15.12 14.62
N ASN A 65 -6.76 -15.31 15.89
CA ASN A 65 -6.00 -14.32 16.62
C ASN A 65 -4.53 -14.39 16.19
N ARG A 66 -4.04 -15.62 16.10
CA ARG A 66 -2.66 -15.85 15.72
C ARG A 66 -2.42 -15.31 14.29
N LEU A 67 -3.50 -15.15 13.57
CA LEU A 67 -3.43 -14.65 12.21
C LEU A 67 -3.64 -13.14 12.20
N ALA A 68 -3.47 -12.55 11.03
CA ALA A 68 -3.65 -11.11 10.87
C ALA A 68 -4.93 -10.85 10.06
N LEU A 69 -5.95 -10.40 10.77
CA LEU A 69 -7.22 -10.11 10.14
C LEU A 69 -7.50 -8.60 10.23
N THR A 70 -7.23 -7.92 9.12
CA THR A 70 -7.43 -6.48 9.06
C THR A 70 -6.39 -5.75 9.93
N LYS A 71 -6.52 -4.44 9.97
CA LYS A 71 -5.60 -3.62 10.74
C LYS A 71 -5.88 -3.81 12.23
N THR A 72 -7.17 -3.89 12.55
CA THR A 72 -7.59 -4.08 13.93
C THR A 72 -6.67 -5.07 14.63
N VAL A 73 -6.12 -5.99 13.84
CA VAL A 73 -5.23 -7.01 14.37
C VAL A 73 -3.89 -6.92 13.65
N LYS A 74 -2.87 -7.47 14.31
CA LYS A 74 -1.53 -7.46 13.74
C LYS A 74 -1.08 -6.02 13.51
N ASP A 75 0.22 -5.83 13.52
CA ASP A 75 0.79 -4.51 13.31
C ASP A 75 2.32 -4.60 13.34
N ALA A 76 2.96 -3.53 12.89
CA ALA A 76 4.40 -3.48 12.85
C ALA A 76 4.94 -4.76 12.20
N VAL A 77 5.10 -4.68 10.88
CA VAL A 77 5.60 -5.82 10.13
C VAL A 77 6.55 -5.32 9.04
N GLN A 78 7.48 -4.47 9.45
CA GLN A 78 8.45 -3.91 8.53
C GLN A 78 8.99 -5.00 7.61
N LYS A 79 9.57 -4.56 6.50
CA LYS A 79 10.12 -5.50 5.52
C LYS A 79 11.18 -4.77 4.69
N ASN A 80 11.97 -5.57 3.97
CA ASN A 80 13.02 -5.03 3.13
C ASN A 80 12.47 -3.85 2.32
N SER A 81 13.20 -2.75 2.35
CA SER A 81 12.78 -1.56 1.62
C SER A 81 12.59 -1.90 0.15
N GLU A 82 11.34 -1.81 -0.29
CA GLU A 82 11.00 -2.09 -1.67
C GLU A 82 10.56 -0.82 -2.39
N LYS A 83 11.16 -0.59 -3.54
CA LYS A 83 10.83 0.58 -4.33
C LYS A 83 9.32 0.81 -4.30
N TYR A 84 8.94 2.02 -3.91
CA TYR A 84 7.54 2.38 -3.84
C TYR A 84 7.31 3.83 -4.25
N LEU A 85 6.20 4.05 -4.94
CA LEU A 85 5.86 5.38 -5.42
C LEU A 85 6.53 5.63 -6.77
N SER A 86 5.70 5.69 -7.80
CA SER A 86 6.20 5.93 -9.15
C SER A 86 5.02 6.16 -10.10
N GLU A 87 4.69 7.43 -10.29
CA GLU A 87 3.60 7.80 -11.17
C GLU A 87 4.11 8.68 -12.31
N LEU A 88 3.92 8.18 -13.53
CA LEU A 88 4.35 8.90 -14.71
C LEU A 88 3.16 9.10 -15.65
N ALA A 89 3.16 10.23 -16.33
CA ALA A 89 2.09 10.55 -17.27
C ALA A 89 2.67 11.36 -18.43
N GLU A 90 1.76 11.86 -19.26
CA GLU A 90 2.16 12.66 -20.41
C GLU A 90 2.26 14.14 -20.02
N GLN A 91 3.49 14.57 -19.77
CA GLN A 91 3.74 15.94 -19.39
C GLN A 91 3.11 16.89 -20.40
N PRO A 92 2.92 18.16 -19.96
CA PRO A 92 2.32 19.19 -20.81
C PRO A 92 3.32 19.66 -21.87
N GLU A 93 2.82 20.46 -22.79
CA GLU A 93 3.64 20.99 -23.86
C GLU A 93 2.80 21.86 -24.81
N ARG A 94 3.14 23.14 -24.84
CA ARG A 94 2.42 24.08 -25.68
C ARG A 94 3.31 25.28 -26.01
N LYS A 95 2.85 26.07 -26.97
CA LYS A 95 3.60 27.25 -27.38
C LYS A 95 2.86 27.92 -28.56
N ILE A 96 2.14 28.98 -28.23
CA ILE A 96 1.39 29.71 -29.23
C ILE A 96 2.02 31.10 -29.42
N THR A 97 1.67 31.73 -30.53
CA THR A 97 2.18 33.05 -30.83
C THR A 97 1.46 33.64 -32.04
N ARG A 98 1.51 34.97 -32.14
CA ARG A 98 0.87 35.66 -33.24
C ARG A 98 1.11 37.17 -33.12
N ASN A 99 1.57 37.74 -34.23
CA ASN A 99 1.84 39.18 -34.26
C ASN A 99 1.49 39.73 -35.64
N GLN A 100 1.27 41.03 -35.69
CA GLN A 100 0.92 41.68 -36.94
C GLN A 100 0.99 43.20 -36.77
N LYS A 101 0.82 43.89 -37.90
CA LYS A 101 0.86 45.34 -37.89
C LYS A 101 0.16 45.88 -39.14
N ARG A 102 0.18 47.19 -39.28
CA ARG A 102 -0.44 47.84 -40.42
C ARG A 102 0.05 49.28 -40.55
N LYS A 103 -0.34 49.90 -41.66
CA LYS A 103 0.04 51.29 -41.91
C LYS A 103 -1.04 51.97 -42.75
N HIS A 104 -0.80 53.24 -43.04
CA HIS A 104 -1.74 54.01 -43.84
C HIS A 104 -1.02 55.21 -44.46
N ASP A 105 -1.78 55.96 -45.25
CA ASP A 105 -1.23 57.13 -45.91
C ASP A 105 -2.02 58.36 -45.48
N GLU A 106 -1.42 59.53 -45.72
CA GLU A 106 -2.05 60.78 -45.36
C GLU A 106 -1.51 61.92 -46.23
N ILE A 107 -2.29 62.99 -46.31
CA ILE A 107 -1.90 64.14 -47.11
C ILE A 107 -1.76 63.72 -48.58
N ASN A 108 -2.58 64.33 -49.41
CA ASN A 108 -2.56 64.03 -50.84
C ASN A 108 -3.67 64.82 -51.54
N HIS A 109 -3.26 65.89 -52.19
CA HIS A 109 -4.21 66.74 -52.91
C HIS A 109 -3.49 67.47 -54.05
N VAL A 110 -3.80 67.06 -55.26
CA VAL A 110 -3.19 67.66 -56.44
C VAL A 110 -3.33 69.18 -56.34
N GLN A 111 -2.60 69.86 -57.21
CA GLN A 111 -2.62 71.31 -57.25
C GLN A 111 -3.30 71.80 -58.52
N LYS A 112 -3.61 73.09 -58.53
CA LYS A 112 -4.26 73.70 -59.68
C LYS A 112 -3.76 75.14 -59.83
N THR A 113 -2.96 75.35 -60.87
CA THR A 113 -2.41 76.67 -61.14
C THR A 113 -3.01 77.24 -62.42
N TYR A 114 -3.00 78.57 -62.51
CA TYR A 114 -3.53 79.24 -63.69
C TYR A 114 -3.07 80.70 -63.73
N ALA A 115 -3.51 81.39 -64.77
CA ALA A 115 -3.15 82.79 -64.95
C ALA A 115 -4.04 83.41 -66.03
N GLU A 116 -3.86 84.71 -66.21
CA GLU A 116 -4.64 85.43 -67.21
C GLU A 116 -3.86 85.54 -68.52
N MET A 117 -4.47 85.03 -69.58
CA MET A 117 -3.84 85.07 -70.89
C MET A 117 -4.32 86.28 -71.70
N ASP A 118 -3.36 86.95 -72.32
CA ASP A 118 -3.67 88.13 -73.11
C ASP A 118 -2.36 88.82 -73.53
N PRO A 119 -2.14 88.88 -74.86
CA PRO A 119 -0.95 89.51 -75.40
C PRO A 119 -1.03 91.03 -75.31
N THR A 120 -2.04 91.57 -75.98
CA THR A 120 -2.25 93.01 -75.99
C THR A 120 -3.61 93.35 -76.59
N THR A 121 -4.03 94.58 -76.36
CA THR A 121 -5.31 95.05 -76.88
C THR A 121 -5.18 96.46 -77.45
N ALA A 122 -6.08 96.78 -78.37
CA ALA A 122 -6.08 98.08 -79.01
C ALA A 122 -7.23 98.15 -80.01
N ALA A 123 -7.37 99.33 -80.61
CA ALA A 123 -8.43 99.55 -81.58
C ALA A 123 -7.96 100.58 -82.61
N LEU A 124 -8.91 101.04 -83.42
CA LEU A 124 -8.60 102.01 -84.45
C LEU A 124 -9.90 102.63 -84.96
N GLU A 125 -9.91 103.97 -85.01
CA GLU A 125 -11.08 104.68 -85.47
C GLU A 125 -10.65 105.95 -86.23
N LYS A 126 -10.75 105.88 -87.55
CA LYS A 126 -10.39 107.00 -88.39
C LYS A 126 -11.64 107.55 -89.07
N GLU A 127 -11.67 108.87 -89.22
CA GLU A 127 -12.80 109.52 -89.86
C GLU A 127 -12.31 110.69 -90.72
N SER A 128 -12.72 110.66 -91.98
CA SER A 128 -12.35 111.71 -92.91
C SER A 128 -13.52 112.03 -93.85
N GLY A 129 -13.45 113.20 -94.46
CA GLY A 129 -14.49 113.63 -95.37
C GLY A 129 -14.16 115.02 -95.95
N PRO A 130 -13.58 115.00 -97.18
CA PRO A 130 -13.22 116.23 -97.85
C PRO A 130 -14.46 116.93 -98.42
N SER A 131 -14.20 117.97 -99.20
CA SER A 131 -15.28 118.73 -99.81
C SER A 131 -14.78 119.44 -101.06
N SER A 132 -15.71 120.10 -101.75
CA SER A 132 -15.38 120.81 -102.96
C SER A 132 -16.54 121.74 -103.35
N GLY A 133 -16.27 122.59 -104.33
CA GLY A 133 -17.27 123.52 -104.81
C GLY A 133 -17.09 123.82 -106.30
N GLY A 1 -28.81 8.08 25.78
CA GLY A 1 -28.21 6.93 25.14
C GLY A 1 -28.37 7.00 23.62
N SER A 2 -29.20 6.12 23.10
CA SER A 2 -29.45 6.08 21.67
C SER A 2 -28.14 5.80 20.92
N SER A 3 -28.29 5.43 19.66
CA SER A 3 -27.14 5.13 18.82
C SER A 3 -26.39 3.91 19.39
N GLY A 4 -26.18 2.93 18.52
CA GLY A 4 -25.49 1.72 18.92
C GLY A 4 -26.40 0.50 18.82
N SER A 5 -26.25 -0.23 17.73
CA SER A 5 -27.06 -1.42 17.51
C SER A 5 -26.31 -2.40 16.60
N SER A 6 -25.93 -1.90 15.43
CA SER A 6 -25.21 -2.72 14.47
C SER A 6 -23.86 -3.14 15.05
N GLY A 7 -23.73 -4.44 15.28
CA GLY A 7 -22.49 -4.98 15.83
C GLY A 7 -21.46 -5.22 14.72
N GLU A 8 -20.27 -4.67 14.94
CA GLU A 8 -19.20 -4.82 13.97
C GLU A 8 -19.15 -6.25 13.43
N PRO A 9 -18.94 -6.35 12.10
CA PRO A 9 -18.88 -7.65 11.44
C PRO A 9 -17.55 -8.35 11.75
N GLU A 10 -17.67 -9.53 12.36
CA GLU A 10 -16.48 -10.30 12.70
C GLU A 10 -15.71 -10.69 11.44
N VAL A 11 -14.43 -10.35 11.45
CA VAL A 11 -13.58 -10.65 10.31
C VAL A 11 -13.77 -12.11 9.91
N THR A 12 -13.14 -12.47 8.81
CA THR A 12 -13.23 -13.84 8.30
C THR A 12 -11.91 -14.26 7.66
N VAL A 13 -11.73 -15.57 7.54
CA VAL A 13 -10.52 -16.11 6.95
C VAL A 13 -10.88 -16.89 5.68
N GLU A 14 -9.97 -16.84 4.72
CA GLU A 14 -10.18 -17.53 3.46
C GLU A 14 -9.00 -18.44 3.16
N ILE A 15 -9.32 -19.61 2.59
CA ILE A 15 -8.30 -20.58 2.26
C ILE A 15 -7.70 -20.22 0.89
N GLY A 16 -6.49 -20.71 0.67
CA GLY A 16 -5.80 -20.45 -0.59
C GLY A 16 -4.97 -19.17 -0.49
N GLU A 17 -5.40 -18.27 0.38
CA GLU A 17 -4.72 -17.01 0.57
C GLU A 17 -3.66 -17.13 1.66
N THR A 18 -2.76 -16.15 1.68
CA THR A 18 -1.69 -16.15 2.66
C THR A 18 -1.91 -15.03 3.69
N TYR A 19 -1.59 -15.34 4.93
CA TYR A 19 -1.75 -14.39 6.01
C TYR A 19 -0.51 -14.34 6.90
N LEU A 20 -0.41 -13.27 7.67
CA LEU A 20 0.73 -13.10 8.57
C LEU A 20 0.45 -13.84 9.87
N CYS A 21 1.27 -14.85 10.13
CA CYS A 21 1.12 -15.65 11.34
C CYS A 21 2.19 -15.19 12.34
N ARG A 22 1.73 -14.88 13.55
CA ARG A 22 2.63 -14.44 14.59
C ARG A 22 3.76 -15.45 14.79
N ARG A 23 4.80 -15.01 15.49
CA ARG A 23 5.95 -15.86 15.76
C ARG A 23 6.45 -15.63 17.18
N PRO A 24 7.12 -16.68 17.72
CA PRO A 24 7.67 -16.61 19.06
C PRO A 24 8.93 -15.75 19.10
N ASP A 25 8.78 -14.51 18.63
CA ASP A 25 9.89 -13.58 18.59
C ASP A 25 9.35 -12.17 18.29
N SER A 26 8.15 -11.92 18.75
CA SER A 26 7.51 -10.63 18.54
C SER A 26 7.63 -10.23 17.06
N THR A 27 7.29 -11.19 16.20
CA THR A 27 7.36 -10.95 14.76
C THR A 27 6.19 -11.65 14.06
N TRP A 28 6.08 -11.39 12.77
CA TRP A 28 5.03 -11.98 11.97
C TRP A 28 5.65 -12.60 10.73
N HIS A 29 5.22 -13.81 10.41
CA HIS A 29 5.73 -14.52 9.25
C HIS A 29 4.57 -14.93 8.35
N SER A 30 4.81 -14.86 7.05
CA SER A 30 3.81 -15.23 6.07
C SER A 30 3.54 -16.74 6.12
N ALA A 31 2.28 -17.09 5.99
CA ALA A 31 1.88 -18.50 6.03
C ALA A 31 0.61 -18.67 5.19
N GLU A 32 0.68 -19.62 4.27
CA GLU A 32 -0.45 -19.91 3.40
C GLU A 32 -1.48 -20.75 4.14
N VAL A 33 -2.74 -20.34 4.01
CA VAL A 33 -3.82 -21.05 4.66
C VAL A 33 -4.17 -22.31 3.85
N ILE A 34 -3.77 -23.44 4.40
CA ILE A 34 -4.03 -24.72 3.74
C ILE A 34 -5.53 -25.02 3.78
N GLN A 35 -6.05 -25.09 5.00
CA GLN A 35 -7.47 -25.37 5.19
C GLN A 35 -7.94 -24.79 6.52
N SER A 36 -9.20 -25.08 6.84
CA SER A 36 -9.78 -24.59 8.07
C SER A 36 -10.48 -25.74 8.81
N ARG A 37 -10.66 -25.53 10.11
CA ARG A 37 -11.31 -26.53 10.93
C ARG A 37 -11.86 -25.89 12.22
N VAL A 38 -12.59 -26.69 12.98
CA VAL A 38 -13.17 -26.23 14.22
C VAL A 38 -12.83 -27.21 15.34
N ASN A 39 -12.55 -26.65 16.50
CA ASN A 39 -12.20 -27.46 17.67
C ASN A 39 -13.40 -27.51 18.61
N ASP A 40 -13.91 -28.71 18.82
CA ASP A 40 -15.05 -28.90 19.70
C ASP A 40 -14.56 -28.97 21.15
N GLN A 41 -13.54 -29.80 21.36
CA GLN A 41 -12.98 -29.96 22.68
C GLN A 41 -12.73 -28.59 23.33
N GLU A 42 -11.98 -27.77 22.62
CA GLU A 42 -11.66 -26.44 23.11
C GLU A 42 -12.82 -25.48 22.83
N GLY A 43 -13.38 -25.62 21.64
CA GLY A 43 -14.50 -24.77 21.24
C GLY A 43 -13.99 -23.47 20.60
N ARG A 44 -13.11 -23.63 19.62
CA ARG A 44 -12.55 -22.49 18.92
C ARG A 44 -12.25 -22.84 17.47
N GLU A 45 -12.03 -21.81 16.67
CA GLU A 45 -11.73 -22.00 15.26
C GLU A 45 -10.20 -22.01 15.04
N GLU A 46 -9.80 -22.71 13.99
CA GLU A 46 -8.38 -22.80 13.66
C GLU A 46 -8.19 -22.80 12.14
N PHE A 47 -6.94 -22.69 11.73
CA PHE A 47 -6.61 -22.67 10.32
C PHE A 47 -5.20 -23.22 10.07
N TYR A 48 -5.14 -24.25 9.24
CA TYR A 48 -3.87 -24.87 8.92
C TYR A 48 -3.05 -24.00 7.97
N VAL A 49 -2.18 -23.20 8.57
CA VAL A 49 -1.33 -22.31 7.79
C VAL A 49 0.03 -22.97 7.56
N HIS A 50 0.60 -22.70 6.39
CA HIS A 50 1.89 -23.26 6.05
C HIS A 50 2.92 -22.14 5.94
N TYR A 51 3.97 -22.26 6.73
CA TYR A 51 5.03 -21.27 6.74
C TYR A 51 5.93 -21.42 5.51
N VAL A 52 5.47 -20.83 4.41
CA VAL A 52 6.22 -20.89 3.16
C VAL A 52 7.71 -20.71 3.46
N GLY A 53 8.44 -21.80 3.35
CA GLY A 53 9.88 -21.77 3.60
C GLY A 53 10.27 -22.84 4.62
N PHE A 54 9.45 -22.97 5.64
CA PHE A 54 9.70 -23.95 6.68
C PHE A 54 9.49 -25.37 6.16
N ASN A 55 10.16 -26.31 6.82
CA ASN A 55 10.05 -27.71 6.44
C ASN A 55 8.58 -28.13 6.46
N ARG A 56 8.30 -29.26 5.82
CA ARG A 56 6.95 -29.78 5.76
C ARG A 56 6.50 -30.27 7.14
N ARG A 57 7.49 -30.48 8.01
CA ARG A 57 7.21 -30.94 9.35
C ARG A 57 6.37 -29.90 10.11
N LEU A 58 6.52 -28.65 9.70
CA LEU A 58 5.79 -27.56 10.32
C LEU A 58 4.29 -27.84 10.24
N ASP A 59 3.65 -27.16 9.30
CA ASP A 59 2.22 -27.33 9.09
C ASP A 59 1.53 -27.45 10.45
N GLU A 60 1.15 -26.30 10.99
CA GLU A 60 0.48 -26.26 12.28
C GLU A 60 -0.73 -25.33 12.24
N TRP A 61 -1.77 -25.72 12.94
CA TRP A 61 -3.00 -24.93 12.99
C TRP A 61 -2.69 -23.64 13.75
N VAL A 62 -3.56 -22.66 13.54
CA VAL A 62 -3.40 -21.38 14.20
C VAL A 62 -4.78 -20.80 14.55
N ASP A 63 -4.76 -19.72 15.29
CA ASP A 63 -6.00 -19.07 15.70
C ASP A 63 -6.15 -17.75 14.95
N LYS A 64 -7.39 -17.34 14.76
CA LYS A 64 -7.69 -16.10 14.06
C LYS A 64 -6.87 -14.97 14.68
N ASN A 65 -6.51 -15.17 15.94
CA ASN A 65 -5.73 -14.18 16.66
C ASN A 65 -4.27 -14.25 16.19
N ARG A 66 -3.77 -15.46 16.09
CA ARG A 66 -2.40 -15.69 15.66
C ARG A 66 -2.20 -15.13 14.24
N LEU A 67 -3.30 -15.04 13.51
CA LEU A 67 -3.27 -14.53 12.15
C LEU A 67 -3.47 -13.02 12.17
N ALA A 68 -3.30 -12.41 11.00
CA ALA A 68 -3.47 -10.97 10.87
C ALA A 68 -4.78 -10.69 10.12
N LEU A 69 -5.76 -10.24 10.87
CA LEU A 69 -7.05 -9.92 10.30
C LEU A 69 -7.31 -8.41 10.41
N THR A 70 -7.06 -7.72 9.31
CA THR A 70 -7.25 -6.28 9.27
C THR A 70 -6.25 -5.58 10.19
N LYS A 71 -5.92 -4.36 9.84
CA LYS A 71 -4.98 -3.57 10.62
C LYS A 71 -5.33 -3.70 12.11
N THR A 72 -6.62 -3.88 12.36
CA THR A 72 -7.09 -4.02 13.73
C THR A 72 -6.17 -4.92 14.53
N VAL A 73 -5.91 -6.11 13.98
CA VAL A 73 -5.04 -7.06 14.63
C VAL A 73 -3.59 -6.60 14.50
N LYS A 74 -3.14 -6.50 13.27
CA LYS A 74 -1.78 -6.06 12.99
C LYS A 74 -1.41 -4.93 13.95
N ASP A 75 -0.23 -5.06 14.55
CA ASP A 75 0.25 -4.05 15.48
C ASP A 75 1.78 -3.99 15.42
N ALA A 76 2.26 -3.08 14.59
CA ALA A 76 3.70 -2.91 14.42
C ALA A 76 3.97 -1.71 13.50
N VAL A 77 4.94 -1.89 12.63
CA VAL A 77 5.30 -0.84 11.68
C VAL A 77 5.31 0.50 12.41
N GLN A 78 5.96 0.51 13.56
CA GLN A 78 6.06 1.73 14.36
C GLN A 78 7.52 2.07 14.63
N LYS A 79 8.21 1.13 15.27
CA LYS A 79 9.61 1.32 15.59
C LYS A 79 10.38 0.05 15.27
N ASN A 80 10.93 0.02 14.05
CA ASN A 80 11.69 -1.13 13.60
C ASN A 80 12.89 -0.66 12.78
N SER A 81 14.05 -0.68 13.41
CA SER A 81 15.26 -0.25 12.75
C SER A 81 16.48 -0.90 13.42
N GLU A 82 16.61 -0.64 14.72
CA GLU A 82 17.71 -1.19 15.48
C GLU A 82 19.04 -0.97 14.74
N LYS A 83 19.65 0.17 15.01
CA LYS A 83 20.91 0.50 14.37
C LYS A 83 21.58 1.63 15.16
N TYR A 84 20.90 2.76 15.22
CA TYR A 84 21.42 3.92 15.94
C TYR A 84 20.49 4.32 17.08
N LEU A 85 20.99 5.23 17.91
CA LEU A 85 20.21 5.70 19.04
C LEU A 85 18.74 5.85 18.63
N SER A 86 18.49 6.83 17.78
CA SER A 86 17.14 7.08 17.31
C SER A 86 17.16 8.19 16.25
N GLU A 87 15.96 8.59 15.84
CA GLU A 87 15.82 9.64 14.85
C GLU A 87 14.43 10.24 14.90
N LEU A 88 14.34 11.50 14.50
CA LEU A 88 13.07 12.21 14.49
C LEU A 88 12.45 12.12 13.10
N ALA A 89 11.34 12.83 12.93
CA ALA A 89 10.65 12.85 11.66
C ALA A 89 9.54 13.90 11.69
N GLU A 90 8.87 14.06 10.56
CA GLU A 90 7.79 15.02 10.46
C GLU A 90 6.48 14.41 10.98
N GLN A 91 6.30 14.50 12.29
CA GLN A 91 5.11 13.96 12.91
C GLN A 91 3.96 14.96 12.82
N PRO A 92 2.73 14.47 13.15
CA PRO A 92 1.56 15.32 13.11
C PRO A 92 1.52 16.28 14.30
N GLU A 93 0.89 17.42 14.09
CA GLU A 93 0.78 18.43 15.12
C GLU A 93 -0.68 18.89 15.28
N ARG A 94 -1.14 18.87 16.52
CA ARG A 94 -2.50 19.28 16.81
C ARG A 94 -2.74 19.30 18.32
N LYS A 95 -3.70 20.11 18.72
CA LYS A 95 -4.04 20.24 20.13
C LYS A 95 -5.23 21.18 20.29
N ILE A 96 -6.23 20.70 21.01
CA ILE A 96 -7.43 21.49 21.24
C ILE A 96 -7.05 22.81 21.91
N THR A 97 -8.08 23.52 22.36
CA THR A 97 -7.86 24.80 23.02
C THR A 97 -9.03 25.13 23.94
N ARG A 98 -8.70 25.66 25.11
CA ARG A 98 -9.71 26.02 26.09
C ARG A 98 -9.86 27.54 26.15
N ASN A 99 -10.98 27.96 26.74
CA ASN A 99 -11.25 29.38 26.88
C ASN A 99 -11.81 29.66 28.27
N GLN A 100 -11.64 30.89 28.71
CA GLN A 100 -12.12 31.30 30.02
C GLN A 100 -13.15 32.42 29.88
N LYS A 101 -14.07 32.46 30.83
CA LYS A 101 -15.11 33.48 30.83
C LYS A 101 -14.75 34.56 31.85
N ARG A 102 -15.21 35.78 31.55
CA ARG A 102 -14.95 36.90 32.43
C ARG A 102 -15.65 38.16 31.91
N LYS A 103 -16.04 39.02 32.84
CA LYS A 103 -16.72 40.25 32.49
C LYS A 103 -16.61 41.24 33.66
N HIS A 104 -16.90 42.49 33.35
CA HIS A 104 -16.85 43.54 34.36
C HIS A 104 -17.22 44.87 33.73
N ASP A 105 -17.42 45.87 34.60
CA ASP A 105 -17.78 47.20 34.14
C ASP A 105 -18.02 48.10 35.35
N GLU A 106 -18.14 49.39 35.07
CA GLU A 106 -18.36 50.36 36.13
C GLU A 106 -19.13 51.57 35.58
N ILE A 107 -20.03 52.09 36.41
CA ILE A 107 -20.82 53.24 36.01
C ILE A 107 -20.00 54.52 36.21
N ASN A 108 -20.63 55.64 35.91
CA ASN A 108 -19.97 56.92 36.05
C ASN A 108 -20.94 58.04 35.65
N HIS A 109 -20.67 59.24 36.16
CA HIS A 109 -21.51 60.38 35.87
C HIS A 109 -20.84 61.65 36.39
N VAL A 110 -20.84 62.67 35.56
CA VAL A 110 -20.24 63.94 35.92
C VAL A 110 -21.34 64.97 36.18
N GLN A 111 -20.93 66.13 36.65
CA GLN A 111 -21.87 67.20 36.95
C GLN A 111 -21.50 68.46 36.14
N LYS A 112 -22.31 69.50 36.33
CA LYS A 112 -22.08 70.75 35.64
C LYS A 112 -22.91 71.85 36.31
N THR A 113 -22.20 72.76 36.97
CA THR A 113 -22.86 73.86 37.65
C THR A 113 -22.81 75.13 36.79
N TYR A 114 -23.24 76.23 37.39
CA TYR A 114 -23.24 77.51 36.69
C TYR A 114 -22.69 78.62 37.58
N ALA A 115 -22.46 79.77 36.96
CA ALA A 115 -21.93 80.92 37.68
C ALA A 115 -22.13 82.18 36.84
N GLU A 116 -23.04 83.02 37.29
CA GLU A 116 -23.33 84.26 36.59
C GLU A 116 -24.46 85.01 37.30
N MET A 117 -24.10 86.16 37.86
CA MET A 117 -25.07 86.98 38.57
C MET A 117 -24.98 88.44 38.11
N ASP A 118 -25.99 89.21 38.51
CA ASP A 118 -26.04 90.62 38.14
C ASP A 118 -27.43 91.17 38.43
N PRO A 119 -27.47 92.19 39.33
CA PRO A 119 -28.74 92.81 39.70
C PRO A 119 -29.25 93.71 38.59
N THR A 120 -28.65 94.89 38.49
CA THR A 120 -29.04 95.86 37.48
C THR A 120 -27.81 96.33 36.70
N THR A 121 -28.01 97.40 35.94
CA THR A 121 -26.94 97.96 35.14
C THR A 121 -26.69 99.42 35.53
N ALA A 122 -25.56 99.94 35.08
CA ALA A 122 -25.20 101.32 35.37
C ALA A 122 -24.99 102.07 34.06
N ALA A 123 -25.64 103.23 33.96
CA ALA A 123 -25.53 104.05 32.77
C ALA A 123 -26.28 105.35 32.99
N LEU A 124 -26.83 105.87 31.90
CA LEU A 124 -27.58 107.11 31.95
C LEU A 124 -26.78 108.16 32.73
N GLU A 125 -26.07 108.98 31.98
CA GLU A 125 -25.25 110.02 32.58
C GLU A 125 -25.88 111.40 32.33
N LYS A 126 -25.28 112.41 32.94
CA LYS A 126 -25.78 113.77 32.80
C LYS A 126 -24.58 114.72 32.62
N GLU A 127 -24.90 115.94 32.23
CA GLU A 127 -23.87 116.94 32.01
C GLU A 127 -24.51 118.31 31.74
N SER A 128 -24.43 119.18 32.74
CA SER A 128 -24.99 120.51 32.62
C SER A 128 -23.88 121.56 32.78
N GLY A 129 -24.22 122.79 32.40
CA GLY A 129 -23.27 123.88 32.48
C GLY A 129 -23.99 125.23 32.38
N PRO A 130 -23.81 126.05 33.44
CA PRO A 130 -24.43 127.37 33.49
C PRO A 130 -23.70 128.35 32.57
N SER A 131 -24.14 129.59 32.60
CA SER A 131 -23.54 130.63 31.78
C SER A 131 -23.85 132.01 32.37
N SER A 132 -23.24 133.03 31.77
CA SER A 132 -23.43 134.39 32.23
C SER A 132 -23.47 135.34 31.02
N GLY A 133 -23.84 136.58 31.31
CA GLY A 133 -23.93 137.59 30.27
C GLY A 133 -22.54 138.08 29.87
N GLY A 1 -28.00 -7.91 8.67
CA GLY A 1 -27.93 -7.49 10.05
C GLY A 1 -28.65 -8.49 10.98
N SER A 2 -27.91 -9.48 11.42
CA SER A 2 -28.46 -10.49 12.30
C SER A 2 -27.70 -10.51 13.63
N SER A 3 -28.45 -10.72 14.70
CA SER A 3 -27.86 -10.76 16.02
C SER A 3 -27.58 -12.21 16.42
N GLY A 4 -26.30 -12.51 16.58
CA GLY A 4 -25.88 -13.84 16.95
C GLY A 4 -24.36 -14.00 16.81
N SER A 5 -23.64 -13.26 17.64
CA SER A 5 -22.19 -13.31 17.61
C SER A 5 -21.62 -12.40 18.70
N SER A 6 -20.70 -12.96 19.49
CA SER A 6 -20.08 -12.22 20.56
C SER A 6 -18.86 -11.45 20.02
N GLY A 7 -19.09 -10.20 19.69
CA GLY A 7 -18.03 -9.36 19.17
C GLY A 7 -18.56 -8.41 18.09
N GLU A 8 -18.38 -7.12 18.33
CA GLU A 8 -18.84 -6.11 17.38
C GLU A 8 -18.06 -6.23 16.07
N PRO A 9 -16.71 -6.21 16.20
CA PRO A 9 -15.85 -6.32 15.04
C PRO A 9 -15.82 -7.75 14.50
N GLU A 10 -16.49 -7.95 13.38
CA GLU A 10 -16.54 -9.25 12.76
C GLU A 10 -15.42 -9.41 11.74
N VAL A 11 -14.86 -10.61 11.69
CA VAL A 11 -13.78 -10.90 10.77
C VAL A 11 -14.02 -12.26 10.11
N THR A 12 -13.13 -12.61 9.19
CA THR A 12 -13.25 -13.86 8.48
C THR A 12 -11.89 -14.25 7.86
N VAL A 13 -11.74 -15.54 7.62
CA VAL A 13 -10.50 -16.05 7.04
C VAL A 13 -10.82 -16.72 5.70
N GLU A 14 -9.86 -16.64 4.80
CA GLU A 14 -10.01 -17.24 3.48
C GLU A 14 -8.89 -18.24 3.22
N ILE A 15 -9.26 -19.32 2.54
CA ILE A 15 -8.30 -20.36 2.21
C ILE A 15 -7.68 -20.07 0.83
N GLY A 16 -6.45 -20.52 0.67
CA GLY A 16 -5.74 -20.31 -0.58
C GLY A 16 -4.89 -19.04 -0.52
N GLU A 17 -5.27 -18.14 0.36
CA GLU A 17 -4.56 -16.88 0.53
C GLU A 17 -3.49 -17.02 1.61
N THR A 18 -2.59 -16.05 1.63
CA THR A 18 -1.51 -16.06 2.60
C THR A 18 -1.77 -15.00 3.68
N TYR A 19 -1.58 -15.44 4.94
CA TYR A 19 -1.79 -14.54 6.06
C TYR A 19 -0.57 -14.52 6.98
N LEU A 20 -0.47 -13.46 7.76
CA LEU A 20 0.65 -13.31 8.68
C LEU A 20 0.32 -14.02 9.99
N CYS A 21 1.19 -14.95 10.35
CA CYS A 21 1.01 -15.71 11.57
C CYS A 21 2.06 -15.25 12.59
N ARG A 22 1.57 -14.93 13.78
CA ARG A 22 2.45 -14.46 14.85
C ARG A 22 3.52 -15.51 15.15
N ARG A 23 4.73 -15.03 15.38
CA ARG A 23 5.85 -15.91 15.67
C ARG A 23 6.72 -15.30 16.77
N PRO A 24 6.82 -16.05 17.90
CA PRO A 24 7.62 -15.60 19.02
C PRO A 24 9.11 -15.77 18.74
N ASP A 25 9.57 -15.09 17.69
CA ASP A 25 10.97 -15.17 17.31
C ASP A 25 11.50 -13.75 17.12
N SER A 26 10.78 -12.97 16.34
CA SER A 26 11.17 -11.61 16.06
C SER A 26 9.96 -10.80 15.55
N THR A 27 9.26 -11.40 14.61
CA THR A 27 8.09 -10.76 14.04
C THR A 27 7.15 -11.80 13.43
N TRP A 28 6.19 -11.31 12.64
CA TRP A 28 5.24 -12.18 12.00
C TRP A 28 5.92 -12.84 10.80
N HIS A 29 5.38 -13.99 10.40
CA HIS A 29 5.92 -14.72 9.27
C HIS A 29 4.79 -15.21 8.38
N SER A 30 4.81 -14.76 7.13
CA SER A 30 3.79 -15.15 6.17
C SER A 30 3.55 -16.65 6.25
N ALA A 31 2.27 -17.02 6.11
CA ALA A 31 1.89 -18.42 6.17
C ALA A 31 0.62 -18.62 5.32
N GLU A 32 0.72 -19.57 4.40
CA GLU A 32 -0.41 -19.87 3.53
C GLU A 32 -1.45 -20.71 4.29
N VAL A 33 -2.69 -20.25 4.21
CA VAL A 33 -3.78 -20.94 4.88
C VAL A 33 -4.21 -22.15 4.04
N ILE A 34 -3.74 -23.31 4.46
CA ILE A 34 -4.07 -24.54 3.77
C ILE A 34 -5.57 -24.77 3.81
N GLN A 35 -6.08 -24.94 5.03
CA GLN A 35 -7.50 -25.16 5.23
C GLN A 35 -7.93 -24.69 6.61
N SER A 36 -9.19 -24.94 6.93
CA SER A 36 -9.73 -24.53 8.21
C SER A 36 -10.38 -25.73 8.90
N ARG A 37 -10.58 -25.58 10.20
CA ARG A 37 -11.18 -26.65 11.00
C ARG A 37 -11.74 -26.09 12.31
N VAL A 38 -12.61 -26.87 12.93
CA VAL A 38 -13.22 -26.47 14.19
C VAL A 38 -12.95 -27.54 15.25
N ASN A 39 -12.66 -27.07 16.45
CA ASN A 39 -12.38 -27.98 17.56
C ASN A 39 -13.64 -28.13 18.41
N ASP A 40 -14.12 -29.36 18.49
CA ASP A 40 -15.31 -29.66 19.27
C ASP A 40 -14.91 -29.86 20.74
N GLN A 41 -13.64 -30.16 20.94
CA GLN A 41 -13.13 -30.39 22.27
C GLN A 41 -12.82 -29.04 22.96
N GLU A 42 -11.97 -28.27 22.31
CA GLU A 42 -11.59 -26.97 22.84
C GLU A 42 -12.70 -25.95 22.59
N GLY A 43 -13.42 -26.16 21.49
CA GLY A 43 -14.50 -25.27 21.14
C GLY A 43 -13.97 -23.94 20.58
N ARG A 44 -13.17 -24.06 19.53
CA ARG A 44 -12.58 -22.89 18.89
C ARG A 44 -12.26 -23.18 17.43
N GLU A 45 -12.07 -22.12 16.67
CA GLU A 45 -11.75 -22.24 15.27
C GLU A 45 -10.23 -22.18 15.05
N GLU A 46 -9.81 -22.77 13.94
CA GLU A 46 -8.39 -22.79 13.61
C GLU A 46 -8.20 -22.84 12.09
N PHE A 47 -6.95 -22.71 11.68
CA PHE A 47 -6.62 -22.72 10.26
C PHE A 47 -5.20 -23.25 10.03
N TYR A 48 -5.11 -24.30 9.24
CA TYR A 48 -3.82 -24.90 8.93
C TYR A 48 -2.99 -23.99 8.02
N VAL A 49 -2.13 -23.19 8.65
CA VAL A 49 -1.29 -22.28 7.91
C VAL A 49 0.08 -22.91 7.70
N HIS A 50 0.62 -22.72 6.50
CA HIS A 50 1.92 -23.27 6.16
C HIS A 50 2.94 -22.14 6.03
N TYR A 51 4.01 -22.25 6.81
CA TYR A 51 5.06 -21.24 6.78
C TYR A 51 6.00 -21.46 5.60
N VAL A 52 5.67 -20.79 4.50
CA VAL A 52 6.47 -20.89 3.30
C VAL A 52 7.95 -20.63 3.64
N GLY A 53 8.15 -19.72 4.57
CA GLY A 53 9.49 -19.37 5.00
C GLY A 53 9.94 -20.23 6.18
N PHE A 54 9.92 -21.54 5.95
CA PHE A 54 10.31 -22.49 6.98
C PHE A 54 10.21 -23.92 6.47
N ASN A 55 10.91 -24.81 7.16
CA ASN A 55 10.90 -26.22 6.80
C ASN A 55 9.45 -26.69 6.64
N ARG A 56 9.31 -27.98 6.34
CA ARG A 56 8.00 -28.57 6.16
C ARG A 56 7.39 -28.92 7.51
N ARG A 57 8.26 -29.15 8.49
CA ARG A 57 7.81 -29.49 9.83
C ARG A 57 6.96 -28.36 10.41
N LEU A 58 7.26 -27.14 9.98
CA LEU A 58 6.53 -25.98 10.44
C LEU A 58 5.14 -25.98 9.82
N ASP A 59 4.33 -26.93 10.24
CA ASP A 59 2.97 -27.05 9.74
C ASP A 59 2.02 -27.33 10.90
N GLU A 60 1.25 -26.30 11.26
CA GLU A 60 0.30 -26.43 12.35
C GLU A 60 -0.86 -25.45 12.15
N TRP A 61 -1.92 -25.67 12.92
CA TRP A 61 -3.09 -24.82 12.84
C TRP A 61 -2.87 -23.61 13.74
N VAL A 62 -3.57 -22.53 13.41
CA VAL A 62 -3.46 -21.31 14.18
C VAL A 62 -4.86 -20.75 14.46
N ASP A 63 -4.88 -19.61 15.13
CA ASP A 63 -6.14 -18.96 15.46
C ASP A 63 -6.27 -17.66 14.68
N LYS A 64 -7.49 -17.14 14.65
CA LYS A 64 -7.75 -15.90 13.93
C LYS A 64 -6.93 -14.76 14.55
N ASN A 65 -6.84 -14.80 15.87
CA ASN A 65 -6.09 -13.79 16.60
C ASN A 65 -4.62 -13.87 16.20
N ARG A 66 -4.11 -15.10 16.20
CA ARG A 66 -2.73 -15.34 15.85
C ARG A 66 -2.43 -14.82 14.44
N LEU A 67 -3.47 -14.76 13.64
CA LEU A 67 -3.35 -14.28 12.27
C LEU A 67 -3.61 -12.78 12.24
N ALA A 68 -3.43 -12.20 11.06
CA ALA A 68 -3.64 -10.77 10.87
C ALA A 68 -4.84 -10.55 9.95
N LEU A 69 -5.95 -10.14 10.54
CA LEU A 69 -7.16 -9.89 9.78
C LEU A 69 -7.49 -8.41 9.84
N THR A 70 -7.12 -7.71 8.79
CA THR A 70 -7.37 -6.28 8.71
C THR A 70 -6.31 -5.50 9.48
N LYS A 71 -6.17 -4.22 9.15
CA LYS A 71 -5.21 -3.38 9.82
C LYS A 71 -5.63 -3.18 11.27
N THR A 72 -5.30 -4.17 12.08
CA THR A 72 -5.64 -4.13 13.50
C THR A 72 -4.37 -3.93 14.33
N VAL A 73 -3.60 -5.00 14.44
CA VAL A 73 -2.37 -4.96 15.21
C VAL A 73 -1.22 -4.53 14.30
N LYS A 74 -1.25 -5.03 13.07
CA LYS A 74 -0.22 -4.70 12.10
C LYS A 74 1.14 -4.61 12.81
N ASP A 75 1.80 -5.75 12.90
CA ASP A 75 3.09 -5.82 13.54
C ASP A 75 3.92 -4.60 13.13
N ALA A 76 4.06 -4.43 11.83
CA ALA A 76 4.83 -3.31 11.29
C ALA A 76 4.61 -3.22 9.77
N VAL A 77 3.84 -2.22 9.38
CA VAL A 77 3.54 -2.01 7.97
C VAL A 77 4.82 -2.21 7.15
N GLN A 78 5.95 -1.83 7.76
CA GLN A 78 7.24 -1.96 7.10
C GLN A 78 7.20 -1.27 5.73
N LYS A 79 8.36 -1.26 5.08
CA LYS A 79 8.48 -0.65 3.77
C LYS A 79 8.22 0.85 3.90
N ASN A 80 9.31 1.61 3.93
CA ASN A 80 9.22 3.05 4.04
C ASN A 80 8.24 3.58 3.01
N SER A 81 8.34 3.03 1.81
CA SER A 81 7.46 3.44 0.72
C SER A 81 6.01 3.18 1.10
N GLU A 82 5.73 1.92 1.43
CA GLU A 82 4.38 1.54 1.81
C GLU A 82 4.07 2.00 3.24
N LYS A 83 3.91 3.31 3.37
CA LYS A 83 3.62 3.90 4.66
C LYS A 83 3.00 5.28 4.46
N TYR A 84 2.63 5.90 5.58
CA TYR A 84 2.03 7.22 5.54
C TYR A 84 3.08 8.30 5.23
N LEU A 85 2.59 9.50 4.99
CA LEU A 85 3.46 10.62 4.67
C LEU A 85 4.70 10.53 5.56
N SER A 86 5.84 10.30 4.90
CA SER A 86 7.10 10.19 5.60
C SER A 86 8.26 10.53 4.66
N GLU A 87 9.44 10.65 5.24
CA GLU A 87 10.63 10.97 4.47
C GLU A 87 11.86 10.96 5.37
N LEU A 88 12.99 11.30 4.77
CA LEU A 88 14.26 11.33 5.49
C LEU A 88 14.68 12.79 5.69
N ALA A 89 15.74 12.96 6.46
CA ALA A 89 16.27 14.28 6.74
C ALA A 89 17.78 14.20 6.96
N GLU A 90 18.38 15.36 7.18
CA GLU A 90 19.81 15.42 7.41
C GLU A 90 20.11 15.29 8.91
N GLN A 91 20.43 14.06 9.30
CA GLN A 91 20.73 13.78 10.69
C GLN A 91 21.79 14.75 11.21
N PRO A 92 21.87 14.86 12.56
CA PRO A 92 22.83 15.75 13.19
C PRO A 92 24.24 15.17 13.14
N GLU A 93 25.11 15.86 12.41
CA GLU A 93 26.48 15.43 12.26
C GLU A 93 27.43 16.63 12.31
N ARG A 94 28.71 16.32 12.42
CA ARG A 94 29.72 17.36 12.48
C ARG A 94 31.12 16.75 12.41
N LYS A 95 32.09 17.61 12.14
CA LYS A 95 33.48 17.16 12.04
C LYS A 95 34.41 18.38 12.13
N ILE A 96 35.45 18.22 12.93
CA ILE A 96 36.42 19.29 13.12
C ILE A 96 37.75 18.89 12.49
N THR A 97 38.59 19.88 12.25
CA THR A 97 39.89 19.64 11.66
C THR A 97 40.81 20.85 11.87
N ARG A 98 42.07 20.65 11.52
CA ARG A 98 43.06 21.71 11.67
C ARG A 98 44.37 21.32 10.99
N ASN A 99 45.27 22.29 10.90
CA ASN A 99 46.56 22.06 10.28
C ASN A 99 47.57 23.08 10.81
N GLN A 100 48.82 22.89 10.42
CA GLN A 100 49.88 23.79 10.84
C GLN A 100 51.00 23.83 9.79
N LYS A 101 51.92 24.76 9.99
CA LYS A 101 53.03 24.91 9.07
C LYS A 101 54.23 25.48 9.83
N ARG A 102 55.41 24.98 9.45
CA ARG A 102 56.64 25.43 10.08
C ARG A 102 57.70 25.74 9.02
N LYS A 103 58.80 26.31 9.48
CA LYS A 103 59.89 26.67 8.58
C LYS A 103 61.20 26.67 9.37
N HIS A 104 62.29 26.90 8.65
CA HIS A 104 63.61 26.93 9.26
C HIS A 104 64.60 27.56 8.28
N ASP A 105 65.82 27.75 8.78
CA ASP A 105 66.88 28.33 7.96
C ASP A 105 68.19 28.29 8.73
N GLU A 106 69.28 28.53 8.01
CA GLU A 106 70.60 28.52 8.61
C GLU A 106 71.58 29.35 7.78
N ILE A 107 72.38 30.13 8.47
CA ILE A 107 73.36 30.98 7.80
C ILE A 107 74.56 30.12 7.38
N ASN A 108 75.53 30.79 6.77
CA ASN A 108 76.73 30.11 6.31
C ASN A 108 77.92 31.06 6.42
N HIS A 109 79.11 30.49 6.24
CA HIS A 109 80.33 31.27 6.32
C HIS A 109 81.48 30.50 5.67
N VAL A 110 82.35 31.24 5.00
CA VAL A 110 83.49 30.64 4.34
C VAL A 110 84.74 30.81 5.20
N GLN A 111 85.69 29.91 5.02
CA GLN A 111 86.93 29.95 5.77
C GLN A 111 87.71 31.22 5.45
N LYS A 112 88.83 31.39 6.12
CA LYS A 112 89.67 32.55 5.92
C LYS A 112 91.07 32.27 6.46
N THR A 113 92.06 32.54 5.62
CA THR A 113 93.45 32.31 5.99
C THR A 113 94.36 33.32 5.29
N TYR A 114 95.65 33.17 5.53
CA TYR A 114 96.64 34.05 4.93
C TYR A 114 97.95 33.32 4.68
N ALA A 115 98.86 34.01 4.00
CA ALA A 115 100.16 33.44 3.69
C ALA A 115 101.25 34.48 3.96
N GLU A 116 102.44 33.98 4.27
CA GLU A 116 103.56 34.85 4.55
C GLU A 116 104.74 34.50 3.63
N MET A 117 105.44 35.54 3.21
CA MET A 117 106.59 35.37 2.34
C MET A 117 107.90 35.70 3.07
N ASP A 118 109.00 35.32 2.44
CA ASP A 118 110.31 35.58 3.02
C ASP A 118 110.68 37.05 2.79
N PRO A 119 111.36 37.63 3.81
CA PRO A 119 111.79 39.02 3.73
C PRO A 119 112.99 39.18 2.80
N THR A 120 114.08 38.51 3.18
CA THR A 120 115.29 38.57 2.38
C THR A 120 116.26 37.47 2.82
N THR A 121 117.30 37.29 2.01
CA THR A 121 118.31 36.28 2.31
C THR A 121 119.61 36.60 1.57
N ALA A 122 120.71 36.22 2.21
CA ALA A 122 122.02 36.47 1.63
C ALA A 122 123.10 35.95 2.59
N ALA A 123 124.35 36.06 2.15
CA ALA A 123 125.47 35.62 2.96
C ALA A 123 126.54 36.71 2.97
N LEU A 124 127.69 36.36 3.52
CA LEU A 124 128.80 37.29 3.61
C LEU A 124 129.91 36.84 2.67
N GLU A 125 131.02 36.40 3.28
CA GLU A 125 132.15 35.94 2.50
C GLU A 125 133.28 35.48 3.43
N LYS A 126 133.88 34.35 3.09
CA LYS A 126 134.96 33.81 3.89
C LYS A 126 136.27 34.50 3.50
N GLU A 127 137.18 34.54 4.46
CA GLU A 127 138.48 35.16 4.24
C GLU A 127 139.59 34.35 4.89
N SER A 128 140.80 34.55 4.41
CA SER A 128 141.95 33.84 4.95
C SER A 128 143.23 34.33 4.27
N GLY A 129 144.35 33.98 4.87
CA GLY A 129 145.65 34.38 4.34
C GLY A 129 146.78 33.73 5.12
N PRO A 130 147.60 32.92 4.40
CA PRO A 130 148.73 32.24 5.02
C PRO A 130 149.88 33.21 5.27
N SER A 131 150.98 32.65 5.74
CA SER A 131 152.16 33.46 6.04
C SER A 131 153.37 32.55 6.26
N SER A 132 154.52 33.18 6.43
CA SER A 132 155.75 32.45 6.65
C SER A 132 156.19 31.76 5.37
N GLY A 133 155.33 30.87 4.88
CA GLY A 133 155.61 30.14 3.66
C GLY A 133 154.69 30.60 2.53
N GLY A 1 -22.32 -4.82 6.74
CA GLY A 1 -21.28 -5.83 6.75
C GLY A 1 -21.62 -6.98 7.69
N SER A 2 -21.98 -8.11 7.10
CA SER A 2 -22.35 -9.29 7.88
C SER A 2 -23.22 -8.88 9.05
N SER A 3 -24.51 -8.79 8.78
CA SER A 3 -25.47 -8.41 9.81
C SER A 3 -25.89 -9.66 10.62
N GLY A 4 -25.66 -9.58 11.92
CA GLY A 4 -26.00 -10.68 12.80
C GLY A 4 -25.74 -10.31 14.26
N SER A 5 -25.76 -11.33 15.11
CA SER A 5 -25.53 -11.13 16.53
C SER A 5 -24.57 -12.20 17.06
N SER A 6 -23.31 -11.80 17.24
CA SER A 6 -22.30 -12.71 17.74
C SER A 6 -21.05 -11.92 18.15
N GLY A 7 -20.98 -11.60 19.43
CA GLY A 7 -19.85 -10.86 19.95
C GLY A 7 -19.82 -9.44 19.38
N GLU A 8 -19.37 -9.35 18.13
CA GLU A 8 -19.28 -8.06 17.46
C GLU A 8 -18.28 -8.14 16.31
N PRO A 9 -17.07 -8.68 16.63
CA PRO A 9 -16.02 -8.81 15.62
C PRO A 9 -16.33 -9.97 14.66
N GLU A 10 -17.04 -9.63 13.60
CA GLU A 10 -17.39 -10.61 12.59
C GLU A 10 -16.33 -10.67 11.49
N VAL A 11 -15.21 -11.29 11.85
CA VAL A 11 -14.11 -11.44 10.91
C VAL A 11 -14.34 -12.67 10.03
N THR A 12 -13.29 -13.06 9.32
CA THR A 12 -13.37 -14.21 8.45
C THR A 12 -11.98 -14.53 7.87
N VAL A 13 -11.82 -15.78 7.47
CA VAL A 13 -10.56 -16.23 6.91
C VAL A 13 -10.83 -16.93 5.57
N GLU A 14 -9.86 -16.81 4.67
CA GLU A 14 -9.97 -17.42 3.36
C GLU A 14 -8.84 -18.42 3.14
N ILE A 15 -9.20 -19.53 2.52
CA ILE A 15 -8.22 -20.58 2.24
C ILE A 15 -7.55 -20.29 0.89
N GLY A 16 -6.33 -20.81 0.76
CA GLY A 16 -5.58 -20.62 -0.47
C GLY A 16 -4.74 -19.34 -0.40
N GLU A 17 -5.24 -18.37 0.36
CA GLU A 17 -4.55 -17.10 0.51
C GLU A 17 -3.51 -17.20 1.62
N THR A 18 -2.61 -16.23 1.63
CA THR A 18 -1.55 -16.20 2.63
C THR A 18 -1.83 -15.09 3.65
N TYR A 19 -1.52 -15.39 4.90
CA TYR A 19 -1.74 -14.43 5.97
C TYR A 19 -0.51 -14.37 6.89
N LEU A 20 -0.48 -13.32 7.71
CA LEU A 20 0.63 -13.13 8.64
C LEU A 20 0.34 -13.91 9.93
N CYS A 21 1.17 -14.90 10.18
CA CYS A 21 1.02 -15.72 11.38
C CYS A 21 2.05 -15.28 12.40
N ARG A 22 1.62 -15.21 13.65
CA ARG A 22 2.50 -14.81 14.73
C ARG A 22 3.59 -15.86 14.97
N ARG A 23 4.80 -15.39 15.15
CA ARG A 23 5.93 -16.27 15.38
C ARG A 23 6.82 -15.71 16.48
N PRO A 24 7.04 -16.55 17.52
CA PRO A 24 7.87 -16.16 18.65
C PRO A 24 9.35 -16.19 18.28
N ASP A 25 9.68 -15.45 17.23
CA ASP A 25 11.06 -15.38 16.76
C ASP A 25 11.53 -13.93 16.78
N SER A 26 10.72 -13.07 16.18
CA SER A 26 11.05 -11.66 16.12
C SER A 26 9.82 -10.85 15.67
N THR A 27 9.13 -11.40 14.68
CA THR A 27 7.94 -10.75 14.16
C THR A 27 7.01 -11.78 13.51
N TRP A 28 6.04 -11.26 12.78
CA TRP A 28 5.08 -12.12 12.11
C TRP A 28 5.75 -12.69 10.85
N HIS A 29 5.27 -13.86 10.43
CA HIS A 29 5.81 -14.51 9.25
C HIS A 29 4.67 -15.04 8.39
N SER A 30 4.58 -14.51 7.18
CA SER A 30 3.53 -14.93 6.26
C SER A 30 3.40 -16.46 6.28
N ALA A 31 2.19 -16.92 6.00
CA ALA A 31 1.91 -18.34 5.98
C ALA A 31 0.64 -18.59 5.16
N GLU A 32 0.75 -19.57 4.27
CA GLU A 32 -0.37 -19.93 3.42
C GLU A 32 -1.39 -20.76 4.21
N VAL A 33 -2.64 -20.32 4.14
CA VAL A 33 -3.71 -21.01 4.85
C VAL A 33 -4.12 -22.25 4.04
N ILE A 34 -3.66 -23.39 4.50
CA ILE A 34 -3.97 -24.65 3.84
C ILE A 34 -5.48 -24.89 3.90
N GLN A 35 -5.98 -25.02 5.13
CA GLN A 35 -7.40 -25.26 5.34
C GLN A 35 -7.82 -24.75 6.71
N SER A 36 -9.08 -24.98 7.03
CA SER A 36 -9.62 -24.54 8.31
C SER A 36 -10.34 -25.71 8.99
N ARG A 37 -10.61 -25.52 10.28
CA ARG A 37 -11.29 -26.55 11.06
C ARG A 37 -11.91 -25.93 12.31
N VAL A 38 -12.84 -26.68 12.90
CA VAL A 38 -13.52 -26.22 14.11
C VAL A 38 -13.41 -27.29 15.18
N ASN A 39 -13.18 -26.84 16.40
CA ASN A 39 -13.06 -27.75 17.53
C ASN A 39 -14.37 -27.75 18.32
N ASP A 40 -14.85 -28.95 18.61
CA ASP A 40 -16.09 -29.10 19.36
C ASP A 40 -15.76 -29.19 20.85
N GLN A 41 -14.78 -30.02 21.16
CA GLN A 41 -14.37 -30.21 22.54
C GLN A 41 -13.91 -28.88 23.15
N GLU A 42 -13.07 -28.18 22.39
CA GLU A 42 -12.55 -26.91 22.83
C GLU A 42 -13.56 -25.79 22.52
N GLY A 43 -14.12 -25.86 21.32
CA GLY A 43 -15.09 -24.87 20.89
C GLY A 43 -14.39 -23.61 20.36
N ARG A 44 -13.45 -23.83 19.46
CA ARG A 44 -12.70 -22.75 18.85
C ARG A 44 -12.44 -23.02 17.38
N GLU A 45 -11.82 -22.06 16.73
CA GLU A 45 -11.49 -22.18 15.31
C GLU A 45 -9.97 -22.24 15.12
N GLU A 46 -9.57 -22.83 14.01
CA GLU A 46 -8.17 -22.95 13.68
C GLU A 46 -7.96 -23.08 12.17
N PHE A 47 -6.82 -22.60 11.72
CA PHE A 47 -6.50 -22.66 10.30
C PHE A 47 -5.07 -23.16 10.08
N TYR A 48 -4.97 -24.24 9.31
CA TYR A 48 -3.66 -24.82 9.01
C TYR A 48 -2.87 -23.94 8.06
N VAL A 49 -2.04 -23.08 8.64
CA VAL A 49 -1.21 -22.17 7.85
C VAL A 49 0.18 -22.79 7.67
N HIS A 50 0.69 -22.65 6.45
CA HIS A 50 2.00 -23.19 6.13
C HIS A 50 2.99 -22.04 5.94
N TYR A 51 4.12 -22.14 6.64
CA TYR A 51 5.14 -21.12 6.56
C TYR A 51 6.03 -21.34 5.33
N VAL A 52 5.57 -20.82 4.21
CA VAL A 52 6.31 -20.96 2.96
C VAL A 52 7.80 -20.75 3.24
N GLY A 53 8.59 -21.63 2.65
CA GLY A 53 10.04 -21.56 2.83
C GLY A 53 10.50 -22.43 4.00
N PHE A 54 10.07 -22.03 5.19
CA PHE A 54 10.42 -22.76 6.40
C PHE A 54 10.14 -24.25 6.23
N ASN A 55 10.64 -25.02 7.19
CA ASN A 55 10.45 -26.46 7.17
C ASN A 55 8.98 -26.78 6.90
N ARG A 56 8.70 -28.06 6.73
CA ARG A 56 7.34 -28.51 6.47
C ARG A 56 6.59 -28.75 7.78
N ARG A 57 7.17 -29.64 8.58
CA ARG A 57 6.57 -29.98 9.86
C ARG A 57 6.08 -28.71 10.57
N LEU A 58 6.77 -27.62 10.29
CA LEU A 58 6.41 -26.34 10.89
C LEU A 58 4.90 -26.11 10.73
N ASP A 59 4.37 -26.62 9.63
CA ASP A 59 2.96 -26.48 9.35
C ASP A 59 2.15 -26.87 10.58
N GLU A 60 1.39 -25.91 11.09
CA GLU A 60 0.56 -26.14 12.26
C GLU A 60 -0.68 -25.25 12.22
N TRP A 61 -1.71 -25.69 12.92
CA TRP A 61 -2.96 -24.95 12.97
C TRP A 61 -2.74 -23.72 13.85
N VAL A 62 -3.33 -22.61 13.44
CA VAL A 62 -3.20 -21.37 14.18
C VAL A 62 -4.60 -20.88 14.58
N ASP A 63 -4.63 -19.66 15.11
CA ASP A 63 -5.89 -19.07 15.54
C ASP A 63 -6.09 -17.75 14.80
N LYS A 64 -7.36 -17.36 14.70
CA LYS A 64 -7.70 -16.11 14.02
C LYS A 64 -6.92 -14.97 14.64
N ASN A 65 -6.92 -14.94 15.97
CA ASN A 65 -6.20 -13.90 16.69
C ASN A 65 -4.73 -13.92 16.31
N ARG A 66 -4.17 -15.13 16.31
CA ARG A 66 -2.78 -15.31 15.95
C ARG A 66 -2.52 -14.87 14.51
N LEU A 67 -3.61 -14.83 13.75
CA LEU A 67 -3.53 -14.44 12.35
C LEU A 67 -3.73 -12.92 12.24
N ALA A 68 -3.54 -12.42 11.03
CA ALA A 68 -3.71 -11.00 10.78
C ALA A 68 -5.00 -10.77 9.99
N LEU A 69 -6.00 -10.25 10.70
CA LEU A 69 -7.28 -9.98 10.07
C LEU A 69 -7.52 -8.47 10.05
N THR A 70 -7.30 -7.89 8.88
CA THR A 70 -7.48 -6.46 8.71
C THR A 70 -6.25 -5.69 9.21
N LYS A 71 -6.23 -4.40 8.91
CA LYS A 71 -5.12 -3.56 9.33
C LYS A 71 -5.25 -3.25 10.82
N THR A 72 -4.81 -4.21 11.63
CA THR A 72 -4.86 -4.07 13.07
C THR A 72 -3.53 -4.47 13.70
N VAL A 73 -3.26 -5.77 13.63
CA VAL A 73 -2.03 -6.30 14.19
C VAL A 73 -1.07 -6.65 13.06
N LYS A 74 0.20 -6.31 13.27
CA LYS A 74 1.23 -6.59 12.28
C LYS A 74 2.55 -5.96 12.74
N ASP A 75 2.50 -4.67 13.01
CA ASP A 75 3.68 -3.94 13.45
C ASP A 75 4.73 -3.97 12.33
N ALA A 76 5.63 -3.00 12.40
CA ALA A 76 6.69 -2.90 11.42
C ALA A 76 7.64 -4.09 11.56
N VAL A 77 7.21 -5.22 11.01
CA VAL A 77 8.01 -6.43 11.08
C VAL A 77 9.48 -6.08 10.86
N GLN A 78 9.74 -5.43 9.73
CA GLN A 78 11.09 -5.04 9.38
C GLN A 78 11.96 -6.27 9.12
N LYS A 79 12.37 -6.42 7.87
CA LYS A 79 13.20 -7.54 7.48
C LYS A 79 14.41 -7.03 6.67
N ASN A 80 15.44 -6.65 7.40
CA ASN A 80 16.65 -6.14 6.78
C ASN A 80 17.68 -7.27 6.69
N SER A 81 17.84 -7.79 5.47
CA SER A 81 18.78 -8.86 5.23
C SER A 81 19.77 -8.46 4.14
N GLU A 82 19.24 -8.22 2.96
CA GLU A 82 20.06 -7.82 1.83
C GLU A 82 19.24 -7.00 0.83
N LYS A 83 19.84 -5.92 0.36
CA LYS A 83 19.18 -5.05 -0.59
C LYS A 83 20.18 -4.01 -1.11
N TYR A 84 20.66 -4.25 -2.32
CA TYR A 84 21.62 -3.35 -2.94
C TYR A 84 22.02 -3.85 -4.33
N LEU A 85 22.63 -2.95 -5.09
CA LEU A 85 23.07 -3.29 -6.43
C LEU A 85 21.85 -3.67 -7.29
N SER A 86 21.86 -3.16 -8.51
CA SER A 86 20.77 -3.43 -9.44
C SER A 86 21.09 -4.66 -10.28
N GLU A 87 20.05 -5.24 -10.85
CA GLU A 87 20.21 -6.42 -11.69
C GLU A 87 19.25 -6.37 -12.88
N LEU A 88 19.79 -6.71 -14.04
CA LEU A 88 18.99 -6.72 -15.26
C LEU A 88 17.76 -7.59 -15.07
N ALA A 89 16.90 -7.59 -16.07
CA ALA A 89 15.68 -8.39 -16.02
C ALA A 89 15.19 -8.65 -17.45
N GLU A 90 14.25 -9.58 -17.56
CA GLU A 90 13.69 -9.93 -18.85
C GLU A 90 12.89 -8.76 -19.42
N GLN A 91 13.53 -8.02 -20.32
CA GLN A 91 12.89 -6.87 -20.94
C GLN A 91 13.54 -6.58 -22.30
N PRO A 92 12.66 -6.25 -23.29
CA PRO A 92 13.14 -5.95 -24.63
C PRO A 92 13.78 -4.56 -24.69
N GLU A 93 14.89 -4.48 -25.40
CA GLU A 93 15.60 -3.22 -25.55
C GLU A 93 15.88 -2.94 -27.02
N ARG A 94 15.90 -1.65 -27.35
CA ARG A 94 16.16 -1.24 -28.72
C ARG A 94 16.92 0.09 -28.73
N LYS A 95 17.65 0.32 -29.82
CA LYS A 95 18.42 1.54 -29.97
C LYS A 95 18.58 1.84 -31.46
N ILE A 96 18.02 2.98 -31.86
CA ILE A 96 18.10 3.40 -33.25
C ILE A 96 19.57 3.50 -33.67
N THR A 97 19.77 4.08 -34.83
CA THR A 97 21.12 4.25 -35.36
C THR A 97 21.11 5.17 -36.58
N ARG A 98 22.29 5.66 -36.93
CA ARG A 98 22.44 6.55 -38.06
C ARG A 98 23.89 6.57 -38.55
N ASN A 99 24.09 7.24 -39.68
CA ASN A 99 25.42 7.34 -40.25
C ASN A 99 25.37 8.24 -41.48
N GLN A 100 26.54 8.69 -41.90
CA GLN A 100 26.64 9.55 -43.06
C GLN A 100 28.02 9.39 -43.73
N LYS A 101 27.98 9.28 -45.05
CA LYS A 101 29.20 9.12 -45.82
C LYS A 101 29.50 10.42 -46.56
N ARG A 102 30.52 10.35 -47.41
CA ARG A 102 30.92 11.51 -48.20
C ARG A 102 32.25 11.23 -48.91
N LYS A 103 32.45 11.95 -50.01
CA LYS A 103 33.67 11.79 -50.79
C LYS A 103 33.72 12.87 -51.88
N HIS A 104 34.89 13.00 -52.47
CA HIS A 104 35.09 13.99 -53.52
C HIS A 104 36.49 13.85 -54.10
N ASP A 105 36.64 14.32 -55.34
CA ASP A 105 37.91 14.25 -56.02
C ASP A 105 37.76 14.77 -57.45
N GLU A 106 38.88 15.22 -58.01
CA GLU A 106 38.87 15.74 -59.37
C GLU A 106 40.26 15.58 -59.99
N ILE A 107 40.25 15.17 -61.25
CA ILE A 107 41.50 14.98 -61.98
C ILE A 107 41.98 16.32 -62.52
N ASN A 108 43.29 16.42 -62.69
CA ASN A 108 43.89 17.64 -63.20
C ASN A 108 45.41 17.53 -63.12
N HIS A 109 46.02 17.32 -64.27
CA HIS A 109 47.46 17.20 -64.34
C HIS A 109 47.92 17.23 -65.81
N VAL A 110 48.74 18.21 -66.12
CA VAL A 110 49.24 18.36 -67.48
C VAL A 110 50.70 18.83 -67.43
N GLN A 111 51.52 18.20 -68.27
CA GLN A 111 52.93 18.54 -68.33
C GLN A 111 53.20 19.48 -69.50
N LYS A 112 54.39 20.05 -69.50
CA LYS A 112 54.79 20.97 -70.55
C LYS A 112 56.25 21.36 -70.37
N THR A 113 57.04 21.06 -71.39
CA THR A 113 58.46 21.36 -71.35
C THR A 113 59.12 21.05 -72.69
N TYR A 114 60.44 21.18 -72.72
CA TYR A 114 61.18 20.91 -73.93
C TYR A 114 62.68 20.79 -73.64
N ALA A 115 63.38 20.10 -74.54
CA ALA A 115 64.81 19.90 -74.38
C ALA A 115 65.34 19.13 -75.59
N GLU A 116 65.56 19.86 -76.67
CA GLU A 116 66.07 19.26 -77.89
C GLU A 116 67.12 20.17 -78.53
N MET A 117 68.29 20.18 -77.92
CA MET A 117 69.39 21.00 -78.42
C MET A 117 70.30 20.19 -79.34
N ASP A 118 71.16 20.91 -80.07
CA ASP A 118 72.08 20.27 -80.98
C ASP A 118 73.29 19.76 -80.20
N PRO A 119 73.79 18.56 -80.65
CA PRO A 119 74.93 17.96 -80.00
C PRO A 119 76.23 18.68 -80.37
N THR A 120 76.69 18.42 -81.59
CA THR A 120 77.90 19.04 -82.08
C THR A 120 77.70 19.58 -83.49
N THR A 121 78.79 20.02 -84.09
CA THR A 121 78.74 20.55 -85.44
C THR A 121 80.15 20.87 -85.94
N ALA A 122 80.33 20.74 -87.26
CA ALA A 122 81.62 21.01 -87.87
C ALA A 122 81.48 20.94 -89.39
N ALA A 123 82.56 21.30 -90.07
CA ALA A 123 82.56 21.29 -91.52
C ALA A 123 83.55 20.23 -92.00
N LEU A 124 83.76 20.22 -93.32
CA LEU A 124 84.68 19.27 -93.92
C LEU A 124 85.91 20.01 -94.46
N GLU A 125 85.98 20.06 -95.78
CA GLU A 125 87.09 20.73 -96.44
C GLU A 125 86.97 20.59 -97.96
N LYS A 126 86.85 21.73 -98.62
CA LYS A 126 86.72 21.75 -100.06
C LYS A 126 87.81 22.65 -100.66
N GLU A 127 88.97 22.05 -100.86
CA GLU A 127 90.10 22.78 -101.41
C GLU A 127 91.27 21.83 -101.67
N SER A 128 91.74 21.84 -102.90
CA SER A 128 92.86 21.00 -103.29
C SER A 128 93.28 21.30 -104.73
N GLY A 129 94.53 21.00 -105.02
CA GLY A 129 95.07 21.23 -106.35
C GLY A 129 96.60 21.27 -106.33
N PRO A 130 97.20 20.07 -106.54
CA PRO A 130 98.65 19.95 -106.56
C PRO A 130 99.24 20.51 -107.84
N SER A 131 100.56 20.46 -107.94
CA SER A 131 101.26 20.95 -109.11
C SER A 131 102.76 20.70 -108.98
N SER A 132 103.38 20.38 -110.10
CA SER A 132 104.80 20.11 -110.12
C SER A 132 105.32 20.13 -111.57
N GLY A 133 106.63 20.34 -111.69
CA GLY A 133 107.25 20.39 -113.00
C GLY A 133 106.35 21.11 -114.01
N GLY A 1 -30.44 8.60 23.83
CA GLY A 1 -30.05 7.50 22.97
C GLY A 1 -29.59 8.02 21.60
N SER A 2 -28.33 7.74 21.29
CA SER A 2 -27.75 8.16 20.03
C SER A 2 -27.44 6.95 19.16
N SER A 3 -27.64 7.11 17.86
CA SER A 3 -27.38 6.03 16.91
C SER A 3 -25.92 5.60 17.01
N GLY A 4 -25.71 4.49 17.70
CA GLY A 4 -24.37 3.97 17.88
C GLY A 4 -24.41 2.60 18.57
N SER A 5 -24.95 1.63 17.85
CA SER A 5 -25.06 0.28 18.37
C SER A 5 -24.23 -0.69 17.53
N SER A 6 -23.25 -1.30 18.18
CA SER A 6 -22.38 -2.24 17.49
C SER A 6 -21.77 -3.22 18.51
N GLY A 7 -22.09 -4.49 18.31
CA GLY A 7 -21.58 -5.54 19.18
C GLY A 7 -20.18 -5.96 18.78
N GLU A 8 -19.91 -7.25 18.95
CA GLU A 8 -18.62 -7.80 18.60
C GLU A 8 -18.47 -7.91 17.09
N PRO A 9 -17.25 -7.58 16.60
CA PRO A 9 -16.96 -7.64 15.18
C PRO A 9 -16.80 -9.08 14.70
N GLU A 10 -17.35 -9.35 13.53
CA GLU A 10 -17.27 -10.68 12.95
C GLU A 10 -16.17 -10.74 11.89
N VAL A 11 -15.21 -11.63 12.12
CA VAL A 11 -14.10 -11.80 11.20
C VAL A 11 -14.32 -13.05 10.36
N THR A 12 -13.43 -13.26 9.40
CA THR A 12 -13.51 -14.41 8.53
C THR A 12 -12.15 -14.70 7.89
N VAL A 13 -11.96 -15.96 7.52
CA VAL A 13 -10.71 -16.36 6.90
C VAL A 13 -11.02 -17.05 5.56
N GLU A 14 -10.09 -16.92 4.63
CA GLU A 14 -10.24 -17.52 3.32
C GLU A 14 -9.06 -18.43 3.01
N ILE A 15 -9.37 -19.60 2.49
CA ILE A 15 -8.34 -20.58 2.14
C ILE A 15 -7.76 -20.23 0.77
N GLY A 16 -6.48 -20.53 0.61
CA GLY A 16 -5.81 -20.26 -0.64
C GLY A 16 -5.05 -18.93 -0.58
N GLU A 17 -5.38 -18.15 0.44
CA GLU A 17 -4.74 -16.86 0.63
C GLU A 17 -3.67 -16.94 1.71
N THR A 18 -2.71 -16.03 1.62
CA THR A 18 -1.62 -16.00 2.59
C THR A 18 -1.89 -14.93 3.65
N TYR A 19 -1.60 -15.28 4.89
CA TYR A 19 -1.80 -14.37 6.00
C TYR A 19 -0.58 -14.35 6.92
N LEU A 20 -0.48 -13.27 7.69
CA LEU A 20 0.64 -13.11 8.61
C LEU A 20 0.35 -13.90 9.89
N CYS A 21 1.20 -14.90 10.13
CA CYS A 21 1.05 -15.74 11.31
C CYS A 21 2.04 -15.26 12.36
N ARG A 22 1.57 -15.21 13.60
CA ARG A 22 2.40 -14.78 14.70
C ARG A 22 3.45 -15.85 15.04
N ARG A 23 4.65 -15.39 15.34
CA ARG A 23 5.75 -16.29 15.67
C ARG A 23 6.67 -15.65 16.70
N PRO A 24 6.88 -16.39 17.83
CA PRO A 24 7.73 -15.90 18.89
C PRO A 24 9.21 -16.01 18.50
N ASP A 25 9.56 -15.30 17.44
CA ASP A 25 10.94 -15.30 16.95
C ASP A 25 11.45 -13.86 16.90
N SER A 26 10.62 -12.98 16.38
CA SER A 26 10.97 -11.58 16.26
C SER A 26 9.77 -10.77 15.75
N THR A 27 9.07 -11.36 14.80
CA THR A 27 7.91 -10.70 14.22
C THR A 27 6.96 -11.75 13.63
N TRP A 28 6.01 -11.25 12.84
CA TRP A 28 5.03 -12.12 12.21
C TRP A 28 5.71 -12.81 11.02
N HIS A 29 5.14 -13.93 10.62
CA HIS A 29 5.68 -14.69 9.51
C HIS A 29 4.53 -15.13 8.58
N SER A 30 4.64 -14.71 7.33
CA SER A 30 3.63 -15.05 6.34
C SER A 30 3.47 -16.57 6.25
N ALA A 31 2.22 -17.01 6.16
CA ALA A 31 1.93 -18.42 6.06
C ALA A 31 0.63 -18.62 5.27
N GLU A 32 0.71 -19.50 4.29
CA GLU A 32 -0.43 -19.79 3.44
C GLU A 32 -1.45 -20.63 4.21
N VAL A 33 -2.71 -20.27 4.05
CA VAL A 33 -3.79 -20.98 4.72
C VAL A 33 -4.17 -22.22 3.90
N ILE A 34 -3.75 -23.38 4.40
CA ILE A 34 -4.04 -24.63 3.73
C ILE A 34 -5.54 -24.89 3.77
N GLN A 35 -6.06 -24.98 4.98
CA GLN A 35 -7.49 -25.23 5.17
C GLN A 35 -7.95 -24.64 6.50
N SER A 36 -9.19 -24.97 6.85
CA SER A 36 -9.77 -24.48 8.09
C SER A 36 -10.44 -25.63 8.85
N ARG A 37 -10.57 -25.44 10.16
CA ARG A 37 -11.19 -26.44 10.99
C ARG A 37 -11.76 -25.81 12.26
N VAL A 38 -12.50 -26.60 13.01
CA VAL A 38 -13.10 -26.13 14.26
C VAL A 38 -12.79 -27.12 15.38
N ASN A 39 -12.63 -26.58 16.57
CA ASN A 39 -12.32 -27.40 17.73
C ASN A 39 -13.58 -27.56 18.57
N ASP A 40 -14.06 -28.80 18.66
CA ASP A 40 -15.24 -29.11 19.43
C ASP A 40 -14.87 -29.30 20.89
N GLN A 41 -13.60 -29.56 21.11
CA GLN A 41 -13.09 -29.76 22.47
C GLN A 41 -12.81 -28.42 23.14
N GLU A 42 -11.96 -27.63 22.49
CA GLU A 42 -11.61 -26.33 23.01
C GLU A 42 -12.73 -25.32 22.74
N GLY A 43 -13.40 -25.51 21.62
CA GLY A 43 -14.48 -24.64 21.23
C GLY A 43 -13.96 -23.35 20.58
N ARG A 44 -13.12 -23.54 19.58
CA ARG A 44 -12.54 -22.41 18.86
C ARG A 44 -12.28 -22.78 17.41
N GLU A 45 -11.91 -21.77 16.63
CA GLU A 45 -11.62 -21.98 15.22
C GLU A 45 -10.11 -21.96 14.98
N GLU A 46 -9.68 -22.79 14.03
CA GLU A 46 -8.27 -22.88 13.70
C GLU A 46 -8.09 -22.90 12.18
N PHE A 47 -6.84 -22.75 11.76
CA PHE A 47 -6.52 -22.77 10.34
C PHE A 47 -5.09 -23.27 10.11
N TYR A 48 -4.99 -24.31 9.29
CA TYR A 48 -3.70 -24.89 8.98
C TYR A 48 -2.90 -23.98 8.06
N VAL A 49 -2.07 -23.14 8.67
CA VAL A 49 -1.24 -22.22 7.91
C VAL A 49 0.15 -22.81 7.74
N HIS A 50 0.70 -22.62 6.54
CA HIS A 50 2.01 -23.13 6.23
C HIS A 50 3.00 -21.98 6.08
N TYR A 51 4.03 -22.02 6.90
CA TYR A 51 5.04 -20.98 6.87
C TYR A 51 5.98 -21.14 5.66
N VAL A 52 5.50 -20.66 4.52
CA VAL A 52 6.27 -20.75 3.29
C VAL A 52 7.62 -20.08 3.49
N GLY A 53 7.68 -19.25 4.51
CA GLY A 53 8.91 -18.53 4.83
C GLY A 53 9.64 -19.19 5.99
N PHE A 54 9.98 -20.46 5.79
CA PHE A 54 10.68 -21.22 6.81
C PHE A 54 11.07 -22.60 6.30
N ASN A 55 10.08 -23.47 6.24
CA ASN A 55 10.29 -24.84 5.77
C ASN A 55 8.95 -25.54 5.61
N ARG A 56 9.01 -26.86 5.55
CA ARG A 56 7.81 -27.66 5.40
C ARG A 56 7.28 -28.10 6.76
N ARG A 57 8.15 -28.76 7.51
CA ARG A 57 7.79 -29.24 8.84
C ARG A 57 6.98 -28.17 9.58
N LEU A 58 7.24 -26.93 9.23
CA LEU A 58 6.55 -25.81 9.85
C LEU A 58 5.08 -25.83 9.44
N ASP A 59 4.38 -26.85 9.93
CA ASP A 59 2.97 -27.00 9.62
C ASP A 59 2.19 -27.19 10.93
N GLU A 60 1.42 -26.16 11.27
CA GLU A 60 0.63 -26.20 12.49
C GLU A 60 -0.60 -25.30 12.35
N TRP A 61 -1.67 -25.68 13.04
CA TRP A 61 -2.90 -24.91 12.99
C TRP A 61 -2.68 -23.62 13.78
N VAL A 62 -3.48 -22.62 13.46
CA VAL A 62 -3.39 -21.33 14.12
C VAL A 62 -4.80 -20.80 14.39
N ASP A 63 -4.86 -19.83 15.28
CA ASP A 63 -6.15 -19.22 15.64
C ASP A 63 -6.33 -17.94 14.82
N LYS A 64 -7.59 -17.54 14.70
CA LYS A 64 -7.92 -16.34 13.95
C LYS A 64 -7.15 -15.15 14.53
N ASN A 65 -6.79 -15.28 15.80
CA ASN A 65 -6.04 -14.23 16.48
C ASN A 65 -4.57 -14.29 16.04
N ARG A 66 -4.05 -15.50 16.01
CA ARG A 66 -2.67 -15.71 15.61
C ARG A 66 -2.42 -15.12 14.22
N LEU A 67 -3.49 -15.06 13.44
CA LEU A 67 -3.40 -14.54 12.09
C LEU A 67 -3.69 -13.03 12.11
N ALA A 68 -3.54 -12.41 10.96
CA ALA A 68 -3.79 -10.98 10.84
C ALA A 68 -5.07 -10.75 10.05
N LEU A 69 -6.12 -10.36 10.78
CA LEU A 69 -7.41 -10.11 10.16
C LEU A 69 -7.71 -8.61 10.22
N THR A 70 -7.43 -7.93 9.12
CA THR A 70 -7.66 -6.50 9.04
C THR A 70 -6.62 -5.74 9.86
N LYS A 71 -6.66 -4.42 9.72
CA LYS A 71 -5.73 -3.57 10.45
C LYS A 71 -5.91 -3.79 11.94
N THR A 72 -7.06 -4.36 12.29
CA THR A 72 -7.38 -4.62 13.69
C THR A 72 -6.12 -5.09 14.44
N VAL A 73 -5.48 -6.09 13.86
CA VAL A 73 -4.27 -6.65 14.46
C VAL A 73 -3.12 -6.51 13.48
N LYS A 74 -1.96 -6.18 14.01
CA LYS A 74 -0.76 -6.01 13.19
C LYS A 74 0.37 -5.42 14.05
N ASP A 75 1.43 -5.03 13.37
CA ASP A 75 2.57 -4.45 14.05
C ASP A 75 3.24 -3.41 13.14
N ALA A 76 4.15 -2.65 13.73
CA ALA A 76 4.86 -1.62 12.99
C ALA A 76 3.85 -0.64 12.39
N VAL A 77 3.35 0.25 13.25
CA VAL A 77 2.38 1.24 12.82
C VAL A 77 3.09 2.59 12.66
N GLN A 78 4.07 2.61 11.76
CA GLN A 78 4.82 3.83 11.49
C GLN A 78 5.88 3.57 10.43
N LYS A 79 6.80 2.67 10.75
CA LYS A 79 7.87 2.33 9.84
C LYS A 79 7.28 1.72 8.57
N ASN A 80 7.25 2.53 7.52
CA ASN A 80 6.71 2.09 6.24
C ASN A 80 7.72 2.39 5.13
N SER A 81 8.10 3.66 5.06
CA SER A 81 9.05 4.10 4.05
C SER A 81 8.76 3.40 2.72
N GLU A 82 7.66 3.82 2.10
CA GLU A 82 7.26 3.25 0.83
C GLU A 82 6.78 1.80 1.02
N LYS A 83 5.69 1.67 1.76
CA LYS A 83 5.12 0.36 2.01
C LYS A 83 3.69 0.31 1.47
N TYR A 84 3.51 -0.51 0.45
CA TYR A 84 2.21 -0.66 -0.17
C TYR A 84 1.61 0.71 -0.53
N LEU A 85 0.47 0.67 -1.20
CA LEU A 85 -0.21 1.87 -1.61
C LEU A 85 0.54 2.50 -2.79
N SER A 86 0.29 1.94 -3.97
CA SER A 86 0.93 2.43 -5.18
C SER A 86 0.82 3.95 -5.25
N GLU A 87 1.83 4.56 -5.84
CA GLU A 87 1.86 6.01 -5.99
C GLU A 87 2.49 6.40 -7.32
N LEU A 88 2.67 7.70 -7.49
CA LEU A 88 3.27 8.21 -8.71
C LEU A 88 3.96 9.56 -8.41
N ALA A 89 4.91 9.89 -9.27
CA ALA A 89 5.65 11.14 -9.11
C ALA A 89 5.67 11.89 -10.44
N GLU A 90 6.46 12.95 -10.47
CA GLU A 90 6.57 13.76 -11.67
C GLU A 90 7.91 13.48 -12.37
N GLN A 91 8.31 14.41 -13.21
CA GLN A 91 9.55 14.29 -13.95
C GLN A 91 10.40 15.56 -13.79
N PRO A 92 11.72 15.41 -14.06
CA PRO A 92 12.64 16.52 -13.95
C PRO A 92 12.47 17.50 -15.12
N GLU A 93 12.86 18.74 -14.87
CA GLU A 93 12.76 19.77 -15.90
C GLU A 93 14.07 20.57 -15.98
N ARG A 94 14.16 21.38 -17.03
CA ARG A 94 15.34 22.20 -17.23
C ARG A 94 14.98 23.68 -17.13
N LYS A 95 15.94 24.46 -16.64
CA LYS A 95 15.74 25.89 -16.49
C LYS A 95 16.91 26.64 -17.12
N ILE A 96 16.59 27.77 -17.72
CA ILE A 96 17.61 28.59 -18.36
C ILE A 96 17.91 29.80 -17.50
N THR A 97 19.05 30.43 -17.78
CA THR A 97 19.46 31.61 -17.03
C THR A 97 20.27 32.55 -17.92
N ARG A 98 20.33 33.80 -17.50
CA ARG A 98 21.07 34.81 -18.25
C ARG A 98 21.23 36.08 -17.41
N ASN A 99 22.09 36.96 -17.89
CA ASN A 99 22.35 38.21 -17.20
C ASN A 99 23.37 39.02 -18.00
N GLN A 100 23.57 40.26 -17.55
CA GLN A 100 24.52 41.14 -18.20
C GLN A 100 24.68 42.44 -17.41
N LYS A 101 25.65 43.23 -17.82
CA LYS A 101 25.92 44.50 -17.14
C LYS A 101 27.06 45.22 -17.87
N ARG A 102 27.25 46.48 -17.49
CA ARG A 102 28.29 47.28 -18.09
C ARG A 102 28.50 48.57 -17.29
N LYS A 103 29.51 49.33 -17.70
CA LYS A 103 29.82 50.58 -17.02
C LYS A 103 30.85 51.36 -17.85
N HIS A 104 31.05 52.61 -17.46
CA HIS A 104 32.00 53.46 -18.16
C HIS A 104 32.33 54.68 -17.28
N ASP A 105 33.39 55.37 -17.67
CA ASP A 105 33.82 56.55 -16.94
C ASP A 105 33.86 57.75 -17.88
N GLU A 106 33.99 58.93 -17.29
CA GLU A 106 34.03 60.15 -18.07
C GLU A 106 34.36 61.33 -17.17
N ILE A 107 34.63 62.47 -17.80
CA ILE A 107 34.96 63.68 -17.06
C ILE A 107 36.24 63.46 -16.26
N ASN A 108 37.17 64.38 -16.43
CA ASN A 108 38.45 64.30 -15.72
C ASN A 108 39.42 65.32 -16.32
N HIS A 109 39.77 66.29 -15.49
CA HIS A 109 40.69 67.34 -15.91
C HIS A 109 41.01 68.25 -14.73
N VAL A 110 41.94 69.17 -14.96
CA VAL A 110 42.35 70.10 -13.92
C VAL A 110 42.99 71.32 -14.57
N GLN A 111 43.20 72.35 -13.76
CA GLN A 111 43.80 73.58 -14.24
C GLN A 111 45.20 73.75 -13.63
N LYS A 112 45.81 74.87 -13.97
CA LYS A 112 47.15 75.18 -13.47
C LYS A 112 47.45 76.66 -13.68
N THR A 113 47.13 77.45 -12.67
CA THR A 113 47.36 78.88 -12.72
C THR A 113 48.79 79.21 -12.27
N TYR A 114 49.14 80.48 -12.43
CA TYR A 114 50.47 80.94 -12.05
C TYR A 114 50.46 82.43 -11.72
N ALA A 115 51.38 82.82 -10.85
CA ALA A 115 51.49 84.20 -10.44
C ALA A 115 52.73 84.38 -9.57
N GLU A 116 53.56 85.33 -9.96
CA GLU A 116 54.79 85.60 -9.23
C GLU A 116 55.48 86.85 -9.79
N MET A 117 54.73 87.94 -9.85
CA MET A 117 55.24 89.19 -10.37
C MET A 117 55.82 90.05 -9.24
N ASP A 118 56.63 91.02 -9.63
CA ASP A 118 57.24 91.92 -8.67
C ASP A 118 56.93 93.36 -9.06
N PRO A 119 56.72 94.21 -8.01
CA PRO A 119 56.42 95.62 -8.23
C PRO A 119 57.67 96.39 -8.66
N THR A 120 58.66 96.37 -7.78
CA THR A 120 59.91 97.06 -8.05
C THR A 120 59.69 98.57 -8.09
N THR A 121 60.75 99.31 -7.78
CA THR A 121 60.68 100.75 -7.79
C THR A 121 62.04 101.36 -7.47
N ALA A 122 62.14 102.67 -7.65
CA ALA A 122 63.38 103.37 -7.40
C ALA A 122 63.19 104.86 -7.69
N ALA A 123 63.93 105.67 -6.94
CA ALA A 123 63.84 107.12 -7.11
C ALA A 123 64.77 107.79 -6.09
N LEU A 124 64.75 109.11 -6.12
CA LEU A 124 65.57 109.90 -5.21
C LEU A 124 67.04 109.74 -5.60
N GLU A 125 67.63 108.64 -5.16
CA GLU A 125 69.03 108.37 -5.46
C GLU A 125 69.92 109.45 -4.85
N LYS A 126 70.86 109.00 -4.03
CA LYS A 126 71.79 109.91 -3.39
C LYS A 126 72.82 110.39 -4.40
N GLU A 127 73.20 111.65 -4.27
CA GLU A 127 74.17 112.24 -5.17
C GLU A 127 74.55 113.66 -4.69
N SER A 128 75.82 113.97 -4.82
CA SER A 128 76.33 115.27 -4.41
C SER A 128 77.79 115.42 -4.84
N GLY A 129 78.28 116.64 -4.69
CA GLY A 129 79.66 116.94 -5.05
C GLY A 129 79.89 118.45 -5.12
N PRO A 130 80.43 119.00 -4.00
CA PRO A 130 80.70 120.43 -3.93
C PRO A 130 81.95 120.78 -4.73
N SER A 131 82.34 122.05 -4.64
CA SER A 131 83.50 122.54 -5.35
C SER A 131 83.87 123.93 -4.87
N SER A 132 85.02 124.41 -5.33
CA SER A 132 85.50 125.72 -4.95
C SER A 132 86.15 126.41 -6.15
N GLY A 133 87.17 125.75 -6.69
CA GLY A 133 87.89 126.29 -7.83
C GLY A 133 89.09 127.12 -7.39
N GLY A 1 -29.75 6.84 14.66
CA GLY A 1 -29.42 6.46 16.02
C GLY A 1 -28.90 5.02 16.07
N SER A 2 -29.53 4.24 16.92
CA SER A 2 -29.14 2.84 17.08
C SER A 2 -30.30 1.92 16.67
N SER A 3 -30.19 1.41 15.46
CA SER A 3 -31.21 0.52 14.93
C SER A 3 -30.59 -0.43 13.90
N GLY A 4 -30.93 -1.71 14.04
CA GLY A 4 -30.43 -2.72 13.13
C GLY A 4 -29.73 -3.85 13.89
N SER A 5 -28.43 -3.96 13.65
CA SER A 5 -27.64 -4.98 14.31
C SER A 5 -26.15 -4.76 14.03
N SER A 6 -25.51 -4.03 14.92
CA SER A 6 -24.09 -3.74 14.77
C SER A 6 -23.35 -4.10 16.07
N GLY A 7 -22.06 -4.35 15.91
CA GLY A 7 -21.22 -4.71 17.05
C GLY A 7 -19.80 -5.06 16.60
N GLU A 8 -19.25 -6.08 17.25
CA GLU A 8 -17.90 -6.52 16.93
C GLU A 8 -17.74 -6.67 15.41
N PRO A 9 -16.48 -6.48 14.94
CA PRO A 9 -16.18 -6.60 13.53
C PRO A 9 -16.15 -8.06 13.09
N GLU A 10 -17.08 -8.39 12.20
CA GLU A 10 -17.18 -9.75 11.70
C GLU A 10 -16.00 -10.06 10.77
N VAL A 11 -15.03 -10.78 11.31
CA VAL A 11 -13.85 -11.15 10.54
C VAL A 11 -14.10 -12.50 9.87
N THR A 12 -13.11 -12.91 9.07
CA THR A 12 -13.20 -14.17 8.36
C THR A 12 -11.85 -14.53 7.74
N VAL A 13 -11.66 -15.82 7.51
CA VAL A 13 -10.42 -16.30 6.93
C VAL A 13 -10.73 -16.95 5.58
N GLU A 14 -9.78 -16.81 4.66
CA GLU A 14 -9.94 -17.38 3.32
C GLU A 14 -8.81 -18.37 3.03
N ILE A 15 -9.20 -19.52 2.49
CA ILE A 15 -8.23 -20.55 2.15
C ILE A 15 -7.61 -20.25 0.79
N GLY A 16 -6.36 -20.67 0.63
CA GLY A 16 -5.65 -20.46 -0.62
C GLY A 16 -4.83 -19.16 -0.57
N GLU A 17 -5.22 -18.30 0.36
CA GLU A 17 -4.53 -17.03 0.52
C GLU A 17 -3.49 -17.14 1.64
N THR A 18 -2.59 -16.16 1.66
CA THR A 18 -1.54 -16.13 2.66
C THR A 18 -1.83 -15.04 3.70
N TYR A 19 -1.52 -15.36 4.95
CA TYR A 19 -1.74 -14.42 6.04
C TYR A 19 -0.53 -14.36 6.96
N LEU A 20 -0.46 -13.28 7.74
CA LEU A 20 0.63 -13.10 8.66
C LEU A 20 0.34 -13.86 9.95
N CYS A 21 1.18 -14.85 10.23
CA CYS A 21 1.02 -15.66 11.41
C CYS A 21 2.05 -15.20 12.45
N ARG A 22 1.53 -14.87 13.64
CA ARG A 22 2.38 -14.41 14.72
C ARG A 22 3.36 -15.51 15.13
N ARG A 23 4.63 -15.13 15.22
CA ARG A 23 5.67 -16.07 15.60
C ARG A 23 6.58 -15.45 16.66
N PRO A 24 6.70 -16.16 17.81
CA PRO A 24 7.53 -15.69 18.89
C PRO A 24 9.02 -15.91 18.58
N ASP A 25 9.52 -15.08 17.67
CA ASP A 25 10.92 -15.17 17.28
C ASP A 25 11.45 -13.76 17.01
N SER A 26 10.70 -13.02 16.21
CA SER A 26 11.09 -11.66 15.87
C SER A 26 9.84 -10.82 15.58
N THR A 27 9.05 -11.29 14.63
CA THR A 27 7.83 -10.59 14.25
C THR A 27 6.83 -11.57 13.64
N TRP A 28 6.10 -11.08 12.65
CA TRP A 28 5.11 -11.89 11.98
C TRP A 28 5.79 -12.61 10.82
N HIS A 29 5.22 -13.75 10.44
CA HIS A 29 5.76 -14.54 9.36
C HIS A 29 4.64 -15.02 8.45
N SER A 30 4.84 -14.84 7.15
CA SER A 30 3.84 -15.25 6.17
C SER A 30 3.58 -16.75 6.29
N ALA A 31 2.34 -17.12 6.00
CA ALA A 31 1.95 -18.52 6.07
C ALA A 31 0.65 -18.72 5.27
N GLU A 32 0.73 -19.62 4.31
CA GLU A 32 -0.42 -19.92 3.46
C GLU A 32 -1.43 -20.77 4.23
N VAL A 33 -2.69 -20.40 4.08
CA VAL A 33 -3.77 -21.11 4.75
C VAL A 33 -4.16 -22.33 3.93
N ILE A 34 -3.76 -23.49 4.42
CA ILE A 34 -4.06 -24.74 3.74
C ILE A 34 -5.56 -24.97 3.76
N GLN A 35 -6.10 -25.06 4.97
CA GLN A 35 -7.53 -25.28 5.14
C GLN A 35 -8.00 -24.68 6.46
N SER A 36 -9.26 -24.97 6.78
CA SER A 36 -9.85 -24.47 8.02
C SER A 36 -10.64 -25.58 8.70
N ARG A 37 -10.84 -25.40 10.01
CA ARG A 37 -11.59 -26.37 10.78
C ARG A 37 -12.00 -25.77 12.12
N VAL A 38 -12.89 -26.48 12.80
CA VAL A 38 -13.37 -26.03 14.10
C VAL A 38 -13.26 -27.17 15.11
N ASN A 39 -12.92 -26.80 16.34
CA ASN A 39 -12.78 -27.78 17.40
C ASN A 39 -14.06 -27.83 18.23
N ASP A 40 -14.57 -29.03 18.41
CA ASP A 40 -15.79 -29.22 19.17
C ASP A 40 -15.43 -29.42 20.65
N GLN A 41 -14.47 -30.30 20.88
CA GLN A 41 -14.02 -30.58 22.24
C GLN A 41 -13.54 -29.31 22.92
N GLU A 42 -12.71 -28.56 22.19
CA GLU A 42 -12.17 -27.32 22.71
C GLU A 42 -13.17 -26.18 22.51
N GLY A 43 -13.77 -26.16 21.33
CA GLY A 43 -14.75 -25.13 21.01
C GLY A 43 -14.05 -23.86 20.51
N ARG A 44 -13.16 -24.04 19.56
CA ARG A 44 -12.41 -22.92 19.00
C ARG A 44 -12.14 -23.15 17.51
N GLU A 45 -11.56 -22.14 16.89
CA GLU A 45 -11.24 -22.22 15.47
C GLU A 45 -9.74 -22.46 15.28
N GLU A 46 -9.40 -23.06 14.15
CA GLU A 46 -8.02 -23.35 13.83
C GLU A 46 -7.82 -23.45 12.32
N PHE A 47 -6.80 -22.75 11.84
CA PHE A 47 -6.50 -22.74 10.43
C PHE A 47 -5.09 -23.29 10.16
N TYR A 48 -5.05 -24.32 9.33
CA TYR A 48 -3.78 -24.94 8.97
C TYR A 48 -2.96 -24.05 8.04
N VAL A 49 -2.08 -23.27 8.63
CA VAL A 49 -1.24 -22.37 7.87
C VAL A 49 0.12 -23.03 7.62
N HIS A 50 0.67 -22.77 6.45
CA HIS A 50 1.96 -23.32 6.08
C HIS A 50 3.00 -22.20 5.97
N TYR A 51 4.04 -22.34 6.77
CA TYR A 51 5.11 -21.35 6.78
C TYR A 51 6.09 -21.59 5.62
N VAL A 52 5.88 -20.83 4.54
CA VAL A 52 6.71 -20.95 3.37
C VAL A 52 8.07 -20.28 3.65
N GLY A 53 9.07 -21.12 3.86
CA GLY A 53 10.40 -20.62 4.13
C GLY A 53 11.01 -21.33 5.35
N PHE A 54 10.32 -21.19 6.48
CA PHE A 54 10.78 -21.81 7.71
C PHE A 54 11.13 -23.28 7.50
N ASN A 55 10.09 -24.10 7.45
CA ASN A 55 10.28 -25.53 7.24
C ASN A 55 8.93 -26.17 6.93
N ARG A 56 8.99 -27.45 6.56
CA ARG A 56 7.77 -28.19 6.24
C ARG A 56 7.27 -28.94 7.48
N ARG A 57 8.19 -29.64 8.13
CA ARG A 57 7.86 -30.40 9.31
C ARG A 57 6.91 -29.60 10.21
N LEU A 58 7.02 -28.29 10.11
CA LEU A 58 6.18 -27.40 10.89
C LEU A 58 4.71 -27.80 10.72
N ASP A 59 4.02 -27.07 9.86
CA ASP A 59 2.62 -27.34 9.60
C ASP A 59 1.86 -27.41 10.93
N GLU A 60 1.19 -26.31 11.24
CA GLU A 60 0.42 -26.23 12.47
C GLU A 60 -0.75 -25.27 12.30
N TRP A 61 -1.85 -25.60 12.97
CA TRP A 61 -3.04 -24.77 12.91
C TRP A 61 -2.80 -23.52 13.76
N VAL A 62 -3.54 -22.48 13.42
CA VAL A 62 -3.42 -21.22 14.15
C VAL A 62 -4.81 -20.65 14.41
N ASP A 63 -4.85 -19.63 15.26
CA ASP A 63 -6.11 -19.00 15.61
C ASP A 63 -6.25 -17.68 14.84
N LYS A 64 -7.47 -17.23 14.71
CA LYS A 64 -7.75 -15.99 14.00
C LYS A 64 -6.96 -14.85 14.65
N ASN A 65 -6.72 -15.01 15.94
CA ASN A 65 -5.98 -14.00 16.69
C ASN A 65 -4.51 -14.05 16.29
N ARG A 66 -3.98 -15.27 16.23
CA ARG A 66 -2.59 -15.47 15.85
C ARG A 66 -2.34 -14.91 14.44
N LEU A 67 -3.41 -14.85 13.67
CA LEU A 67 -3.31 -14.35 12.31
C LEU A 67 -3.56 -12.84 12.31
N ALA A 68 -3.40 -12.25 11.13
CA ALA A 68 -3.61 -10.82 10.98
C ALA A 68 -4.81 -10.56 10.08
N LEU A 69 -5.90 -10.16 10.72
CA LEU A 69 -7.14 -9.88 9.99
C LEU A 69 -7.45 -8.39 10.08
N THR A 70 -7.09 -7.68 9.01
CA THR A 70 -7.32 -6.25 8.95
C THR A 70 -7.00 -5.71 7.56
N LYS A 71 -6.76 -4.41 7.50
CA LYS A 71 -6.44 -3.77 6.24
C LYS A 71 -5.32 -4.55 5.54
N THR A 72 -4.39 -5.02 6.34
CA THR A 72 -3.26 -5.78 5.82
C THR A 72 -2.79 -6.82 6.84
N VAL A 73 -2.32 -6.31 7.97
CA VAL A 73 -1.83 -7.17 9.04
C VAL A 73 -2.18 -6.54 10.39
N LYS A 74 -1.65 -5.35 10.61
CA LYS A 74 -1.90 -4.64 11.85
C LYS A 74 -2.64 -3.34 11.55
N ASP A 75 -1.91 -2.38 11.02
CA ASP A 75 -2.50 -1.09 10.68
C ASP A 75 -1.59 -0.38 9.67
N ALA A 76 -2.00 0.82 9.30
CA ALA A 76 -1.24 1.61 8.35
C ALA A 76 -0.04 2.23 9.04
N VAL A 77 1.02 1.43 9.16
CA VAL A 77 2.23 1.88 9.81
C VAL A 77 3.30 2.13 8.75
N GLN A 78 3.50 1.13 7.91
CA GLN A 78 4.48 1.22 6.85
C GLN A 78 5.89 1.36 7.44
N LYS A 79 6.82 0.63 6.85
CA LYS A 79 8.20 0.65 7.30
C LYS A 79 8.29 0.00 8.69
N ASN A 80 8.90 -1.18 8.71
CA ASN A 80 9.05 -1.91 9.95
C ASN A 80 10.43 -1.61 10.55
N SER A 81 10.41 -1.12 11.78
CA SER A 81 11.65 -0.79 12.46
C SER A 81 12.55 -2.01 12.55
N GLU A 82 12.01 -3.08 13.14
CA GLU A 82 12.75 -4.31 13.28
C GLU A 82 13.51 -4.63 12.00
N LYS A 83 14.83 -4.69 12.11
CA LYS A 83 15.68 -4.98 10.97
C LYS A 83 15.41 -6.41 10.49
N TYR A 84 15.35 -6.57 9.19
CA TYR A 84 15.10 -7.87 8.59
C TYR A 84 16.06 -8.14 7.42
N LEU A 85 16.15 -9.41 7.05
CA LEU A 85 17.01 -9.80 5.95
C LEU A 85 18.46 -9.42 6.28
N SER A 86 19.18 -10.39 6.83
CA SER A 86 20.57 -10.16 7.18
C SER A 86 21.39 -11.43 6.90
N GLU A 87 22.30 -11.29 5.93
CA GLU A 87 23.15 -12.41 5.55
C GLU A 87 24.10 -11.98 4.44
N LEU A 88 25.18 -12.75 4.29
CA LEU A 88 26.17 -12.47 3.27
C LEU A 88 25.47 -12.23 1.94
N ALA A 89 26.26 -11.84 0.95
CA ALA A 89 25.73 -11.58 -0.38
C ALA A 89 26.79 -11.92 -1.42
N GLU A 90 26.45 -11.67 -2.68
CA GLU A 90 27.36 -11.94 -3.78
C GLU A 90 28.51 -10.94 -3.78
N GLN A 91 29.55 -11.26 -3.02
CA GLN A 91 30.72 -10.40 -2.93
C GLN A 91 31.99 -11.24 -3.00
N PRO A 92 33.05 -10.59 -3.56
CA PRO A 92 34.34 -11.27 -3.70
C PRO A 92 35.06 -11.36 -2.34
N GLU A 93 35.70 -12.50 -2.14
CA GLU A 93 36.43 -12.73 -0.90
C GLU A 93 37.59 -13.70 -1.13
N ARG A 94 38.78 -13.12 -1.22
CA ARG A 94 39.98 -13.91 -1.44
C ARG A 94 41.22 -13.02 -1.37
N LYS A 95 42.37 -13.67 -1.27
CA LYS A 95 43.64 -12.95 -1.20
C LYS A 95 44.70 -13.73 -1.99
N ILE A 96 44.68 -13.54 -3.30
CA ILE A 96 45.63 -14.22 -4.17
C ILE A 96 47.04 -13.73 -3.84
N THR A 97 48.01 -14.42 -4.41
CA THR A 97 49.41 -14.07 -4.19
C THR A 97 50.27 -14.51 -5.38
N ARG A 98 51.48 -13.96 -5.43
CA ARG A 98 52.39 -14.29 -6.51
C ARG A 98 53.82 -13.91 -6.11
N ASN A 99 54.77 -14.40 -6.91
CA ASN A 99 56.17 -14.12 -6.65
C ASN A 99 56.97 -14.33 -7.94
N GLN A 100 58.21 -13.85 -7.91
CA GLN A 100 59.08 -13.98 -9.06
C GLN A 100 60.54 -13.89 -8.64
N LYS A 101 61.42 -14.17 -9.59
CA LYS A 101 62.85 -14.13 -9.32
C LYS A 101 63.61 -13.92 -10.63
N ARG A 102 64.85 -13.48 -10.51
CA ARG A 102 65.69 -13.24 -11.67
C ARG A 102 67.16 -13.51 -11.34
N LYS A 103 67.88 -13.97 -12.35
CA LYS A 103 69.29 -14.27 -12.17
C LYS A 103 69.98 -14.25 -13.54
N HIS A 104 71.30 -14.11 -13.50
CA HIS A 104 72.09 -14.08 -14.73
C HIS A 104 73.57 -14.00 -14.38
N ASP A 105 74.39 -14.39 -15.34
CA ASP A 105 75.83 -14.37 -15.15
C ASP A 105 76.51 -15.03 -16.36
N GLU A 106 77.62 -14.42 -16.76
CA GLU A 106 78.37 -14.94 -17.90
C GLU A 106 79.85 -14.56 -17.77
N ILE A 107 80.70 -15.56 -17.94
CA ILE A 107 82.14 -15.33 -17.86
C ILE A 107 82.64 -14.74 -19.17
N ASN A 108 83.88 -14.28 -19.14
CA ASN A 108 84.50 -13.69 -20.31
C ASN A 108 85.95 -13.30 -20.00
N HIS A 109 86.78 -13.35 -21.03
CA HIS A 109 88.18 -13.01 -20.86
C HIS A 109 88.62 -12.11 -22.02
N VAL A 110 89.74 -11.43 -21.81
CA VAL A 110 90.27 -10.53 -22.82
C VAL A 110 90.67 -11.35 -24.05
N GLN A 111 91.77 -10.94 -24.67
CA GLN A 111 92.27 -11.62 -25.84
C GLN A 111 93.08 -12.87 -25.45
N LYS A 112 93.82 -13.38 -26.41
CA LYS A 112 94.64 -14.56 -26.18
C LYS A 112 95.31 -14.98 -27.48
N THR A 113 96.20 -14.12 -27.95
CA THR A 113 96.93 -14.39 -29.18
C THR A 113 98.43 -14.12 -29.00
N TYR A 114 99.22 -14.78 -29.83
CA TYR A 114 100.65 -14.63 -29.76
C TYR A 114 101.35 -15.43 -30.87
N ALA A 115 102.41 -14.85 -31.40
CA ALA A 115 103.17 -15.49 -32.46
C ALA A 115 104.63 -15.05 -32.39
N GLU A 116 105.40 -15.49 -33.37
CA GLU A 116 106.81 -15.16 -33.42
C GLU A 116 107.09 -14.23 -34.61
N MET A 117 107.95 -13.26 -34.38
CA MET A 117 108.31 -12.31 -35.42
C MET A 117 109.70 -12.62 -35.97
N ASP A 118 109.76 -12.72 -37.29
CA ASP A 118 111.01 -13.01 -37.96
C ASP A 118 110.76 -13.17 -39.47
N PRO A 119 111.40 -12.26 -40.26
CA PRO A 119 111.25 -12.28 -41.70
C PRO A 119 112.05 -13.44 -42.32
N THR A 120 113.35 -13.41 -42.09
CA THR A 120 114.23 -14.43 -42.60
C THR A 120 115.61 -14.36 -41.93
N THR A 121 116.44 -15.35 -42.23
CA THR A 121 117.77 -15.40 -41.66
C THR A 121 118.74 -16.05 -42.64
N ALA A 122 119.99 -15.61 -42.57
CA ALA A 122 121.02 -16.14 -43.44
C ALA A 122 122.39 -15.65 -42.97
N ALA A 123 123.41 -16.02 -43.72
CA ALA A 123 124.77 -15.62 -43.41
C ALA A 123 125.59 -15.53 -44.69
N LEU A 124 126.89 -15.34 -44.51
CA LEU A 124 127.80 -15.23 -45.64
C LEU A 124 129.25 -15.31 -45.15
N GLU A 125 130.02 -16.16 -45.80
CA GLU A 125 131.42 -16.34 -45.44
C GLU A 125 132.26 -16.58 -46.69
N LYS A 126 133.19 -15.66 -46.93
CA LYS A 126 134.06 -15.75 -48.08
C LYS A 126 135.50 -16.02 -47.61
N GLU A 127 136.38 -16.20 -48.57
CA GLU A 127 137.77 -16.46 -48.27
C GLU A 127 138.61 -16.45 -49.55
N SER A 128 139.56 -15.52 -49.60
CA SER A 128 140.43 -15.40 -50.75
C SER A 128 141.89 -15.54 -50.33
N GLY A 129 142.75 -15.72 -51.33
CA GLY A 129 144.17 -15.87 -51.07
C GLY A 129 144.96 -15.85 -52.38
N PRO A 130 145.64 -14.70 -52.62
CA PRO A 130 146.43 -14.56 -53.83
C PRO A 130 147.74 -15.34 -53.72
N SER A 131 148.67 -15.01 -54.61
CA SER A 131 149.96 -15.67 -54.62
C SER A 131 150.96 -14.85 -55.45
N SER A 132 152.21 -15.29 -55.41
CA SER A 132 153.26 -14.60 -56.14
C SER A 132 154.54 -15.45 -56.13
N GLY A 133 155.49 -15.04 -56.95
CA GLY A 133 156.76 -15.74 -57.05
C GLY A 133 157.19 -15.88 -58.52
N GLY A 1 -35.98 -10.33 2.72
CA GLY A 1 -34.61 -10.53 3.14
C GLY A 1 -34.52 -11.62 4.23
N SER A 2 -33.29 -11.89 4.66
CA SER A 2 -33.06 -12.89 5.67
C SER A 2 -31.70 -12.66 6.34
N SER A 3 -31.46 -13.41 7.41
CA SER A 3 -30.21 -13.29 8.14
C SER A 3 -30.03 -11.86 8.62
N GLY A 4 -30.35 -11.64 9.89
CA GLY A 4 -30.22 -10.33 10.48
C GLY A 4 -29.40 -10.39 11.77
N SER A 5 -28.69 -9.29 12.04
CA SER A 5 -27.85 -9.22 13.23
C SER A 5 -27.50 -7.75 13.52
N SER A 6 -26.87 -7.13 12.55
CA SER A 6 -26.46 -5.74 12.69
C SER A 6 -25.50 -5.59 13.87
N GLY A 7 -24.23 -5.43 13.54
CA GLY A 7 -23.20 -5.27 14.55
C GLY A 7 -21.83 -5.01 13.91
N GLU A 8 -20.80 -5.12 14.74
CA GLU A 8 -19.45 -4.91 14.27
C GLU A 8 -19.15 -5.82 13.07
N PRO A 9 -18.12 -5.39 12.28
CA PRO A 9 -17.72 -6.16 11.11
C PRO A 9 -16.95 -7.41 11.51
N GLU A 10 -17.69 -8.51 11.66
CA GLU A 10 -17.09 -9.77 12.04
C GLU A 10 -15.90 -10.10 11.12
N VAL A 11 -14.97 -10.86 11.67
CA VAL A 11 -13.78 -11.24 10.91
C VAL A 11 -14.04 -12.57 10.20
N THR A 12 -13.09 -12.95 9.36
CA THR A 12 -13.21 -14.19 8.62
C THR A 12 -11.87 -14.56 7.98
N VAL A 13 -11.72 -15.83 7.66
CA VAL A 13 -10.50 -16.33 7.05
C VAL A 13 -10.85 -17.07 5.76
N GLU A 14 -9.94 -16.98 4.80
CA GLU A 14 -10.13 -17.64 3.52
C GLU A 14 -8.94 -18.55 3.20
N ILE A 15 -9.25 -19.67 2.58
CA ILE A 15 -8.22 -20.64 2.21
C ILE A 15 -7.64 -20.26 0.85
N GLY A 16 -6.41 -20.72 0.62
CA GLY A 16 -5.73 -20.43 -0.63
C GLY A 16 -4.91 -19.14 -0.52
N GLU A 17 -5.33 -18.29 0.40
CA GLU A 17 -4.65 -17.03 0.61
C GLU A 17 -3.60 -17.16 1.71
N THR A 18 -2.70 -16.19 1.75
CA THR A 18 -1.64 -16.19 2.74
C THR A 18 -1.88 -15.08 3.78
N TYR A 19 -1.53 -15.39 5.01
CA TYR A 19 -1.70 -14.44 6.10
C TYR A 19 -0.46 -14.39 6.99
N LEU A 20 -0.36 -13.32 7.76
CA LEU A 20 0.77 -13.14 8.66
C LEU A 20 0.49 -13.86 9.98
N CYS A 21 1.24 -14.92 10.21
CA CYS A 21 1.08 -15.70 11.43
C CYS A 21 2.07 -15.17 12.47
N ARG A 22 1.54 -14.91 13.66
CA ARG A 22 2.35 -14.40 14.75
C ARG A 22 3.46 -15.40 15.10
N ARG A 23 4.58 -14.86 15.54
CA ARG A 23 5.71 -15.69 15.91
C ARG A 23 6.22 -15.32 17.31
N PRO A 24 6.93 -16.29 17.94
CA PRO A 24 7.45 -16.07 19.28
C PRO A 24 8.68 -15.15 19.24
N ASP A 25 9.49 -15.34 18.21
CA ASP A 25 10.69 -14.55 18.04
C ASP A 25 10.97 -14.35 16.55
N SER A 26 9.91 -14.47 15.77
CA SER A 26 10.01 -14.30 14.32
C SER A 26 8.97 -13.30 13.84
N THR A 27 8.72 -12.29 14.67
CA THR A 27 7.76 -11.26 14.33
C THR A 27 6.55 -11.88 13.63
N TRP A 28 6.08 -11.19 12.60
CA TRP A 28 4.93 -11.65 11.85
C TRP A 28 5.44 -12.28 10.55
N HIS A 29 5.24 -13.59 10.45
CA HIS A 29 5.67 -14.32 9.27
C HIS A 29 4.46 -14.76 8.45
N SER A 30 4.61 -14.70 7.14
CA SER A 30 3.53 -15.09 6.25
C SER A 30 3.39 -16.62 6.24
N ALA A 31 2.15 -17.07 6.12
CA ALA A 31 1.87 -18.49 6.10
C ALA A 31 0.58 -18.74 5.30
N GLU A 32 0.71 -19.58 4.29
CA GLU A 32 -0.42 -19.92 3.44
C GLU A 32 -1.42 -20.78 4.21
N VAL A 33 -2.69 -20.40 4.10
CA VAL A 33 -3.75 -21.12 4.78
C VAL A 33 -4.10 -22.38 3.97
N ILE A 34 -3.70 -23.52 4.49
CA ILE A 34 -3.97 -24.79 3.83
C ILE A 34 -5.47 -25.05 3.84
N GLN A 35 -6.02 -25.13 5.04
CA GLN A 35 -7.44 -25.38 5.20
C GLN A 35 -7.94 -24.80 6.53
N SER A 36 -9.19 -25.10 6.84
CA SER A 36 -9.80 -24.62 8.06
C SER A 36 -10.49 -25.77 8.79
N ARG A 37 -10.71 -25.56 10.08
CA ARG A 37 -11.37 -26.58 10.90
C ARG A 37 -11.92 -25.95 12.18
N VAL A 38 -12.69 -26.73 12.90
CA VAL A 38 -13.29 -26.26 14.14
C VAL A 38 -13.00 -27.28 15.26
N ASN A 39 -12.73 -26.74 16.44
CA ASN A 39 -12.43 -27.59 17.58
C ASN A 39 -13.70 -27.75 18.43
N ASP A 40 -14.14 -28.99 18.56
CA ASP A 40 -15.33 -29.29 19.33
C ASP A 40 -14.94 -29.49 20.80
N GLN A 41 -13.66 -29.74 21.01
CA GLN A 41 -13.14 -29.96 22.35
C GLN A 41 -12.81 -28.61 23.01
N GLU A 42 -11.95 -27.86 22.34
CA GLU A 42 -11.55 -26.55 22.85
C GLU A 42 -12.64 -25.52 22.59
N GLY A 43 -13.40 -25.76 21.53
CA GLY A 43 -14.48 -24.86 21.16
C GLY A 43 -13.93 -23.56 20.57
N ARG A 44 -13.16 -23.71 19.51
CA ARG A 44 -12.57 -22.57 18.84
C ARG A 44 -12.27 -22.89 17.38
N GLU A 45 -11.99 -21.85 16.62
CA GLU A 45 -11.69 -22.00 15.20
C GLU A 45 -10.18 -21.97 14.97
N GLU A 46 -9.73 -22.82 14.06
CA GLU A 46 -8.32 -22.90 13.74
C GLU A 46 -8.12 -22.92 12.22
N PHE A 47 -6.86 -22.73 11.82
CA PHE A 47 -6.54 -22.74 10.40
C PHE A 47 -5.11 -23.26 10.18
N TYR A 48 -5.02 -24.30 9.35
CA TYR A 48 -3.74 -24.89 9.05
C TYR A 48 -2.94 -24.02 8.07
N VAL A 49 -2.07 -23.20 8.64
CA VAL A 49 -1.26 -22.32 7.83
C VAL A 49 0.11 -22.96 7.60
N HIS A 50 0.67 -22.68 6.44
CA HIS A 50 1.98 -23.23 6.08
C HIS A 50 3.00 -22.10 6.00
N TYR A 51 4.05 -22.24 6.80
CA TYR A 51 5.11 -21.25 6.82
C TYR A 51 6.11 -21.48 5.69
N VAL A 52 5.93 -20.71 4.62
CA VAL A 52 6.81 -20.82 3.47
C VAL A 52 8.19 -20.26 3.82
N GLY A 53 8.20 -19.36 4.81
CA GLY A 53 9.44 -18.75 5.24
C GLY A 53 10.36 -19.78 5.89
N PHE A 54 9.78 -20.55 6.80
CA PHE A 54 10.54 -21.57 7.50
C PHE A 54 10.79 -22.79 6.60
N ASN A 55 9.79 -23.65 6.53
CA ASN A 55 9.89 -24.85 5.71
C ASN A 55 8.48 -25.45 5.53
N ARG A 56 8.47 -26.63 4.92
CA ARG A 56 7.21 -27.32 4.69
C ARG A 56 6.90 -28.27 5.84
N ARG A 57 7.95 -28.66 6.55
CA ARG A 57 7.79 -29.57 7.68
C ARG A 57 6.88 -28.95 8.73
N LEU A 58 6.75 -27.63 8.66
CA LEU A 58 5.91 -26.91 9.61
C LEU A 58 4.50 -27.49 9.58
N ASP A 59 3.62 -26.81 8.85
CA ASP A 59 2.25 -27.25 8.74
C ASP A 59 1.65 -27.41 10.13
N GLU A 60 0.95 -26.37 10.57
CA GLU A 60 0.33 -26.39 11.88
C GLU A 60 -0.93 -25.52 11.88
N TRP A 61 -1.78 -25.75 12.87
CA TRP A 61 -3.01 -25.00 13.01
C TRP A 61 -2.71 -23.73 13.81
N VAL A 62 -3.52 -22.71 13.56
CA VAL A 62 -3.35 -21.44 14.25
C VAL A 62 -4.73 -20.86 14.57
N ASP A 63 -4.70 -19.73 15.28
CA ASP A 63 -5.94 -19.07 15.65
C ASP A 63 -6.10 -17.80 14.83
N LYS A 64 -7.33 -17.30 14.78
CA LYS A 64 -7.64 -16.10 14.02
C LYS A 64 -6.82 -14.93 14.59
N ASN A 65 -6.58 -14.99 15.88
CA ASN A 65 -5.82 -13.95 16.56
C ASN A 65 -4.34 -14.06 16.15
N ARG A 66 -3.86 -15.29 16.13
CA ARG A 66 -2.49 -15.55 15.76
C ARG A 66 -2.18 -14.98 14.38
N LEU A 67 -3.25 -14.83 13.59
CA LEU A 67 -3.11 -14.29 12.25
C LEU A 67 -3.43 -12.79 12.27
N ALA A 68 -3.26 -12.17 11.12
CA ALA A 68 -3.52 -10.74 10.98
C ALA A 68 -4.78 -10.53 10.15
N LEU A 69 -5.86 -10.17 10.84
CA LEU A 69 -7.14 -9.94 10.18
C LEU A 69 -7.48 -8.45 10.27
N THR A 70 -7.20 -7.75 9.19
CA THR A 70 -7.49 -6.32 9.13
C THR A 70 -6.79 -5.60 10.29
N LYS A 71 -7.06 -4.30 10.37
CA LYS A 71 -6.48 -3.49 11.42
C LYS A 71 -6.93 -4.01 12.79
N THR A 72 -8.23 -4.23 12.90
CA THR A 72 -8.81 -4.73 14.13
C THR A 72 -7.82 -5.69 14.84
N VAL A 73 -7.13 -6.47 14.02
CA VAL A 73 -6.16 -7.42 14.54
C VAL A 73 -4.75 -6.93 14.21
N LYS A 74 -4.44 -6.97 12.92
CA LYS A 74 -3.13 -6.53 12.46
C LYS A 74 -3.21 -6.17 10.98
N ASP A 75 -2.70 -5.00 10.66
CA ASP A 75 -2.71 -4.52 9.28
C ASP A 75 -2.37 -5.68 8.35
N ALA A 76 -2.82 -5.54 7.10
CA ALA A 76 -2.56 -6.57 6.11
C ALA A 76 -1.08 -6.56 5.73
N VAL A 77 -0.59 -5.37 5.42
CA VAL A 77 0.80 -5.21 5.05
C VAL A 77 1.04 -5.88 3.69
N GLN A 78 0.86 -7.19 3.67
CA GLN A 78 1.06 -7.95 2.45
C GLN A 78 0.52 -7.18 1.25
N LYS A 79 -0.78 -6.92 1.28
CA LYS A 79 -1.42 -6.19 0.21
C LYS A 79 -1.46 -4.70 0.55
N ASN A 80 -1.65 -3.88 -0.47
CA ASN A 80 -1.70 -2.44 -0.28
C ASN A 80 -3.12 -1.95 -0.55
N SER A 81 -3.83 -1.67 0.53
CA SER A 81 -5.19 -1.19 0.44
C SER A 81 -5.60 -0.49 1.74
N GLU A 82 -5.88 0.80 1.62
CA GLU A 82 -6.28 1.59 2.77
C GLU A 82 -6.91 2.91 2.32
N LYS A 83 -8.13 2.79 1.82
CA LYS A 83 -8.86 3.97 1.35
C LYS A 83 -10.28 3.56 0.99
N TYR A 84 -11.23 4.05 1.79
CA TYR A 84 -12.63 3.74 1.58
C TYR A 84 -13.53 4.68 2.38
N LEU A 85 -14.78 4.74 1.98
CA LEU A 85 -15.74 5.60 2.66
C LEU A 85 -15.08 6.92 3.01
N SER A 86 -15.07 7.83 2.05
CA SER A 86 -14.47 9.13 2.25
C SER A 86 -15.57 10.20 2.41
N GLU A 87 -16.11 10.26 3.62
CA GLU A 87 -17.15 11.22 3.92
C GLU A 87 -17.53 11.16 5.40
N LEU A 88 -17.92 12.31 5.92
CA LEU A 88 -18.31 12.40 7.32
C LEU A 88 -18.67 13.85 7.65
N ALA A 89 -19.55 14.00 8.63
CA ALA A 89 -19.99 15.32 9.05
C ALA A 89 -21.10 15.18 10.09
N GLU A 90 -21.50 16.32 10.64
CA GLU A 90 -22.55 16.33 11.65
C GLU A 90 -23.90 16.01 11.00
N GLN A 91 -24.11 14.72 10.77
CA GLN A 91 -25.35 14.26 10.17
C GLN A 91 -26.55 14.91 10.86
N PRO A 92 -27.70 14.94 10.13
CA PRO A 92 -28.92 15.52 10.67
C PRO A 92 -29.55 14.60 11.70
N GLU A 93 -29.67 15.12 12.92
CA GLU A 93 -30.25 14.36 14.00
C GLU A 93 -30.98 15.30 14.98
N ARG A 94 -32.16 15.73 14.57
CA ARG A 94 -32.96 16.63 15.39
C ARG A 94 -34.28 16.95 14.70
N LYS A 95 -35.31 17.14 15.51
CA LYS A 95 -36.62 17.47 14.99
C LYS A 95 -36.77 18.99 14.90
N ILE A 96 -37.02 19.46 13.70
CA ILE A 96 -37.19 20.88 13.46
C ILE A 96 -38.12 21.46 14.54
N THR A 97 -38.16 22.79 14.59
CA THR A 97 -38.99 23.47 15.56
C THR A 97 -39.92 24.48 14.86
N ARG A 98 -40.94 23.94 14.21
CA ARG A 98 -41.89 24.76 13.49
C ARG A 98 -42.88 25.40 14.47
N ASN A 99 -42.49 26.55 15.01
CA ASN A 99 -43.33 27.26 15.96
C ASN A 99 -44.15 28.32 15.21
N GLN A 100 -45.44 28.34 15.51
CA GLN A 100 -46.33 29.29 14.89
C GLN A 100 -46.79 30.35 15.90
N LYS A 101 -46.78 31.59 15.45
CA LYS A 101 -47.19 32.69 16.30
C LYS A 101 -48.59 33.15 15.91
N ARG A 102 -49.47 33.21 16.91
CA ARG A 102 -50.84 33.63 16.68
C ARG A 102 -51.11 34.96 17.36
N LYS A 103 -51.90 35.78 16.69
CA LYS A 103 -52.25 37.09 17.22
C LYS A 103 -53.71 37.09 17.69
N HIS A 104 -54.04 38.09 18.49
CA HIS A 104 -55.39 38.21 19.01
C HIS A 104 -55.73 39.69 19.22
N ASP A 105 -57.02 39.97 19.14
CA ASP A 105 -57.50 41.34 19.31
C ASP A 105 -58.90 41.32 19.90
N GLU A 106 -59.24 42.39 20.59
CA GLU A 106 -60.55 42.51 21.20
C GLU A 106 -61.50 43.29 20.30
N ILE A 107 -62.68 42.72 20.12
CA ILE A 107 -63.69 43.34 19.27
C ILE A 107 -64.15 44.64 19.92
N ASN A 108 -64.79 45.48 19.10
CA ASN A 108 -65.29 46.75 19.58
C ASN A 108 -66.58 47.10 18.83
N HIS A 109 -67.44 47.84 19.52
CA HIS A 109 -68.71 48.25 18.94
C HIS A 109 -68.96 49.72 19.24
N VAL A 110 -69.06 50.51 18.16
CA VAL A 110 -69.29 51.93 18.30
C VAL A 110 -70.35 52.17 19.37
N GLN A 111 -70.36 53.39 19.88
CA GLN A 111 -71.31 53.77 20.92
C GLN A 111 -72.06 55.04 20.52
N LYS A 112 -73.18 55.26 21.19
CA LYS A 112 -74.00 56.43 20.91
C LYS A 112 -75.16 56.49 21.91
N THR A 113 -75.73 57.67 22.03
CA THR A 113 -76.85 57.87 22.95
C THR A 113 -77.92 58.74 22.29
N TYR A 114 -79.15 58.53 22.74
CA TYR A 114 -80.27 59.29 22.20
C TYR A 114 -81.55 59.00 22.99
N ALA A 115 -82.20 60.06 23.42
CA ALA A 115 -83.44 59.92 24.18
C ALA A 115 -83.95 61.31 24.57
N GLU A 116 -85.20 61.57 24.23
CA GLU A 116 -85.82 62.85 24.54
C GLU A 116 -87.29 62.85 24.09
N MET A 117 -88.17 62.91 25.07
CA MET A 117 -89.60 62.93 24.79
C MET A 117 -90.21 64.29 25.13
N ASP A 118 -91.46 64.45 24.73
CA ASP A 118 -92.16 65.69 24.98
C ASP A 118 -93.03 65.54 26.23
N PRO A 119 -93.10 66.65 27.02
CA PRO A 119 -93.88 66.64 28.25
C PRO A 119 -95.38 66.72 27.94
N THR A 120 -95.76 67.77 27.23
CA THR A 120 -97.14 67.97 26.88
C THR A 120 -97.27 69.04 25.78
N THR A 121 -98.45 69.08 25.18
CA THR A 121 -98.71 70.05 24.12
C THR A 121 -100.21 70.26 23.96
N ALA A 122 -100.56 71.47 23.51
CA ALA A 122 -101.95 71.81 23.30
C ALA A 122 -102.03 73.20 22.65
N ALA A 123 -103.26 73.58 22.31
CA ALA A 123 -103.49 74.86 21.67
C ALA A 123 -104.48 75.67 22.50
N LEU A 124 -104.79 76.86 22.02
CA LEU A 124 -105.73 77.73 22.70
C LEU A 124 -107.03 77.83 21.88
N GLU A 125 -107.24 79.00 21.31
CA GLU A 125 -108.43 79.23 20.51
C GLU A 125 -108.41 80.65 19.92
N LYS A 126 -108.49 80.71 18.61
CA LYS A 126 -108.48 81.99 17.92
C LYS A 126 -109.86 82.25 17.31
N GLU A 127 -110.60 83.12 17.95
CA GLU A 127 -111.94 83.46 17.49
C GLU A 127 -112.31 84.89 17.92
N SER A 128 -113.35 85.41 17.29
CA SER A 128 -113.82 86.75 17.60
C SER A 128 -115.29 86.89 17.22
N GLY A 129 -115.88 88.00 17.66
CA GLY A 129 -117.27 88.28 17.35
C GLY A 129 -117.62 89.73 17.65
N PRO A 130 -117.64 90.55 16.56
CA PRO A 130 -117.95 91.96 16.69
C PRO A 130 -119.45 92.18 16.92
N SER A 131 -119.83 93.45 16.99
CA SER A 131 -121.22 93.79 17.20
C SER A 131 -121.65 94.86 16.19
N SER A 132 -122.94 95.15 16.20
CA SER A 132 -123.50 96.13 15.29
C SER A 132 -124.32 97.16 16.08
N GLY A 133 -124.79 98.16 15.35
CA GLY A 133 -125.59 99.22 15.96
C GLY A 133 -126.96 98.69 16.40
N GLY A 1 -40.77 -7.93 -2.69
CA GLY A 1 -39.34 -7.70 -2.51
C GLY A 1 -38.68 -8.90 -1.83
N SER A 2 -37.60 -8.62 -1.12
CA SER A 2 -36.86 -9.67 -0.42
C SER A 2 -36.66 -9.26 1.04
N SER A 3 -37.25 -10.05 1.92
CA SER A 3 -37.14 -9.81 3.35
C SER A 3 -35.95 -10.58 3.93
N GLY A 4 -35.32 -9.98 4.93
CA GLY A 4 -34.18 -10.59 5.58
C GLY A 4 -32.91 -9.77 5.35
N SER A 5 -32.28 -9.41 6.45
CA SER A 5 -31.05 -8.62 6.39
C SER A 5 -29.84 -9.53 6.60
N SER A 6 -29.08 -9.72 5.52
CA SER A 6 -27.90 -10.55 5.58
C SER A 6 -26.82 -9.88 6.43
N GLY A 7 -26.35 -10.61 7.43
CA GLY A 7 -25.32 -10.10 8.32
C GLY A 7 -23.94 -10.66 7.95
N GLU A 8 -22.94 -10.22 8.69
CA GLU A 8 -21.58 -10.67 8.45
C GLU A 8 -20.66 -10.17 9.57
N PRO A 9 -19.58 -10.97 9.83
CA PRO A 9 -18.61 -10.62 10.85
C PRO A 9 -17.71 -9.47 10.39
N GLU A 10 -16.81 -9.07 11.28
CA GLU A 10 -15.88 -8.00 10.97
C GLU A 10 -14.90 -8.43 9.89
N VAL A 11 -14.22 -9.54 10.16
CA VAL A 11 -13.25 -10.07 9.21
C VAL A 11 -13.57 -11.55 8.94
N THR A 12 -12.79 -12.13 8.04
CA THR A 12 -12.97 -13.53 7.68
C THR A 12 -11.67 -14.11 7.15
N VAL A 13 -11.55 -15.43 7.28
CA VAL A 13 -10.36 -16.13 6.82
C VAL A 13 -10.74 -17.05 5.67
N GLU A 14 -9.93 -17.02 4.63
CA GLU A 14 -10.16 -17.85 3.45
C GLU A 14 -8.93 -18.70 3.15
N ILE A 15 -9.18 -19.82 2.47
CA ILE A 15 -8.10 -20.72 2.12
C ILE A 15 -7.52 -20.31 0.76
N GLY A 16 -6.30 -20.76 0.51
CA GLY A 16 -5.63 -20.46 -0.73
C GLY A 16 -4.82 -19.16 -0.62
N GLU A 17 -5.30 -18.27 0.25
CA GLU A 17 -4.64 -17.00 0.47
C GLU A 17 -3.61 -17.12 1.59
N THR A 18 -2.71 -16.15 1.65
CA THR A 18 -1.68 -16.14 2.66
C THR A 18 -1.93 -15.03 3.67
N TYR A 19 -1.62 -15.33 4.93
CA TYR A 19 -1.81 -14.37 6.00
C TYR A 19 -0.59 -14.32 6.91
N LEU A 20 -0.53 -13.25 7.71
CA LEU A 20 0.58 -13.07 8.62
C LEU A 20 0.29 -13.81 9.93
N CYS A 21 1.13 -14.77 10.24
CA CYS A 21 0.97 -15.56 11.45
C CYS A 21 1.98 -15.05 12.48
N ARG A 22 1.57 -15.11 13.74
CA ARG A 22 2.43 -14.67 14.83
C ARG A 22 3.62 -15.62 14.98
N ARG A 23 4.75 -15.04 15.37
CA ARG A 23 5.97 -15.82 15.55
C ARG A 23 6.65 -15.43 16.86
N PRO A 24 7.46 -16.39 17.39
CA PRO A 24 8.18 -16.16 18.64
C PRO A 24 9.36 -15.22 18.42
N ASP A 25 9.23 -14.01 18.95
CA ASP A 25 10.28 -13.02 18.82
C ASP A 25 10.78 -12.99 17.38
N SER A 26 9.89 -13.36 16.47
CA SER A 26 10.22 -13.39 15.06
C SER A 26 9.19 -12.58 14.27
N THR A 27 8.67 -11.55 14.91
CA THR A 27 7.68 -10.69 14.28
C THR A 27 6.58 -11.53 13.65
N TRP A 28 6.15 -11.11 12.47
CA TRP A 28 5.09 -11.81 11.75
C TRP A 28 5.69 -12.33 10.44
N HIS A 29 5.30 -13.55 10.10
CA HIS A 29 5.79 -14.18 8.88
C HIS A 29 4.60 -14.59 8.01
N SER A 30 4.88 -14.78 6.73
CA SER A 30 3.85 -15.17 5.78
C SER A 30 3.58 -16.67 5.89
N ALA A 31 2.31 -17.01 5.96
CA ALA A 31 1.91 -18.40 6.07
C ALA A 31 0.66 -18.64 5.22
N GLU A 32 0.76 -19.59 4.31
CA GLU A 32 -0.34 -19.92 3.43
C GLU A 32 -1.39 -20.74 4.19
N VAL A 33 -2.65 -20.39 3.97
CA VAL A 33 -3.74 -21.08 4.62
C VAL A 33 -4.05 -22.38 3.86
N ILE A 34 -3.65 -23.49 4.46
CA ILE A 34 -3.88 -24.79 3.85
C ILE A 34 -5.37 -25.09 3.85
N GLN A 35 -5.95 -25.08 5.04
CA GLN A 35 -7.37 -25.36 5.19
C GLN A 35 -7.89 -24.76 6.49
N SER A 36 -9.14 -25.08 6.80
CA SER A 36 -9.77 -24.58 8.00
C SER A 36 -10.45 -25.73 8.75
N ARG A 37 -10.61 -25.53 10.05
CA ARG A 37 -11.23 -26.53 10.90
C ARG A 37 -11.82 -25.88 12.16
N VAL A 38 -12.54 -26.69 12.92
CA VAL A 38 -13.15 -26.20 14.15
C VAL A 38 -12.83 -27.19 15.28
N ASN A 39 -12.69 -26.62 16.47
CA ASN A 39 -12.39 -27.42 17.65
C ASN A 39 -13.63 -27.52 18.53
N ASP A 40 -14.15 -28.75 18.64
CA ASP A 40 -15.33 -28.99 19.44
C ASP A 40 -14.94 -29.06 20.93
N GLN A 41 -13.74 -29.60 21.16
CA GLN A 41 -13.24 -29.73 22.51
C GLN A 41 -13.09 -28.36 23.16
N GLU A 42 -12.28 -27.53 22.52
CA GLU A 42 -12.04 -26.19 23.03
C GLU A 42 -13.23 -25.28 22.70
N GLY A 43 -13.72 -25.41 21.47
CA GLY A 43 -14.84 -24.61 21.02
C GLY A 43 -14.36 -23.33 20.35
N ARG A 44 -13.41 -23.48 19.45
CA ARG A 44 -12.86 -22.34 18.73
C ARG A 44 -12.49 -22.75 17.30
N GLU A 45 -12.25 -21.74 16.48
CA GLU A 45 -11.88 -21.97 15.09
C GLU A 45 -10.36 -22.01 14.95
N GLU A 46 -9.92 -22.56 13.83
CA GLU A 46 -8.50 -22.67 13.55
C GLU A 46 -8.25 -22.76 12.04
N PHE A 47 -7.00 -22.55 11.67
CA PHE A 47 -6.63 -22.60 10.26
C PHE A 47 -5.20 -23.12 10.10
N TYR A 48 -5.08 -24.19 9.32
CA TYR A 48 -3.78 -24.79 9.07
C TYR A 48 -2.94 -23.93 8.13
N VAL A 49 -2.13 -23.08 8.74
CA VAL A 49 -1.26 -22.19 7.97
C VAL A 49 0.13 -22.82 7.84
N HIS A 50 0.63 -22.83 6.62
CA HIS A 50 1.94 -23.40 6.35
C HIS A 50 2.96 -22.27 6.19
N TYR A 51 3.99 -22.35 7.01
CA TYR A 51 5.05 -21.34 6.98
C TYR A 51 6.01 -21.60 5.81
N VAL A 52 5.68 -20.99 4.68
CA VAL A 52 6.50 -21.13 3.48
C VAL A 52 7.87 -20.49 3.73
N GLY A 53 7.95 -19.76 4.83
CA GLY A 53 9.19 -19.08 5.19
C GLY A 53 10.06 -19.97 6.07
N PHE A 54 9.42 -20.96 6.68
CA PHE A 54 10.12 -21.88 7.55
C PHE A 54 9.98 -23.32 7.05
N ASN A 55 10.44 -24.26 7.87
CA ASN A 55 10.37 -25.67 7.54
C ASN A 55 8.91 -26.06 7.31
N ARG A 56 8.70 -27.36 7.16
CA ARG A 56 7.35 -27.88 6.94
C ARG A 56 6.72 -28.29 8.28
N ARG A 57 7.57 -28.42 9.28
CA ARG A 57 7.11 -28.80 10.61
C ARG A 57 6.41 -27.62 11.28
N LEU A 58 6.87 -26.43 10.95
CA LEU A 58 6.29 -25.21 11.52
C LEU A 58 4.78 -25.22 11.29
N ASP A 59 4.40 -25.66 10.10
CA ASP A 59 2.99 -25.72 9.74
C ASP A 59 2.20 -26.28 10.92
N GLU A 60 1.27 -25.47 11.42
CA GLU A 60 0.44 -25.88 12.53
C GLU A 60 -0.90 -25.15 12.49
N TRP A 61 -1.88 -25.72 13.18
CA TRP A 61 -3.21 -25.14 13.22
C TRP A 61 -3.13 -23.87 14.07
N VAL A 62 -3.38 -22.74 13.41
CA VAL A 62 -3.34 -21.45 14.08
C VAL A 62 -4.77 -20.93 14.25
N ASP A 63 -4.91 -19.97 15.15
CA ASP A 63 -6.21 -19.37 15.41
C ASP A 63 -6.25 -17.96 14.83
N LYS A 64 -7.46 -17.47 14.61
CA LYS A 64 -7.65 -16.14 14.07
C LYS A 64 -6.80 -15.14 14.86
N ASN A 65 -6.54 -15.50 16.11
CA ASN A 65 -5.75 -14.64 16.98
C ASN A 65 -4.29 -14.68 16.53
N ARG A 66 -3.81 -15.88 16.28
CA ARG A 66 -2.44 -16.06 15.85
C ARG A 66 -2.23 -15.43 14.47
N LEU A 67 -3.34 -15.25 13.77
CA LEU A 67 -3.29 -14.65 12.44
C LEU A 67 -3.47 -13.14 12.56
N ALA A 68 -3.34 -12.46 11.42
CA ALA A 68 -3.48 -11.02 11.39
C ALA A 68 -4.62 -10.65 10.44
N LEU A 69 -5.72 -10.23 11.03
CA LEU A 69 -6.88 -9.84 10.25
C LEU A 69 -7.12 -8.33 10.40
N THR A 70 -6.67 -7.60 9.40
CA THR A 70 -6.83 -6.15 9.41
C THR A 70 -5.87 -5.52 10.42
N LYS A 71 -5.62 -4.23 10.23
CA LYS A 71 -4.74 -3.49 11.11
C LYS A 71 -5.41 -3.30 12.47
N THR A 72 -5.38 -4.36 13.27
CA THR A 72 -5.98 -4.32 14.59
C THR A 72 -5.32 -5.35 15.51
N VAL A 73 -5.25 -6.59 15.01
CA VAL A 73 -4.66 -7.66 15.77
C VAL A 73 -3.15 -7.43 15.88
N LYS A 74 -2.46 -7.70 14.79
CA LYS A 74 -1.02 -7.53 14.74
C LYS A 74 -0.68 -6.07 15.06
N ASP A 75 0.57 -5.86 15.46
CA ASP A 75 1.03 -4.53 15.80
C ASP A 75 1.69 -3.90 14.57
N ALA A 76 2.82 -4.47 14.19
CA ALA A 76 3.56 -3.98 13.04
C ALA A 76 4.38 -2.74 13.45
N VAL A 77 3.67 -1.66 13.71
CA VAL A 77 4.32 -0.42 14.10
C VAL A 77 4.83 -0.56 15.54
N GLN A 78 5.72 -1.53 15.72
CA GLN A 78 6.29 -1.78 17.03
C GLN A 78 7.32 -2.90 16.96
N LYS A 79 8.46 -2.59 16.34
CA LYS A 79 9.53 -3.56 16.20
C LYS A 79 10.70 -3.16 17.09
N ASN A 80 11.53 -4.15 17.39
CA ASN A 80 12.70 -3.91 18.23
C ASN A 80 13.96 -4.31 17.47
N SER A 81 13.94 -5.53 16.95
CA SER A 81 15.07 -6.04 16.20
C SER A 81 16.23 -6.35 17.14
N GLU A 82 16.71 -5.30 17.80
CA GLU A 82 17.81 -5.44 18.74
C GLU A 82 18.10 -4.09 19.42
N LYS A 83 18.75 -4.18 20.57
CA LYS A 83 19.09 -3.00 21.33
C LYS A 83 19.90 -2.04 20.45
N TYR A 84 19.74 -0.75 20.74
CA TYR A 84 20.44 0.27 19.97
C TYR A 84 20.27 1.64 20.63
N LEU A 85 21.24 2.51 20.36
CA LEU A 85 21.21 3.86 20.91
C LEU A 85 21.33 3.77 22.43
N SER A 86 20.23 3.40 23.06
CA SER A 86 20.19 3.29 24.51
C SER A 86 19.15 2.24 24.92
N GLU A 87 19.62 1.24 25.66
CA GLU A 87 18.73 0.19 26.13
C GLU A 87 19.48 -0.71 27.12
N LEU A 88 18.69 -1.45 27.90
CA LEU A 88 19.26 -2.36 28.88
C LEU A 88 20.46 -3.09 28.26
N ALA A 89 21.30 -3.63 29.14
CA ALA A 89 22.46 -4.37 28.70
C ALA A 89 23.16 -4.99 29.91
N GLU A 90 24.35 -5.52 29.67
CA GLU A 90 25.12 -6.15 30.72
C GLU A 90 26.31 -5.27 31.11
N GLN A 91 27.25 -5.87 31.82
CA GLN A 91 28.43 -5.16 32.26
C GLN A 91 29.68 -6.04 32.10
N PRO A 92 30.85 -5.37 32.03
CA PRO A 92 32.11 -6.08 31.88
C PRO A 92 32.53 -6.74 33.19
N GLU A 93 33.00 -7.97 33.08
CA GLU A 93 33.43 -8.71 34.25
C GLU A 93 34.85 -8.31 34.65
N ARG A 94 35.20 -8.62 35.89
CA ARG A 94 36.52 -8.30 36.39
C ARG A 94 37.48 -9.47 36.17
N LYS A 95 38.77 -9.17 36.34
CA LYS A 95 39.79 -10.18 36.16
C LYS A 95 40.49 -10.43 37.49
N ILE A 96 40.90 -11.68 37.69
CA ILE A 96 41.58 -12.06 38.92
C ILE A 96 42.87 -11.24 39.06
N THR A 97 43.47 -11.36 40.24
CA THR A 97 44.70 -10.64 40.51
C THR A 97 45.77 -11.60 41.07
N ARG A 98 47.02 -11.23 40.84
CA ARG A 98 48.13 -12.04 41.30
C ARG A 98 48.90 -11.31 42.40
N ASN A 99 49.67 -12.08 43.15
CA ASN A 99 50.46 -11.51 44.24
C ASN A 99 51.93 -11.91 44.07
N GLN A 100 52.78 -11.26 44.84
CA GLN A 100 54.20 -11.54 44.78
C GLN A 100 54.75 -11.82 46.18
N LYS A 101 55.99 -12.27 46.22
CA LYS A 101 56.64 -12.58 47.49
C LYS A 101 57.94 -11.79 47.60
N ARG A 102 58.59 -11.93 48.75
CA ARG A 102 59.84 -11.24 48.99
C ARG A 102 60.81 -12.14 49.75
N LYS A 103 62.09 -11.88 49.57
CA LYS A 103 63.12 -12.66 50.23
C LYS A 103 64.10 -11.72 50.93
N HIS A 104 64.86 -12.28 51.86
CA HIS A 104 65.83 -11.50 52.60
C HIS A 104 67.22 -12.12 52.44
N ASP A 105 68.22 -11.43 52.99
CA ASP A 105 69.59 -11.91 52.91
C ASP A 105 70.23 -11.80 54.29
N GLU A 106 70.79 -12.92 54.74
CA GLU A 106 71.45 -12.95 56.04
C GLU A 106 72.30 -11.70 56.25
N ILE A 107 72.18 -11.14 57.44
CA ILE A 107 72.94 -9.93 57.77
C ILE A 107 74.42 -10.28 57.83
N ASN A 108 75.23 -9.24 57.92
CA ASN A 108 76.67 -9.40 57.99
C ASN A 108 77.33 -8.07 58.35
N HIS A 109 78.49 -8.17 59.00
CA HIS A 109 79.22 -6.99 59.41
C HIS A 109 80.64 -7.38 59.81
N VAL A 110 81.59 -6.61 59.31
CA VAL A 110 82.99 -6.87 59.61
C VAL A 110 83.55 -5.71 60.44
N GLN A 111 84.66 -5.98 61.11
CA GLN A 111 85.30 -4.97 61.94
C GLN A 111 86.83 -5.13 61.88
N LYS A 112 87.48 -4.06 61.46
CA LYS A 112 88.93 -4.07 61.36
C LYS A 112 89.52 -4.71 62.63
N THR A 113 90.81 -5.01 62.54
CA THR A 113 91.51 -5.63 63.65
C THR A 113 92.60 -4.71 64.18
N TYR A 114 93.51 -5.29 64.95
CA TYR A 114 94.62 -4.54 65.51
C TYR A 114 95.71 -5.47 66.04
N ALA A 115 96.82 -4.86 66.45
CA ALA A 115 97.94 -5.62 66.98
C ALA A 115 99.04 -4.66 67.42
N GLU A 116 100.08 -5.24 68.02
CA GLU A 116 101.20 -4.44 68.48
C GLU A 116 102.39 -4.57 67.52
N MET A 117 102.85 -3.42 67.05
CA MET A 117 103.97 -3.40 66.12
C MET A 117 105.24 -2.87 66.81
N ASP A 118 106.09 -3.81 67.21
CA ASP A 118 107.33 -3.45 67.87
C ASP A 118 108.03 -4.73 68.35
N PRO A 119 109.30 -4.90 67.88
CA PRO A 119 110.09 -6.06 68.26
C PRO A 119 110.59 -5.95 69.70
N THR A 120 111.39 -4.92 69.93
CA THR A 120 111.95 -4.69 71.26
C THR A 120 112.07 -3.19 71.53
N THR A 121 112.76 -2.87 72.61
CA THR A 121 112.96 -1.48 72.99
C THR A 121 114.08 -1.37 74.03
N ALA A 122 114.68 -0.19 74.07
CA ALA A 122 115.76 0.06 75.01
C ALA A 122 116.22 1.51 74.88
N ALA A 123 117.11 1.91 75.78
CA ALA A 123 117.63 3.26 75.78
C ALA A 123 119.03 3.26 75.16
N LEU A 124 119.65 4.44 75.19
CA LEU A 124 120.99 4.58 74.64
C LEU A 124 122.01 4.22 75.72
N GLU A 125 122.72 5.23 76.19
CA GLU A 125 123.73 5.03 77.21
C GLU A 125 124.40 6.36 77.57
N LYS A 126 124.45 6.63 78.87
CA LYS A 126 125.05 7.86 79.35
C LYS A 126 126.58 7.69 79.38
N GLU A 127 127.27 8.82 79.21
CA GLU A 127 128.72 8.81 79.21
C GLU A 127 129.26 10.17 79.66
N SER A 128 130.42 10.14 80.28
CA SER A 128 131.05 11.35 80.76
C SER A 128 132.50 11.08 81.15
N GLY A 129 133.30 12.13 81.12
CA GLY A 129 134.71 12.02 81.46
C GLY A 129 135.45 13.33 81.21
N PRO A 130 135.76 14.04 82.33
CA PRO A 130 136.47 15.30 82.25
C PRO A 130 137.94 15.09 81.93
N SER A 131 138.69 16.19 81.96
CA SER A 131 140.12 16.14 81.68
C SER A 131 140.87 17.05 82.64
N SER A 132 142.19 16.92 82.62
CA SER A 132 143.04 17.72 83.48
C SER A 132 144.51 17.52 83.10
N GLY A 133 145.11 18.59 82.61
CA GLY A 133 146.51 18.54 82.21
C GLY A 133 147.22 19.86 82.52
N GLY A 1 -29.77 4.73 11.92
CA GLY A 1 -28.68 3.77 11.97
C GLY A 1 -27.38 4.40 11.48
N SER A 2 -26.26 3.84 11.95
CA SER A 2 -24.95 4.33 11.56
C SER A 2 -24.17 3.22 10.86
N SER A 3 -24.42 3.08 9.56
CA SER A 3 -23.75 2.08 8.78
C SER A 3 -23.73 0.74 9.53
N GLY A 4 -24.73 -0.08 9.25
CA GLY A 4 -24.84 -1.37 9.89
C GLY A 4 -24.73 -1.24 11.42
N SER A 5 -25.87 -0.99 12.03
CA SER A 5 -25.93 -0.83 13.48
C SER A 5 -26.02 -2.21 14.15
N SER A 6 -24.86 -2.82 14.34
CA SER A 6 -24.78 -4.12 14.96
C SER A 6 -23.91 -4.07 16.22
N GLY A 7 -22.67 -3.64 16.01
CA GLY A 7 -21.73 -3.53 17.11
C GLY A 7 -20.32 -3.93 16.67
N GLU A 8 -19.66 -4.69 17.53
CA GLU A 8 -18.31 -5.15 17.23
C GLU A 8 -18.18 -5.52 15.75
N PRO A 9 -16.93 -5.40 15.24
CA PRO A 9 -16.66 -5.71 13.85
C PRO A 9 -16.65 -7.22 13.62
N GLU A 10 -16.69 -7.59 12.34
CA GLU A 10 -16.68 -9.00 11.98
C GLU A 10 -15.41 -9.33 11.20
N VAL A 11 -14.88 -10.53 11.46
CA VAL A 11 -13.67 -10.98 10.79
C VAL A 11 -13.99 -12.26 10.01
N THR A 12 -13.00 -12.68 9.23
CA THR A 12 -13.15 -13.88 8.42
C THR A 12 -11.81 -14.30 7.83
N VAL A 13 -11.69 -15.59 7.55
CA VAL A 13 -10.47 -16.12 6.98
C VAL A 13 -10.78 -16.80 5.64
N GLU A 14 -9.83 -16.67 4.72
CA GLU A 14 -10.00 -17.26 3.41
C GLU A 14 -8.86 -18.23 3.11
N ILE A 15 -9.22 -19.37 2.55
CA ILE A 15 -8.23 -20.38 2.21
C ILE A 15 -7.61 -20.05 0.86
N GLY A 16 -6.43 -20.60 0.64
CA GLY A 16 -5.71 -20.37 -0.61
C GLY A 16 -4.82 -19.13 -0.51
N GLU A 17 -5.27 -18.18 0.30
CA GLU A 17 -4.53 -16.94 0.49
C GLU A 17 -3.51 -17.10 1.63
N THR A 18 -2.56 -16.17 1.66
CA THR A 18 -1.53 -16.21 2.67
C THR A 18 -1.76 -15.10 3.71
N TYR A 19 -1.53 -15.45 4.96
CA TYR A 19 -1.71 -14.50 6.05
C TYR A 19 -0.48 -14.48 6.97
N LEU A 20 -0.36 -13.39 7.71
CA LEU A 20 0.75 -13.22 8.63
C LEU A 20 0.42 -13.91 9.95
N CYS A 21 1.15 -14.98 10.23
CA CYS A 21 0.94 -15.74 11.45
C CYS A 21 1.95 -15.26 12.50
N ARG A 22 1.42 -14.70 13.57
CA ARG A 22 2.26 -14.19 14.64
C ARG A 22 3.12 -15.32 15.22
N ARG A 23 4.42 -15.17 15.02
CA ARG A 23 5.36 -16.18 15.52
C ARG A 23 6.28 -15.56 16.58
N PRO A 24 6.30 -16.21 17.78
CA PRO A 24 7.13 -15.73 18.87
C PRO A 24 8.60 -16.06 18.62
N ASP A 25 9.14 -15.45 17.58
CA ASP A 25 10.54 -15.67 17.23
C ASP A 25 11.21 -14.32 16.97
N SER A 26 10.54 -13.51 16.18
CA SER A 26 11.06 -12.19 15.84
C SER A 26 9.90 -11.22 15.60
N THR A 27 8.94 -11.68 14.80
CA THR A 27 7.79 -10.87 14.47
C THR A 27 6.75 -11.68 13.70
N TRP A 28 6.03 -11.01 12.82
CA TRP A 28 5.02 -11.67 12.02
C TRP A 28 5.72 -12.45 10.92
N HIS A 29 5.12 -13.58 10.56
CA HIS A 29 5.66 -14.43 9.52
C HIS A 29 4.55 -14.91 8.60
N SER A 30 4.80 -14.79 7.31
CA SER A 30 3.82 -15.22 6.32
C SER A 30 3.55 -16.71 6.45
N ALA A 31 2.36 -17.11 6.00
CA ALA A 31 1.97 -18.51 6.07
C ALA A 31 0.70 -18.71 5.26
N GLU A 32 0.77 -19.64 4.32
CA GLU A 32 -0.36 -19.95 3.46
C GLU A 32 -1.40 -20.77 4.23
N VAL A 33 -2.65 -20.35 4.10
CA VAL A 33 -3.74 -21.04 4.78
C VAL A 33 -4.17 -22.24 3.94
N ILE A 34 -3.79 -23.42 4.41
CA ILE A 34 -4.13 -24.65 3.72
C ILE A 34 -5.64 -24.86 3.76
N GLN A 35 -6.16 -24.92 4.99
CA GLN A 35 -7.59 -25.12 5.18
C GLN A 35 -8.00 -24.62 6.56
N SER A 36 -9.24 -24.91 6.93
CA SER A 36 -9.77 -24.50 8.21
C SER A 36 -10.47 -25.68 8.88
N ARG A 37 -10.66 -25.55 10.19
CA ARG A 37 -11.32 -26.59 10.97
C ARG A 37 -11.91 -26.01 12.25
N VAL A 38 -12.66 -26.84 12.95
CA VAL A 38 -13.28 -26.42 14.19
C VAL A 38 -12.96 -27.44 15.29
N ASN A 39 -12.74 -26.92 16.49
CA ASN A 39 -12.42 -27.76 17.63
C ASN A 39 -13.61 -27.78 18.59
N ASP A 40 -14.24 -28.94 18.68
CA ASP A 40 -15.39 -29.11 19.56
C ASP A 40 -14.90 -29.19 21.01
N GLN A 41 -13.82 -29.92 21.20
CA GLN A 41 -13.25 -30.09 22.52
C GLN A 41 -12.97 -28.72 23.16
N GLU A 42 -12.14 -27.95 22.49
CA GLU A 42 -11.78 -26.63 22.96
C GLU A 42 -12.90 -25.63 22.66
N GLY A 43 -13.57 -25.86 21.54
CA GLY A 43 -14.67 -25.00 21.14
C GLY A 43 -14.14 -23.71 20.50
N ARG A 44 -13.19 -23.88 19.60
CA ARG A 44 -12.59 -22.73 18.91
C ARG A 44 -12.28 -23.09 17.45
N GLU A 45 -11.98 -22.06 16.68
CA GLU A 45 -11.66 -22.25 15.28
C GLU A 45 -10.15 -22.32 15.08
N GLU A 46 -9.75 -22.96 13.98
CA GLU A 46 -8.33 -23.10 13.67
C GLU A 46 -8.13 -23.12 12.16
N PHE A 47 -6.91 -22.79 11.76
CA PHE A 47 -6.57 -22.76 10.34
C PHE A 47 -5.16 -23.29 10.12
N TYR A 48 -5.07 -24.31 9.27
CA TYR A 48 -3.79 -24.91 8.96
C TYR A 48 -2.97 -24.01 8.02
N VAL A 49 -2.11 -23.19 8.64
CA VAL A 49 -1.28 -22.29 7.87
C VAL A 49 0.10 -22.93 7.67
N HIS A 50 0.63 -22.74 6.46
CA HIS A 50 1.93 -23.30 6.13
C HIS A 50 2.94 -22.16 5.99
N TYR A 51 3.99 -22.25 6.79
CA TYR A 51 5.04 -21.24 6.77
C TYR A 51 6.04 -21.51 5.64
N VAL A 52 5.79 -20.89 4.51
CA VAL A 52 6.66 -21.06 3.35
C VAL A 52 8.11 -20.84 3.78
N GLY A 53 8.27 -20.04 4.82
CA GLY A 53 9.60 -19.75 5.35
C GLY A 53 9.82 -20.39 6.71
N PHE A 54 9.93 -21.72 6.70
CA PHE A 54 10.13 -22.47 7.93
C PHE A 54 10.14 -23.97 7.66
N ASN A 55 10.48 -24.72 8.69
CA ASN A 55 10.53 -26.17 8.58
C ASN A 55 9.18 -26.70 8.10
N ARG A 56 9.12 -26.98 6.81
CA ARG A 56 7.89 -27.48 6.21
C ARG A 56 7.21 -28.48 7.15
N ARG A 57 8.00 -29.45 7.60
CA ARG A 57 7.49 -30.47 8.50
C ARG A 57 6.52 -29.85 9.52
N LEU A 58 6.78 -28.59 9.83
CA LEU A 58 5.95 -27.88 10.78
C LEU A 58 4.47 -28.10 10.44
N ASP A 59 3.92 -27.18 9.66
CA ASP A 59 2.53 -27.27 9.26
C ASP A 59 1.65 -27.51 10.50
N GLU A 60 1.09 -26.42 10.99
CA GLU A 60 0.24 -26.49 12.17
C GLU A 60 -0.93 -25.50 12.04
N TRP A 61 -1.95 -25.73 12.86
CA TRP A 61 -3.12 -24.87 12.85
C TRP A 61 -2.82 -23.65 13.71
N VAL A 62 -3.53 -22.57 13.42
CA VAL A 62 -3.35 -21.33 14.15
C VAL A 62 -4.72 -20.73 14.49
N ASP A 63 -4.68 -19.65 15.25
CA ASP A 63 -5.90 -18.96 15.64
C ASP A 63 -6.08 -17.70 14.81
N LYS A 64 -7.31 -17.21 14.77
CA LYS A 64 -7.62 -16.01 14.01
C LYS A 64 -6.80 -14.84 14.57
N ASN A 65 -6.55 -14.90 15.87
CA ASN A 65 -5.79 -13.86 16.53
C ASN A 65 -4.32 -13.95 16.10
N ARG A 66 -3.82 -15.18 16.10
CA ARG A 66 -2.44 -15.42 15.72
C ARG A 66 -2.17 -14.83 14.33
N LEU A 67 -3.22 -14.79 13.52
CA LEU A 67 -3.11 -14.27 12.17
C LEU A 67 -3.40 -12.77 12.20
N ALA A 68 -3.25 -12.15 11.03
CA ALA A 68 -3.50 -10.72 10.90
C ALA A 68 -4.74 -10.51 10.03
N LEU A 69 -5.82 -10.15 10.69
CA LEU A 69 -7.08 -9.91 9.99
C LEU A 69 -7.45 -8.42 10.13
N THR A 70 -7.10 -7.67 9.09
CA THR A 70 -7.39 -6.24 9.08
C THR A 70 -7.57 -5.75 7.64
N LYS A 71 -7.84 -6.70 6.76
CA LYS A 71 -8.04 -6.38 5.35
C LYS A 71 -7.03 -5.30 4.93
N THR A 72 -5.87 -5.35 5.57
CA THR A 72 -4.82 -4.39 5.28
C THR A 72 -3.46 -4.92 5.75
N VAL A 73 -3.38 -5.17 7.05
CA VAL A 73 -2.16 -5.69 7.64
C VAL A 73 -1.57 -6.77 6.73
N LYS A 74 -2.47 -7.42 6.00
CA LYS A 74 -2.06 -8.49 5.10
C LYS A 74 -1.15 -7.91 4.01
N ASP A 75 -1.71 -6.97 3.26
CA ASP A 75 -0.97 -6.32 2.19
C ASP A 75 -0.49 -7.38 1.20
N ALA A 76 -1.39 -8.32 0.91
CA ALA A 76 -1.07 -9.39 -0.02
C ALA A 76 -2.37 -10.11 -0.41
N VAL A 77 -2.87 -10.90 0.52
CA VAL A 77 -4.10 -11.64 0.29
C VAL A 77 -4.08 -12.22 -1.13
N GLN A 78 -2.87 -12.52 -1.59
CA GLN A 78 -2.70 -13.08 -2.93
C GLN A 78 -2.88 -12.00 -3.98
N LYS A 79 -1.80 -11.71 -4.68
CA LYS A 79 -1.82 -10.69 -5.72
C LYS A 79 -1.85 -11.37 -7.09
N ASN A 80 -3.05 -11.48 -7.64
CA ASN A 80 -3.23 -12.10 -8.94
C ASN A 80 -4.72 -12.11 -9.29
N SER A 81 -5.13 -11.08 -10.02
CA SER A 81 -6.52 -10.96 -10.42
C SER A 81 -6.61 -10.15 -11.72
N GLU A 82 -7.83 -10.09 -12.25
CA GLU A 82 -8.06 -9.37 -13.48
C GLU A 82 -9.53 -8.97 -13.59
N LYS A 83 -9.91 -8.00 -12.78
CA LYS A 83 -11.29 -7.51 -12.78
C LYS A 83 -11.31 -6.02 -12.46
N TYR A 84 -12.50 -5.50 -12.23
CA TYR A 84 -12.66 -4.10 -11.92
C TYR A 84 -12.86 -3.89 -10.42
N LEU A 85 -12.80 -2.63 -10.01
CA LEU A 85 -12.97 -2.29 -8.61
C LEU A 85 -14.07 -3.17 -8.00
N SER A 86 -13.86 -3.51 -6.74
CA SER A 86 -14.82 -4.35 -6.03
C SER A 86 -15.16 -3.72 -4.67
N GLU A 87 -16.26 -4.18 -4.10
CA GLU A 87 -16.71 -3.67 -2.81
C GLU A 87 -17.94 -4.44 -2.34
N LEU A 88 -18.22 -4.32 -1.05
CA LEU A 88 -19.36 -4.99 -0.46
C LEU A 88 -20.51 -3.99 -0.31
N ALA A 89 -21.63 -4.51 0.20
CA ALA A 89 -22.80 -3.67 0.39
C ALA A 89 -23.51 -4.11 1.67
N GLU A 90 -24.71 -3.55 1.86
CA GLU A 90 -25.50 -3.88 3.04
C GLU A 90 -26.74 -4.68 2.64
N GLN A 91 -27.68 -4.76 3.56
CA GLN A 91 -28.92 -5.50 3.32
C GLN A 91 -30.13 -4.58 3.50
N PRO A 92 -31.24 -4.96 2.81
CA PRO A 92 -32.47 -4.19 2.89
C PRO A 92 -33.17 -4.41 4.23
N GLU A 93 -33.94 -3.41 4.62
CA GLU A 93 -34.67 -3.49 5.88
C GLU A 93 -36.05 -2.82 5.73
N ARG A 94 -37.03 -3.43 6.39
CA ARG A 94 -38.39 -2.92 6.34
C ARG A 94 -38.77 -2.27 7.68
N LYS A 95 -39.68 -1.32 7.60
CA LYS A 95 -40.13 -0.62 8.80
C LYS A 95 -41.67 -0.57 8.81
N ILE A 96 -42.23 -0.95 9.94
CA ILE A 96 -43.68 -0.95 10.08
C ILE A 96 -44.19 0.48 10.04
N THR A 97 -45.50 0.61 9.96
CA THR A 97 -46.14 1.92 9.91
C THR A 97 -47.42 1.93 10.74
N ARG A 98 -47.97 3.12 10.88
CA ARG A 98 -49.20 3.28 11.65
C ARG A 98 -50.02 4.45 11.11
N ASN A 99 -51.30 4.45 11.45
CA ASN A 99 -52.19 5.51 11.01
C ASN A 99 -53.40 5.57 11.95
N GLN A 100 -54.24 6.58 11.72
CA GLN A 100 -55.43 6.76 12.53
C GLN A 100 -56.42 7.67 11.81
N LYS A 101 -57.66 7.64 12.29
CA LYS A 101 -58.71 8.45 11.71
C LYS A 101 -59.83 8.64 12.73
N ARG A 102 -60.43 9.82 12.68
CA ARG A 102 -61.52 10.15 13.60
C ARG A 102 -62.74 10.63 12.82
N LYS A 103 -63.89 10.52 13.46
CA LYS A 103 -65.13 10.95 12.85
C LYS A 103 -65.98 11.71 13.87
N HIS A 104 -66.97 12.41 13.37
CA HIS A 104 -67.85 13.19 14.22
C HIS A 104 -69.25 13.25 13.61
N ASP A 105 -70.18 13.81 14.37
CA ASP A 105 -71.55 13.93 13.91
C ASP A 105 -72.24 15.08 14.67
N GLU A 106 -73.43 15.41 14.21
CA GLU A 106 -74.19 16.49 14.82
C GLU A 106 -75.69 16.15 14.80
N ILE A 107 -76.35 16.44 15.91
CA ILE A 107 -77.78 16.19 16.02
C ILE A 107 -78.55 17.30 15.32
N ASN A 108 -79.86 17.15 15.30
CA ASN A 108 -80.73 18.13 14.67
C ASN A 108 -82.11 18.08 15.31
N HIS A 109 -82.94 19.05 14.95
CA HIS A 109 -84.29 19.12 15.48
C HIS A 109 -85.28 19.40 14.35
N VAL A 110 -86.49 18.94 14.54
CA VAL A 110 -87.54 19.12 13.54
C VAL A 110 -88.50 20.21 14.03
N GLN A 111 -88.88 21.07 13.09
CA GLN A 111 -89.80 22.16 13.40
C GLN A 111 -91.19 21.84 12.86
N LYS A 112 -92.14 22.70 13.22
CA LYS A 112 -93.51 22.54 12.78
C LYS A 112 -94.32 23.78 13.15
N THR A 113 -95.51 23.86 12.57
CA THR A 113 -96.39 24.99 12.84
C THR A 113 -97.83 24.65 12.44
N TYR A 114 -98.68 25.67 12.50
CA TYR A 114 -100.09 25.49 12.16
C TYR A 114 -100.76 26.83 11.88
N ALA A 115 -102.02 26.76 11.49
CA ALA A 115 -102.78 27.96 11.20
C ALA A 115 -104.26 27.72 11.53
N GLU A 116 -105.02 28.81 11.53
CA GLU A 116 -106.43 28.73 11.83
C GLU A 116 -107.25 29.42 10.74
N MET A 117 -108.28 28.72 10.28
CA MET A 117 -109.14 29.26 9.25
C MET A 117 -110.49 29.70 9.82
N ASP A 118 -111.25 30.41 9.00
CA ASP A 118 -112.56 30.89 9.41
C ASP A 118 -113.47 29.69 9.65
N PRO A 119 -114.40 29.88 10.64
CA PRO A 119 -115.34 28.83 10.99
C PRO A 119 -116.44 28.71 9.93
N THR A 120 -117.15 29.81 9.73
CA THR A 120 -118.22 29.84 8.75
C THR A 120 -118.74 31.27 8.58
N THR A 121 -119.53 31.46 7.53
CA THR A 121 -120.10 32.77 7.24
C THR A 121 -121.20 32.64 6.18
N ALA A 122 -122.08 33.64 6.17
CA ALA A 122 -123.18 33.66 5.23
C ALA A 122 -124.06 34.88 5.49
N ALA A 123 -125.06 35.05 4.65
CA ALA A 123 -125.97 36.17 4.78
C ALA A 123 -127.40 35.70 4.47
N LEU A 124 -128.30 36.67 4.39
CA LEU A 124 -129.69 36.37 4.09
C LEU A 124 -130.05 36.94 2.73
N GLU A 125 -130.90 37.96 2.75
CA GLU A 125 -131.33 38.60 1.51
C GLU A 125 -132.28 39.77 1.83
N LYS A 126 -132.34 40.71 0.89
CA LYS A 126 -133.20 41.86 1.06
C LYS A 126 -134.49 41.64 0.29
N GLU A 127 -135.57 42.22 0.84
CA GLU A 127 -136.88 42.09 0.22
C GLU A 127 -137.61 43.43 0.24
N SER A 128 -138.34 43.69 -0.84
CA SER A 128 -139.09 44.93 -0.95
C SER A 128 -140.05 44.85 -2.13
N GLY A 129 -141.13 45.61 -2.03
CA GLY A 129 -142.13 45.64 -3.09
C GLY A 129 -143.28 46.58 -2.72
N PRO A 130 -143.24 47.79 -3.33
CA PRO A 130 -144.27 48.79 -3.07
C PRO A 130 -145.58 48.43 -3.80
N SER A 131 -146.53 49.34 -3.73
CA SER A 131 -147.82 49.14 -4.37
C SER A 131 -148.33 50.45 -4.96
N SER A 132 -149.40 50.35 -5.72
CA SER A 132 -150.00 51.52 -6.34
C SER A 132 -151.36 51.15 -6.95
N GLY A 133 -152.09 52.19 -7.33
CA GLY A 133 -153.41 52.00 -7.93
C GLY A 133 -154.25 53.25 -7.80
N GLY A 1 -35.77 -10.75 11.53
CA GLY A 1 -35.33 -9.52 12.18
C GLY A 1 -34.20 -8.86 11.39
N SER A 2 -34.54 -7.74 10.76
CA SER A 2 -33.58 -7.00 9.96
C SER A 2 -32.50 -6.39 10.88
N SER A 3 -31.29 -6.90 10.71
CA SER A 3 -30.17 -6.41 11.50
C SER A 3 -28.89 -7.14 11.10
N GLY A 4 -27.85 -6.35 10.84
CA GLY A 4 -26.57 -6.91 10.45
C GLY A 4 -25.61 -6.99 11.63
N SER A 5 -24.35 -6.67 11.36
CA SER A 5 -23.33 -6.70 12.40
C SER A 5 -23.62 -5.62 13.43
N SER A 6 -23.54 -6.02 14.69
CA SER A 6 -23.79 -5.10 15.80
C SER A 6 -23.54 -5.80 17.13
N GLY A 7 -22.39 -5.49 17.71
CA GLY A 7 -22.01 -6.08 18.98
C GLY A 7 -20.65 -6.75 18.90
N GLU A 8 -20.68 -8.05 18.66
CA GLU A 8 -19.44 -8.82 18.55
C GLU A 8 -18.89 -8.74 17.13
N PRO A 9 -17.62 -8.27 17.03
CA PRO A 9 -16.97 -8.13 15.74
C PRO A 9 -16.53 -9.50 15.21
N GLU A 10 -17.40 -10.09 14.39
CA GLU A 10 -17.11 -11.38 13.82
C GLU A 10 -16.19 -11.24 12.61
N VAL A 11 -15.11 -12.02 12.62
CA VAL A 11 -14.15 -11.98 11.53
C VAL A 11 -14.29 -13.25 10.69
N THR A 12 -13.50 -13.30 9.62
CA THR A 12 -13.53 -14.44 8.73
C THR A 12 -12.15 -14.68 8.13
N VAL A 13 -11.98 -15.87 7.57
CA VAL A 13 -10.71 -16.23 6.96
C VAL A 13 -10.98 -16.85 5.58
N GLU A 14 -9.99 -16.72 4.70
CA GLU A 14 -10.10 -17.25 3.36
C GLU A 14 -8.92 -18.17 3.05
N ILE A 15 -9.25 -19.34 2.51
CA ILE A 15 -8.24 -20.32 2.17
C ILE A 15 -7.67 -20.00 0.79
N GLY A 16 -6.43 -20.42 0.58
CA GLY A 16 -5.77 -20.18 -0.69
C GLY A 16 -4.91 -18.92 -0.62
N GLU A 17 -5.24 -18.05 0.31
CA GLU A 17 -4.51 -16.80 0.49
C GLU A 17 -3.53 -16.93 1.65
N THR A 18 -2.49 -16.10 1.60
CA THR A 18 -1.48 -16.11 2.64
C THR A 18 -1.76 -15.01 3.66
N TYR A 19 -1.51 -15.34 4.92
CA TYR A 19 -1.74 -14.39 6.01
C TYR A 19 -0.53 -14.33 6.94
N LEU A 20 -0.49 -13.26 7.73
CA LEU A 20 0.60 -13.07 8.67
C LEU A 20 0.33 -13.88 9.93
N CYS A 21 1.16 -14.89 10.14
CA CYS A 21 1.02 -15.75 11.30
C CYS A 21 2.06 -15.32 12.35
N ARG A 22 1.63 -15.33 13.60
CA ARG A 22 2.51 -14.94 14.70
C ARG A 22 3.59 -16.00 14.89
N ARG A 23 4.80 -15.52 15.14
CA ARG A 23 5.94 -16.40 15.35
C ARG A 23 6.87 -15.83 16.43
N PRO A 24 7.08 -16.66 17.49
CA PRO A 24 7.95 -16.24 18.59
C PRO A 24 9.42 -16.31 18.18
N ASP A 25 9.80 -15.42 17.28
CA ASP A 25 11.17 -15.36 16.80
C ASP A 25 11.63 -13.90 16.73
N SER A 26 10.80 -13.08 16.11
CA SER A 26 11.11 -11.67 15.96
C SER A 26 9.85 -10.90 15.61
N THR A 27 9.11 -11.43 14.64
CA THR A 27 7.89 -10.80 14.19
C THR A 27 6.97 -11.83 13.52
N TRP A 28 5.95 -11.32 12.84
CA TRP A 28 5.00 -12.17 12.15
C TRP A 28 5.68 -12.71 10.88
N HIS A 29 5.16 -13.82 10.39
CA HIS A 29 5.70 -14.44 9.19
C HIS A 29 4.55 -14.80 8.24
N SER A 30 4.87 -14.83 6.96
CA SER A 30 3.89 -15.15 5.95
C SER A 30 3.67 -16.66 5.90
N ALA A 31 2.42 -17.06 6.11
CA ALA A 31 2.07 -18.46 6.09
C ALA A 31 0.78 -18.66 5.29
N GLU A 32 0.84 -19.57 4.33
CA GLU A 32 -0.31 -19.86 3.49
C GLU A 32 -1.33 -20.69 4.27
N VAL A 33 -2.59 -20.27 4.15
CA VAL A 33 -3.67 -20.96 4.83
C VAL A 33 -4.10 -22.17 4.00
N ILE A 34 -3.69 -23.35 4.46
CA ILE A 34 -4.02 -24.58 3.78
C ILE A 34 -5.53 -24.79 3.80
N GLN A 35 -6.06 -24.90 5.01
CA GLN A 35 -7.49 -25.10 5.19
C GLN A 35 -7.93 -24.58 6.56
N SER A 36 -9.19 -24.84 6.88
CA SER A 36 -9.74 -24.41 8.14
C SER A 36 -10.41 -25.59 8.86
N ARG A 37 -10.58 -25.42 10.17
CA ARG A 37 -11.20 -26.47 10.97
C ARG A 37 -11.67 -25.88 12.31
N VAL A 38 -12.64 -26.57 12.90
CA VAL A 38 -13.19 -26.14 14.18
C VAL A 38 -13.04 -27.27 15.20
N ASN A 39 -12.75 -26.87 16.43
CA ASN A 39 -12.58 -27.83 17.51
C ASN A 39 -13.85 -27.86 18.37
N ASP A 40 -14.44 -29.04 18.44
CA ASP A 40 -15.66 -29.21 19.23
C ASP A 40 -15.29 -29.34 20.71
N GLN A 41 -14.21 -30.06 20.95
CA GLN A 41 -13.75 -30.27 22.31
C GLN A 41 -13.35 -28.95 22.95
N GLU A 42 -12.47 -28.22 22.26
CA GLU A 42 -12.01 -26.93 22.75
C GLU A 42 -13.08 -25.86 22.51
N GLY A 43 -13.72 -25.96 21.35
CA GLY A 43 -14.76 -25.01 20.99
C GLY A 43 -14.15 -23.72 20.44
N ARG A 44 -13.19 -23.88 19.54
CA ARG A 44 -12.53 -22.75 18.93
C ARG A 44 -12.21 -23.05 17.47
N GLU A 45 -11.89 -21.99 16.73
CA GLU A 45 -11.56 -22.11 15.33
C GLU A 45 -10.05 -22.22 15.14
N GLU A 46 -9.67 -22.82 14.02
CA GLU A 46 -8.25 -22.99 13.71
C GLU A 46 -8.04 -23.01 12.19
N PHE A 47 -6.81 -22.72 11.79
CA PHE A 47 -6.47 -22.71 10.39
C PHE A 47 -5.05 -23.23 10.16
N TYR A 48 -4.96 -24.25 9.32
CA TYR A 48 -3.67 -24.86 9.02
C TYR A 48 -2.85 -23.96 8.08
N VAL A 49 -1.99 -23.17 8.68
CA VAL A 49 -1.14 -22.27 7.91
C VAL A 49 0.22 -22.92 7.67
N HIS A 50 0.73 -22.72 6.47
CA HIS A 50 2.02 -23.29 6.10
C HIS A 50 3.05 -22.16 5.98
N TYR A 51 4.17 -22.36 6.67
CA TYR A 51 5.24 -21.37 6.64
C TYR A 51 6.11 -21.53 5.40
N VAL A 52 5.64 -20.95 4.31
CA VAL A 52 6.37 -21.02 3.05
C VAL A 52 7.87 -20.88 3.32
N GLY A 53 8.55 -22.00 3.24
CA GLY A 53 9.99 -22.02 3.47
C GLY A 53 10.38 -23.10 4.48
N PHE A 54 9.87 -22.94 5.69
CA PHE A 54 10.14 -23.89 6.76
C PHE A 54 9.81 -25.32 6.31
N ASN A 55 10.47 -26.27 6.97
CA ASN A 55 10.25 -27.67 6.66
C ASN A 55 8.75 -27.99 6.70
N ARG A 56 8.38 -29.06 6.03
CA ARG A 56 6.99 -29.47 5.99
C ARG A 56 6.51 -29.84 7.40
N ARG A 57 7.40 -30.48 8.14
CA ARG A 57 7.09 -30.88 9.50
C ARG A 57 6.68 -29.68 10.34
N LEU A 58 7.06 -28.50 9.85
CA LEU A 58 6.75 -27.27 10.54
C LEU A 58 5.39 -26.74 10.05
N ASP A 59 4.35 -27.51 10.35
CA ASP A 59 3.00 -27.14 9.95
C ASP A 59 2.06 -27.35 11.13
N GLU A 60 1.30 -26.31 11.43
CA GLU A 60 0.35 -26.37 12.54
C GLU A 60 -0.81 -25.40 12.29
N TRP A 61 -1.86 -25.58 13.07
CA TRP A 61 -3.04 -24.73 12.95
C TRP A 61 -2.82 -23.49 13.82
N VAL A 62 -3.50 -22.41 13.45
CA VAL A 62 -3.39 -21.18 14.20
C VAL A 62 -4.80 -20.64 14.51
N ASP A 63 -4.83 -19.62 15.35
CA ASP A 63 -6.10 -19.01 15.73
C ASP A 63 -6.33 -17.75 14.90
N LYS A 64 -7.59 -17.35 14.82
CA LYS A 64 -7.96 -16.18 14.07
C LYS A 64 -7.23 -14.95 14.64
N ASN A 65 -7.00 -15.01 15.94
CA ASN A 65 -6.32 -13.93 16.63
C ASN A 65 -4.83 -13.96 16.26
N ARG A 66 -4.27 -15.15 16.26
CA ARG A 66 -2.86 -15.32 15.92
C ARG A 66 -2.60 -14.85 14.50
N LEU A 67 -3.66 -14.83 13.71
CA LEU A 67 -3.55 -14.41 12.32
C LEU A 67 -3.84 -12.91 12.23
N ALA A 68 -3.65 -12.37 11.03
CA ALA A 68 -3.88 -10.95 10.81
C ALA A 68 -5.17 -10.77 10.01
N LEU A 69 -6.21 -10.33 10.71
CA LEU A 69 -7.50 -10.11 10.08
C LEU A 69 -7.82 -8.61 10.10
N THR A 70 -7.59 -7.97 8.95
CA THR A 70 -7.86 -6.56 8.83
C THR A 70 -6.94 -5.76 9.76
N LYS A 71 -6.96 -4.45 9.58
CA LYS A 71 -6.14 -3.57 10.39
C LYS A 71 -6.40 -3.85 11.87
N THR A 72 -7.67 -4.10 12.18
CA THR A 72 -8.06 -4.40 13.56
C THR A 72 -7.01 -5.26 14.24
N VAL A 73 -6.57 -6.28 13.53
CA VAL A 73 -5.57 -7.19 14.06
C VAL A 73 -4.29 -7.08 13.21
N LYS A 74 -3.17 -7.43 13.84
CA LYS A 74 -1.89 -7.38 13.16
C LYS A 74 -0.77 -7.55 14.18
N ASP A 75 -0.69 -6.57 15.08
CA ASP A 75 0.33 -6.60 16.12
C ASP A 75 1.71 -6.56 15.48
N ALA A 76 2.46 -5.51 15.82
CA ALA A 76 3.80 -5.34 15.27
C ALA A 76 3.71 -5.15 13.76
N VAL A 77 3.55 -3.90 13.37
CA VAL A 77 3.45 -3.56 11.95
C VAL A 77 4.47 -4.38 11.17
N GLN A 78 5.73 -4.25 11.58
CA GLN A 78 6.81 -4.96 10.93
C GLN A 78 7.15 -4.31 9.59
N LYS A 79 8.16 -3.46 9.63
CA LYS A 79 8.61 -2.76 8.44
C LYS A 79 9.35 -3.73 7.53
N ASN A 80 9.48 -3.33 6.27
CA ASN A 80 10.15 -4.16 5.28
C ASN A 80 11.63 -3.76 5.23
N SER A 81 12.41 -4.58 4.53
CA SER A 81 13.83 -4.33 4.40
C SER A 81 14.22 -4.36 2.92
N GLU A 82 15.46 -3.95 2.66
CA GLU A 82 15.97 -3.93 1.30
C GLU A 82 16.16 -5.36 0.79
N LYS A 83 16.51 -5.45 -0.49
CA LYS A 83 16.72 -6.75 -1.12
C LYS A 83 17.56 -7.63 -0.19
N TYR A 84 17.50 -8.92 -0.45
CA TYR A 84 18.24 -9.89 0.35
C TYR A 84 19.57 -10.26 -0.32
N LEU A 85 19.44 -10.87 -1.49
CA LEU A 85 20.61 -11.29 -2.25
C LEU A 85 20.43 -10.89 -3.71
N SER A 86 21.41 -11.25 -4.51
CA SER A 86 21.39 -10.93 -5.93
C SER A 86 20.19 -11.62 -6.59
N GLU A 87 19.77 -11.05 -7.72
CA GLU A 87 18.63 -11.60 -8.45
C GLU A 87 18.87 -11.45 -9.95
N LEU A 88 17.77 -11.53 -10.70
CA LEU A 88 17.84 -11.41 -12.15
C LEU A 88 18.39 -10.03 -12.51
N ALA A 89 19.07 -9.99 -13.65
CA ALA A 89 19.66 -8.74 -14.13
C ALA A 89 19.83 -8.81 -15.64
N GLU A 90 20.51 -7.81 -16.18
CA GLU A 90 20.75 -7.75 -17.61
C GLU A 90 22.24 -7.90 -17.91
N GLN A 91 22.57 -9.00 -18.57
CA GLN A 91 23.95 -9.28 -18.93
C GLN A 91 24.40 -8.37 -20.08
N PRO A 92 25.74 -8.36 -20.29
CA PRO A 92 26.31 -7.54 -21.36
C PRO A 92 26.05 -8.17 -22.73
N GLU A 93 26.73 -7.63 -23.74
CA GLU A 93 26.58 -8.12 -25.09
C GLU A 93 27.96 -8.40 -25.70
N ARG A 94 27.93 -8.90 -26.93
CA ARG A 94 29.16 -9.22 -27.64
C ARG A 94 29.36 -8.27 -28.83
N LYS A 95 30.54 -8.34 -29.41
CA LYS A 95 30.87 -7.50 -30.55
C LYS A 95 31.14 -8.40 -31.77
N ILE A 96 30.66 -7.94 -32.92
CA ILE A 96 30.85 -8.68 -34.15
C ILE A 96 32.34 -8.72 -34.50
N THR A 97 32.67 -9.53 -35.49
CA THR A 97 34.04 -9.66 -35.93
C THR A 97 34.19 -9.24 -37.40
N ARG A 98 35.26 -8.53 -37.67
CA ARG A 98 35.52 -8.05 -39.02
C ARG A 98 36.39 -9.07 -39.78
N ASN A 99 36.61 -8.78 -41.05
CA ASN A 99 37.42 -9.65 -41.89
C ASN A 99 38.12 -8.82 -42.95
N GLN A 100 38.94 -9.50 -43.74
CA GLN A 100 39.68 -8.83 -44.81
C GLN A 100 39.81 -9.75 -46.02
N LYS A 101 40.41 -9.21 -47.07
CA LYS A 101 40.60 -9.96 -48.29
C LYS A 101 41.85 -9.45 -49.02
N ARG A 102 42.10 -10.03 -50.19
CA ARG A 102 43.25 -9.64 -50.98
C ARG A 102 42.98 -9.88 -52.46
N LYS A 103 43.93 -9.46 -53.28
CA LYS A 103 43.81 -9.63 -54.72
C LYS A 103 45.20 -9.71 -55.34
N HIS A 104 45.22 -9.94 -56.65
CA HIS A 104 46.48 -10.04 -57.37
C HIS A 104 46.28 -9.55 -58.81
N ASP A 105 47.35 -9.68 -59.59
CA ASP A 105 47.31 -9.26 -60.98
C ASP A 105 48.48 -9.90 -61.74
N GLU A 106 48.49 -9.68 -63.04
CA GLU A 106 49.54 -10.22 -63.88
C GLU A 106 49.83 -9.28 -65.06
N ILE A 107 51.11 -9.21 -65.42
CA ILE A 107 51.52 -8.35 -66.52
C ILE A 107 51.52 -9.16 -67.81
N ASN A 108 51.90 -8.48 -68.89
CA ASN A 108 51.95 -9.14 -70.20
C ASN A 108 53.10 -8.54 -71.00
N HIS A 109 53.26 -9.06 -72.22
CA HIS A 109 54.31 -8.58 -73.10
C HIS A 109 54.07 -9.10 -74.51
N VAL A 110 54.74 -8.47 -75.47
CA VAL A 110 54.61 -8.85 -76.86
C VAL A 110 55.96 -8.71 -77.56
N GLN A 111 56.06 -9.33 -78.73
CA GLN A 111 57.28 -9.29 -79.50
C GLN A 111 57.04 -8.58 -80.84
N LYS A 112 58.07 -8.59 -81.67
CA LYS A 112 57.99 -7.95 -82.98
C LYS A 112 59.17 -8.39 -83.83
N THR A 113 58.87 -9.14 -84.88
CA THR A 113 59.90 -9.62 -85.78
C THR A 113 59.94 -8.77 -87.06
N TYR A 114 60.71 -9.24 -88.02
CA TYR A 114 60.85 -8.54 -89.28
C TYR A 114 61.48 -9.44 -90.35
N ALA A 115 61.61 -8.88 -91.54
CA ALA A 115 62.20 -9.62 -92.64
C ALA A 115 63.06 -8.67 -93.49
N GLU A 116 63.98 -9.27 -94.24
CA GLU A 116 64.87 -8.50 -95.08
C GLU A 116 64.81 -9.00 -96.51
N MET A 117 64.63 -8.07 -97.44
CA MET A 117 64.57 -8.40 -98.85
C MET A 117 65.88 -8.10 -99.56
N ASP A 118 65.99 -8.59 -100.78
CA ASP A 118 67.19 -8.38 -101.58
C ASP A 118 67.10 -7.02 -102.26
N PRO A 119 68.29 -6.41 -102.47
CA PRO A 119 68.36 -5.10 -103.11
C PRO A 119 68.13 -5.23 -104.62
N THR A 120 69.04 -5.92 -105.28
CA THR A 120 68.94 -6.12 -106.72
C THR A 120 69.92 -7.20 -107.18
N THR A 121 69.83 -7.53 -108.46
CA THR A 121 70.69 -8.55 -109.04
C THR A 121 70.82 -8.35 -110.54
N ALA A 122 71.93 -8.85 -111.08
CA ALA A 122 72.18 -8.73 -112.50
C ALA A 122 73.52 -9.39 -112.84
N ALA A 123 73.81 -9.47 -114.13
CA ALA A 123 75.04 -10.07 -114.59
C ALA A 123 75.44 -9.44 -115.92
N LEU A 124 76.49 -9.99 -116.51
CA LEU A 124 76.99 -9.50 -117.78
C LEU A 124 76.86 -10.59 -118.84
N GLU A 125 78.01 -11.13 -119.23
CA GLU A 125 78.03 -12.18 -120.24
C GLU A 125 77.62 -11.63 -121.60
N LYS A 126 78.62 -11.20 -122.36
CA LYS A 126 78.38 -10.65 -123.67
C LYS A 126 78.94 -11.60 -124.73
N GLU A 127 78.19 -11.73 -125.83
CA GLU A 127 78.61 -12.60 -126.92
C GLU A 127 78.94 -11.77 -128.16
N SER A 128 79.94 -12.24 -128.88
CA SER A 128 80.37 -11.56 -130.09
C SER A 128 81.29 -12.47 -130.91
N GLY A 129 81.29 -12.24 -132.22
CA GLY A 129 82.11 -13.03 -133.12
C GLY A 129 81.88 -12.63 -134.58
N PRO A 130 82.86 -11.84 -135.11
CA PRO A 130 82.76 -11.38 -136.49
C PRO A 130 83.08 -12.50 -137.47
N SER A 131 83.13 -12.14 -138.74
CA SER A 131 83.43 -13.11 -139.79
C SER A 131 84.25 -12.45 -140.89
N SER A 132 84.66 -13.27 -141.86
CA SER A 132 85.44 -12.78 -142.97
C SER A 132 84.92 -13.38 -144.28
N GLY A 133 84.88 -14.70 -144.32
CA GLY A 133 84.40 -15.40 -145.50
C GLY A 133 85.19 -14.98 -146.75
N GLY A 1 -32.67 1.55 5.69
CA GLY A 1 -33.47 0.48 6.26
C GLY A 1 -33.64 0.67 7.77
N SER A 2 -34.60 -0.06 8.33
CA SER A 2 -34.87 0.03 9.75
C SER A 2 -33.83 -0.78 10.53
N SER A 3 -33.76 -2.06 10.22
CA SER A 3 -32.83 -2.95 10.88
C SER A 3 -32.99 -4.38 10.35
N GLY A 4 -34.20 -4.90 10.50
CA GLY A 4 -34.50 -6.24 10.04
C GLY A 4 -33.52 -7.25 10.64
N SER A 5 -33.50 -8.44 10.05
CA SER A 5 -32.63 -9.50 10.51
C SER A 5 -31.29 -9.43 9.76
N SER A 6 -30.22 -9.46 10.54
CA SER A 6 -28.88 -9.41 9.96
C SER A 6 -27.88 -10.08 10.90
N GLY A 7 -27.18 -11.07 10.38
CA GLY A 7 -26.19 -11.79 11.15
C GLY A 7 -25.00 -12.19 10.28
N GLU A 8 -23.85 -11.59 10.60
CA GLU A 8 -22.63 -11.87 9.87
C GLU A 8 -21.43 -11.88 10.82
N PRO A 9 -20.42 -12.70 10.45
CA PRO A 9 -19.21 -12.81 11.24
C PRO A 9 -18.32 -11.57 11.09
N GLU A 10 -17.89 -11.04 12.21
CA GLU A 10 -17.03 -9.87 12.21
C GLU A 10 -15.93 -10.02 11.16
N VAL A 11 -15.07 -11.01 11.38
CA VAL A 11 -13.98 -11.26 10.47
C VAL A 11 -14.23 -12.59 9.74
N THR A 12 -13.27 -12.95 8.90
CA THR A 12 -13.37 -14.18 8.14
C THR A 12 -12.02 -14.56 7.54
N VAL A 13 -11.79 -15.85 7.41
CA VAL A 13 -10.54 -16.35 6.87
C VAL A 13 -10.83 -17.15 5.59
N GLU A 14 -9.94 -16.99 4.62
CA GLU A 14 -10.09 -17.68 3.36
C GLU A 14 -8.90 -18.61 3.11
N ILE A 15 -9.19 -19.75 2.49
CA ILE A 15 -8.16 -20.73 2.20
C ILE A 15 -7.48 -20.37 0.87
N GLY A 16 -6.26 -20.84 0.72
CA GLY A 16 -5.50 -20.58 -0.49
C GLY A 16 -4.70 -19.27 -0.37
N GLU A 17 -5.26 -18.35 0.39
CA GLU A 17 -4.62 -17.07 0.60
C GLU A 17 -3.56 -17.16 1.69
N THR A 18 -2.69 -16.17 1.73
CA THR A 18 -1.63 -16.14 2.73
C THR A 18 -1.90 -15.05 3.76
N TYR A 19 -1.56 -15.36 5.01
CA TYR A 19 -1.76 -14.43 6.09
C TYR A 19 -0.53 -14.35 7.00
N LEU A 20 -0.47 -13.29 7.78
CA LEU A 20 0.65 -13.10 8.69
C LEU A 20 0.36 -13.82 10.01
N CYS A 21 1.14 -14.85 10.27
CA CYS A 21 0.98 -15.63 11.48
C CYS A 21 2.04 -15.18 12.49
N ARG A 22 1.65 -15.17 13.75
CA ARG A 22 2.55 -14.76 14.81
C ARG A 22 3.71 -15.76 14.94
N ARG A 23 4.91 -15.21 15.09
CA ARG A 23 6.10 -16.04 15.21
C ARG A 23 7.06 -15.44 16.24
N PRO A 24 7.23 -16.17 17.37
CA PRO A 24 8.11 -15.72 18.43
C PRO A 24 9.58 -15.91 18.04
N ASP A 25 10.05 -15.02 17.19
CA ASP A 25 11.43 -15.07 16.74
C ASP A 25 11.93 -13.65 16.46
N SER A 26 11.12 -12.90 15.73
CA SER A 26 11.47 -11.53 15.40
C SER A 26 10.20 -10.72 15.12
N THR A 27 9.31 -11.32 14.34
CA THR A 27 8.06 -10.66 14.00
C THR A 27 7.06 -11.69 13.45
N TRP A 28 6.24 -11.22 12.52
CA TRP A 28 5.23 -12.08 11.91
C TRP A 28 5.82 -12.63 10.60
N HIS A 29 5.33 -13.80 10.22
CA HIS A 29 5.78 -14.43 9.00
C HIS A 29 4.57 -14.79 8.12
N SER A 30 4.79 -14.72 6.82
CA SER A 30 3.73 -15.04 5.87
C SER A 30 3.50 -16.55 5.82
N ALA A 31 2.28 -16.94 6.18
CA ALA A 31 1.92 -18.34 6.19
C ALA A 31 0.67 -18.55 5.33
N GLU A 32 0.73 -19.57 4.49
CA GLU A 32 -0.39 -19.88 3.61
C GLU A 32 -1.42 -20.74 4.34
N VAL A 33 -2.67 -20.33 4.21
CA VAL A 33 -3.77 -21.05 4.85
C VAL A 33 -4.10 -22.30 4.04
N ILE A 34 -3.64 -23.43 4.55
CA ILE A 34 -3.88 -24.71 3.88
C ILE A 34 -5.39 -24.99 3.87
N GLN A 35 -5.95 -25.08 5.08
CA GLN A 35 -7.37 -25.36 5.22
C GLN A 35 -7.88 -24.80 6.55
N SER A 36 -9.13 -25.12 6.85
CA SER A 36 -9.75 -24.66 8.08
C SER A 36 -10.44 -25.83 8.79
N ARG A 37 -10.59 -25.69 10.10
CA ARG A 37 -11.22 -26.73 10.90
C ARG A 37 -11.83 -26.12 12.16
N VAL A 38 -12.78 -26.85 12.73
CA VAL A 38 -13.44 -26.40 13.95
C VAL A 38 -13.26 -27.45 15.05
N ASN A 39 -13.07 -26.96 16.26
CA ASN A 39 -12.88 -27.83 17.41
C ASN A 39 -14.15 -27.82 18.27
N ASP A 40 -14.81 -28.96 18.29
CA ASP A 40 -16.04 -29.09 19.07
C ASP A 40 -15.68 -29.30 20.54
N GLN A 41 -14.59 -30.03 20.76
CA GLN A 41 -14.13 -30.30 22.12
C GLN A 41 -13.83 -28.99 22.84
N GLU A 42 -12.93 -28.22 22.26
CA GLU A 42 -12.53 -26.95 22.84
C GLU A 42 -13.60 -25.89 22.56
N GLY A 43 -14.13 -25.94 21.34
CA GLY A 43 -15.16 -25.00 20.93
C GLY A 43 -14.53 -23.71 20.37
N ARG A 44 -13.62 -23.90 19.43
CA ARG A 44 -12.94 -22.78 18.80
C ARG A 44 -12.61 -23.10 17.34
N GLU A 45 -12.16 -22.08 16.64
CA GLU A 45 -11.81 -22.23 15.23
C GLU A 45 -10.29 -22.14 15.05
N GLU A 46 -9.82 -22.77 13.98
CA GLU A 46 -8.40 -22.78 13.68
C GLU A 46 -8.17 -22.84 12.18
N PHE A 47 -6.92 -22.61 11.78
CA PHE A 47 -6.56 -22.64 10.38
C PHE A 47 -5.13 -23.13 10.18
N TYR A 48 -4.99 -24.18 9.40
CA TYR A 48 -3.68 -24.75 9.13
C TYR A 48 -2.88 -23.86 8.19
N VAL A 49 -2.06 -23.00 8.80
CA VAL A 49 -1.23 -22.08 8.04
C VAL A 49 0.16 -22.70 7.86
N HIS A 50 0.67 -22.58 6.64
CA HIS A 50 1.98 -23.12 6.33
C HIS A 50 2.98 -21.96 6.20
N TYR A 51 4.03 -22.03 7.00
CA TYR A 51 5.07 -21.01 6.99
C TYR A 51 6.05 -21.24 5.85
N VAL A 52 5.73 -20.67 4.70
CA VAL A 52 6.57 -20.79 3.52
C VAL A 52 7.97 -20.24 3.85
N GLY A 53 8.89 -21.17 4.09
CA GLY A 53 10.25 -20.79 4.40
C GLY A 53 10.89 -21.80 5.36
N PHE A 54 10.16 -22.12 6.41
CA PHE A 54 10.65 -23.07 7.40
C PHE A 54 10.33 -24.51 6.99
N ASN A 55 10.66 -25.42 7.88
CA ASN A 55 10.41 -26.84 7.63
C ASN A 55 8.91 -27.06 7.42
N ARG A 56 8.54 -28.33 7.37
CA ARG A 56 7.14 -28.69 7.18
C ARG A 56 6.45 -28.85 8.54
N ARG A 57 7.24 -29.22 9.53
CA ARG A 57 6.72 -29.41 10.87
C ARG A 57 6.01 -28.14 11.35
N LEU A 58 6.55 -27.01 10.92
CA LEU A 58 5.98 -25.73 11.30
C LEU A 58 4.47 -25.74 11.02
N ASP A 59 4.13 -26.18 9.83
CA ASP A 59 2.73 -26.25 9.42
C ASP A 59 1.89 -26.74 10.60
N GLU A 60 1.23 -25.79 11.25
CA GLU A 60 0.39 -26.11 12.39
C GLU A 60 -0.85 -25.22 12.41
N TRP A 61 -1.93 -25.75 12.97
CA TRP A 61 -3.18 -25.03 13.06
C TRP A 61 -2.94 -23.79 13.93
N VAL A 62 -3.50 -22.67 13.48
CA VAL A 62 -3.36 -21.43 14.21
C VAL A 62 -4.76 -20.87 14.53
N ASP A 63 -4.77 -19.77 15.27
CA ASP A 63 -6.02 -19.12 15.64
C ASP A 63 -6.12 -17.77 14.93
N LYS A 64 -7.35 -17.36 14.72
CA LYS A 64 -7.61 -16.08 14.06
C LYS A 64 -6.74 -15.00 14.69
N ASN A 65 -6.77 -14.95 16.02
CA ASN A 65 -6.00 -13.97 16.76
C ASN A 65 -4.53 -14.07 16.34
N ARG A 66 -4.04 -15.30 16.30
CA ARG A 66 -2.65 -15.53 15.92
C ARG A 66 -2.39 -14.99 14.51
N LEU A 67 -3.47 -14.90 13.74
CA LEU A 67 -3.37 -14.40 12.38
C LEU A 67 -3.60 -12.90 12.37
N ALA A 68 -3.44 -12.32 11.20
CA ALA A 68 -3.62 -10.88 11.04
C ALA A 68 -4.82 -10.62 10.12
N LEU A 69 -5.91 -10.18 10.72
CA LEU A 69 -7.13 -9.89 9.97
C LEU A 69 -7.39 -8.38 9.99
N THR A 70 -7.03 -7.74 8.90
CA THR A 70 -7.22 -6.30 8.78
C THR A 70 -6.60 -5.58 9.97
N LYS A 71 -7.18 -4.44 10.31
CA LYS A 71 -6.69 -3.65 11.43
C LYS A 71 -5.18 -3.86 11.58
N THR A 72 -4.50 -3.79 10.45
CA THR A 72 -3.05 -3.97 10.45
C THR A 72 -2.67 -5.26 11.17
N VAL A 73 -1.38 -5.57 11.14
CA VAL A 73 -0.88 -6.77 11.79
C VAL A 73 -1.44 -6.85 13.20
N LYS A 74 -1.14 -7.97 13.85
CA LYS A 74 -1.62 -8.18 15.20
C LYS A 74 -3.15 -8.07 15.24
N ASP A 75 -3.70 -8.34 16.41
CA ASP A 75 -5.15 -8.27 16.58
C ASP A 75 -5.47 -7.38 17.78
N ALA A 76 -4.88 -7.73 18.91
CA ALA A 76 -5.10 -6.97 20.13
C ALA A 76 -4.06 -7.38 21.17
N VAL A 77 -3.04 -6.54 21.32
CA VAL A 77 -1.97 -6.79 22.27
C VAL A 77 -2.58 -6.95 23.66
N GLN A 78 -3.44 -6.01 24.01
CA GLN A 78 -4.10 -6.04 25.31
C GLN A 78 -5.60 -5.83 25.15
N LYS A 79 -5.95 -4.84 24.33
CA LYS A 79 -7.35 -4.53 24.09
C LYS A 79 -7.45 -3.44 23.02
N ASN A 80 -6.77 -2.33 23.29
CA ASN A 80 -6.77 -1.21 22.37
C ASN A 80 -5.41 -0.51 22.42
N SER A 81 -4.67 -0.66 21.32
CA SER A 81 -3.35 -0.06 21.23
C SER A 81 -3.46 1.34 20.62
N GLU A 82 -2.83 2.30 21.28
CA GLU A 82 -2.84 3.67 20.82
C GLU A 82 -2.16 3.78 19.46
N LYS A 83 -0.88 3.43 19.44
CA LYS A 83 -0.11 3.48 18.22
C LYS A 83 0.73 2.21 18.09
N TYR A 84 1.71 2.08 18.98
CA TYR A 84 2.58 0.92 18.96
C TYR A 84 3.22 0.72 17.60
N LEU A 85 4.13 -0.24 17.54
CA LEU A 85 4.82 -0.54 16.29
C LEU A 85 5.20 0.76 15.60
N SER A 86 6.31 1.33 16.04
CA SER A 86 6.79 2.58 15.47
C SER A 86 7.86 2.28 14.41
N GLU A 87 8.18 3.32 13.65
CA GLU A 87 9.19 3.19 12.60
C GLU A 87 9.75 4.57 12.24
N LEU A 88 11.03 4.57 11.91
CA LEU A 88 11.70 5.81 11.54
C LEU A 88 10.81 6.59 10.57
N ALA A 89 11.12 7.88 10.45
CA ALA A 89 10.35 8.75 9.57
C ALA A 89 11.32 9.58 8.72
N GLU A 90 10.76 10.54 8.00
CA GLU A 90 11.55 11.39 7.14
C GLU A 90 11.68 12.79 7.76
N GLN A 91 12.04 13.75 6.92
CA GLN A 91 12.22 15.12 7.37
C GLN A 91 11.27 16.05 6.60
N PRO A 92 10.93 17.19 7.25
CA PRO A 92 10.04 18.17 6.63
C PRO A 92 10.78 18.96 5.56
N GLU A 93 10.00 19.67 4.75
CA GLU A 93 10.56 20.48 3.68
C GLU A 93 11.63 21.42 4.23
N ARG A 94 12.88 21.09 3.96
CA ARG A 94 13.99 21.90 4.41
C ARG A 94 13.68 23.39 4.23
N LYS A 95 14.28 24.19 5.10
CA LYS A 95 14.07 25.63 5.04
C LYS A 95 14.26 26.12 3.61
N ILE A 96 13.87 27.36 3.38
CA ILE A 96 13.98 27.95 2.05
C ILE A 96 15.45 27.93 1.62
N THR A 97 16.05 29.10 1.63
CA THR A 97 17.44 29.22 1.23
C THR A 97 18.16 30.24 2.12
N ARG A 98 19.41 29.92 2.45
CA ARG A 98 20.21 30.79 3.29
C ARG A 98 20.70 32.00 2.49
N ASN A 99 20.61 33.16 3.11
CA ASN A 99 21.04 34.38 2.47
C ASN A 99 22.28 34.93 3.19
N GLN A 100 23.09 35.66 2.44
CA GLN A 100 24.30 36.24 3.00
C GLN A 100 24.42 37.71 2.59
N LYS A 101 25.34 38.40 3.24
CA LYS A 101 25.57 39.81 2.96
C LYS A 101 27.07 40.05 2.76
N ARG A 102 27.37 41.19 2.15
CA ARG A 102 28.76 41.55 1.91
C ARG A 102 29.03 42.98 2.38
N LYS A 103 30.31 43.33 2.42
CA LYS A 103 30.70 44.66 2.84
C LYS A 103 31.70 45.24 1.83
N HIS A 104 32.06 46.49 2.07
CA HIS A 104 33.00 47.18 1.19
C HIS A 104 33.88 48.12 2.02
N ASP A 105 34.91 48.63 1.36
CA ASP A 105 35.83 49.56 2.01
C ASP A 105 36.16 50.70 1.06
N GLU A 106 36.77 51.74 1.61
CA GLU A 106 37.14 52.91 0.84
C GLU A 106 38.59 53.29 1.12
N ILE A 107 39.29 53.65 0.05
CA ILE A 107 40.70 54.04 0.16
C ILE A 107 40.78 55.46 0.70
N ASN A 108 42.00 55.91 0.92
CA ASN A 108 42.23 57.25 1.42
C ASN A 108 43.53 57.80 0.83
N HIS A 109 43.75 59.08 1.06
CA HIS A 109 44.95 59.74 0.57
C HIS A 109 45.26 60.97 1.43
N VAL A 110 46.51 61.40 1.36
CA VAL A 110 46.95 62.55 2.12
C VAL A 110 47.81 63.45 1.23
N GLN A 111 47.94 64.70 1.65
CA GLN A 111 48.73 65.67 0.91
C GLN A 111 49.88 66.18 1.77
N LYS A 112 50.66 67.09 1.18
CA LYS A 112 51.79 67.67 1.87
C LYS A 112 52.04 69.09 1.34
N THR A 113 52.88 69.82 2.06
CA THR A 113 53.21 71.17 1.67
C THR A 113 54.67 71.50 2.02
N TYR A 114 55.03 72.75 1.83
CA TYR A 114 56.38 73.19 2.11
C TYR A 114 56.54 74.69 1.82
N ALA A 115 57.40 75.32 2.60
CA ALA A 115 57.66 76.74 2.43
C ALA A 115 58.93 77.12 3.21
N GLU A 116 60.06 76.90 2.55
CA GLU A 116 61.34 77.22 3.16
C GLU A 116 62.32 77.75 2.11
N MET A 117 62.17 79.03 1.80
CA MET A 117 63.02 79.67 0.82
C MET A 117 63.66 80.94 1.37
N ASP A 118 64.55 81.52 0.59
CA ASP A 118 65.24 82.73 1.00
C ASP A 118 65.64 83.53 -0.25
N PRO A 119 65.52 84.88 -0.13
CA PRO A 119 65.87 85.76 -1.23
C PRO A 119 67.39 85.86 -1.39
N THR A 120 68.01 86.45 -0.38
CA THR A 120 69.45 86.62 -0.38
C THR A 120 69.94 87.21 0.95
N THR A 121 71.09 86.73 1.38
CA THR A 121 71.66 87.20 2.63
C THR A 121 73.09 87.70 2.41
N ALA A 122 73.57 88.44 3.40
CA ALA A 122 74.92 89.00 3.32
C ALA A 122 75.12 89.99 4.45
N ALA A 123 76.37 90.43 4.60
CA ALA A 123 76.70 91.38 5.64
C ALA A 123 77.35 92.61 5.02
N LEU A 124 77.68 93.57 5.87
CA LEU A 124 78.30 94.80 5.41
C LEU A 124 79.82 94.67 5.52
N GLU A 125 80.37 95.42 6.46
CA GLU A 125 81.81 95.39 6.69
C GLU A 125 82.19 96.32 7.84
N LYS A 126 83.41 96.14 8.33
CA LYS A 126 83.89 96.96 9.44
C LYS A 126 84.93 97.95 8.90
N GLU A 127 84.86 99.17 9.43
CA GLU A 127 85.78 100.22 9.03
C GLU A 127 86.31 100.97 10.25
N SER A 128 87.63 101.08 10.31
CA SER A 128 88.26 101.77 11.42
C SER A 128 89.52 102.50 10.93
N GLY A 129 89.76 103.65 11.54
CA GLY A 129 90.91 104.45 11.17
C GLY A 129 91.24 105.47 12.26
N PRO A 130 92.25 105.13 13.10
CA PRO A 130 92.66 106.00 14.19
C PRO A 130 93.47 107.19 13.66
N SER A 131 94.04 107.93 14.59
CA SER A 131 94.84 109.09 14.23
C SER A 131 96.09 109.16 15.12
N SER A 132 96.98 110.07 14.76
CA SER A 132 98.21 110.26 15.51
C SER A 132 98.42 111.73 15.83
N GLY A 133 99.45 112.00 16.62
CA GLY A 133 99.78 113.37 17.00
C GLY A 133 99.59 113.57 18.50
N GLY A 1 -30.62 10.00 21.31
CA GLY A 1 -30.07 9.41 20.10
C GLY A 1 -28.99 8.38 20.42
N SER A 2 -27.76 8.70 20.05
CA SER A 2 -26.65 7.81 20.29
C SER A 2 -26.66 7.36 21.75
N SER A 3 -26.18 6.13 21.96
CA SER A 3 -26.13 5.56 23.30
C SER A 3 -24.79 4.88 23.52
N GLY A 4 -24.51 3.89 22.69
CA GLY A 4 -23.26 3.15 22.79
C GLY A 4 -23.32 1.87 21.96
N SER A 5 -23.40 0.75 22.67
CA SER A 5 -23.47 -0.55 22.01
C SER A 5 -22.23 -0.75 21.13
N SER A 6 -21.20 -1.33 21.72
CA SER A 6 -19.97 -1.58 20.99
C SER A 6 -19.68 -3.08 20.95
N GLY A 7 -19.32 -3.55 19.78
CA GLY A 7 -19.01 -4.97 19.58
C GLY A 7 -17.73 -5.15 18.76
N GLU A 8 -17.92 -5.73 17.58
CA GLU A 8 -16.79 -5.97 16.69
C GLU A 8 -17.27 -6.62 15.40
N PRO A 9 -16.51 -6.37 14.30
CA PRO A 9 -16.85 -6.92 13.00
C PRO A 9 -16.49 -8.41 12.94
N GLU A 10 -17.46 -9.21 12.50
CA GLU A 10 -17.26 -10.64 12.38
C GLU A 10 -16.18 -10.95 11.34
N VAL A 11 -14.95 -10.98 11.81
CA VAL A 11 -13.81 -11.26 10.94
C VAL A 11 -14.06 -12.56 10.19
N THR A 12 -13.13 -12.90 9.32
CA THR A 12 -13.25 -14.11 8.53
C THR A 12 -11.90 -14.45 7.88
N VAL A 13 -11.70 -15.74 7.63
CA VAL A 13 -10.47 -16.20 7.02
C VAL A 13 -10.79 -16.88 5.68
N GLU A 14 -9.88 -16.75 4.75
CA GLU A 14 -10.05 -17.35 3.43
C GLU A 14 -8.90 -18.30 3.13
N ILE A 15 -9.26 -19.45 2.57
CA ILE A 15 -8.26 -20.45 2.22
C ILE A 15 -7.65 -20.11 0.86
N GLY A 16 -6.44 -20.61 0.64
CA GLY A 16 -5.75 -20.37 -0.60
C GLY A 16 -4.90 -19.09 -0.52
N GLU A 17 -5.35 -18.18 0.32
CA GLU A 17 -4.65 -16.92 0.51
C GLU A 17 -3.60 -17.05 1.62
N THR A 18 -2.69 -16.10 1.64
CA THR A 18 -1.63 -16.10 2.64
C THR A 18 -1.90 -15.03 3.71
N TYR A 19 -1.54 -15.36 4.93
CA TYR A 19 -1.73 -14.45 6.04
C TYR A 19 -0.51 -14.44 6.97
N LEU A 20 -0.40 -13.36 7.74
CA LEU A 20 0.70 -13.22 8.67
C LEU A 20 0.37 -13.97 9.97
N CYS A 21 1.20 -14.96 10.26
CA CYS A 21 1.02 -15.76 11.46
C CYS A 21 1.97 -15.24 12.53
N ARG A 22 1.41 -14.98 13.70
CA ARG A 22 2.21 -14.48 14.81
C ARG A 22 3.29 -15.50 15.20
N ARG A 23 4.51 -15.01 15.28
CA ARG A 23 5.63 -15.86 15.64
C ARG A 23 6.50 -15.19 16.72
N PRO A 24 6.53 -15.84 17.91
CA PRO A 24 7.31 -15.32 19.03
C PRO A 24 8.80 -15.56 18.81
N ASP A 25 9.37 -14.78 17.91
CA ASP A 25 10.78 -14.89 17.60
C ASP A 25 11.36 -13.50 17.34
N SER A 26 10.66 -12.75 16.50
CA SER A 26 11.08 -11.40 16.17
C SER A 26 9.90 -10.59 15.64
N THR A 27 9.13 -11.23 14.77
CA THR A 27 7.97 -10.58 14.18
C THR A 27 6.98 -11.63 13.67
N TRP A 28 6.26 -11.26 12.61
CA TRP A 28 5.28 -12.15 12.02
C TRP A 28 5.93 -12.81 10.80
N HIS A 29 5.40 -13.98 10.45
CA HIS A 29 5.91 -14.73 9.32
C HIS A 29 4.75 -15.11 8.40
N SER A 30 4.94 -14.86 7.12
CA SER A 30 3.92 -15.17 6.13
C SER A 30 3.67 -16.67 6.11
N ALA A 31 2.39 -17.03 6.07
CA ALA A 31 2.01 -18.44 6.05
C ALA A 31 0.73 -18.59 5.21
N GLU A 32 0.74 -19.60 4.36
CA GLU A 32 -0.41 -19.86 3.51
C GLU A 32 -1.45 -20.70 4.25
N VAL A 33 -2.70 -20.30 4.10
CA VAL A 33 -3.79 -21.01 4.76
C VAL A 33 -4.16 -22.23 3.94
N ILE A 34 -3.79 -23.39 4.45
CA ILE A 34 -4.09 -24.64 3.77
C ILE A 34 -5.60 -24.88 3.79
N GLN A 35 -6.14 -25.00 5.00
CA GLN A 35 -7.56 -25.24 5.17
C GLN A 35 -8.02 -24.70 6.52
N SER A 36 -9.27 -25.02 6.86
CA SER A 36 -9.85 -24.58 8.11
C SER A 36 -10.55 -25.75 8.80
N ARG A 37 -10.73 -25.59 10.11
CA ARG A 37 -11.39 -26.63 10.90
C ARG A 37 -11.85 -26.05 12.23
N VAL A 38 -12.76 -26.78 12.87
CA VAL A 38 -13.30 -26.35 14.15
C VAL A 38 -12.97 -27.40 15.21
N ASN A 39 -12.74 -26.92 16.43
CA ASN A 39 -12.41 -27.80 17.54
C ASN A 39 -13.65 -27.98 18.42
N ASP A 40 -14.14 -29.21 18.45
CA ASP A 40 -15.31 -29.53 19.24
C ASP A 40 -14.89 -29.79 20.69
N GLN A 41 -13.57 -29.91 20.87
CA GLN A 41 -13.02 -30.16 22.19
C GLN A 41 -12.65 -28.84 22.87
N GLU A 42 -11.79 -28.09 22.19
CA GLU A 42 -11.35 -26.80 22.71
C GLU A 42 -12.43 -25.74 22.48
N GLY A 43 -13.33 -26.04 21.56
CA GLY A 43 -14.41 -25.13 21.23
C GLY A 43 -13.85 -23.81 20.67
N ARG A 44 -13.11 -23.95 19.58
CA ARG A 44 -12.52 -22.79 18.93
C ARG A 44 -12.23 -23.10 17.46
N GLU A 45 -11.93 -22.04 16.72
CA GLU A 45 -11.63 -22.17 15.31
C GLU A 45 -10.11 -22.19 15.08
N GLU A 46 -9.70 -22.89 14.04
CA GLU A 46 -8.29 -22.98 13.72
C GLU A 46 -8.10 -23.06 12.20
N PHE A 47 -6.90 -22.69 11.76
CA PHE A 47 -6.59 -22.72 10.34
C PHE A 47 -5.17 -23.24 10.12
N TYR A 48 -5.08 -24.29 9.30
CA TYR A 48 -3.79 -24.90 9.00
C TYR A 48 -2.98 -24.00 8.05
N VAL A 49 -2.13 -23.18 8.66
CA VAL A 49 -1.28 -22.28 7.89
C VAL A 49 0.08 -22.93 7.67
N HIS A 50 0.64 -22.69 6.49
CA HIS A 50 1.94 -23.24 6.14
C HIS A 50 2.97 -22.10 6.07
N TYR A 51 4.01 -22.24 6.88
CA TYR A 51 5.06 -21.24 6.92
C TYR A 51 6.04 -21.44 5.77
N VAL A 52 5.82 -20.69 4.70
CA VAL A 52 6.68 -20.77 3.53
C VAL A 52 8.08 -20.29 3.89
N GLY A 53 8.16 -19.63 5.04
CA GLY A 53 9.43 -19.10 5.51
C GLY A 53 9.95 -19.93 6.69
N PHE A 54 10.11 -21.22 6.46
CA PHE A 54 10.59 -22.11 7.49
C PHE A 54 10.90 -23.50 6.91
N ASN A 55 9.83 -24.26 6.69
CA ASN A 55 9.96 -25.60 6.15
C ASN A 55 8.58 -26.18 5.89
N ARG A 56 8.57 -27.44 5.46
CA ARG A 56 7.32 -28.12 5.17
C ARG A 56 6.80 -28.83 6.41
N ARG A 57 7.72 -29.49 7.10
CA ARG A 57 7.37 -30.21 8.31
C ARG A 57 6.85 -29.25 9.38
N LEU A 58 7.06 -27.97 9.12
CA LEU A 58 6.62 -26.94 10.05
C LEU A 58 5.24 -26.45 9.65
N ASP A 59 4.25 -27.33 9.84
CA ASP A 59 2.88 -27.00 9.51
C ASP A 59 1.98 -27.32 10.70
N GLU A 60 1.22 -26.31 11.11
CA GLU A 60 0.31 -26.47 12.24
C GLU A 60 -0.90 -25.56 12.08
N TRP A 61 -1.86 -25.73 12.98
CA TRP A 61 -3.07 -24.93 12.94
C TRP A 61 -2.82 -23.67 13.79
N VAL A 62 -3.48 -22.60 13.39
CA VAL A 62 -3.34 -21.34 14.11
C VAL A 62 -4.74 -20.79 14.46
N ASP A 63 -4.74 -19.62 15.08
CA ASP A 63 -5.99 -19.00 15.47
C ASP A 63 -6.17 -17.69 14.68
N LYS A 64 -7.39 -17.19 14.69
CA LYS A 64 -7.70 -15.95 13.99
C LYS A 64 -6.90 -14.80 14.61
N ASN A 65 -6.80 -14.85 15.94
CA ASN A 65 -6.08 -13.82 16.67
C ASN A 65 -4.60 -13.88 16.29
N ARG A 66 -4.08 -15.10 16.28
CA ARG A 66 -2.68 -15.31 15.94
C ARG A 66 -2.40 -14.82 14.52
N LEU A 67 -3.46 -14.77 13.72
CA LEU A 67 -3.34 -14.32 12.35
C LEU A 67 -3.57 -12.81 12.28
N ALA A 68 -3.39 -12.26 11.09
CA ALA A 68 -3.56 -10.83 10.89
C ALA A 68 -4.81 -10.60 10.03
N LEU A 69 -5.87 -10.14 10.69
CA LEU A 69 -7.12 -9.87 10.00
C LEU A 69 -7.40 -8.37 10.03
N THR A 70 -7.11 -7.72 8.92
CA THR A 70 -7.32 -6.30 8.80
C THR A 70 -6.17 -5.52 9.46
N LYS A 71 -6.24 -4.21 9.33
CA LYS A 71 -5.21 -3.35 9.91
C LYS A 71 -5.49 -3.17 11.40
N THR A 72 -5.45 -4.29 12.12
CA THR A 72 -5.68 -4.27 13.55
C THR A 72 -4.46 -4.78 14.31
N VAL A 73 -4.33 -6.10 14.34
CA VAL A 73 -3.22 -6.74 15.02
C VAL A 73 -1.95 -6.55 14.19
N LYS A 74 -0.97 -7.40 14.47
CA LYS A 74 0.29 -7.34 13.76
C LYS A 74 1.09 -6.12 14.23
N ASP A 75 1.60 -6.22 15.44
CA ASP A 75 2.38 -5.14 16.03
C ASP A 75 3.82 -5.23 15.52
N ALA A 76 4.07 -4.54 14.42
CA ALA A 76 5.40 -4.53 13.82
C ALA A 76 5.40 -3.59 12.61
N VAL A 77 5.18 -2.31 12.90
CA VAL A 77 5.16 -1.31 11.85
C VAL A 77 6.57 -0.74 11.67
N GLN A 78 7.51 -1.64 11.40
CA GLN A 78 8.89 -1.25 11.21
C GLN A 78 8.96 0.06 10.42
N LYS A 79 10.07 0.76 10.58
CA LYS A 79 10.28 2.02 9.89
C LYS A 79 11.28 1.82 8.75
N ASN A 80 10.82 1.08 7.74
CA ASN A 80 11.66 0.80 6.58
C ASN A 80 10.86 -0.02 5.57
N SER A 81 10.84 0.47 4.33
CA SER A 81 10.12 -0.19 3.27
C SER A 81 10.84 0.02 1.93
N GLU A 82 10.81 1.27 1.48
CA GLU A 82 11.46 1.63 0.23
C GLU A 82 11.04 0.65 -0.87
N LYS A 83 9.78 0.74 -1.26
CA LYS A 83 9.25 -0.13 -2.30
C LYS A 83 8.00 0.52 -2.90
N TYR A 84 7.99 0.58 -4.22
CA TYR A 84 6.86 1.16 -4.94
C TYR A 84 6.71 0.53 -6.33
N LEU A 85 5.71 1.03 -7.06
CA LEU A 85 5.45 0.53 -8.40
C LEU A 85 6.73 0.63 -9.23
N SER A 86 6.58 0.37 -10.53
CA SER A 86 7.71 0.42 -11.44
C SER A 86 7.22 0.22 -12.88
N GLU A 87 6.34 1.11 -13.30
CA GLU A 87 5.80 1.04 -14.65
C GLU A 87 5.37 2.43 -15.13
N LEU A 88 4.58 2.43 -16.19
CA LEU A 88 4.10 3.69 -16.75
C LEU A 88 3.28 4.44 -15.70
N ALA A 89 3.24 5.75 -15.85
CA ALA A 89 2.49 6.58 -14.92
C ALA A 89 1.67 7.60 -15.72
N GLU A 90 1.09 8.55 -14.99
CA GLU A 90 0.28 9.58 -15.60
C GLU A 90 1.00 10.92 -15.56
N GLN A 91 0.24 11.98 -15.80
CA GLN A 91 0.81 13.31 -15.79
C GLN A 91 -0.24 14.33 -15.32
N PRO A 92 0.27 15.49 -14.83
CA PRO A 92 -0.61 16.53 -14.34
C PRO A 92 -1.28 17.28 -15.49
N GLU A 93 -2.58 17.46 -15.36
CA GLU A 93 -3.36 18.15 -16.38
C GLU A 93 -4.42 19.04 -15.74
N ARG A 94 -4.25 20.33 -15.94
CA ARG A 94 -5.19 21.30 -15.39
C ARG A 94 -4.82 22.72 -15.84
N LYS A 95 -5.48 23.14 -16.92
CA LYS A 95 -5.24 24.47 -17.46
C LYS A 95 -6.50 25.32 -17.30
N ILE A 96 -6.39 26.32 -16.43
CA ILE A 96 -7.51 27.22 -16.18
C ILE A 96 -7.88 27.93 -17.48
N THR A 97 -8.79 28.88 -17.34
CA THR A 97 -9.25 29.65 -18.49
C THR A 97 -9.48 31.12 -18.10
N ARG A 98 -9.45 31.98 -19.10
CA ARG A 98 -9.65 33.39 -18.88
C ARG A 98 -10.23 34.06 -20.13
N ASN A 99 -10.83 35.22 -19.92
CA ASN A 99 -11.43 35.95 -21.02
C ASN A 99 -11.44 37.45 -20.69
N GLN A 100 -11.75 38.26 -21.70
CA GLN A 100 -11.80 39.70 -21.52
C GLN A 100 -12.84 40.31 -22.45
N LYS A 101 -13.44 41.40 -21.98
CA LYS A 101 -14.46 42.08 -22.76
C LYS A 101 -14.06 43.55 -22.93
N ARG A 102 -14.92 44.29 -23.61
CA ARG A 102 -14.67 45.71 -23.85
C ARG A 102 -15.98 46.43 -24.19
N LYS A 103 -15.94 47.74 -24.03
CA LYS A 103 -17.12 48.55 -24.31
C LYS A 103 -16.67 49.88 -24.93
N HIS A 104 -17.66 50.67 -25.34
CA HIS A 104 -17.38 51.96 -25.93
C HIS A 104 -18.68 52.77 -26.04
N ASP A 105 -18.55 53.99 -26.52
CA ASP A 105 -19.69 54.87 -26.68
C ASP A 105 -19.27 56.11 -27.46
N GLU A 106 -20.27 56.88 -27.87
CA GLU A 106 -20.02 58.09 -28.64
C GLU A 106 -21.15 59.11 -28.39
N ILE A 107 -20.75 60.36 -28.25
CA ILE A 107 -21.71 61.43 -28.01
C ILE A 107 -22.38 61.81 -29.34
N ASN A 108 -23.28 62.78 -29.25
CA ASN A 108 -24.00 63.24 -30.43
C ASN A 108 -24.58 64.62 -30.15
N HIS A 109 -24.90 65.32 -31.23
CA HIS A 109 -25.46 66.66 -31.12
C HIS A 109 -25.84 67.17 -32.51
N VAL A 110 -26.97 67.86 -32.57
CA VAL A 110 -27.45 68.41 -33.83
C VAL A 110 -27.40 69.94 -33.76
N GLN A 111 -28.07 70.56 -34.71
CA GLN A 111 -28.12 72.01 -34.77
C GLN A 111 -29.56 72.50 -34.58
N LYS A 112 -29.70 73.82 -34.62
CA LYS A 112 -31.01 74.44 -34.47
C LYS A 112 -30.98 75.85 -35.05
N THR A 113 -32.00 76.15 -35.84
CA THR A 113 -32.10 77.46 -36.47
C THR A 113 -33.58 77.83 -36.69
N TYR A 114 -33.78 78.94 -37.38
CA TYR A 114 -35.11 79.41 -37.67
C TYR A 114 -35.09 80.52 -38.74
N ALA A 115 -36.28 80.98 -39.09
CA ALA A 115 -36.41 82.02 -40.09
C ALA A 115 -37.75 82.72 -39.91
N GLU A 116 -37.98 83.72 -40.75
CA GLU A 116 -39.21 84.48 -40.70
C GLU A 116 -40.14 84.06 -41.85
N MET A 117 -41.43 84.19 -41.60
CA MET A 117 -42.43 83.84 -42.59
C MET A 117 -43.17 85.07 -43.10
N ASP A 118 -43.54 85.02 -44.38
CA ASP A 118 -44.26 86.14 -44.99
C ASP A 118 -44.37 85.89 -46.49
N PRO A 119 -45.65 85.77 -46.96
CA PRO A 119 -45.91 85.53 -48.37
C PRO A 119 -45.69 86.80 -49.18
N THR A 120 -46.46 87.82 -48.84
CA THR A 120 -46.36 89.10 -49.54
C THR A 120 -47.17 90.17 -48.80
N THR A 121 -46.92 91.41 -49.18
CA THR A 121 -47.62 92.53 -48.57
C THR A 121 -48.21 93.45 -49.65
N ALA A 122 -49.25 94.17 -49.25
CA ALA A 122 -49.91 95.08 -50.17
C ALA A 122 -50.99 95.87 -49.42
N ALA A 123 -51.62 96.79 -50.13
CA ALA A 123 -52.66 97.61 -49.54
C ALA A 123 -53.60 98.11 -50.65
N LEU A 124 -54.87 98.22 -50.30
CA LEU A 124 -55.86 98.67 -51.25
C LEU A 124 -55.29 99.81 -52.08
N GLU A 125 -54.78 99.45 -53.26
CA GLU A 125 -54.20 100.43 -54.15
C GLU A 125 -55.06 100.59 -55.40
N LYS A 126 -55.77 101.71 -55.44
CA LYS A 126 -56.64 102.00 -56.57
C LYS A 126 -57.03 103.48 -56.54
N GLU A 127 -57.76 103.88 -57.58
CA GLU A 127 -58.20 105.26 -57.68
C GLU A 127 -59.03 105.46 -58.95
N SER A 128 -60.32 105.69 -58.75
CA SER A 128 -61.23 105.89 -59.87
C SER A 128 -61.71 107.35 -59.88
N GLY A 129 -62.30 107.72 -61.01
CA GLY A 129 -62.82 109.07 -61.16
C GLY A 129 -63.69 109.18 -62.42
N PRO A 130 -65.03 109.12 -62.18
CA PRO A 130 -65.98 109.21 -63.28
C PRO A 130 -66.10 110.65 -63.78
N SER A 131 -67.10 110.86 -64.63
CA SER A 131 -67.34 112.19 -65.19
C SER A 131 -68.73 112.26 -65.79
N SER A 132 -69.07 113.44 -66.30
CA SER A 132 -70.37 113.65 -66.90
C SER A 132 -70.34 114.90 -67.80
N GLY A 133 -71.42 115.07 -68.56
CA GLY A 133 -71.52 116.21 -69.45
C GLY A 133 -72.75 116.07 -70.36
N GLY A 1 -21.35 -2.58 30.89
CA GLY A 1 -22.11 -3.68 30.31
C GLY A 1 -22.98 -3.19 29.15
N SER A 2 -24.22 -2.85 29.47
CA SER A 2 -25.15 -2.37 28.47
C SER A 2 -25.50 -0.90 28.74
N SER A 3 -24.67 -0.02 28.22
CA SER A 3 -24.88 1.41 28.40
C SER A 3 -25.00 2.09 27.03
N GLY A 4 -23.95 1.94 26.24
CA GLY A 4 -23.92 2.53 24.91
C GLY A 4 -23.89 1.44 23.83
N SER A 5 -23.16 1.74 22.76
CA SER A 5 -23.03 0.81 21.65
C SER A 5 -22.71 -0.59 22.18
N SER A 6 -23.33 -1.57 21.56
CA SER A 6 -23.12 -2.96 21.95
C SER A 6 -23.13 -3.87 20.72
N GLY A 7 -22.04 -4.60 20.55
CA GLY A 7 -21.91 -5.50 19.42
C GLY A 7 -20.45 -5.69 19.02
N GLU A 8 -20.24 -6.43 17.95
CA GLU A 8 -18.90 -6.68 17.46
C GLU A 8 -18.95 -7.17 16.01
N PRO A 9 -18.08 -6.55 15.17
CA PRO A 9 -18.01 -6.92 13.76
C PRO A 9 -17.30 -8.26 13.57
N GLU A 10 -18.05 -9.24 13.11
CA GLU A 10 -17.50 -10.56 12.88
C GLU A 10 -16.47 -10.52 11.75
N VAL A 11 -15.59 -11.51 11.77
CA VAL A 11 -14.55 -11.60 10.75
C VAL A 11 -14.50 -13.03 10.21
N THR A 12 -13.69 -13.20 9.17
CA THR A 12 -13.54 -14.52 8.56
C THR A 12 -12.17 -14.63 7.89
N VAL A 13 -11.83 -15.86 7.52
CA VAL A 13 -10.56 -16.13 6.87
C VAL A 13 -10.80 -16.77 5.50
N GLU A 14 -9.83 -16.57 4.62
CA GLU A 14 -9.93 -17.12 3.28
C GLU A 14 -8.82 -18.14 3.04
N ILE A 15 -9.22 -19.30 2.55
CA ILE A 15 -8.27 -20.37 2.27
C ILE A 15 -7.60 -20.11 0.93
N GLY A 16 -6.35 -20.56 0.82
CA GLY A 16 -5.58 -20.38 -0.40
C GLY A 16 -4.72 -19.12 -0.32
N GLU A 17 -5.23 -18.14 0.39
CA GLU A 17 -4.51 -16.88 0.56
C GLU A 17 -3.46 -17.00 1.66
N THR A 18 -2.55 -16.04 1.67
CA THR A 18 -1.50 -16.03 2.67
C THR A 18 -1.75 -14.94 3.71
N TYR A 19 -1.46 -15.28 4.96
CA TYR A 19 -1.66 -14.34 6.05
C TYR A 19 -0.43 -14.30 6.96
N LEU A 20 -0.38 -13.25 7.77
CA LEU A 20 0.74 -13.07 8.70
C LEU A 20 0.45 -13.88 9.98
N CYS A 21 1.27 -14.89 10.19
CA CYS A 21 1.13 -15.74 11.36
C CYS A 21 2.18 -15.33 12.39
N ARG A 22 1.74 -15.18 13.63
CA ARG A 22 2.62 -14.79 14.70
C ARG A 22 3.75 -15.82 14.87
N ARG A 23 4.95 -15.30 15.07
CA ARG A 23 6.12 -16.16 15.24
C ARG A 23 7.07 -15.55 16.26
N PRO A 24 7.32 -16.32 17.35
CA PRO A 24 8.21 -15.87 18.41
C PRO A 24 9.68 -15.97 17.96
N ASP A 25 10.08 -15.02 17.15
CA ASP A 25 11.44 -14.99 16.65
C ASP A 25 11.91 -13.54 16.50
N SER A 26 11.05 -12.73 15.88
CA SER A 26 11.36 -11.33 15.68
C SER A 26 10.07 -10.55 15.40
N THR A 27 9.23 -11.13 14.55
CA THR A 27 7.97 -10.50 14.20
C THR A 27 6.99 -11.54 13.67
N TRP A 28 6.18 -11.12 12.71
CA TRP A 28 5.20 -12.00 12.11
C TRP A 28 5.80 -12.58 10.82
N HIS A 29 5.21 -13.68 10.38
CA HIS A 29 5.66 -14.34 9.17
C HIS A 29 4.47 -14.75 8.31
N SER A 30 4.56 -14.45 7.03
CA SER A 30 3.49 -14.79 6.10
C SER A 30 3.37 -16.30 5.97
N ALA A 31 2.14 -16.78 6.08
CA ALA A 31 1.89 -18.21 5.96
C ALA A 31 0.67 -18.43 5.05
N GLU A 32 0.60 -19.63 4.50
CA GLU A 32 -0.49 -19.99 3.61
C GLU A 32 -1.55 -20.80 4.36
N VAL A 33 -2.77 -20.29 4.30
CA VAL A 33 -3.89 -20.94 4.97
C VAL A 33 -4.33 -22.16 4.14
N ILE A 34 -3.75 -23.30 4.47
CA ILE A 34 -4.07 -24.53 3.76
C ILE A 34 -5.59 -24.76 3.83
N GLN A 35 -6.08 -24.91 5.04
CA GLN A 35 -7.50 -25.13 5.25
C GLN A 35 -7.93 -24.62 6.63
N SER A 36 -9.19 -24.86 6.95
CA SER A 36 -9.73 -24.43 8.23
C SER A 36 -10.51 -25.57 8.89
N ARG A 37 -10.65 -25.46 10.20
CA ARG A 37 -11.36 -26.48 10.96
C ARG A 37 -11.81 -25.92 12.31
N VAL A 38 -12.82 -26.57 12.87
CA VAL A 38 -13.36 -26.14 14.15
C VAL A 38 -13.07 -27.21 15.20
N ASN A 39 -12.68 -26.75 16.38
CA ASN A 39 -12.37 -27.66 17.48
C ASN A 39 -13.58 -27.74 18.41
N ASP A 40 -14.13 -28.94 18.49
CA ASP A 40 -15.29 -29.18 19.35
C ASP A 40 -14.83 -29.29 20.80
N GLN A 41 -13.83 -30.14 21.00
CA GLN A 41 -13.29 -30.35 22.33
C GLN A 41 -12.93 -29.01 22.98
N GLU A 42 -12.17 -28.21 22.25
CA GLU A 42 -11.76 -26.91 22.73
C GLU A 42 -12.87 -25.88 22.53
N GLY A 43 -13.50 -25.96 21.36
CA GLY A 43 -14.58 -25.06 21.03
C GLY A 43 -14.05 -23.75 20.41
N ARG A 44 -13.23 -23.93 19.38
CA ARG A 44 -12.65 -22.79 18.70
C ARG A 44 -12.24 -23.18 17.27
N GLU A 45 -11.99 -22.16 16.47
CA GLU A 45 -11.59 -22.38 15.09
C GLU A 45 -10.08 -22.66 15.00
N GLU A 46 -9.67 -23.15 13.86
CA GLU A 46 -8.27 -23.47 13.64
C GLU A 46 -7.93 -23.42 12.14
N PHE A 47 -6.87 -22.72 11.83
CA PHE A 47 -6.43 -22.59 10.44
C PHE A 47 -5.04 -23.19 10.25
N TYR A 48 -4.97 -24.15 9.32
CA TYR A 48 -3.70 -24.80 9.03
C TYR A 48 -2.82 -23.92 8.14
N VAL A 49 -1.95 -23.17 8.79
CA VAL A 49 -1.05 -22.28 8.09
C VAL A 49 0.30 -22.97 7.89
N HIS A 50 0.83 -22.85 6.69
CA HIS A 50 2.12 -23.46 6.37
C HIS A 50 3.15 -22.37 6.12
N TYR A 51 4.22 -22.41 6.90
CA TYR A 51 5.30 -21.43 6.76
C TYR A 51 6.13 -21.70 5.51
N VAL A 52 5.65 -21.17 4.40
CA VAL A 52 6.34 -21.34 3.13
C VAL A 52 7.75 -20.74 3.23
N GLY A 53 8.73 -21.57 2.94
CA GLY A 53 10.12 -21.14 3.00
C GLY A 53 10.88 -21.86 4.10
N PHE A 54 10.34 -21.76 5.31
CA PHE A 54 10.97 -22.40 6.46
C PHE A 54 10.97 -23.92 6.29
N ASN A 55 11.36 -24.61 7.36
CA ASN A 55 11.42 -26.06 7.35
C ASN A 55 10.03 -26.62 7.05
N ARG A 56 9.99 -27.91 6.78
CA ARG A 56 8.74 -28.58 6.48
C ARG A 56 8.12 -29.18 7.75
N ARG A 57 8.89 -29.07 8.83
CA ARG A 57 8.44 -29.60 10.12
C ARG A 57 7.77 -28.50 10.94
N LEU A 58 7.20 -27.54 10.22
CA LEU A 58 6.53 -26.41 10.87
C LEU A 58 5.13 -26.25 10.28
N ASP A 59 4.23 -27.12 10.71
CA ASP A 59 2.86 -27.09 10.23
C ASP A 59 1.92 -27.31 11.41
N GLU A 60 1.18 -26.26 11.74
CA GLU A 60 0.22 -26.33 12.84
C GLU A 60 -0.97 -25.41 12.57
N TRP A 61 -2.06 -25.68 13.27
CA TRP A 61 -3.26 -24.88 13.11
C TRP A 61 -3.08 -23.59 13.92
N VAL A 62 -3.81 -22.56 13.49
CA VAL A 62 -3.74 -21.28 14.17
C VAL A 62 -5.13 -20.65 14.20
N ASP A 63 -5.30 -19.71 15.12
CA ASP A 63 -6.58 -19.03 15.26
C ASP A 63 -6.46 -17.61 14.73
N LYS A 64 -7.59 -17.06 14.32
CA LYS A 64 -7.63 -15.71 13.79
C LYS A 64 -6.71 -14.82 14.62
N ASN A 65 -6.75 -15.02 15.92
CA ASN A 65 -5.92 -14.25 16.83
C ASN A 65 -4.46 -14.34 16.38
N ARG A 66 -4.01 -15.57 16.18
CA ARG A 66 -2.64 -15.81 15.76
C ARG A 66 -2.43 -15.31 14.32
N LEU A 67 -3.55 -15.08 13.65
CA LEU A 67 -3.51 -14.61 12.28
C LEU A 67 -3.77 -13.10 12.25
N ALA A 68 -3.48 -12.50 11.10
CA ALA A 68 -3.69 -11.07 10.94
C ALA A 68 -4.51 -10.82 9.67
N LEU A 69 -5.78 -10.49 9.89
CA LEU A 69 -6.68 -10.22 8.78
C LEU A 69 -7.10 -8.76 8.81
N THR A 70 -6.46 -7.97 7.95
CA THR A 70 -6.75 -6.55 7.87
C THR A 70 -6.12 -5.80 9.06
N LYS A 71 -6.30 -4.49 9.06
CA LYS A 71 -5.76 -3.67 10.12
C LYS A 71 -6.68 -3.72 11.33
N THR A 72 -6.49 -4.75 12.14
CA THR A 72 -7.30 -4.92 13.32
C THR A 72 -6.50 -5.66 14.42
N VAL A 73 -5.83 -6.72 13.99
CA VAL A 73 -5.03 -7.51 14.91
C VAL A 73 -3.61 -6.93 14.97
N LYS A 74 -2.95 -6.97 13.81
CA LYS A 74 -1.59 -6.47 13.72
C LYS A 74 -1.59 -4.97 14.04
N ASP A 75 -1.37 -4.68 15.32
CA ASP A 75 -1.34 -3.29 15.77
C ASP A 75 -0.18 -2.56 15.08
N ALA A 76 -0.21 -1.24 15.20
CA ALA A 76 0.83 -0.42 14.61
C ALA A 76 1.99 -0.27 15.59
N VAL A 77 1.63 -0.02 16.85
CA VAL A 77 2.63 0.15 17.89
C VAL A 77 3.59 -1.05 17.87
N GLN A 78 3.10 -2.14 17.30
CA GLN A 78 3.90 -3.36 17.22
C GLN A 78 5.07 -3.15 16.26
N LYS A 79 6.24 -3.56 16.71
CA LYS A 79 7.45 -3.44 15.91
C LYS A 79 7.18 -3.95 14.50
N ASN A 80 7.82 -3.31 13.53
CA ASN A 80 7.66 -3.69 12.14
C ASN A 80 6.22 -3.41 11.70
N SER A 81 6.06 -3.07 10.44
CA SER A 81 4.75 -2.78 9.89
C SER A 81 4.57 -3.53 8.56
N GLU A 82 5.45 -3.24 7.63
CA GLU A 82 5.39 -3.87 6.32
C GLU A 82 4.18 -3.36 5.54
N LYS A 83 4.35 -2.19 4.94
CA LYS A 83 3.28 -1.59 4.16
C LYS A 83 3.80 -0.31 3.49
N TYR A 84 3.30 -0.07 2.29
CA TYR A 84 3.71 1.11 1.54
C TYR A 84 2.81 2.30 1.87
N LEU A 85 3.18 3.44 1.32
CA LEU A 85 2.41 4.67 1.54
C LEU A 85 0.95 4.42 1.19
N SER A 86 0.19 5.50 1.20
CA SER A 86 -1.23 5.42 0.89
C SER A 86 -1.86 6.82 0.92
N GLU A 87 -1.53 7.61 -0.08
CA GLU A 87 -2.05 8.96 -0.17
C GLU A 87 -1.54 9.65 -1.44
N LEU A 88 -2.38 10.51 -1.98
CA LEU A 88 -2.03 11.24 -3.20
C LEU A 88 -3.19 12.16 -3.59
N ALA A 89 -2.83 13.30 -4.15
CA ALA A 89 -3.82 14.27 -4.58
C ALA A 89 -3.14 15.38 -5.39
N GLU A 90 -3.95 16.09 -6.17
CA GLU A 90 -3.44 17.16 -6.99
C GLU A 90 -2.46 16.62 -8.02
N GLN A 91 -2.63 17.07 -9.26
CA GLN A 91 -1.76 16.65 -10.34
C GLN A 91 -0.36 17.24 -10.18
N PRO A 92 0.60 16.62 -10.91
CA PRO A 92 1.99 17.08 -10.85
C PRO A 92 2.17 18.37 -11.63
N GLU A 93 2.76 19.35 -10.96
CA GLU A 93 3.01 20.64 -11.57
C GLU A 93 3.98 21.46 -10.72
N ARG A 94 4.82 22.23 -11.41
CA ARG A 94 5.79 23.07 -10.73
C ARG A 94 5.53 24.55 -11.03
N LYS A 95 5.98 25.39 -10.12
CA LYS A 95 5.81 26.83 -10.28
C LYS A 95 6.62 27.56 -9.21
N ILE A 96 7.88 27.80 -9.54
CA ILE A 96 8.78 28.48 -8.62
C ILE A 96 8.25 29.90 -8.36
N THR A 97 8.86 30.55 -7.39
CA THR A 97 8.46 31.91 -7.04
C THR A 97 9.52 32.56 -6.14
N ARG A 98 9.60 33.87 -6.23
CA ARG A 98 10.56 34.62 -5.44
C ARG A 98 10.47 36.12 -5.75
N ASN A 99 11.02 36.91 -4.85
CA ASN A 99 11.01 38.36 -5.03
C ASN A 99 11.53 39.03 -3.76
N GLN A 100 12.24 40.13 -3.95
CA GLN A 100 12.81 40.87 -2.83
C GLN A 100 13.46 42.16 -3.32
N LYS A 101 13.53 43.12 -2.42
CA LYS A 101 14.13 44.41 -2.75
C LYS A 101 14.02 45.34 -1.54
N ARG A 102 14.78 46.42 -1.60
CA ARG A 102 14.78 47.40 -0.51
C ARG A 102 15.71 48.56 -0.85
N LYS A 103 15.43 49.70 -0.24
CA LYS A 103 16.23 50.90 -0.46
C LYS A 103 15.75 52.01 0.48
N HIS A 104 16.59 53.03 0.60
CA HIS A 104 16.27 54.16 1.46
C HIS A 104 17.24 55.30 1.18
N ASP A 105 16.79 56.51 1.49
CA ASP A 105 17.61 57.70 1.28
C ASP A 105 16.73 58.94 1.38
N GLU A 106 17.08 59.80 2.34
CA GLU A 106 16.34 61.02 2.56
C GLU A 106 17.07 61.91 3.57
N ILE A 107 16.70 63.18 3.57
CA ILE A 107 17.31 64.13 4.48
C ILE A 107 18.79 64.29 4.15
N ASN A 108 19.18 65.52 3.88
CA ASN A 108 20.57 65.80 3.54
C ASN A 108 20.68 67.25 3.04
N HIS A 109 20.95 68.14 3.97
CA HIS A 109 21.08 69.55 3.64
C HIS A 109 21.48 70.33 4.89
N VAL A 110 22.23 71.41 4.66
CA VAL A 110 22.68 72.25 5.75
C VAL A 110 22.20 73.68 5.52
N GLN A 111 22.30 74.48 6.58
CA GLN A 111 21.88 75.87 6.50
C GLN A 111 23.07 76.80 6.75
N LYS A 112 22.81 78.09 6.60
CA LYS A 112 23.85 79.09 6.81
C LYS A 112 23.24 80.49 6.68
N THR A 113 23.09 81.14 7.81
CA THR A 113 22.53 82.49 7.83
C THR A 113 23.63 83.52 8.06
N TYR A 114 23.35 84.73 7.63
CA TYR A 114 24.30 85.83 7.77
C TYR A 114 23.70 87.15 7.31
N ALA A 115 24.12 88.22 7.98
CA ALA A 115 23.62 89.55 7.64
C ALA A 115 24.34 90.58 8.52
N GLU A 116 25.22 91.34 7.88
CA GLU A 116 25.97 92.36 8.58
C GLU A 116 25.95 93.67 7.79
N MET A 117 25.03 94.54 8.17
CA MET A 117 24.89 95.82 7.50
C MET A 117 25.17 96.97 8.48
N ASP A 118 25.26 98.17 7.91
CA ASP A 118 25.51 99.35 8.72
C ASP A 118 25.40 100.60 7.83
N PRO A 119 24.48 101.51 8.24
CA PRO A 119 24.27 102.74 7.48
C PRO A 119 25.41 103.73 7.74
N THR A 120 25.39 104.32 8.93
CA THR A 120 26.40 105.29 9.30
C THR A 120 26.43 105.46 10.82
N THR A 121 27.54 106.01 11.29
CA THR A 121 27.71 106.25 12.71
C THR A 121 28.36 107.61 12.96
N ALA A 122 27.51 108.58 13.28
CA ALA A 122 27.98 109.94 13.54
C ALA A 122 26.78 110.86 13.75
N ALA A 123 27.08 112.08 14.14
CA ALA A 123 26.04 113.07 14.37
C ALA A 123 26.54 114.45 13.95
N LEU A 124 25.70 115.45 14.17
CA LEU A 124 26.05 116.82 13.82
C LEU A 124 26.17 117.66 15.09
N GLU A 125 25.20 118.54 15.28
CA GLU A 125 25.19 119.41 16.44
C GLU A 125 26.35 120.41 16.38
N LYS A 126 26.01 121.66 16.64
CA LYS A 126 27.01 122.72 16.61
C LYS A 126 26.41 123.99 17.22
N GLU A 127 27.21 125.06 17.18
CA GLU A 127 26.77 126.33 17.72
C GLU A 127 27.66 127.46 17.21
N SER A 128 27.05 128.62 17.00
CA SER A 128 27.77 129.78 16.51
C SER A 128 26.84 130.99 16.45
N GLY A 129 27.38 132.13 16.85
CA GLY A 129 26.61 133.36 16.85
C GLY A 129 27.49 134.56 17.20
N PRO A 130 27.04 135.76 16.74
CA PRO A 130 27.78 136.98 17.00
C PRO A 130 27.60 137.43 18.46
N SER A 131 28.15 138.60 18.75
CA SER A 131 28.07 139.15 20.10
C SER A 131 27.52 140.58 20.04
N SER A 132 28.29 141.46 19.43
CA SER A 132 27.89 142.85 19.31
C SER A 132 28.84 143.59 18.37
N GLY A 133 28.38 144.73 17.88
CA GLY A 133 29.18 145.54 16.98
C GLY A 133 30.16 146.42 17.76
N GLY A 1 -25.16 -3.55 -4.55
CA GLY A 1 -25.42 -2.21 -4.05
C GLY A 1 -24.20 -1.64 -3.33
N SER A 2 -24.46 -0.73 -2.41
CA SER A 2 -23.38 -0.10 -1.66
C SER A 2 -23.95 0.63 -0.44
N SER A 3 -23.26 0.49 0.68
CA SER A 3 -23.69 1.13 1.90
C SER A 3 -22.96 2.46 2.08
N GLY A 4 -21.64 2.38 2.14
CA GLY A 4 -20.82 3.56 2.30
C GLY A 4 -19.39 3.19 2.69
N SER A 5 -18.56 4.22 2.82
CA SER A 5 -17.18 4.02 3.19
C SER A 5 -17.08 3.63 4.66
N SER A 6 -16.02 2.89 4.98
CA SER A 6 -15.79 2.45 6.34
C SER A 6 -16.97 1.59 6.82
N GLY A 7 -16.76 0.28 6.74
CA GLY A 7 -17.78 -0.66 7.15
C GLY A 7 -17.64 -2.00 6.42
N GLU A 8 -16.61 -2.74 6.80
CA GLU A 8 -16.34 -4.03 6.19
C GLU A 8 -16.84 -5.16 7.10
N PRO A 9 -17.24 -6.27 6.45
CA PRO A 9 -17.73 -7.43 7.19
C PRO A 9 -16.58 -8.19 7.85
N GLU A 10 -16.92 -9.02 8.82
CA GLU A 10 -15.94 -9.82 9.53
C GLU A 10 -15.36 -10.88 8.61
N VAL A 11 -14.03 -10.91 8.55
CA VAL A 11 -13.34 -11.87 7.73
C VAL A 11 -13.74 -13.29 8.13
N THR A 12 -13.38 -14.24 7.30
CA THR A 12 -13.71 -15.63 7.56
C THR A 12 -12.51 -16.54 7.23
N VAL A 13 -11.38 -15.89 6.96
CA VAL A 13 -10.17 -16.62 6.63
C VAL A 13 -10.43 -17.50 5.41
N GLU A 14 -9.78 -17.15 4.32
CA GLU A 14 -9.93 -17.89 3.08
C GLU A 14 -8.71 -18.80 2.85
N ILE A 15 -9.00 -19.99 2.33
CA ILE A 15 -7.95 -20.96 2.07
C ILE A 15 -7.25 -20.61 0.75
N GLY A 16 -5.97 -20.96 0.68
CA GLY A 16 -5.19 -20.69 -0.51
C GLY A 16 -4.45 -19.36 -0.39
N GLU A 17 -5.04 -18.45 0.39
CA GLU A 17 -4.44 -17.15 0.59
C GLU A 17 -3.37 -17.22 1.68
N THR A 18 -2.55 -16.18 1.72
CA THR A 18 -1.47 -16.11 2.70
C THR A 18 -1.79 -15.05 3.75
N TYR A 19 -1.49 -15.39 5.00
CA TYR A 19 -1.73 -14.48 6.11
C TYR A 19 -0.49 -14.37 7.00
N LEU A 20 -0.48 -13.31 7.80
CA LEU A 20 0.64 -13.07 8.70
C LEU A 20 0.37 -13.79 10.03
N CYS A 21 1.30 -14.66 10.40
CA CYS A 21 1.18 -15.42 11.63
C CYS A 21 2.21 -14.87 12.62
N ARG A 22 1.90 -15.06 13.90
CA ARG A 22 2.78 -14.59 14.97
C ARG A 22 3.95 -15.56 15.15
N ARG A 23 5.15 -15.00 15.12
CA ARG A 23 6.35 -15.80 15.27
C ARG A 23 7.40 -15.02 16.06
N PRO A 24 7.76 -15.57 17.26
CA PRO A 24 8.75 -14.94 18.11
C PRO A 24 10.16 -15.16 17.55
N ASP A 25 10.67 -14.12 16.90
CA ASP A 25 12.00 -14.18 16.31
C ASP A 25 12.41 -12.78 15.84
N SER A 26 11.45 -12.10 15.23
CA SER A 26 11.70 -10.76 14.73
C SER A 26 10.38 -10.00 14.60
N THR A 27 9.39 -10.67 14.05
CA THR A 27 8.08 -10.07 13.86
C THR A 27 7.08 -11.11 13.35
N TRP A 28 6.14 -10.64 12.54
CA TRP A 28 5.13 -11.51 11.99
C TRP A 28 5.71 -12.16 10.72
N HIS A 29 5.26 -13.38 10.46
CA HIS A 29 5.73 -14.11 9.30
C HIS A 29 4.52 -14.56 8.46
N SER A 30 4.77 -14.73 7.16
CA SER A 30 3.74 -15.16 6.25
C SER A 30 3.37 -16.63 6.52
N ALA A 31 2.22 -17.02 6.00
CA ALA A 31 1.75 -18.38 6.17
C ALA A 31 0.53 -18.61 5.28
N GLU A 32 0.64 -19.61 4.41
CA GLU A 32 -0.45 -19.94 3.51
C GLU A 32 -1.51 -20.76 4.24
N VAL A 33 -2.76 -20.39 4.02
CA VAL A 33 -3.87 -21.08 4.64
C VAL A 33 -4.14 -22.39 3.90
N ILE A 34 -3.69 -23.48 4.51
CA ILE A 34 -3.87 -24.79 3.92
C ILE A 34 -5.35 -25.16 3.94
N GLN A 35 -5.91 -25.14 5.14
CA GLN A 35 -7.32 -25.46 5.31
C GLN A 35 -7.86 -24.87 6.61
N SER A 36 -9.12 -25.14 6.88
CA SER A 36 -9.76 -24.64 8.08
C SER A 36 -10.49 -25.77 8.80
N ARG A 37 -10.68 -25.58 10.10
CA ARG A 37 -11.36 -26.57 10.90
C ARG A 37 -11.90 -25.93 12.19
N VAL A 38 -12.77 -26.67 12.85
CA VAL A 38 -13.37 -26.20 14.10
C VAL A 38 -13.23 -27.28 15.17
N ASN A 39 -13.01 -26.82 16.40
CA ASN A 39 -12.87 -27.72 17.52
C ASN A 39 -14.14 -27.69 18.37
N ASP A 40 -14.72 -28.86 18.55
CA ASP A 40 -15.93 -28.98 19.33
C ASP A 40 -15.58 -29.00 20.83
N GLN A 41 -14.57 -29.80 21.15
CA GLN A 41 -14.12 -29.91 22.53
C GLN A 41 -13.84 -28.52 23.11
N GLU A 42 -12.99 -27.78 22.40
CA GLU A 42 -12.64 -26.44 22.84
C GLU A 42 -13.73 -25.44 22.45
N GLY A 43 -14.23 -25.60 21.23
CA GLY A 43 -15.27 -24.73 20.73
C GLY A 43 -14.68 -23.46 20.13
N ARG A 44 -13.66 -23.64 19.31
CA ARG A 44 -13.00 -22.52 18.67
C ARG A 44 -12.69 -22.84 17.22
N GLU A 45 -12.20 -21.85 16.51
CA GLU A 45 -11.86 -22.01 15.10
C GLU A 45 -10.34 -22.01 14.92
N GLU A 46 -9.89 -22.79 13.94
CA GLU A 46 -8.47 -22.88 13.65
C GLU A 46 -8.23 -22.95 12.14
N PHE A 47 -7.00 -22.65 11.75
CA PHE A 47 -6.65 -22.66 10.35
C PHE A 47 -5.22 -23.18 10.16
N TYR A 48 -5.10 -24.23 9.36
CA TYR A 48 -3.80 -24.81 9.08
C TYR A 48 -2.98 -23.93 8.15
N VAL A 49 -2.16 -23.09 8.76
CA VAL A 49 -1.31 -22.19 7.99
C VAL A 49 0.08 -22.80 7.83
N HIS A 50 0.61 -22.69 6.62
CA HIS A 50 1.92 -23.23 6.32
C HIS A 50 2.93 -22.09 6.21
N TYR A 51 3.96 -22.18 7.05
CA TYR A 51 5.00 -21.17 7.08
C TYR A 51 5.94 -21.33 5.87
N VAL A 52 5.59 -20.64 4.79
CA VAL A 52 6.39 -20.70 3.59
C VAL A 52 7.75 -20.06 3.85
N GLY A 53 8.73 -20.91 4.09
CA GLY A 53 10.08 -20.45 4.36
C GLY A 53 10.76 -21.31 5.44
N PHE A 54 10.05 -21.49 6.54
CA PHE A 54 10.57 -22.28 7.64
C PHE A 54 10.70 -23.75 7.24
N ASN A 55 9.57 -24.45 7.27
CA ASN A 55 9.55 -25.85 6.91
C ASN A 55 8.10 -26.34 6.87
N ARG A 56 7.96 -27.66 6.87
CA ARG A 56 6.63 -28.26 6.83
C ARG A 56 6.09 -28.45 8.24
N ARG A 57 6.91 -29.09 9.07
CA ARG A 57 6.51 -29.34 10.45
C ARG A 57 5.86 -28.09 11.05
N LEU A 58 6.54 -26.96 10.89
CA LEU A 58 6.05 -25.71 11.42
C LEU A 58 4.54 -25.61 11.15
N ASP A 59 4.18 -25.86 9.90
CA ASP A 59 2.78 -25.80 9.50
C ASP A 59 1.92 -26.43 10.59
N GLU A 60 1.07 -25.61 11.19
CA GLU A 60 0.19 -26.07 12.24
C GLU A 60 -1.12 -25.27 12.24
N TRP A 61 -2.10 -25.81 12.93
CA TRP A 61 -3.40 -25.16 13.01
C TRP A 61 -3.28 -23.96 13.92
N VAL A 62 -3.53 -22.78 13.35
CA VAL A 62 -3.44 -21.55 14.10
C VAL A 62 -4.84 -20.94 14.23
N ASP A 63 -4.99 -20.08 15.23
CA ASP A 63 -6.27 -19.43 15.47
C ASP A 63 -6.28 -18.08 14.76
N LYS A 64 -7.46 -17.49 14.71
CA LYS A 64 -7.62 -16.20 14.06
C LYS A 64 -6.72 -15.18 14.74
N ASN A 65 -6.47 -15.40 16.02
CA ASN A 65 -5.63 -14.50 16.79
C ASN A 65 -4.18 -14.64 16.31
N ARG A 66 -3.74 -15.89 16.17
CA ARG A 66 -2.40 -16.17 15.73
C ARG A 66 -2.17 -15.57 14.34
N LEU A 67 -3.27 -15.29 13.66
CA LEU A 67 -3.19 -14.72 12.32
C LEU A 67 -3.46 -13.21 12.40
N ALA A 68 -3.32 -12.56 11.26
CA ALA A 68 -3.54 -11.13 11.18
C ALA A 68 -4.74 -10.84 10.27
N LEU A 69 -5.78 -10.30 10.86
CA LEU A 69 -6.98 -9.97 10.11
C LEU A 69 -7.17 -8.45 10.09
N THR A 70 -6.92 -7.88 8.92
CA THR A 70 -7.05 -6.44 8.74
C THR A 70 -8.30 -5.93 9.48
N LYS A 71 -8.15 -4.74 10.04
CA LYS A 71 -9.25 -4.13 10.78
C LYS A 71 -9.48 -4.90 12.08
N THR A 72 -9.81 -6.17 11.92
CA THR A 72 -10.07 -7.03 13.06
C THR A 72 -9.06 -6.74 14.18
N VAL A 73 -7.81 -7.10 13.91
CA VAL A 73 -6.75 -6.88 14.88
C VAL A 73 -5.66 -6.02 14.25
N LYS A 74 -5.30 -6.38 13.03
CA LYS A 74 -4.26 -5.65 12.30
C LYS A 74 -4.52 -4.15 12.45
N ASP A 75 -3.77 -3.54 13.36
CA ASP A 75 -3.90 -2.11 13.60
C ASP A 75 -2.93 -1.35 12.69
N ALA A 76 -3.47 -0.37 12.00
CA ALA A 76 -2.66 0.44 11.10
C ALA A 76 -2.17 -0.44 9.94
N VAL A 77 -2.44 0.03 8.73
CA VAL A 77 -2.02 -0.70 7.54
C VAL A 77 -0.64 -0.22 7.12
N GLN A 78 0.22 -0.03 8.11
CA GLN A 78 1.58 0.43 7.86
C GLN A 78 2.47 -0.76 7.45
N LYS A 79 2.70 -0.86 6.16
CA LYS A 79 3.53 -1.93 5.63
C LYS A 79 2.75 -3.25 5.70
N ASN A 80 2.13 -3.59 4.58
CA ASN A 80 1.36 -4.81 4.50
C ASN A 80 1.48 -5.40 3.09
N SER A 81 2.25 -6.47 3.01
CA SER A 81 2.47 -7.15 1.73
C SER A 81 3.03 -6.16 0.71
N GLU A 82 3.47 -6.70 -0.41
CA GLU A 82 4.03 -5.88 -1.48
C GLU A 82 3.68 -6.47 -2.84
N LYS A 83 3.19 -5.61 -3.72
CA LYS A 83 2.82 -6.03 -5.06
C LYS A 83 2.85 -4.82 -6.00
N TYR A 84 2.77 -5.11 -7.29
CA TYR A 84 2.79 -4.07 -8.30
C TYR A 84 2.28 -4.60 -9.64
N LEU A 85 2.03 -3.66 -10.55
CA LEU A 85 1.56 -4.01 -11.87
C LEU A 85 0.52 -5.13 -11.76
N SER A 86 -0.65 -4.77 -11.24
CA SER A 86 -1.72 -5.74 -11.07
C SER A 86 -3.03 -5.00 -10.75
N GLU A 87 -3.76 -4.68 -11.81
CA GLU A 87 -5.03 -3.98 -11.65
C GLU A 87 -5.79 -3.95 -12.98
N LEU A 88 -7.10 -4.03 -12.88
CA LEU A 88 -7.94 -4.01 -14.06
C LEU A 88 -9.40 -4.16 -13.64
N ALA A 89 -10.29 -3.55 -14.44
CA ALA A 89 -11.71 -3.61 -14.16
C ALA A 89 -12.47 -2.94 -15.30
N GLU A 90 -13.79 -3.03 -15.22
CA GLU A 90 -14.64 -2.44 -16.24
C GLU A 90 -14.68 -0.92 -16.10
N GLN A 91 -13.78 -0.27 -16.82
CA GLN A 91 -13.69 1.19 -16.78
C GLN A 91 -14.68 1.80 -17.78
N PRO A 92 -15.14 3.04 -17.43
CA PRO A 92 -16.08 3.74 -18.29
C PRO A 92 -15.38 4.30 -19.53
N GLU A 93 -16.08 4.18 -20.66
CA GLU A 93 -15.54 4.67 -21.92
C GLU A 93 -16.63 5.35 -22.74
N ARG A 94 -16.37 6.58 -23.13
CA ARG A 94 -17.32 7.34 -23.92
C ARG A 94 -16.69 8.66 -24.39
N LYS A 95 -17.03 9.04 -25.61
CA LYS A 95 -16.51 10.27 -26.19
C LYS A 95 -17.04 10.42 -27.61
N ILE A 96 -17.97 11.35 -27.76
CA ILE A 96 -18.57 11.61 -29.05
C ILE A 96 -18.04 12.93 -29.61
N THR A 97 -18.22 13.11 -30.90
CA THR A 97 -17.76 14.32 -31.56
C THR A 97 -18.74 14.74 -32.66
N ARG A 98 -18.77 16.04 -32.93
CA ARG A 98 -19.66 16.58 -33.95
C ARG A 98 -19.10 17.89 -34.50
N ASN A 99 -19.59 18.26 -35.67
CA ASN A 99 -19.15 19.48 -36.32
C ASN A 99 -20.30 20.06 -37.16
N GLN A 100 -20.15 21.32 -37.53
CA GLN A 100 -21.15 21.98 -38.34
C GLN A 100 -20.49 22.94 -39.33
N LYS A 101 -21.26 23.30 -40.35
CA LYS A 101 -20.76 24.20 -41.38
C LYS A 101 -21.73 25.37 -41.54
N ARG A 102 -21.29 26.36 -42.31
CA ARG A 102 -22.10 27.53 -42.55
C ARG A 102 -21.53 28.34 -43.71
N LYS A 103 -22.36 29.22 -44.24
CA LYS A 103 -21.96 30.07 -45.36
C LYS A 103 -22.56 31.46 -45.18
N HIS A 104 -22.15 32.37 -46.06
CA HIS A 104 -22.63 33.73 -46.01
C HIS A 104 -22.22 34.47 -47.29
N ASP A 105 -22.77 35.66 -47.46
CA ASP A 105 -22.47 36.47 -48.63
C ASP A 105 -22.96 37.89 -48.39
N GLU A 106 -22.50 38.79 -49.24
CA GLU A 106 -22.89 40.20 -49.14
C GLU A 106 -22.88 40.85 -50.52
N ILE A 107 -23.88 41.69 -50.75
CA ILE A 107 -24.00 42.39 -52.02
C ILE A 107 -23.06 43.59 -52.02
N ASN A 108 -22.83 44.12 -53.22
CA ASN A 108 -21.96 45.28 -53.38
C ASN A 108 -22.00 45.75 -54.83
N HIS A 109 -21.88 47.06 -54.99
CA HIS A 109 -21.91 47.65 -56.32
C HIS A 109 -20.86 48.76 -56.40
N VAL A 110 -20.59 49.19 -57.63
CA VAL A 110 -19.61 50.23 -57.86
C VAL A 110 -20.34 51.55 -58.12
N GLN A 111 -19.64 52.64 -57.84
CA GLN A 111 -20.21 53.97 -58.03
C GLN A 111 -19.74 54.56 -59.37
N LYS A 112 -20.47 55.56 -59.82
CA LYS A 112 -20.14 56.21 -61.08
C LYS A 112 -20.25 57.73 -60.90
N THR A 113 -19.25 58.43 -61.42
CA THR A 113 -19.21 59.87 -61.32
C THR A 113 -18.93 60.49 -62.69
N TYR A 114 -19.39 61.73 -62.86
CA TYR A 114 -19.18 62.44 -64.11
C TYR A 114 -19.61 63.90 -63.99
N ALA A 115 -18.98 64.74 -64.81
CA ALA A 115 -19.27 66.16 -64.79
C ALA A 115 -19.10 66.73 -66.20
N GLU A 116 -19.78 67.83 -66.45
CA GLU A 116 -19.71 68.47 -67.75
C GLU A 116 -18.65 69.57 -67.74
N MET A 117 -17.49 69.24 -68.29
CA MET A 117 -16.39 70.18 -68.35
C MET A 117 -16.39 70.95 -69.67
N ASP A 118 -15.70 72.08 -69.66
CA ASP A 118 -15.62 72.91 -70.85
C ASP A 118 -14.45 72.44 -71.73
N PRO A 119 -14.68 72.50 -73.07
CA PRO A 119 -13.67 72.09 -74.01
C PRO A 119 -12.55 73.13 -74.12
N THR A 120 -12.95 74.32 -74.53
CA THR A 120 -12.00 75.42 -74.68
C THR A 120 -12.73 76.74 -74.89
N THR A 121 -12.06 77.81 -74.53
CA THR A 121 -12.63 79.14 -74.66
C THR A 121 -11.59 80.12 -75.22
N ALA A 122 -12.07 81.03 -76.06
CA ALA A 122 -11.20 82.03 -76.65
C ALA A 122 -12.04 83.00 -77.49
N ALA A 123 -11.39 84.05 -77.94
CA ALA A 123 -12.06 85.06 -78.74
C ALA A 123 -11.08 85.61 -79.78
N LEU A 124 -11.48 86.72 -80.40
CA LEU A 124 -10.65 87.36 -81.40
C LEU A 124 -11.25 88.72 -81.76
N GLU A 125 -10.38 89.72 -81.78
CA GLU A 125 -10.80 91.08 -82.11
C GLU A 125 -9.91 91.66 -83.20
N LYS A 126 -10.40 92.74 -83.80
CA LYS A 126 -9.66 93.41 -84.86
C LYS A 126 -10.00 94.90 -84.85
N GLU A 127 -9.23 95.65 -85.62
CA GLU A 127 -9.45 97.09 -85.71
C GLU A 127 -8.71 97.66 -86.93
N SER A 128 -9.28 98.71 -87.49
CA SER A 128 -8.69 99.35 -88.65
C SER A 128 -8.66 100.87 -88.45
N GLY A 129 -7.99 101.54 -89.37
CA GLY A 129 -7.88 102.99 -89.31
C GLY A 129 -7.53 103.57 -90.68
N PRO A 130 -7.94 104.85 -90.89
CA PRO A 130 -7.67 105.53 -92.14
C PRO A 130 -6.20 105.95 -92.23
N SER A 131 -5.90 106.72 -93.27
CA SER A 131 -4.55 107.21 -93.48
C SER A 131 -4.56 108.40 -94.44
N SER A 132 -3.46 109.14 -94.43
CA SER A 132 -3.33 110.30 -95.29
C SER A 132 -1.98 110.26 -96.01
N GLY A 133 -1.84 111.15 -96.99
CA GLY A 133 -0.62 111.23 -97.75
C GLY A 133 0.52 111.80 -96.91
N GLY A 1 -15.05 13.98 15.35
CA GLY A 1 -16.07 13.64 16.33
C GLY A 1 -15.65 12.43 17.16
N SER A 2 -16.37 11.33 16.96
CA SER A 2 -16.08 10.10 17.67
C SER A 2 -16.56 8.90 16.87
N SER A 3 -15.80 7.82 16.95
CA SER A 3 -16.15 6.60 16.23
C SER A 3 -17.34 5.93 16.90
N GLY A 4 -18.02 5.10 16.12
CA GLY A 4 -19.20 4.40 16.62
C GLY A 4 -18.95 2.89 16.65
N SER A 5 -19.32 2.29 17.78
CA SER A 5 -19.15 0.85 17.95
C SER A 5 -20.07 0.35 19.06
N SER A 6 -20.32 -0.95 19.03
CA SER A 6 -21.18 -1.56 20.02
C SER A 6 -20.54 -2.87 20.52
N GLY A 7 -20.25 -3.75 19.56
CA GLY A 7 -19.65 -5.03 19.89
C GLY A 7 -18.46 -5.33 18.98
N GLU A 8 -18.19 -6.61 18.80
CA GLU A 8 -17.09 -7.03 17.96
C GLU A 8 -17.61 -7.68 16.68
N PRO A 9 -17.12 -7.16 15.52
CA PRO A 9 -17.53 -7.69 14.24
C PRO A 9 -16.87 -9.04 13.95
N GLU A 10 -17.71 -10.04 13.76
CA GLU A 10 -17.22 -11.38 13.48
C GLU A 10 -16.26 -11.36 12.29
N VAL A 11 -15.04 -11.79 12.54
CA VAL A 11 -14.03 -11.82 11.49
C VAL A 11 -14.24 -13.06 10.63
N THR A 12 -13.41 -13.17 9.59
CA THR A 12 -13.50 -14.29 8.68
C THR A 12 -12.13 -14.60 8.08
N VAL A 13 -11.99 -15.84 7.62
CA VAL A 13 -10.74 -16.27 7.02
C VAL A 13 -11.03 -16.87 5.64
N GLU A 14 -10.05 -16.74 4.75
CA GLU A 14 -10.18 -17.27 3.40
C GLU A 14 -9.01 -18.20 3.09
N ILE A 15 -9.33 -19.32 2.46
CA ILE A 15 -8.32 -20.30 2.09
C ILE A 15 -7.75 -19.94 0.72
N GLY A 16 -6.55 -20.43 0.47
CA GLY A 16 -5.88 -20.17 -0.80
C GLY A 16 -5.05 -18.89 -0.73
N GLU A 17 -5.35 -18.08 0.28
CA GLU A 17 -4.64 -16.82 0.46
C GLU A 17 -3.63 -16.96 1.61
N THR A 18 -2.60 -16.12 1.55
CA THR A 18 -1.57 -16.13 2.57
C THR A 18 -1.84 -15.05 3.61
N TYR A 19 -1.56 -15.40 4.87
CA TYR A 19 -1.78 -14.48 5.97
C TYR A 19 -0.55 -14.42 6.87
N LEU A 20 -0.50 -13.37 7.69
CA LEU A 20 0.60 -13.18 8.60
C LEU A 20 0.32 -13.94 9.91
N CYS A 21 1.18 -14.90 10.19
CA CYS A 21 1.03 -15.70 11.39
C CYS A 21 2.01 -15.18 12.45
N ARG A 22 1.55 -15.14 13.69
CA ARG A 22 2.36 -14.67 14.78
C ARG A 22 3.47 -15.69 15.10
N ARG A 23 4.65 -15.16 15.36
CA ARG A 23 5.79 -16.01 15.68
C ARG A 23 6.63 -15.38 16.79
N PRO A 24 6.75 -16.13 17.92
CA PRO A 24 7.51 -15.66 19.06
C PRO A 24 9.02 -15.76 18.80
N ASP A 25 9.45 -15.04 17.76
CA ASP A 25 10.85 -15.03 17.39
C ASP A 25 11.34 -13.59 17.27
N SER A 26 10.53 -12.78 16.61
CA SER A 26 10.87 -11.37 16.41
C SER A 26 9.66 -10.63 15.85
N THR A 27 9.03 -11.24 14.86
CA THR A 27 7.86 -10.65 14.23
C THR A 27 6.97 -11.73 13.63
N TRP A 28 6.00 -11.28 12.83
CA TRP A 28 5.08 -12.20 12.19
C TRP A 28 5.79 -12.82 10.99
N HIS A 29 5.23 -13.93 10.51
CA HIS A 29 5.80 -14.62 9.37
C HIS A 29 4.67 -15.04 8.42
N SER A 30 4.91 -14.79 7.14
CA SER A 30 3.93 -15.13 6.12
C SER A 30 3.69 -16.65 6.11
N ALA A 31 2.42 -17.01 6.07
CA ALA A 31 2.04 -18.42 6.06
C ALA A 31 0.76 -18.59 5.24
N GLU A 32 0.80 -19.59 4.36
CA GLU A 32 -0.35 -19.87 3.51
C GLU A 32 -1.38 -20.71 4.28
N VAL A 33 -2.63 -20.32 4.12
CA VAL A 33 -3.72 -21.02 4.79
C VAL A 33 -4.14 -22.22 3.93
N ILE A 34 -3.79 -23.41 4.42
CA ILE A 34 -4.12 -24.63 3.72
C ILE A 34 -5.64 -24.84 3.75
N GLN A 35 -6.16 -24.97 4.96
CA GLN A 35 -7.59 -25.17 5.14
C GLN A 35 -8.03 -24.62 6.50
N SER A 36 -9.27 -24.91 6.84
CA SER A 36 -9.83 -24.45 8.11
C SER A 36 -10.51 -25.62 8.83
N ARG A 37 -10.73 -25.43 10.12
CA ARG A 37 -11.37 -26.45 10.93
C ARG A 37 -11.84 -25.85 12.26
N VAL A 38 -12.66 -26.63 12.96
CA VAL A 38 -13.19 -26.18 14.25
C VAL A 38 -12.95 -27.29 15.29
N ASN A 39 -12.73 -26.84 16.51
CA ASN A 39 -12.49 -27.77 17.60
C ASN A 39 -13.71 -27.79 18.54
N ASP A 40 -14.08 -28.98 18.95
CA ASP A 40 -15.22 -29.14 19.83
C ASP A 40 -14.73 -29.19 21.28
N GLN A 41 -13.59 -29.82 21.47
CA GLN A 41 -13.00 -29.94 22.79
C GLN A 41 -12.69 -28.55 23.37
N GLU A 42 -11.88 -27.80 22.62
CA GLU A 42 -11.51 -26.47 23.05
C GLU A 42 -12.65 -25.49 22.77
N GLY A 43 -13.28 -25.68 21.62
CA GLY A 43 -14.39 -24.82 21.24
C GLY A 43 -13.88 -23.52 20.61
N ARG A 44 -13.02 -23.68 19.61
CA ARG A 44 -12.44 -22.53 18.93
C ARG A 44 -12.15 -22.88 17.46
N GLU A 45 -11.80 -21.85 16.71
CA GLU A 45 -11.49 -22.04 15.30
C GLU A 45 -9.99 -22.21 15.10
N GLU A 46 -9.64 -22.87 14.00
CA GLU A 46 -8.24 -23.10 13.69
C GLU A 46 -8.04 -23.18 12.17
N PHE A 47 -6.87 -22.76 11.74
CA PHE A 47 -6.54 -22.77 10.32
C PHE A 47 -5.11 -23.27 10.09
N TYR A 48 -5.00 -24.31 9.28
CA TYR A 48 -3.70 -24.88 8.97
C TYR A 48 -2.89 -23.96 8.05
N VAL A 49 -2.06 -23.15 8.68
CA VAL A 49 -1.22 -22.21 7.94
C VAL A 49 0.16 -22.83 7.72
N HIS A 50 0.66 -22.67 6.50
CA HIS A 50 1.96 -23.19 6.15
C HIS A 50 2.97 -22.04 6.01
N TYR A 51 4.05 -22.14 6.78
CA TYR A 51 5.08 -21.12 6.75
C TYR A 51 6.03 -21.33 5.57
N VAL A 52 5.66 -20.77 4.44
CA VAL A 52 6.46 -20.89 3.24
C VAL A 52 7.88 -20.44 3.54
N GLY A 53 8.81 -21.37 3.38
CA GLY A 53 10.21 -21.09 3.63
C GLY A 53 10.72 -21.86 4.86
N PHE A 54 10.04 -21.65 5.98
CA PHE A 54 10.41 -22.32 7.21
C PHE A 54 10.39 -23.84 7.04
N ASN A 55 10.46 -24.53 8.18
CA ASN A 55 10.45 -25.97 8.17
C ASN A 55 9.05 -26.47 7.80
N ARG A 56 8.95 -27.79 7.64
CA ARG A 56 7.68 -28.40 7.30
C ARG A 56 6.94 -28.85 8.56
N ARG A 57 7.64 -28.75 9.67
CA ARG A 57 7.07 -29.16 10.95
C ARG A 57 6.27 -27.99 11.56
N LEU A 58 6.64 -26.79 11.15
CA LEU A 58 5.97 -25.59 11.64
C LEU A 58 4.50 -25.62 11.21
N ASP A 59 4.29 -26.02 9.97
CA ASP A 59 2.94 -26.10 9.43
C ASP A 59 2.00 -26.67 10.48
N GLU A 60 1.26 -25.77 11.12
CA GLU A 60 0.32 -26.18 12.14
C GLU A 60 -0.94 -25.32 12.08
N TRP A 61 -1.91 -25.67 12.92
CA TRP A 61 -3.16 -24.94 12.96
C TRP A 61 -2.98 -23.73 13.88
N VAL A 62 -3.41 -22.58 13.38
CA VAL A 62 -3.29 -21.35 14.15
C VAL A 62 -4.69 -20.82 14.47
N ASP A 63 -4.73 -19.75 15.25
CA ASP A 63 -5.99 -19.14 15.62
C ASP A 63 -6.21 -17.88 14.78
N LYS A 64 -7.45 -17.39 14.82
CA LYS A 64 -7.80 -16.19 14.08
C LYS A 64 -7.01 -15.00 14.63
N ASN A 65 -6.85 -14.99 15.94
CA ASN A 65 -6.12 -13.92 16.60
C ASN A 65 -4.65 -13.98 16.20
N ARG A 66 -4.11 -15.21 16.22
CA ARG A 66 -2.73 -15.42 15.86
C ARG A 66 -2.47 -14.96 14.42
N LEU A 67 -3.54 -14.94 13.64
CA LEU A 67 -3.45 -14.53 12.25
C LEU A 67 -3.70 -13.02 12.16
N ALA A 68 -3.53 -12.50 10.95
CA ALA A 68 -3.73 -11.08 10.70
C ALA A 68 -5.04 -10.88 9.96
N LEU A 69 -6.04 -10.39 10.69
CA LEU A 69 -7.35 -10.14 10.11
C LEU A 69 -7.62 -8.64 10.08
N THR A 70 -7.38 -8.04 8.92
CA THR A 70 -7.60 -6.62 8.76
C THR A 70 -6.46 -5.83 9.41
N LYS A 71 -6.41 -4.54 9.10
CA LYS A 71 -5.40 -3.67 9.66
C LYS A 71 -5.74 -3.35 11.11
N THR A 72 -5.55 -4.34 11.96
CA THR A 72 -5.83 -4.18 13.37
C THR A 72 -4.63 -4.61 14.22
N VAL A 73 -4.14 -5.80 13.93
CA VAL A 73 -2.99 -6.34 14.65
C VAL A 73 -1.85 -6.57 13.66
N LYS A 74 -0.66 -6.77 14.22
CA LYS A 74 0.53 -7.00 13.41
C LYS A 74 1.77 -6.93 14.29
N ASP A 75 1.92 -5.80 14.96
CA ASP A 75 3.06 -5.59 15.84
C ASP A 75 2.75 -4.45 16.81
N ALA A 76 2.70 -3.24 16.25
CA ALA A 76 2.40 -2.07 17.06
C ALA A 76 3.70 -1.60 17.75
N VAL A 77 3.86 -0.29 17.79
CA VAL A 77 5.03 0.30 18.41
C VAL A 77 6.25 0.09 17.51
N GLN A 78 6.48 -1.18 17.19
CA GLN A 78 7.61 -1.52 16.32
C GLN A 78 7.29 -1.18 14.87
N LYS A 79 8.25 -0.52 14.23
CA LYS A 79 8.08 -0.12 12.84
C LYS A 79 6.73 0.59 12.67
N ASN A 80 6.76 1.90 12.88
CA ASN A 80 5.56 2.70 12.75
C ASN A 80 4.86 2.35 11.43
N SER A 81 3.53 2.34 11.49
CA SER A 81 2.73 2.03 10.32
C SER A 81 1.25 2.09 10.67
N GLU A 82 0.56 3.05 10.05
CA GLU A 82 -0.86 3.22 10.28
C GLU A 82 -1.56 3.63 8.98
N LYS A 83 -2.73 3.04 8.76
CA LYS A 83 -3.51 3.33 7.57
C LYS A 83 -3.06 2.41 6.43
N TYR A 84 -1.81 2.59 6.03
CA TYR A 84 -1.24 1.80 4.96
C TYR A 84 -2.12 1.85 3.71
N LEU A 85 -1.60 1.30 2.63
CA LEU A 85 -2.33 1.28 1.37
C LEU A 85 -2.42 2.71 0.82
N SER A 86 -3.20 3.53 1.53
CA SER A 86 -3.39 4.91 1.13
C SER A 86 -4.14 4.97 -0.20
N GLU A 87 -5.43 5.23 -0.09
CA GLU A 87 -6.29 5.32 -1.28
C GLU A 87 -7.70 5.73 -0.88
N LEU A 88 -8.52 5.98 -1.90
CA LEU A 88 -9.89 6.37 -1.68
C LEU A 88 -10.47 5.54 -0.53
N ALA A 89 -11.30 6.19 0.28
CA ALA A 89 -11.92 5.53 1.40
C ALA A 89 -13.14 6.35 1.87
N GLU A 90 -13.84 5.80 2.84
CA GLU A 90 -15.02 6.46 3.38
C GLU A 90 -14.63 7.76 4.07
N GLN A 91 -14.80 8.86 3.36
CA GLN A 91 -14.46 10.17 3.89
C GLN A 91 -15.33 10.47 5.12
N PRO A 92 -14.82 11.41 5.96
CA PRO A 92 -15.53 11.80 7.16
C PRO A 92 -16.71 12.71 6.83
N GLU A 93 -17.50 13.01 7.86
CA GLU A 93 -18.67 13.86 7.69
C GLU A 93 -18.90 14.70 8.95
N ARG A 94 -19.90 15.55 8.87
CA ARG A 94 -20.25 16.41 9.99
C ARG A 94 -19.09 17.37 10.30
N LYS A 95 -19.46 18.58 10.68
CA LYS A 95 -18.47 19.59 11.01
C LYS A 95 -18.88 20.31 12.28
N ILE A 96 -17.89 20.69 13.06
CA ILE A 96 -18.13 21.39 14.32
C ILE A 96 -18.93 22.67 14.03
N THR A 97 -19.40 23.28 15.11
CA THR A 97 -20.18 24.50 14.99
C THR A 97 -19.80 25.48 16.11
N ARG A 98 -20.23 26.72 15.93
CA ARG A 98 -19.94 27.76 16.92
C ARG A 98 -20.94 28.91 16.77
N ASN A 99 -21.44 29.35 17.91
CA ASN A 99 -22.41 30.45 17.93
C ASN A 99 -21.89 31.56 18.86
N GLN A 100 -22.55 32.69 18.78
CA GLN A 100 -22.18 33.83 19.60
C GLN A 100 -23.41 34.68 19.93
N LYS A 101 -23.19 35.70 20.74
CA LYS A 101 -24.27 36.59 21.14
C LYS A 101 -23.71 38.00 21.35
N ARG A 102 -24.60 38.92 21.67
CA ARG A 102 -24.23 40.30 21.90
C ARG A 102 -25.46 41.15 22.19
N LYS A 103 -25.24 42.21 22.96
CA LYS A 103 -26.32 43.12 23.33
C LYS A 103 -25.77 44.54 23.43
N HIS A 104 -26.69 45.48 23.53
CA HIS A 104 -26.32 46.89 23.64
C HIS A 104 -27.57 47.74 23.85
N ASP A 105 -27.36 49.04 23.88
CA ASP A 105 -28.45 49.98 24.08
C ASP A 105 -27.90 51.39 24.27
N GLU A 106 -28.79 52.36 24.21
CA GLU A 106 -28.41 53.75 24.38
C GLU A 106 -29.62 54.61 24.72
N ILE A 107 -29.39 55.61 25.55
CA ILE A 107 -30.46 56.51 25.95
C ILE A 107 -30.74 57.50 24.82
N ASN A 108 -31.67 58.41 25.10
CA ASN A 108 -32.04 59.42 24.12
C ASN A 108 -32.86 60.51 24.80
N HIS A 109 -32.93 61.66 24.15
CA HIS A 109 -33.67 62.79 24.68
C HIS A 109 -33.76 63.89 23.63
N VAL A 110 -34.94 64.47 23.53
CA VAL A 110 -35.18 65.54 22.56
C VAL A 110 -35.36 66.85 23.31
N GLN A 111 -34.96 67.93 22.65
CA GLN A 111 -35.08 69.26 23.24
C GLN A 111 -36.54 69.61 23.47
N LYS A 112 -36.76 70.64 24.26
CA LYS A 112 -38.11 71.09 24.57
C LYS A 112 -38.07 72.57 24.98
N THR A 113 -38.37 73.42 24.02
CA THR A 113 -38.37 74.85 24.27
C THR A 113 -39.80 75.41 24.21
N TYR A 114 -39.89 76.72 24.18
CA TYR A 114 -41.18 77.38 24.12
C TYR A 114 -41.07 78.76 23.47
N ALA A 115 -42.22 79.39 23.28
CA ALA A 115 -42.26 80.70 22.66
C ALA A 115 -43.18 81.61 23.48
N GLU A 116 -42.67 82.81 23.76
CA GLU A 116 -43.44 83.78 24.54
C GLU A 116 -44.28 84.65 23.61
N MET A 117 -45.57 84.70 23.90
CA MET A 117 -46.49 85.49 23.10
C MET A 117 -46.71 86.86 23.74
N ASP A 118 -47.32 87.74 22.96
CA ASP A 118 -47.60 89.09 23.43
C ASP A 118 -48.86 89.08 24.30
N PRO A 119 -48.84 89.94 25.35
CA PRO A 119 -49.96 90.03 26.26
C PRO A 119 -51.14 90.78 25.62
N THR A 120 -50.94 92.08 25.42
CA THR A 120 -51.97 92.91 24.82
C THR A 120 -51.40 94.29 24.49
N THR A 121 -51.93 94.86 23.41
CA THR A 121 -51.49 96.18 22.98
C THR A 121 -52.69 97.05 22.61
N ALA A 122 -52.44 98.34 22.52
CA ALA A 122 -53.49 99.29 22.18
C ALA A 122 -52.97 100.72 22.36
N ALA A 123 -53.75 101.66 21.89
CA ALA A 123 -53.37 103.08 21.98
C ALA A 123 -54.63 103.92 22.10
N LEU A 124 -54.45 105.22 21.91
CA LEU A 124 -55.57 106.15 21.99
C LEU A 124 -55.12 107.53 21.49
N GLU A 125 -55.93 108.11 20.63
CA GLU A 125 -55.63 109.42 20.08
C GLU A 125 -56.79 110.39 20.31
N LYS A 126 -56.45 111.54 20.86
CA LYS A 126 -57.45 112.56 21.15
C LYS A 126 -57.30 113.71 20.16
N GLU A 127 -58.43 114.27 19.77
CA GLU A 127 -58.44 115.38 18.84
C GLU A 127 -59.27 116.54 19.39
N SER A 128 -59.10 117.70 18.77
CA SER A 128 -59.83 118.89 19.19
C SER A 128 -59.94 119.87 18.03
N GLY A 129 -60.75 120.90 18.25
CA GLY A 129 -60.95 121.92 17.22
C GLY A 129 -61.46 123.22 17.84
N PRO A 130 -60.87 124.35 17.37
CA PRO A 130 -61.26 125.66 17.87
C PRO A 130 -62.61 126.09 17.30
N SER A 131 -63.02 127.30 17.67
CA SER A 131 -64.28 127.83 17.20
C SER A 131 -64.27 129.36 17.28
N SER A 132 -65.25 129.96 16.63
CA SER A 132 -65.37 131.41 16.62
C SER A 132 -66.82 131.82 16.39
N GLY A 133 -67.07 133.11 16.55
CA GLY A 133 -68.40 133.65 16.36
C GLY A 133 -68.46 134.58 15.15
N GLY A 1 -27.68 -3.41 31.98
CA GLY A 1 -26.65 -2.45 32.34
C GLY A 1 -27.24 -1.05 32.46
N SER A 2 -26.80 -0.17 31.56
CA SER A 2 -27.28 1.20 31.55
C SER A 2 -28.22 1.42 30.37
N SER A 3 -28.09 0.56 29.38
CA SER A 3 -28.92 0.66 28.18
C SER A 3 -28.59 -0.49 27.22
N GLY A 4 -27.40 -0.41 26.65
CA GLY A 4 -26.95 -1.43 25.72
C GLY A 4 -25.48 -1.78 25.95
N SER A 5 -25.18 -3.07 25.81
CA SER A 5 -23.83 -3.54 26.01
C SER A 5 -23.09 -3.57 24.66
N SER A 6 -21.83 -3.18 24.72
CA SER A 6 -21.00 -3.16 23.52
C SER A 6 -21.09 -4.51 22.79
N GLY A 7 -20.57 -4.52 21.58
CA GLY A 7 -20.59 -5.74 20.78
C GLY A 7 -19.21 -6.01 20.18
N GLU A 8 -18.90 -7.30 20.05
CA GLU A 8 -17.63 -7.72 19.50
C GLU A 8 -17.71 -7.81 17.98
N PRO A 9 -16.62 -7.35 17.31
CA PRO A 9 -16.56 -7.37 15.86
C PRO A 9 -16.30 -8.79 15.35
N GLU A 10 -16.96 -9.12 14.24
CA GLU A 10 -16.82 -10.44 13.64
C GLU A 10 -15.71 -10.41 12.59
N VAL A 11 -15.04 -11.54 12.46
CA VAL A 11 -13.97 -11.67 11.48
C VAL A 11 -14.19 -12.92 10.63
N THR A 12 -13.25 -13.18 9.74
CA THR A 12 -13.33 -14.33 8.87
C THR A 12 -11.97 -14.64 8.24
N VAL A 13 -11.87 -15.83 7.68
CA VAL A 13 -10.62 -16.25 7.05
C VAL A 13 -10.94 -16.91 5.71
N GLU A 14 -9.97 -16.85 4.81
CA GLU A 14 -10.13 -17.43 3.49
C GLU A 14 -8.96 -18.38 3.18
N ILE A 15 -9.31 -19.55 2.66
CA ILE A 15 -8.30 -20.53 2.32
C ILE A 15 -7.71 -20.20 0.95
N GLY A 16 -6.50 -20.71 0.72
CA GLY A 16 -5.80 -20.47 -0.52
C GLY A 16 -4.96 -19.20 -0.45
N GLU A 17 -5.43 -18.25 0.36
CA GLU A 17 -4.73 -16.99 0.52
C GLU A 17 -3.69 -17.11 1.63
N THR A 18 -2.77 -16.16 1.64
CA THR A 18 -1.72 -16.14 2.64
C THR A 18 -1.98 -15.05 3.68
N TYR A 19 -1.58 -15.34 4.91
CA TYR A 19 -1.76 -14.40 6.00
C TYR A 19 -0.54 -14.38 6.91
N LEU A 20 -0.39 -13.27 7.63
CA LEU A 20 0.73 -13.11 8.54
C LEU A 20 0.45 -13.90 9.83
N CYS A 21 1.28 -14.91 10.05
CA CYS A 21 1.14 -15.73 11.23
C CYS A 21 2.21 -15.31 12.25
N ARG A 22 1.74 -15.05 13.47
CA ARG A 22 2.63 -14.63 14.53
C ARG A 22 3.77 -15.65 14.70
N ARG A 23 4.83 -15.20 15.35
CA ARG A 23 5.98 -16.05 15.58
C ARG A 23 6.54 -15.83 16.98
N PRO A 24 7.27 -16.86 17.49
CA PRO A 24 7.86 -16.79 18.82
C PRO A 24 9.09 -15.87 18.81
N ASP A 25 8.88 -14.65 18.36
CA ASP A 25 9.96 -13.67 18.30
C ASP A 25 9.36 -12.27 18.21
N SER A 26 8.16 -12.13 18.76
CA SER A 26 7.48 -10.84 18.74
C SER A 26 7.43 -10.29 17.32
N THR A 27 7.28 -11.21 16.37
CA THR A 27 7.21 -10.83 14.97
C THR A 27 6.11 -11.61 14.25
N TRP A 28 5.98 -11.36 12.95
CA TRP A 28 4.99 -12.03 12.16
C TRP A 28 5.67 -12.61 10.92
N HIS A 29 5.13 -13.72 10.45
CA HIS A 29 5.68 -14.38 9.28
C HIS A 29 4.54 -14.81 8.35
N SER A 30 4.86 -14.85 7.06
CA SER A 30 3.88 -15.24 6.06
C SER A 30 3.62 -16.74 6.14
N ALA A 31 2.38 -17.11 5.87
CA ALA A 31 1.98 -18.52 5.91
C ALA A 31 0.68 -18.69 5.13
N GLU A 32 0.71 -19.65 4.20
CA GLU A 32 -0.46 -19.94 3.39
C GLU A 32 -1.45 -20.79 4.17
N VAL A 33 -2.70 -20.36 4.15
CA VAL A 33 -3.76 -21.08 4.84
C VAL A 33 -4.19 -22.29 4.01
N ILE A 34 -3.77 -23.46 4.47
CA ILE A 34 -4.10 -24.69 3.77
C ILE A 34 -5.60 -24.91 3.83
N GLN A 35 -6.13 -24.96 5.04
CA GLN A 35 -7.55 -25.16 5.24
C GLN A 35 -7.99 -24.59 6.59
N SER A 36 -9.24 -24.86 6.93
CA SER A 36 -9.78 -24.37 8.19
C SER A 36 -10.52 -25.51 8.92
N ARG A 37 -10.56 -25.41 10.23
CA ARG A 37 -11.21 -26.42 11.05
C ARG A 37 -11.72 -25.80 12.35
N VAL A 38 -12.66 -26.49 12.98
CA VAL A 38 -13.23 -26.03 14.23
C VAL A 38 -13.09 -27.13 15.28
N ASN A 39 -12.88 -26.72 16.51
CA ASN A 39 -12.74 -27.65 17.62
C ASN A 39 -13.99 -27.58 18.50
N ASP A 40 -14.71 -28.69 18.52
CA ASP A 40 -15.93 -28.77 19.31
C ASP A 40 -15.56 -28.98 20.79
N GLN A 41 -14.56 -29.83 21.00
CA GLN A 41 -14.11 -30.12 22.35
C GLN A 41 -13.77 -28.83 23.08
N GLU A 42 -12.81 -28.10 22.53
CA GLU A 42 -12.38 -26.85 23.13
C GLU A 42 -13.39 -25.74 22.81
N GLY A 43 -13.91 -25.79 21.59
CA GLY A 43 -14.87 -24.81 21.16
C GLY A 43 -14.18 -23.56 20.61
N ARG A 44 -13.30 -23.78 19.64
CA ARG A 44 -12.57 -22.69 19.03
C ARG A 44 -12.30 -22.99 17.56
N GLU A 45 -11.77 -21.99 16.87
CA GLU A 45 -11.47 -22.13 15.45
C GLU A 45 -9.96 -22.28 15.25
N GLU A 46 -9.60 -22.80 14.09
CA GLU A 46 -8.20 -23.00 13.76
C GLU A 46 -8.00 -22.97 12.24
N PHE A 47 -6.76 -22.76 11.84
CA PHE A 47 -6.43 -22.71 10.43
C PHE A 47 -5.01 -23.24 10.18
N TYR A 48 -4.93 -24.24 9.32
CA TYR A 48 -3.66 -24.85 8.98
C TYR A 48 -2.87 -23.97 8.01
N VAL A 49 -1.99 -23.16 8.57
CA VAL A 49 -1.17 -22.27 7.76
C VAL A 49 0.19 -22.92 7.51
N HIS A 50 0.66 -22.77 6.28
CA HIS A 50 1.94 -23.33 5.89
C HIS A 50 2.98 -22.22 5.79
N TYR A 51 4.07 -22.39 6.53
CA TYR A 51 5.14 -21.42 6.54
C TYR A 51 6.01 -21.55 5.28
N VAL A 52 5.63 -20.81 4.25
CA VAL A 52 6.36 -20.84 3.00
C VAL A 52 7.78 -20.30 3.22
N GLY A 53 8.75 -21.14 2.93
CA GLY A 53 10.14 -20.76 3.08
C GLY A 53 10.82 -21.59 4.17
N PHE A 54 10.34 -21.41 5.39
CA PHE A 54 10.88 -22.14 6.52
C PHE A 54 11.17 -23.60 6.15
N ASN A 55 10.11 -24.40 6.15
CA ASN A 55 10.22 -25.81 5.82
C ASN A 55 8.84 -26.36 5.46
N ARG A 56 8.78 -27.68 5.32
CA ARG A 56 7.53 -28.34 4.99
C ARG A 56 6.81 -28.78 6.26
N ARG A 57 7.45 -29.67 6.98
CA ARG A 57 6.88 -30.19 8.23
C ARG A 57 6.36 -29.03 9.08
N LEU A 58 6.94 -27.87 8.85
CA LEU A 58 6.55 -26.68 9.60
C LEU A 58 5.12 -26.28 9.20
N ASP A 59 4.18 -27.14 9.58
CA ASP A 59 2.78 -26.90 9.27
C ASP A 59 1.94 -27.22 10.51
N GLU A 60 1.23 -26.20 10.97
CA GLU A 60 0.38 -26.36 12.14
C GLU A 60 -0.83 -25.42 12.06
N TRP A 61 -1.83 -25.72 12.86
CA TRP A 61 -3.04 -24.91 12.89
C TRP A 61 -2.76 -23.67 13.74
N VAL A 62 -3.42 -22.57 13.39
CA VAL A 62 -3.25 -21.32 14.11
C VAL A 62 -4.63 -20.77 14.48
N ASP A 63 -4.61 -19.68 15.23
CA ASP A 63 -5.84 -19.05 15.67
C ASP A 63 -6.07 -17.77 14.85
N LYS A 64 -7.32 -17.36 14.81
CA LYS A 64 -7.69 -16.16 14.07
C LYS A 64 -6.89 -14.97 14.61
N ASN A 65 -6.66 -15.00 15.91
CA ASN A 65 -5.91 -13.93 16.56
C ASN A 65 -4.45 -13.99 16.12
N ARG A 66 -3.92 -15.19 16.10
CA ARG A 66 -2.53 -15.39 15.69
C ARG A 66 -2.34 -14.96 14.23
N LEU A 67 -3.45 -14.92 13.50
CA LEU A 67 -3.42 -14.53 12.11
C LEU A 67 -3.64 -13.02 12.00
N ALA A 68 -3.38 -12.51 10.81
CA ALA A 68 -3.55 -11.08 10.56
C ALA A 68 -4.91 -10.84 9.91
N LEU A 69 -5.83 -10.30 10.72
CA LEU A 69 -7.16 -10.01 10.23
C LEU A 69 -7.39 -8.49 10.22
N THR A 70 -7.40 -7.94 9.03
CA THR A 70 -7.60 -6.51 8.88
C THR A 70 -6.36 -5.73 9.33
N LYS A 71 -6.39 -4.44 9.09
CA LYS A 71 -5.28 -3.59 9.47
C LYS A 71 -4.93 -3.83 10.94
N THR A 72 -5.90 -4.36 11.67
CA THR A 72 -5.71 -4.65 13.07
C THR A 72 -4.77 -5.84 13.26
N VAL A 73 -4.40 -6.08 14.51
CA VAL A 73 -3.51 -7.19 14.83
C VAL A 73 -2.35 -7.20 13.82
N LYS A 74 -1.26 -6.56 14.22
CA LYS A 74 -0.08 -6.49 13.37
C LYS A 74 1.08 -5.89 14.16
N ASP A 75 2.24 -5.88 13.53
CA ASP A 75 3.43 -5.33 14.16
C ASP A 75 4.08 -4.31 13.24
N ALA A 76 4.54 -4.80 12.09
CA ALA A 76 5.19 -3.95 11.11
C ALA A 76 5.39 -4.73 9.82
N VAL A 77 4.28 -5.12 9.21
CA VAL A 77 4.33 -5.87 7.97
C VAL A 77 4.20 -4.91 6.79
N GLN A 78 5.18 -4.03 6.68
CA GLN A 78 5.18 -3.05 5.60
C GLN A 78 6.39 -3.26 4.69
N LYS A 79 6.11 -3.61 3.45
CA LYS A 79 7.16 -3.85 2.48
C LYS A 79 6.65 -3.48 1.08
N ASN A 80 7.50 -3.73 0.10
CA ASN A 80 7.16 -3.42 -1.29
C ASN A 80 5.80 -4.03 -1.61
N SER A 81 5.74 -5.35 -1.52
CA SER A 81 4.50 -6.07 -1.81
C SER A 81 4.28 -6.14 -3.32
N GLU A 82 3.79 -7.30 -3.76
CA GLU A 82 3.53 -7.50 -5.18
C GLU A 82 4.84 -7.64 -5.94
N LYS A 83 4.80 -8.50 -6.96
CA LYS A 83 5.98 -8.74 -7.78
C LYS A 83 7.02 -9.51 -6.97
N TYR A 84 7.41 -10.66 -7.51
CA TYR A 84 8.39 -11.51 -6.86
C TYR A 84 9.17 -12.32 -7.87
N LEU A 85 8.44 -13.03 -8.72
CA LEU A 85 9.06 -13.85 -9.75
C LEU A 85 8.46 -13.50 -11.11
N SER A 86 9.34 -13.35 -12.09
CA SER A 86 8.91 -13.01 -13.44
C SER A 86 10.09 -13.11 -14.40
N GLU A 87 9.99 -14.06 -15.32
CA GLU A 87 11.03 -14.29 -16.30
C GLU A 87 10.58 -15.31 -17.34
N LEU A 88 11.56 -15.80 -18.10
CA LEU A 88 11.27 -16.79 -19.12
C LEU A 88 10.59 -18.00 -18.49
N ALA A 89 9.83 -18.71 -19.31
CA ALA A 89 9.12 -19.89 -18.84
C ALA A 89 8.49 -20.61 -20.04
N GLU A 90 8.45 -21.93 -19.94
CA GLU A 90 7.88 -22.74 -21.00
C GLU A 90 8.70 -22.59 -22.29
N GLN A 91 9.17 -23.72 -22.79
CA GLN A 91 9.97 -23.74 -24.00
C GLN A 91 9.37 -24.71 -25.02
N PRO A 92 9.84 -24.57 -26.29
CA PRO A 92 9.36 -25.42 -27.35
C PRO A 92 9.98 -26.82 -27.25
N GLU A 93 9.19 -27.80 -27.69
CA GLU A 93 9.64 -29.18 -27.65
C GLU A 93 8.66 -30.08 -28.40
N ARG A 94 9.18 -30.75 -29.42
CA ARG A 94 8.35 -31.64 -30.23
C ARG A 94 9.11 -32.95 -30.51
N LYS A 95 8.36 -33.92 -30.99
CA LYS A 95 8.95 -35.22 -31.30
C LYS A 95 8.20 -35.84 -32.48
N ILE A 96 8.58 -35.40 -33.68
CA ILE A 96 7.95 -35.89 -34.90
C ILE A 96 8.25 -37.38 -35.04
N THR A 97 7.57 -38.00 -35.99
CA THR A 97 7.76 -39.42 -36.25
C THR A 97 7.18 -39.80 -37.62
N ARG A 98 7.73 -40.85 -38.18
CA ARG A 98 7.28 -41.32 -39.48
C ARG A 98 8.05 -42.59 -39.88
N ASN A 99 7.55 -43.24 -40.92
CA ASN A 99 8.17 -44.46 -41.40
C ASN A 99 7.34 -45.04 -42.55
N GLN A 100 7.98 -45.88 -43.35
CA GLN A 100 7.31 -46.50 -44.48
C GLN A 100 8.11 -47.70 -44.98
N LYS A 101 7.50 -48.46 -45.88
CA LYS A 101 8.14 -49.63 -46.43
C LYS A 101 7.37 -50.08 -47.68
N ARG A 102 7.97 -51.02 -48.40
CA ARG A 102 7.35 -51.55 -49.60
C ARG A 102 8.16 -52.74 -50.13
N LYS A 103 7.61 -53.38 -51.15
CA LYS A 103 8.26 -54.54 -51.76
C LYS A 103 7.62 -54.81 -53.11
N HIS A 104 8.21 -55.77 -53.82
CA HIS A 104 7.71 -56.15 -55.13
C HIS A 104 8.39 -57.44 -55.59
N ASP A 105 7.77 -58.08 -56.57
CA ASP A 105 8.30 -59.32 -57.11
C ASP A 105 7.46 -59.77 -58.29
N GLU A 106 8.14 -60.11 -59.37
CA GLU A 106 7.46 -60.55 -60.58
C GLU A 106 8.00 -61.91 -61.03
N ILE A 107 7.10 -62.76 -61.47
CA ILE A 107 7.47 -64.09 -61.93
C ILE A 107 8.10 -63.98 -63.33
N ASN A 108 8.65 -65.10 -63.78
CA ASN A 108 9.29 -65.14 -65.09
C ASN A 108 9.38 -66.59 -65.55
N HIS A 109 9.35 -66.78 -66.87
CA HIS A 109 9.44 -68.10 -67.44
C HIS A 109 9.52 -67.98 -68.97
N VAL A 110 10.15 -68.98 -69.57
CA VAL A 110 10.31 -69.01 -71.01
C VAL A 110 10.51 -70.46 -71.48
N GLN A 111 9.94 -70.76 -72.64
CA GLN A 111 10.05 -72.09 -73.20
C GLN A 111 10.80 -72.04 -74.55
N LYS A 112 10.99 -73.22 -75.11
CA LYS A 112 11.68 -73.33 -76.39
C LYS A 112 11.65 -74.79 -76.86
N THR A 113 11.75 -74.95 -78.17
CA THR A 113 11.74 -76.28 -78.76
C THR A 113 12.55 -76.30 -80.05
N TYR A 114 12.42 -77.40 -80.78
CA TYR A 114 13.12 -77.56 -82.04
C TYR A 114 12.66 -78.82 -82.78
N ALA A 115 13.13 -78.95 -84.01
CA ALA A 115 12.78 -80.09 -84.82
C ALA A 115 14.01 -80.55 -85.61
N GLU A 116 13.83 -81.65 -86.33
CA GLU A 116 14.91 -82.21 -87.13
C GLU A 116 14.39 -82.66 -88.49
N MET A 117 15.12 -82.27 -89.53
CA MET A 117 14.75 -82.63 -90.89
C MET A 117 15.70 -83.68 -91.46
N ASP A 118 15.30 -84.25 -92.60
CA ASP A 118 16.11 -85.25 -93.26
C ASP A 118 17.24 -84.55 -94.03
N PRO A 119 18.40 -85.26 -94.08
CA PRO A 119 19.57 -84.74 -94.77
C PRO A 119 19.40 -84.84 -96.28
N THR A 120 19.11 -86.06 -96.73
CA THR A 120 18.92 -86.30 -98.14
C THR A 120 18.46 -87.74 -98.38
N THR A 121 17.91 -87.97 -99.57
CA THR A 121 17.43 -89.29 -99.92
C THR A 121 17.58 -89.52 -101.43
N ALA A 122 18.40 -90.51 -101.76
CA ALA A 122 18.65 -90.85 -103.16
C ALA A 122 19.57 -92.06 -103.23
N ALA A 123 19.53 -92.73 -104.37
CA ALA A 123 20.35 -93.90 -104.59
C ALA A 123 21.27 -93.67 -105.78
N LEU A 124 22.02 -94.70 -106.13
CA LEU A 124 22.95 -94.62 -107.25
C LEU A 124 22.32 -95.29 -108.48
N GLU A 125 22.88 -96.42 -108.84
CA GLU A 125 22.38 -97.16 -109.99
C GLU A 125 23.16 -98.48 -110.15
N LYS A 126 22.74 -99.27 -111.13
CA LYS A 126 23.39 -100.54 -111.40
C LYS A 126 24.10 -100.46 -112.76
N GLU A 127 24.91 -101.47 -113.01
CA GLU A 127 25.65 -101.54 -114.26
C GLU A 127 25.98 -102.99 -114.61
N SER A 128 25.34 -103.47 -115.65
CA SER A 128 25.55 -104.84 -116.10
C SER A 128 26.23 -104.85 -117.47
N GLY A 129 26.72 -106.02 -117.86
CA GLY A 129 27.39 -106.17 -119.14
C GLY A 129 27.40 -107.63 -119.58
N PRO A 130 26.69 -107.88 -120.73
CA PRO A 130 26.60 -109.23 -121.27
C PRO A 130 27.92 -109.62 -121.95
N SER A 131 27.90 -110.80 -122.56
CA SER A 131 29.07 -111.31 -123.24
C SER A 131 28.66 -111.99 -124.55
N SER A 132 29.67 -112.33 -125.34
CA SER A 132 29.43 -112.98 -126.62
C SER A 132 29.90 -114.43 -126.56
N GLY A 133 31.18 -114.60 -126.27
CA GLY A 133 31.75 -115.93 -126.19
C GLY A 133 32.39 -116.16 -124.82
N GLY A 1 -30.32 -3.14 24.40
CA GLY A 1 -30.90 -4.09 23.47
C GLY A 1 -31.53 -5.27 24.21
N SER A 2 -32.80 -5.51 23.92
CA SER A 2 -33.52 -6.60 24.55
C SER A 2 -33.65 -7.78 23.57
N SER A 3 -33.04 -8.89 23.95
CA SER A 3 -33.07 -10.08 23.13
C SER A 3 -32.45 -9.79 21.76
N GLY A 4 -31.14 -10.00 21.69
CA GLY A 4 -30.41 -9.77 20.45
C GLY A 4 -30.07 -11.09 19.76
N SER A 5 -29.19 -10.99 18.78
CA SER A 5 -28.78 -12.16 18.02
C SER A 5 -27.65 -11.79 17.05
N SER A 6 -26.44 -11.74 17.58
CA SER A 6 -25.28 -11.40 16.79
C SER A 6 -25.49 -10.05 16.10
N GLY A 7 -24.40 -9.50 15.59
CA GLY A 7 -24.45 -8.21 14.91
C GLY A 7 -23.20 -7.39 15.21
N GLU A 8 -22.07 -7.89 14.72
CA GLU A 8 -20.80 -7.21 14.92
C GLU A 8 -19.88 -7.43 13.73
N PRO A 9 -19.01 -6.43 13.48
CA PRO A 9 -18.07 -6.51 12.36
C PRO A 9 -16.93 -7.47 12.67
N GLU A 10 -17.12 -8.72 12.27
CA GLU A 10 -16.10 -9.74 12.49
C GLU A 10 -15.40 -10.09 11.19
N VAL A 11 -14.08 -10.15 11.26
CA VAL A 11 -13.28 -10.48 10.09
C VAL A 11 -13.54 -11.94 9.69
N THR A 12 -12.94 -12.32 8.57
CA THR A 12 -13.10 -13.67 8.07
C THR A 12 -11.78 -14.18 7.48
N VAL A 13 -11.65 -15.49 7.42
CA VAL A 13 -10.45 -16.11 6.88
C VAL A 13 -10.83 -16.94 5.64
N GLU A 14 -9.93 -16.92 4.67
CA GLU A 14 -10.16 -17.67 3.43
C GLU A 14 -8.94 -18.54 3.12
N ILE A 15 -9.23 -19.69 2.51
CA ILE A 15 -8.18 -20.62 2.15
C ILE A 15 -7.59 -20.23 0.79
N GLY A 16 -6.36 -20.66 0.56
CA GLY A 16 -5.69 -20.36 -0.69
C GLY A 16 -4.85 -19.08 -0.57
N GLU A 17 -5.30 -18.21 0.32
CA GLU A 17 -4.62 -16.94 0.54
C GLU A 17 -3.59 -17.09 1.66
N THR A 18 -2.68 -16.12 1.71
CA THR A 18 -1.64 -16.13 2.73
C THR A 18 -1.89 -15.03 3.76
N TYR A 19 -1.58 -15.36 5.00
CA TYR A 19 -1.77 -14.41 6.09
C TYR A 19 -0.54 -14.38 7.01
N LEU A 20 -0.41 -13.27 7.73
CA LEU A 20 0.71 -13.10 8.64
C LEU A 20 0.40 -13.81 9.97
N CYS A 21 1.20 -14.82 10.27
CA CYS A 21 1.01 -15.58 11.50
C CYS A 21 2.02 -15.07 12.53
N ARG A 22 1.57 -15.04 13.78
CA ARG A 22 2.42 -14.58 14.87
C ARG A 22 3.63 -15.49 15.03
N ARG A 23 4.75 -14.88 15.36
CA ARG A 23 5.98 -15.63 15.54
C ARG A 23 6.57 -15.35 16.93
N PRO A 24 7.43 -16.31 17.39
CA PRO A 24 8.06 -16.17 18.69
C PRO A 24 9.17 -15.13 18.66
N ASP A 25 10.01 -15.23 17.64
CA ASP A 25 11.12 -14.31 17.48
C ASP A 25 11.21 -13.87 16.02
N SER A 26 10.11 -14.07 15.30
CA SER A 26 10.05 -13.70 13.90
C SER A 26 8.86 -12.77 13.66
N THR A 27 8.72 -11.80 14.54
CA THR A 27 7.64 -10.83 14.44
C THR A 27 6.41 -11.49 13.80
N TRP A 28 6.27 -11.28 12.50
CA TRP A 28 5.14 -11.84 11.77
C TRP A 28 5.68 -12.43 10.46
N HIS A 29 5.40 -13.71 10.27
CA HIS A 29 5.84 -14.40 9.06
C HIS A 29 4.62 -14.85 8.26
N SER A 30 4.73 -14.70 6.95
CA SER A 30 3.65 -15.09 6.06
C SER A 30 3.44 -16.61 6.12
N ALA A 31 2.17 -17.00 6.13
CA ALA A 31 1.83 -18.41 6.19
C ALA A 31 0.58 -18.66 5.34
N GLU A 32 0.74 -19.55 4.36
CA GLU A 32 -0.36 -19.89 3.48
C GLU A 32 -1.40 -20.73 4.22
N VAL A 33 -2.66 -20.38 3.99
CA VAL A 33 -3.76 -21.09 4.63
C VAL A 33 -4.07 -22.36 3.83
N ILE A 34 -3.76 -23.49 4.43
CA ILE A 34 -4.01 -24.78 3.80
C ILE A 34 -5.51 -25.07 3.81
N GLN A 35 -6.06 -25.07 5.01
CA GLN A 35 -7.48 -25.33 5.17
C GLN A 35 -7.99 -24.74 6.49
N SER A 36 -9.22 -25.11 6.83
CA SER A 36 -9.83 -24.62 8.05
C SER A 36 -10.49 -25.78 8.80
N ARG A 37 -10.66 -25.58 10.10
CA ARG A 37 -11.28 -26.59 10.94
C ARG A 37 -11.81 -25.97 12.23
N VAL A 38 -12.59 -26.75 12.96
CA VAL A 38 -13.16 -26.29 14.20
C VAL A 38 -12.93 -27.35 15.29
N ASN A 39 -12.74 -26.86 16.51
CA ASN A 39 -12.50 -27.75 17.64
C ASN A 39 -13.76 -27.80 18.51
N ASP A 40 -14.28 -29.00 18.68
CA ASP A 40 -15.47 -29.19 19.49
C ASP A 40 -15.08 -29.21 20.97
N GLN A 41 -14.03 -29.96 21.26
CA GLN A 41 -13.56 -30.07 22.64
C GLN A 41 -13.33 -28.68 23.22
N GLU A 42 -12.51 -27.90 22.54
CA GLU A 42 -12.20 -26.55 22.99
C GLU A 42 -13.35 -25.61 22.64
N GLY A 43 -13.88 -25.77 21.44
CA GLY A 43 -14.97 -24.95 20.97
C GLY A 43 -14.46 -23.65 20.36
N ARG A 44 -13.44 -23.79 19.53
CA ARG A 44 -12.84 -22.64 18.87
C ARG A 44 -12.54 -22.96 17.41
N GLU A 45 -12.08 -21.95 16.70
CA GLU A 45 -11.74 -22.11 15.29
C GLU A 45 -10.23 -22.08 15.10
N GLU A 46 -9.80 -22.62 13.96
CA GLU A 46 -8.37 -22.66 13.65
C GLU A 46 -8.17 -22.74 12.14
N PHE A 47 -6.91 -22.59 11.74
CA PHE A 47 -6.57 -22.63 10.32
C PHE A 47 -5.15 -23.14 10.13
N TYR A 48 -5.02 -24.21 9.35
CA TYR A 48 -3.73 -24.79 9.07
C TYR A 48 -2.91 -23.89 8.13
N VAL A 49 -2.07 -23.06 8.73
CA VAL A 49 -1.24 -22.16 7.96
C VAL A 49 0.14 -22.78 7.78
N HIS A 50 0.69 -22.61 6.59
CA HIS A 50 2.00 -23.15 6.26
C HIS A 50 3.01 -22.01 6.13
N TYR A 51 4.05 -22.07 6.94
CA TYR A 51 5.08 -21.05 6.92
C TYR A 51 5.95 -21.18 5.67
N VAL A 52 5.49 -20.50 4.60
CA VAL A 52 6.22 -20.53 3.34
C VAL A 52 7.55 -19.80 3.51
N GLY A 53 8.55 -20.55 3.95
CA GLY A 53 9.87 -19.98 4.16
C GLY A 53 10.73 -20.92 5.02
N PHE A 54 10.16 -21.32 6.14
CA PHE A 54 10.85 -22.20 7.07
C PHE A 54 11.01 -23.60 6.48
N ASN A 55 9.93 -24.36 6.53
CA ASN A 55 9.94 -25.72 6.00
C ASN A 55 8.50 -26.23 5.93
N ARG A 56 8.39 -27.53 5.64
CA ARG A 56 7.09 -28.15 5.53
C ARG A 56 6.60 -28.62 6.91
N ARG A 57 7.41 -29.47 7.53
CA ARG A 57 7.08 -30.00 8.84
C ARG A 57 6.53 -28.88 9.73
N LEU A 58 7.11 -27.70 9.56
CA LEU A 58 6.69 -26.55 10.35
C LEU A 58 5.28 -26.12 9.91
N ASP A 59 4.34 -27.02 10.14
CA ASP A 59 2.95 -26.74 9.77
C ASP A 59 2.04 -27.13 10.94
N GLU A 60 1.21 -26.17 11.34
CA GLU A 60 0.28 -26.39 12.43
C GLU A 60 -0.96 -25.52 12.27
N TRP A 61 -1.96 -25.81 13.08
CA TRP A 61 -3.21 -25.06 13.04
C TRP A 61 -3.02 -23.80 13.89
N VAL A 62 -3.53 -22.69 13.36
CA VAL A 62 -3.43 -21.43 14.06
C VAL A 62 -4.84 -20.85 14.27
N ASP A 63 -4.91 -19.83 15.11
CA ASP A 63 -6.18 -19.18 15.40
C ASP A 63 -6.24 -17.83 14.70
N LYS A 64 -7.44 -17.32 14.57
CA LYS A 64 -7.65 -16.03 13.93
C LYS A 64 -6.76 -14.98 14.58
N ASN A 65 -6.57 -15.13 15.88
CA ASN A 65 -5.74 -14.21 16.64
C ASN A 65 -4.28 -14.37 16.21
N ARG A 66 -3.87 -15.62 16.07
CA ARG A 66 -2.51 -15.92 15.66
C ARG A 66 -2.20 -15.24 14.33
N LEU A 67 -3.23 -15.08 13.53
CA LEU A 67 -3.07 -14.44 12.22
C LEU A 67 -3.35 -12.95 12.36
N ALA A 68 -3.16 -12.25 11.25
CA ALA A 68 -3.40 -10.81 11.23
C ALA A 68 -4.59 -10.51 10.34
N LEU A 69 -5.70 -10.17 10.97
CA LEU A 69 -6.92 -9.85 10.25
C LEU A 69 -7.25 -8.37 10.45
N THR A 70 -6.90 -7.58 9.45
CA THR A 70 -7.16 -6.15 9.50
C THR A 70 -6.18 -5.47 10.46
N LYS A 71 -6.13 -4.14 10.36
CA LYS A 71 -5.26 -3.37 11.22
C LYS A 71 -5.82 -3.33 12.63
N THR A 72 -5.61 -4.43 13.35
CA THR A 72 -6.09 -4.54 14.71
C THR A 72 -5.05 -5.22 15.59
N VAL A 73 -4.51 -6.32 15.09
CA VAL A 73 -3.51 -7.07 15.82
C VAL A 73 -2.19 -7.03 15.04
N LYS A 74 -1.09 -7.06 15.79
CA LYS A 74 0.23 -7.02 15.19
C LYS A 74 1.28 -6.87 16.29
N ASP A 75 2.51 -6.61 15.86
CA ASP A 75 3.61 -6.45 16.80
C ASP A 75 3.31 -5.27 17.72
N ALA A 76 3.29 -4.08 17.13
CA ALA A 76 3.01 -2.87 17.89
C ALA A 76 3.25 -1.65 17.00
N VAL A 77 2.30 -0.73 17.06
CA VAL A 77 2.38 0.48 16.27
C VAL A 77 2.87 0.14 14.86
N GLN A 78 2.18 -0.82 14.26
CA GLN A 78 2.54 -1.26 12.92
C GLN A 78 2.85 -0.05 12.03
N LYS A 79 1.83 0.77 11.82
CA LYS A 79 1.99 1.95 10.99
C LYS A 79 2.85 1.62 9.77
N ASN A 80 2.43 0.58 9.07
CA ASN A 80 3.15 0.15 7.88
C ASN A 80 2.38 -0.98 7.20
N SER A 81 2.74 -1.24 5.96
CA SER A 81 2.09 -2.28 5.18
C SER A 81 2.80 -2.47 3.84
N GLU A 82 2.69 -3.69 3.31
CA GLU A 82 3.31 -4.01 2.04
C GLU A 82 2.65 -5.23 1.41
N LYS A 83 2.87 -5.38 0.12
CA LYS A 83 2.29 -6.51 -0.61
C LYS A 83 3.38 -7.56 -0.85
N TYR A 84 4.37 -7.18 -1.64
CA TYR A 84 5.46 -8.07 -1.96
C TYR A 84 6.69 -7.28 -2.43
N LEU A 85 7.85 -7.89 -2.21
CA LEU A 85 9.10 -7.26 -2.61
C LEU A 85 8.85 -6.30 -3.78
N SER A 86 8.14 -6.82 -4.77
CA SER A 86 7.81 -6.02 -5.95
C SER A 86 9.08 -5.38 -6.51
N GLU A 87 9.62 -6.01 -7.54
CA GLU A 87 10.83 -5.51 -8.17
C GLU A 87 10.97 -6.11 -9.58
N LEU A 88 12.09 -5.76 -10.22
CA LEU A 88 12.36 -6.26 -11.55
C LEU A 88 12.11 -7.76 -11.59
N ALA A 89 11.96 -8.28 -12.81
CA ALA A 89 11.73 -9.70 -13.00
C ALA A 89 12.18 -10.11 -14.40
N GLU A 90 12.10 -11.40 -14.66
CA GLU A 90 12.52 -11.93 -15.95
C GLU A 90 11.43 -11.66 -17.00
N GLN A 91 11.68 -10.64 -17.80
CA GLN A 91 10.74 -10.26 -18.86
C GLN A 91 11.13 -10.92 -20.17
N PRO A 92 10.10 -11.12 -21.04
CA PRO A 92 10.31 -11.74 -22.34
C PRO A 92 10.98 -10.76 -23.31
N GLU A 93 11.42 -11.29 -24.44
CA GLU A 93 12.07 -10.49 -25.45
C GLU A 93 12.54 -11.36 -26.61
N ARG A 94 12.01 -11.08 -27.78
CA ARG A 94 12.36 -11.83 -28.97
C ARG A 94 11.56 -11.33 -30.17
N LYS A 95 12.00 -11.74 -31.36
CA LYS A 95 11.34 -11.34 -32.58
C LYS A 95 11.94 -12.11 -33.76
N ILE A 96 11.11 -12.94 -34.38
CA ILE A 96 11.55 -13.73 -35.51
C ILE A 96 11.98 -12.80 -36.64
N THR A 97 12.59 -13.39 -37.65
CA THR A 97 13.07 -12.63 -38.80
C THR A 97 12.92 -13.47 -40.08
N ARG A 98 12.93 -12.76 -41.21
CA ARG A 98 12.80 -13.41 -42.50
C ARG A 98 13.12 -12.42 -43.63
N ASN A 99 13.23 -12.97 -44.83
CA ASN A 99 13.52 -12.14 -46.00
C ASN A 99 13.40 -13.00 -47.25
N GLN A 100 13.42 -12.32 -48.40
CA GLN A 100 13.31 -13.01 -49.68
C GLN A 100 13.94 -12.16 -50.78
N LYS A 101 14.02 -12.75 -51.96
CA LYS A 101 14.59 -12.06 -53.12
C LYS A 101 14.10 -12.72 -54.40
N ARG A 102 14.50 -12.14 -55.52
CA ARG A 102 14.11 -12.67 -56.82
C ARG A 102 15.11 -12.22 -57.89
N LYS A 103 15.13 -12.97 -58.99
CA LYS A 103 16.02 -12.65 -60.09
C LYS A 103 15.34 -13.02 -61.41
N HIS A 104 15.98 -12.62 -62.50
CA HIS A 104 15.46 -12.91 -63.82
C HIS A 104 16.56 -12.72 -64.87
N ASP A 105 16.20 -12.98 -66.11
CA ASP A 105 17.15 -12.85 -67.20
C ASP A 105 16.39 -12.91 -68.54
N GLU A 106 17.12 -12.59 -69.60
CA GLU A 106 16.53 -12.61 -70.94
C GLU A 106 17.58 -12.97 -71.98
N ILE A 107 17.18 -13.81 -72.92
CA ILE A 107 18.07 -14.24 -73.98
C ILE A 107 18.16 -13.16 -75.04
N ASN A 108 18.99 -13.42 -76.05
CA ASN A 108 19.17 -12.49 -77.14
C ASN A 108 20.01 -13.14 -78.24
N HIS A 109 19.87 -12.60 -79.44
CA HIS A 109 20.60 -13.12 -80.58
C HIS A 109 20.35 -12.24 -81.80
N VAL A 110 21.35 -12.20 -82.68
CA VAL A 110 21.25 -11.40 -83.88
C VAL A 110 21.73 -12.22 -85.08
N GLN A 111 21.37 -11.75 -86.27
CA GLN A 111 21.76 -12.43 -87.49
C GLN A 111 22.71 -11.55 -88.31
N LYS A 112 23.15 -12.10 -89.43
CA LYS A 112 24.05 -11.37 -90.31
C LYS A 112 24.22 -12.15 -91.61
N THR A 113 24.26 -11.41 -92.71
CA THR A 113 24.42 -12.02 -94.02
C THR A 113 25.17 -11.08 -94.96
N TYR A 114 25.82 -11.67 -95.96
CA TYR A 114 26.58 -10.90 -96.92
C TYR A 114 27.08 -11.79 -98.05
N ALA A 115 27.25 -11.18 -99.22
CA ALA A 115 27.73 -11.90 -100.38
C ALA A 115 28.52 -10.95 -101.29
N GLU A 116 29.02 -11.49 -102.38
CA GLU A 116 29.79 -10.71 -103.32
C GLU A 116 29.08 -10.68 -104.69
N MET A 117 29.03 -9.49 -105.27
CA MET A 117 28.39 -9.32 -106.56
C MET A 117 29.44 -9.21 -107.67
N ASP A 118 29.05 -9.69 -108.84
CA ASP A 118 29.94 -9.66 -109.99
C ASP A 118 29.22 -10.23 -111.21
N PRO A 119 29.21 -9.43 -112.32
CA PRO A 119 28.56 -9.84 -113.54
C PRO A 119 29.39 -10.91 -114.27
N THR A 120 30.53 -10.47 -114.80
CA THR A 120 31.41 -11.37 -115.52
C THR A 120 32.80 -10.75 -115.65
N THR A 121 33.71 -11.53 -116.22
CA THR A 121 35.08 -11.07 -116.42
C THR A 121 35.31 -10.71 -117.88
N ALA A 122 36.31 -9.86 -118.09
CA ALA A 122 36.65 -9.42 -119.43
C ALA A 122 38.17 -9.52 -119.63
N ALA A 123 38.55 -10.11 -120.74
CA ALA A 123 39.96 -10.28 -121.06
C ALA A 123 40.11 -10.68 -122.53
N LEU A 124 41.13 -11.49 -122.78
CA LEU A 124 41.40 -11.94 -124.14
C LEU A 124 41.41 -10.74 -125.09
N GLU A 125 42.62 -10.29 -125.38
CA GLU A 125 42.80 -9.15 -126.27
C GLU A 125 43.45 -9.60 -127.58
N LYS A 126 43.05 -8.94 -128.66
CA LYS A 126 43.57 -9.26 -129.97
C LYS A 126 44.42 -8.08 -130.47
N GLU A 127 44.99 -8.26 -131.66
CA GLU A 127 45.81 -7.23 -132.26
C GLU A 127 45.86 -7.41 -133.78
N SER A 128 46.48 -6.45 -134.43
CA SER A 128 46.61 -6.49 -135.88
C SER A 128 47.82 -5.66 -136.32
N GLY A 129 48.14 -5.77 -137.61
CA GLY A 129 49.26 -5.04 -138.17
C GLY A 129 49.08 -4.83 -139.68
N PRO A 130 49.35 -3.56 -140.11
CA PRO A 130 49.22 -3.21 -141.51
C PRO A 130 50.38 -3.78 -142.33
N SER A 131 50.37 -3.46 -143.61
CA SER A 131 51.42 -3.93 -144.50
C SER A 131 51.56 -2.97 -145.69
N SER A 132 52.62 -3.17 -146.46
CA SER A 132 52.88 -2.34 -147.62
C SER A 132 53.34 -3.20 -148.79
N GLY A 133 53.42 -2.56 -149.95
CA GLY A 133 53.83 -3.26 -151.16
C GLY A 133 52.64 -3.52 -152.09
#